data_8UFC
#
_entry.id   8UFC
#
_cell.length_a   1.00
_cell.length_b   1.00
_cell.length_c   1.00
_cell.angle_alpha   90.00
_cell.angle_beta   90.00
_cell.angle_gamma   90.00
#
_symmetry.space_group_name_H-M   'P 1'
#
loop_
_entity.id
_entity.type
_entity.pdbx_description
1 polymer 'E1 protein'
2 polymer 'E2 protein'
3 polymer 'Capsid protein'
4 polymer 'Very low-density lipoprotein receptor'
5 non-polymer 2-acetamido-2-deoxy-beta-D-glucopyranose
6 non-polymer 'CALCIUM ION'
#
loop_
_entity_poly.entity_id
_entity_poly.type
_entity_poly.pdbx_seq_one_letter_code
_entity_poly.pdbx_strand_id
1 'polypeptide(L)'
;YEHTAVMPNKVGIPYKALVERPGYAPVHLQIQLVNTRIIPSTNLEYITCKYKTKVPSPVVKCCGATQCTSKPHPDYQCQV
FSGVYPFMYGGAYCFCDTENTQMSEAYVERSEECSIDHAKAYKVHTGTVQAMVNITYGSVSWRSADVYVNGETPAKIGDA
KLIIGPLSSAWSPFDNKVVVYGHEVYNYDFPEYGTGKAGSFGDLQSRTSTSNDLYANTNLKLQRPQAGIVHTPFTQVPSG
FERWKKDKGAPLNDVAPFGCSIALEPLRAENCAVGSIPISIDIPDAAFTRISETPTVSDLECKITECTYAFDFGGIATVA
YKSSKAGNCPIHSPSGVAVIKENDVTLAESGSFTFHFSTANIHPAFKLQVCTSAVTCKGDCKPPKDHIVDYAAQHTESFT
SAISATAWSWIKVLVGGTSAFIVLGLIATAVVALVLFFHRH
;
A,D,G,J
2 'polypeptide(L)'
;DLDTHFTQYKLARPYIADCPNCGHSRCDSPIAIEEVRGDAHAGVIRIQTSAMFGLKTDGVDLAYMSFMNGKTQKSIKIDN
LHVRTSAPCSLVSHHGYYILAQCPPGDTVTVGFHDGPNRHTCTVAHKVEFRPVGREKYRHPPEHGVELPCNRYTHKRADQ
GHYVEMHQPGLVADHSLLSIHSAKVKITVPSGAQVKYYCKCPDVRKGITSSDHTTTCTDVKQCRAYLIDNKKWVYNSGRL
PRGEGDTFKGKLHVPFVPVKAKCIATLAPEPLVEHKHRTLILHLHPDHPTLLTTRSLGSDANPTRQWIERPTTVNFTVTG
EGLEYTWGNHPPKRVWAQESGEGNPHGWPHEVVVYYYNRYPLTTIIGLCTCVAIIMVSCVTSVWLLCRTRNLCITPYKLA
PNAQVPILLALLCC
;
B,E,H,K
3 'polypeptide(L)'
;DKTFPIMLNGQVNGYACVVGGRVFKPLHVEGRIDNEQLAAIKLKKASIYDLEYGDVPQCMKSDTLQYTSDKPPGFYNWHH
GAVQYENNRFTVPRGVGGKGDSGRPILDNKGRVVAIVLGGVNEGSRTALSVVTWNQKGVTVKDTPEGSEPW
;
C,F,I,L
4 'polypeptide(L)' AKCEPSQFQCTNGRCITLLWKCDGDEDCVDGSDEKNCVKKTCAESDFVCNNGQCVPSRWKCDGDPDCEDGSDESPEQC V,W,X,Y
#
# COMPACT_ATOMS: atom_id res chain seq x y z
N TYR A 1 -17.01 -18.34 25.66
CA TYR A 1 -18.05 -17.36 25.40
C TYR A 1 -17.63 -16.00 25.94
N GLU A 2 -17.51 -15.02 25.03
CA GLU A 2 -17.08 -13.68 25.44
C GLU A 2 -18.25 -12.88 26.00
N HIS A 3 -18.04 -12.33 27.19
CA HIS A 3 -18.98 -11.42 27.83
C HIS A 3 -18.33 -10.05 27.92
N THR A 4 -18.97 -9.04 27.35
CA THR A 4 -18.48 -7.68 27.37
C THR A 4 -19.43 -6.78 28.13
N ALA A 5 -18.86 -5.86 28.91
CA ALA A 5 -19.65 -4.95 29.73
C ALA A 5 -18.75 -3.80 30.16
N VAL A 6 -19.34 -2.84 30.87
CA VAL A 6 -18.61 -1.70 31.42
C VAL A 6 -18.83 -1.70 32.92
N MET A 7 -17.74 -1.75 33.68
CA MET A 7 -17.81 -1.74 35.13
C MET A 7 -17.26 -0.42 35.68
N PRO A 8 -17.77 0.06 36.81
CA PRO A 8 -17.25 1.31 37.37
C PRO A 8 -15.82 1.16 37.86
N ASN A 9 -15.06 2.25 37.76
CA ASN A 9 -13.67 2.27 38.23
C ASN A 9 -13.65 2.47 39.74
N LYS A 10 -14.06 1.42 40.46
CA LYS A 10 -14.09 1.43 41.91
C LYS A 10 -13.34 0.21 42.44
N VAL A 11 -12.60 0.41 43.53
CA VAL A 11 -11.79 -0.64 44.14
C VAL A 11 -12.56 -1.19 45.33
N GLY A 12 -12.61 -2.51 45.45
CA GLY A 12 -13.31 -3.16 46.52
C GLY A 12 -14.79 -3.39 46.27
N ILE A 13 -15.35 -2.80 45.21
CA ILE A 13 -16.75 -2.97 44.86
C ILE A 13 -16.81 -3.97 43.71
N PRO A 14 -17.39 -5.15 43.90
CA PRO A 14 -17.40 -6.14 42.81
C PRO A 14 -18.45 -5.85 41.77
N TYR A 15 -18.10 -6.17 40.52
CA TYR A 15 -19.03 -6.11 39.40
C TYR A 15 -19.63 -7.49 39.22
N LYS A 16 -20.96 -7.59 39.26
CA LYS A 16 -21.66 -8.85 39.14
C LYS A 16 -22.50 -8.86 37.88
N ALA A 17 -22.53 -10.00 37.20
CA ALA A 17 -23.34 -10.16 36.00
C ALA A 17 -23.60 -11.65 35.79
N LEU A 18 -24.64 -11.94 35.03
CA LEU A 18 -24.95 -13.31 34.61
C LEU A 18 -24.54 -13.46 33.15
N VAL A 19 -23.66 -14.42 32.89
CA VAL A 19 -23.23 -14.71 31.52
C VAL A 19 -24.30 -15.62 30.90
N GLU A 20 -25.08 -15.08 29.98
CA GLU A 20 -26.18 -15.80 29.36
C GLU A 20 -25.73 -16.29 27.99
N ARG A 21 -25.49 -17.60 27.89
CA ARG A 21 -25.08 -18.22 26.64
C ARG A 21 -26.27 -18.93 26.03
N PRO A 22 -26.65 -18.63 24.78
CA PRO A 22 -27.85 -19.27 24.21
C PRO A 22 -27.83 -20.78 24.32
N GLY A 23 -28.89 -21.33 24.89
CA GLY A 23 -29.03 -22.77 25.06
C GLY A 23 -28.40 -23.32 26.33
N TYR A 24 -27.67 -22.51 27.09
CA TYR A 24 -27.02 -22.94 28.32
C TYR A 24 -27.52 -22.10 29.48
N ALA A 25 -27.50 -22.69 30.67
CA ALA A 25 -27.93 -21.98 31.86
C ALA A 25 -26.96 -20.83 32.14
N PRO A 26 -27.45 -19.72 32.69
CA PRO A 26 -26.57 -18.58 32.95
C PRO A 26 -25.48 -18.91 33.97
N VAL A 27 -24.29 -18.39 33.72
CA VAL A 27 -23.13 -18.58 34.59
C VAL A 27 -22.87 -17.26 35.29
N HIS A 28 -22.89 -17.29 36.62
CA HIS A 28 -22.66 -16.07 37.39
C HIS A 28 -21.20 -15.65 37.27
N LEU A 29 -20.98 -14.37 36.99
CA LEU A 29 -19.64 -13.80 36.84
C LEU A 29 -19.49 -12.67 37.85
N GLN A 30 -18.35 -12.66 38.54
CA GLN A 30 -18.06 -11.60 39.51
C GLN A 30 -16.62 -11.15 39.32
N ILE A 31 -16.46 -9.88 38.93
CA ILE A 31 -15.14 -9.28 38.70
C ILE A 31 -14.95 -8.16 39.72
N GLN A 32 -13.86 -8.20 40.45
CA GLN A 32 -13.56 -7.20 41.46
C GLN A 32 -12.13 -6.72 41.29
N LEU A 33 -11.95 -5.40 41.32
CA LEU A 33 -10.62 -4.80 41.25
C LEU A 33 -10.00 -4.75 42.63
N VAL A 34 -8.79 -5.28 42.76
CA VAL A 34 -8.09 -5.24 44.04
C VAL A 34 -7.34 -3.92 44.21
N ASN A 35 -6.72 -3.45 43.14
CA ASN A 35 -6.09 -2.14 43.13
C ASN A 35 -5.96 -1.70 41.68
N THR A 36 -5.83 -0.38 41.49
CA THR A 36 -5.61 0.21 40.18
C THR A 36 -4.45 1.17 40.31
N ARG A 37 -3.51 1.12 39.37
CA ARG A 37 -2.29 1.91 39.45
C ARG A 37 -2.06 2.63 38.13
N ILE A 38 -1.91 3.95 38.21
CA ILE A 38 -1.55 4.78 37.06
C ILE A 38 -0.06 4.99 37.16
N ILE A 39 0.70 4.42 36.22
CA ILE A 39 2.16 4.47 36.30
C ILE A 39 2.67 5.33 35.15
N PRO A 40 2.86 6.63 35.36
CA PRO A 40 3.35 7.49 34.30
C PRO A 40 4.82 7.24 33.98
N SER A 41 5.23 7.70 32.80
CA SER A 41 6.62 7.62 32.38
C SER A 41 7.34 8.85 32.90
N THR A 42 8.46 8.64 33.59
CA THR A 42 9.20 9.73 34.20
C THR A 42 10.64 9.76 33.72
N ASN A 43 11.15 10.98 33.56
CA ASN A 43 12.54 11.24 33.20
C ASN A 43 13.15 12.10 34.31
N LEU A 44 14.20 11.59 34.95
CA LEU A 44 14.87 12.37 35.98
C LEU A 44 15.58 13.56 35.34
N GLU A 45 15.19 14.76 35.75
CA GLU A 45 15.80 15.97 35.22
C GLU A 45 17.09 16.32 35.94
N TYR A 46 17.06 16.32 37.28
CA TYR A 46 18.25 16.56 38.07
C TYR A 46 17.92 16.21 39.52
N ILE A 47 18.97 16.21 40.35
CA ILE A 47 18.86 15.92 41.77
C ILE A 47 19.29 17.16 42.54
N THR A 48 18.48 17.57 43.51
CA THR A 48 18.75 18.71 44.36
C THR A 48 18.97 18.24 45.79
N CYS A 49 19.92 18.87 46.47
CA CYS A 49 20.21 18.54 47.86
C CYS A 49 20.97 19.70 48.50
N LYS A 50 21.24 19.58 49.79
CA LYS A 50 21.98 20.63 50.49
C LYS A 50 23.44 20.62 50.05
N TYR A 51 23.96 21.80 49.75
CA TYR A 51 25.34 21.99 49.33
C TYR A 51 26.32 21.92 50.51
N LYS A 52 27.58 21.62 50.18
CA LYS A 52 28.70 21.68 51.11
C LYS A 52 29.73 22.65 50.52
N THR A 53 30.23 23.55 51.34
CA THR A 53 31.27 24.49 50.94
C THR A 53 32.65 23.95 51.29
N LYS A 54 33.40 23.52 50.28
CA LYS A 54 34.75 23.01 50.43
C LYS A 54 35.72 24.18 50.37
N VAL A 55 36.58 24.29 51.38
CA VAL A 55 37.51 25.40 51.51
C VAL A 55 38.95 24.90 51.64
N PRO A 56 39.71 24.80 50.55
CA PRO A 56 41.10 24.35 50.65
C PRO A 56 41.94 25.30 51.49
N SER A 57 43.07 24.80 51.95
CA SER A 57 43.97 25.60 52.77
C SER A 57 44.36 26.90 52.07
N PRO A 58 44.33 28.04 52.76
CA PRO A 58 44.75 29.30 52.15
C PRO A 58 46.25 29.33 51.90
N VAL A 59 46.65 30.03 50.85
CA VAL A 59 48.06 30.21 50.50
C VAL A 59 48.50 31.54 51.08
N VAL A 60 49.45 31.52 52.01
CA VAL A 60 49.97 32.75 52.63
C VAL A 60 51.35 33.02 52.05
N LYS A 61 51.46 34.07 51.24
CA LYS A 61 52.72 34.51 50.66
C LYS A 61 53.32 35.63 51.52
N CYS A 62 54.41 35.33 52.20
CA CYS A 62 55.11 36.32 53.02
C CYS A 62 56.05 37.15 52.16
N CYS A 63 56.00 38.47 52.35
CA CYS A 63 56.85 39.40 51.62
C CYS A 63 56.75 39.21 50.11
N GLY A 64 55.53 39.21 49.61
CA GLY A 64 55.29 38.98 48.20
C GLY A 64 53.81 38.95 47.91
N ALA A 65 53.47 38.53 46.69
CA ALA A 65 52.09 38.48 46.25
C ALA A 65 51.86 37.28 45.34
N THR A 66 50.61 36.83 45.29
CA THR A 66 50.17 35.72 44.46
C THR A 66 48.98 36.16 43.64
N GLN A 67 48.63 35.37 42.63
CA GLN A 67 47.48 35.64 41.77
C GLN A 67 46.55 34.45 41.70
N CYS A 68 45.26 34.72 41.79
CA CYS A 68 44.22 33.72 41.63
C CYS A 68 44.10 33.25 40.18
N THR A 69 43.66 32.00 40.01
CA THR A 69 43.41 31.40 38.72
C THR A 69 41.98 30.85 38.70
N SER A 70 41.45 30.72 37.49
CA SER A 70 40.13 30.13 37.27
C SER A 70 40.19 28.60 37.25
N LYS A 71 39.23 27.98 37.93
CA LYS A 71 39.12 26.53 38.00
C LYS A 71 37.68 26.12 37.73
N PRO A 72 37.47 24.89 37.24
CA PRO A 72 36.11 24.42 36.95
C PRO A 72 35.25 24.09 38.17
N HIS A 73 35.77 24.20 39.38
CA HIS A 73 34.97 23.85 40.55
C HIS A 73 33.66 24.65 40.56
N PRO A 74 32.53 24.03 40.91
CA PRO A 74 31.25 24.75 40.97
C PRO A 74 31.30 25.93 41.94
N ASP A 75 30.82 27.09 41.46
CA ASP A 75 30.77 28.30 42.26
C ASP A 75 32.14 28.63 42.86
N TYR A 76 33.18 28.33 42.10
CA TYR A 76 34.54 28.54 42.59
C TYR A 76 34.79 30.02 42.87
N GLN A 77 35.39 30.30 44.02
CA GLN A 77 35.77 31.65 44.42
C GLN A 77 37.24 31.68 44.80
N CYS A 78 37.92 32.73 44.35
CA CYS A 78 39.33 32.94 44.67
C CYS A 78 39.59 34.44 44.79
N GLN A 79 40.19 34.84 45.91
CA GLN A 79 40.49 36.25 46.11
C GLN A 79 41.83 36.36 46.86
N VAL A 80 42.62 37.34 46.45
CA VAL A 80 43.93 37.60 47.03
C VAL A 80 43.81 38.78 47.98
N PHE A 81 44.08 38.54 49.27
CA PHE A 81 44.01 39.53 50.33
C PHE A 81 45.43 39.95 50.71
N SER A 82 45.81 41.16 50.29
CA SER A 82 47.10 41.75 50.55
C SER A 82 47.12 42.43 51.93
N GLY A 83 48.33 42.59 52.45
CA GLY A 83 48.53 43.27 53.71
C GLY A 83 48.17 42.46 54.93
N VAL A 84 48.21 41.14 54.82
CA VAL A 84 47.93 40.24 55.92
C VAL A 84 49.19 40.06 56.76
N TYR A 85 49.03 39.95 58.08
CA TYR A 85 50.14 39.71 58.99
C TYR A 85 49.71 38.64 59.99
N PRO A 86 49.46 37.43 59.50
CA PRO A 86 48.94 36.36 60.35
C PRO A 86 49.91 35.95 61.46
N PHE A 87 49.33 35.52 62.58
CA PHE A 87 50.05 34.95 63.71
C PHE A 87 49.55 33.54 63.95
N MET A 88 50.46 32.67 64.38
CA MET A 88 50.09 31.31 64.75
C MET A 88 50.68 30.96 66.12
N TYR A 89 50.52 29.71 66.54
CA TYR A 89 51.04 29.31 67.85
C TYR A 89 52.52 29.64 67.99
N GLY A 90 53.27 29.60 66.89
CA GLY A 90 54.68 29.91 66.91
C GLY A 90 55.01 31.37 66.78
N GLY A 91 54.02 32.24 66.77
CA GLY A 91 54.21 33.66 66.57
C GLY A 91 53.83 34.14 65.18
N ALA A 92 54.35 35.32 64.84
CA ALA A 92 54.17 35.87 63.51
C ALA A 92 54.62 34.90 62.44
N TYR A 93 53.73 34.63 61.48
CA TYR A 93 54.06 33.68 60.42
C TYR A 93 54.99 34.31 59.39
N CYS A 94 54.78 35.58 59.06
CA CYS A 94 55.57 36.31 58.08
C CYS A 94 56.50 37.31 58.75
N PHE A 95 57.59 37.63 58.05
CA PHE A 95 58.51 38.68 58.48
C PHE A 95 57.94 40.07 58.19
N CYS A 96 57.64 40.37 56.92
CA CYS A 96 57.11 41.67 56.55
C CYS A 96 55.76 41.92 57.23
N ASP A 97 55.53 43.19 57.55
CA ASP A 97 54.28 43.66 58.16
C ASP A 97 53.14 43.78 57.16
N THR A 98 53.34 44.53 56.08
CA THR A 98 52.27 44.76 55.12
C THR A 98 52.53 44.18 53.74
N GLU A 99 53.66 43.51 53.51
CA GLU A 99 54.00 43.02 52.19
C GLU A 99 53.63 41.55 51.99
N ASN A 100 52.93 40.95 52.95
CA ASN A 100 52.50 39.56 52.87
C ASN A 100 51.13 39.46 52.18
N THR A 101 50.85 38.29 51.62
CA THR A 101 49.61 38.05 50.90
C THR A 101 49.02 36.70 51.27
N GLN A 102 47.71 36.68 51.53
CA GLN A 102 46.95 35.46 51.77
C GLN A 102 45.94 35.25 50.65
N MET A 103 45.99 34.09 49.99
CA MET A 103 45.02 33.72 48.97
C MET A 103 44.06 32.69 49.56
N SER A 104 42.76 32.98 49.43
CA SER A 104 41.69 32.10 49.90
C SER A 104 40.94 31.49 48.73
N GLU A 105 40.61 30.20 48.84
CA GLU A 105 39.84 29.49 47.84
C GLU A 105 38.65 28.81 48.49
N ALA A 106 37.54 28.74 47.76
CA ALA A 106 36.35 28.05 48.23
C ALA A 106 35.51 27.61 47.04
N TYR A 107 34.82 26.48 47.19
CA TYR A 107 33.92 26.00 46.15
C TYR A 107 32.83 25.16 46.78
N VAL A 108 31.75 24.98 46.02
CA VAL A 108 30.57 24.22 46.43
C VAL A 108 30.60 22.80 45.88
N GLU A 109 30.30 21.83 46.74
CA GLU A 109 30.20 20.42 46.37
C GLU A 109 29.00 19.81 47.09
N ARG A 110 28.50 18.69 46.56
CA ARG A 110 27.45 17.95 47.24
C ARG A 110 27.89 17.44 48.61
N SER A 111 27.02 17.63 49.60
CA SER A 111 27.22 17.08 50.93
C SER A 111 27.05 15.56 50.94
N GLU A 112 27.59 14.94 52.00
CA GLU A 112 27.42 13.50 52.21
C GLU A 112 25.95 13.10 52.28
N GLU A 113 25.14 13.91 52.97
CA GLU A 113 23.70 13.65 53.06
C GLU A 113 23.04 13.58 51.69
N CYS A 114 23.61 14.22 50.68
CA CYS A 114 23.01 14.16 49.35
C CYS A 114 22.90 12.74 48.81
N SER A 115 23.69 11.79 49.35
CA SER A 115 23.55 10.40 48.95
C SER A 115 22.20 9.83 49.33
N ILE A 116 21.61 10.30 50.43
CA ILE A 116 20.36 9.79 50.97
C ILE A 116 19.27 10.85 51.01
N ASP A 117 19.59 12.06 51.45
CA ASP A 117 18.61 13.13 51.72
C ASP A 117 18.65 14.16 50.60
N HIS A 118 17.96 13.85 49.50
CA HIS A 118 17.92 14.72 48.34
C HIS A 118 16.57 14.57 47.65
N ALA A 119 16.22 15.58 46.86
CA ALA A 119 14.98 15.61 46.09
C ALA A 119 15.24 15.35 44.61
N LYS A 120 14.42 14.51 44.01
CA LYS A 120 14.53 14.15 42.61
C LYS A 120 13.50 14.93 41.80
N ALA A 121 13.97 15.70 40.81
CA ALA A 121 13.10 16.46 39.93
C ALA A 121 12.80 15.62 38.68
N TYR A 122 11.53 15.30 38.48
CA TYR A 122 11.11 14.46 37.37
C TYR A 122 10.15 15.17 36.43
N LYS A 123 10.27 14.84 35.15
CA LYS A 123 9.30 15.25 34.13
C LYS A 123 8.39 14.05 33.90
N VAL A 124 7.09 14.27 33.95
CA VAL A 124 6.11 13.20 33.92
C VAL A 124 5.33 13.25 32.60
N HIS A 125 5.24 12.10 31.93
CA HIS A 125 4.54 11.95 30.68
C HIS A 125 3.53 10.81 30.83
N THR A 126 2.55 10.77 29.95
CA THR A 126 1.55 9.71 30.01
C THR A 126 2.25 8.36 29.89
N GLY A 127 1.93 7.45 30.81
CA GLY A 127 2.56 6.15 30.83
C GLY A 127 1.61 5.00 30.58
N THR A 128 1.46 4.12 31.57
CA THR A 128 0.61 2.95 31.46
C THR A 128 -0.28 2.86 32.69
N VAL A 129 -1.34 2.06 32.57
CA VAL A 129 -2.29 1.81 33.65
C VAL A 129 -2.36 0.29 33.86
N GLN A 130 -2.20 -0.13 35.11
CA GLN A 130 -2.25 -1.55 35.46
C GLN A 130 -3.20 -1.73 36.62
N ALA A 131 -3.70 -2.95 36.77
CA ALA A 131 -4.63 -3.25 37.86
C ALA A 131 -4.51 -4.71 38.26
N MET A 132 -4.92 -4.98 39.49
CA MET A 132 -5.00 -6.32 40.04
C MET A 132 -6.48 -6.68 40.11
N VAL A 133 -6.88 -7.73 39.41
CA VAL A 133 -8.29 -8.09 39.29
C VAL A 133 -8.53 -9.47 39.91
N ASN A 134 -9.57 -9.55 40.72
CA ASN A 134 -9.98 -10.77 41.41
C ASN A 134 -11.25 -11.25 40.71
N ILE A 135 -11.24 -12.47 40.18
CA ILE A 135 -12.37 -12.97 39.40
C ILE A 135 -12.79 -14.35 39.88
N THR A 136 -14.09 -14.56 39.99
CA THR A 136 -14.70 -15.84 40.26
C THR A 136 -15.91 -15.98 39.36
N TYR A 137 -16.10 -17.16 38.78
CA TYR A 137 -17.25 -17.42 37.92
C TYR A 137 -17.76 -18.83 38.16
N GLY A 138 -19.08 -18.99 38.13
CA GLY A 138 -19.67 -20.29 38.32
C GLY A 138 -19.22 -20.95 39.61
N SER A 139 -18.66 -22.16 39.50
CA SER A 139 -18.16 -22.91 40.64
C SER A 139 -16.65 -22.75 40.81
N VAL A 140 -16.02 -21.89 40.02
CA VAL A 140 -14.59 -21.66 40.11
C VAL A 140 -14.31 -20.67 41.22
N SER A 141 -13.39 -21.01 42.11
CA SER A 141 -13.04 -20.16 43.23
C SER A 141 -12.38 -18.88 42.75
N TRP A 142 -12.20 -17.94 43.67
CA TRP A 142 -11.59 -16.66 43.33
C TRP A 142 -10.17 -16.84 42.82
N ARG A 143 -9.89 -16.21 41.67
CA ARG A 143 -8.59 -16.21 41.04
C ARG A 143 -8.25 -14.76 40.71
N SER A 144 -6.96 -14.43 40.76
CA SER A 144 -6.54 -13.07 40.47
C SER A 144 -5.24 -13.06 39.69
N ALA A 145 -5.04 -11.98 38.93
CA ALA A 145 -3.81 -11.79 38.17
C ALA A 145 -3.62 -10.29 37.94
N ASP A 146 -2.37 -9.90 37.76
CA ASP A 146 -2.06 -8.52 37.42
C ASP A 146 -2.25 -8.32 35.92
N VAL A 147 -3.00 -7.29 35.54
CA VAL A 147 -3.35 -7.05 34.15
C VAL A 147 -3.01 -5.62 33.76
N TYR A 148 -2.86 -5.41 32.46
CA TYR A 148 -2.61 -4.10 31.87
C TYR A 148 -3.93 -3.56 31.36
N VAL A 149 -4.32 -2.37 31.80
CA VAL A 149 -5.59 -1.82 31.36
C VAL A 149 -5.38 -1.08 30.05
N ASN A 150 -5.17 -1.84 28.97
CA ASN A 150 -4.95 -1.32 27.63
C ASN A 150 -6.14 -1.49 26.72
N GLY A 151 -6.99 -2.49 26.99
CA GLY A 151 -8.10 -2.84 26.15
C GLY A 151 -7.76 -3.79 25.03
N GLU A 152 -6.50 -4.21 24.94
CA GLU A 152 -6.00 -5.12 23.92
C GLU A 152 -5.25 -6.29 24.49
N THR A 153 -4.39 -6.08 25.48
CA THR A 153 -3.57 -7.15 26.04
C THR A 153 -4.42 -8.10 26.88
N PRO A 154 -4.56 -9.36 26.49
CA PRO A 154 -5.38 -10.30 27.28
C PRO A 154 -4.58 -10.90 28.42
N ALA A 155 -5.30 -11.30 29.47
CA ALA A 155 -4.70 -11.97 30.62
C ALA A 155 -5.48 -13.23 30.94
N LYS A 156 -4.75 -14.29 31.25
CA LYS A 156 -5.33 -15.59 31.58
C LYS A 156 -5.54 -15.69 33.10
N ILE A 157 -6.79 -15.70 33.52
CA ILE A 157 -7.16 -15.76 34.93
C ILE A 157 -8.05 -16.97 35.12
N GLY A 158 -7.46 -18.08 35.55
CA GLY A 158 -8.20 -19.29 35.83
C GLY A 158 -8.92 -19.85 34.62
N ASP A 159 -8.22 -20.01 33.50
CA ASP A 159 -8.72 -20.49 32.23
C ASP A 159 -9.61 -19.48 31.52
N ALA A 160 -9.86 -18.32 32.13
CA ALA A 160 -10.64 -17.26 31.51
C ALA A 160 -9.69 -16.16 31.03
N LYS A 161 -9.96 -15.64 29.84
CA LYS A 161 -9.13 -14.61 29.23
C LYS A 161 -9.83 -13.28 29.39
N LEU A 162 -9.20 -12.35 30.11
CA LEU A 162 -9.77 -11.06 30.42
C LEU A 162 -9.04 -9.95 29.66
N ILE A 163 -9.82 -9.09 29.01
CA ILE A 163 -9.33 -7.88 28.35
C ILE A 163 -10.07 -6.72 28.99
N ILE A 164 -9.31 -5.76 29.52
CA ILE A 164 -9.90 -4.59 30.18
C ILE A 164 -9.62 -3.36 29.35
N GLY A 165 -10.69 -2.69 28.94
CA GLY A 165 -10.61 -1.49 28.14
C GLY A 165 -9.90 -0.36 28.87
N PRO A 166 -9.42 0.63 28.14
CA PRO A 166 -8.76 1.77 28.78
C PRO A 166 -9.74 2.54 29.63
N LEU A 167 -9.22 3.20 30.66
CA LEU A 167 -10.09 3.99 31.52
C LEU A 167 -10.79 5.07 30.71
N SER A 168 -12.08 5.29 31.03
CA SER A 168 -12.85 6.28 30.31
C SER A 168 -12.30 7.70 30.48
N SER A 169 -11.51 7.94 31.51
CA SER A 169 -10.91 9.24 31.76
C SER A 169 -9.39 9.14 31.75
N ALA A 170 -8.75 10.05 31.02
CA ALA A 170 -7.30 10.11 30.95
C ALA A 170 -6.69 10.90 32.10
N TRP A 171 -7.50 11.27 33.09
CA TRP A 171 -7.04 12.06 34.22
C TRP A 171 -5.95 11.34 35.00
N SER A 172 -4.95 12.11 35.44
CA SER A 172 -3.84 11.64 36.25
C SER A 172 -3.49 12.73 37.24
N PRO A 173 -3.17 12.39 38.49
CA PRO A 173 -2.88 13.44 39.48
C PRO A 173 -1.52 14.10 39.30
N PHE A 174 -0.60 13.51 38.54
CA PHE A 174 0.72 14.07 38.38
C PHE A 174 0.73 15.16 37.31
N ASP A 175 1.38 16.27 37.63
CA ASP A 175 1.52 17.38 36.69
C ASP A 175 2.66 17.07 35.72
N ASN A 176 2.91 17.99 34.78
CA ASN A 176 3.97 17.76 33.82
C ASN A 176 5.33 17.66 34.49
N LYS A 177 5.52 18.34 35.62
CA LYS A 177 6.76 18.32 36.36
C LYS A 177 6.45 18.07 37.84
N VAL A 178 7.14 17.11 38.44
CA VAL A 178 6.95 16.78 39.84
C VAL A 178 8.30 16.64 40.52
N VAL A 179 8.31 16.83 41.83
CA VAL A 179 9.49 16.69 42.67
C VAL A 179 9.19 15.61 43.69
N VAL A 180 10.03 14.58 43.73
CA VAL A 180 9.88 13.46 44.64
C VAL A 180 10.91 13.60 45.76
N TYR A 181 10.42 13.70 47.00
CA TYR A 181 11.28 13.81 48.17
C TYR A 181 10.83 12.79 49.19
N GLY A 182 11.74 11.89 49.57
CA GLY A 182 11.36 10.84 50.51
C GLY A 182 10.25 10.00 49.91
N HIS A 183 9.16 9.87 50.65
CA HIS A 183 7.97 9.16 50.19
C HIS A 183 6.93 10.09 49.58
N GLU A 184 7.20 11.39 49.57
CA GLU A 184 6.24 12.39 49.11
C GLU A 184 6.52 12.82 47.67
N VAL A 185 5.44 13.18 46.98
CA VAL A 185 5.51 13.69 45.60
C VAL A 185 4.86 15.07 45.60
N TYR A 186 5.55 16.03 45.01
CA TYR A 186 5.06 17.41 44.93
C TYR A 186 4.92 17.83 43.48
N ASN A 187 3.77 18.43 43.15
CA ASN A 187 3.56 19.01 41.83
C ASN A 187 4.20 20.40 41.83
N TYR A 188 5.53 20.39 41.89
CA TYR A 188 6.32 21.60 41.97
C TYR A 188 6.97 21.90 40.63
N ASP A 189 6.72 23.10 40.10
CA ASP A 189 7.29 23.53 38.83
C ASP A 189 8.71 24.00 39.10
N PHE A 190 9.61 23.03 39.17
CA PHE A 190 11.00 23.33 39.50
C PHE A 190 11.70 24.04 38.34
N PRO A 191 12.71 24.88 38.65
CA PRO A 191 13.43 25.56 37.57
C PRO A 191 14.28 24.58 36.77
N GLU A 192 14.48 24.92 35.50
CA GLU A 192 15.26 24.05 34.64
C GLU A 192 16.72 24.01 35.12
N TYR A 193 17.42 22.98 34.69
CA TYR A 193 18.83 22.83 35.07
C TYR A 193 19.63 24.03 34.59
N GLY A 194 20.46 24.56 35.48
CA GLY A 194 21.28 25.72 35.15
C GLY A 194 20.65 27.06 35.42
N THR A 195 19.38 27.12 35.83
CA THR A 195 18.71 28.38 36.14
C THR A 195 18.29 28.51 37.59
N GLY A 196 18.71 27.61 38.48
CA GLY A 196 18.35 27.73 39.87
C GLY A 196 18.98 28.95 40.51
N LYS A 197 18.23 29.56 41.43
CA LYS A 197 18.67 30.77 42.10
C LYS A 197 19.15 30.49 43.52
N ALA A 198 20.04 31.36 44.00
CA ALA A 198 20.59 31.23 45.35
C ALA A 198 19.47 31.30 46.38
N GLY A 199 19.51 30.39 47.35
CA GLY A 199 18.50 30.36 48.38
C GLY A 199 17.16 29.82 47.94
N SER A 200 17.07 29.24 46.75
CA SER A 200 15.84 28.66 46.25
C SER A 200 16.05 27.17 45.99
N PHE A 201 14.96 26.49 45.65
CA PHE A 201 15.00 25.05 45.49
C PHE A 201 16.15 24.58 44.60
N GLY A 202 16.30 25.18 43.43
CA GLY A 202 17.35 24.76 42.52
C GLY A 202 18.72 25.35 42.70
N ASP A 203 19.03 25.92 43.88
CA ASP A 203 20.33 26.54 44.06
C ASP A 203 21.46 25.58 43.68
N LEU A 204 21.34 24.32 44.07
CA LEU A 204 22.28 23.26 43.69
C LEU A 204 21.54 22.24 42.85
N GLN A 205 22.08 21.94 41.66
CA GLN A 205 21.45 20.97 40.78
C GLN A 205 22.49 20.02 40.21
N SER A 206 22.15 18.75 40.17
CA SER A 206 23.04 17.71 39.65
C SER A 206 22.21 16.76 38.80
N ARG A 207 22.73 16.41 37.62
CA ARG A 207 21.97 15.51 36.75
C ARG A 207 21.75 14.15 37.41
N THR A 208 22.72 13.69 38.18
CA THR A 208 22.62 12.43 38.90
C THR A 208 23.27 12.59 40.27
N SER A 209 23.00 11.63 41.15
CA SER A 209 23.61 11.68 42.48
C SER A 209 25.11 11.42 42.44
N THR A 210 25.62 10.94 41.31
CA THR A 210 27.04 10.67 41.13
C THR A 210 27.68 11.54 40.07
N SER A 211 26.93 12.46 39.47
CA SER A 211 27.45 13.29 38.40
C SER A 211 28.64 14.11 38.87
N ASN A 212 29.63 14.25 37.99
CA ASN A 212 30.82 15.06 38.26
C ASN A 212 30.65 16.52 37.90
N ASP A 213 29.59 16.88 37.18
CA ASP A 213 29.30 18.26 36.80
C ASP A 213 28.15 18.73 37.68
N LEU A 214 28.49 19.53 38.68
CA LEU A 214 27.54 20.08 39.64
C LEU A 214 27.30 21.56 39.38
N TYR A 215 26.04 21.94 39.27
CA TYR A 215 25.68 23.35 39.16
C TYR A 215 25.35 23.85 40.56
N ALA A 216 25.96 24.98 40.94
CA ALA A 216 25.76 25.59 42.24
C ALA A 216 25.65 27.09 42.06
N ASN A 217 24.57 27.69 42.56
CA ASN A 217 24.35 29.13 42.42
C ASN A 217 24.02 29.70 43.81
N THR A 218 25.08 30.07 44.52
CA THR A 218 25.02 30.67 45.84
C THR A 218 25.89 31.93 45.80
N ASN A 219 25.49 32.97 46.52
CA ASN A 219 26.29 34.19 46.57
C ASN A 219 27.47 34.02 47.54
N LEU A 220 28.32 33.05 47.19
CA LEU A 220 29.52 32.73 47.95
C LEU A 220 30.55 33.85 47.77
N LYS A 221 30.78 34.63 48.83
CA LYS A 221 31.74 35.73 48.78
C LYS A 221 32.78 35.51 49.87
N LEU A 222 34.04 35.46 49.46
CA LEU A 222 35.15 35.39 50.40
C LEU A 222 35.34 36.72 51.13
N GLN A 223 35.47 36.66 52.44
CA GLN A 223 35.72 37.82 53.28
C GLN A 223 37.20 37.90 53.63
N ARG A 224 37.64 39.11 53.93
CA ARG A 224 39.01 39.32 54.39
C ARG A 224 39.26 38.59 55.71
N PRO A 225 40.31 37.78 55.82
CA PRO A 225 40.64 37.15 57.09
C PRO A 225 40.87 38.19 58.19
N GLN A 226 40.46 37.84 59.41
CA GLN A 226 40.64 38.73 60.54
C GLN A 226 42.12 38.98 60.81
N ALA A 227 42.41 40.17 61.32
CA ALA A 227 43.76 40.60 61.66
C ALA A 227 44.52 39.59 62.52
N GLY A 228 45.61 39.06 61.97
CA GLY A 228 46.42 38.06 62.64
C GLY A 228 45.90 36.64 62.70
N ILE A 229 44.86 36.30 61.95
CA ILE A 229 44.27 34.96 62.02
C ILE A 229 44.34 34.33 60.64
N VAL A 230 44.86 33.10 60.58
CA VAL A 230 44.92 32.35 59.33
C VAL A 230 43.64 31.53 59.24
N HIS A 231 42.71 31.99 58.41
CA HIS A 231 41.45 31.29 58.20
C HIS A 231 40.87 31.81 56.89
N THR A 232 39.86 31.11 56.37
CA THR A 232 39.20 31.47 55.13
C THR A 232 37.73 31.78 55.40
N PRO A 233 37.43 32.96 55.93
CA PRO A 233 36.04 33.33 56.16
C PRO A 233 35.30 33.57 54.86
N PHE A 234 34.00 33.33 54.88
CA PHE A 234 33.18 33.54 53.70
C PHE A 234 31.72 33.73 54.12
N THR A 235 30.96 34.35 53.22
CA THR A 235 29.52 34.51 53.37
C THR A 235 28.83 33.78 52.23
N GLN A 236 27.69 33.17 52.53
CA GLN A 236 26.97 32.38 51.55
C GLN A 236 25.50 32.37 51.91
N VAL A 237 24.65 32.35 50.88
CA VAL A 237 23.20 32.32 51.11
C VAL A 237 22.80 30.95 51.63
N PRO A 238 22.04 30.87 52.73
CA PRO A 238 21.64 29.57 53.26
C PRO A 238 21.03 28.70 52.17
N SER A 239 21.25 27.38 52.30
CA SER A 239 20.81 26.45 51.27
C SER A 239 19.32 26.58 51.00
N GLY A 240 18.97 26.62 49.72
CA GLY A 240 17.58 26.71 49.32
C GLY A 240 16.83 25.40 49.42
N PHE A 241 17.55 24.29 49.55
CA PHE A 241 16.90 23.00 49.77
C PHE A 241 16.39 22.90 51.20
N GLU A 242 17.20 23.32 52.18
CA GLU A 242 16.72 23.33 53.56
C GLU A 242 15.58 24.31 53.74
N ARG A 243 15.64 25.46 53.05
CA ARG A 243 14.52 26.39 53.07
C ARG A 243 13.27 25.78 52.47
N TRP A 244 13.43 25.04 51.36
CA TRP A 244 12.30 24.38 50.73
C TRP A 244 11.65 23.36 51.66
N LYS A 245 12.47 22.57 52.36
CA LYS A 245 11.91 21.59 53.30
C LYS A 245 10.92 22.24 54.26
N LYS A 246 11.21 23.45 54.72
CA LYS A 246 10.32 24.13 55.64
C LYS A 246 9.06 24.62 54.95
N ASP A 247 9.16 25.05 53.68
CA ASP A 247 8.06 25.64 52.96
C ASP A 247 7.50 24.75 51.85
N LYS A 248 7.89 23.47 51.80
CA LYS A 248 7.44 22.62 50.70
C LYS A 248 5.92 22.46 50.67
N GLY A 249 5.25 22.62 51.79
CA GLY A 249 3.80 22.55 51.83
C GLY A 249 3.24 21.13 51.84
N ALA A 250 1.99 21.04 51.37
CA ALA A 250 1.27 19.77 51.33
C ALA A 250 1.68 18.96 50.12
N PRO A 251 2.06 17.69 50.28
CA PRO A 251 2.44 16.87 49.13
C PRO A 251 1.22 16.41 48.34
N LEU A 252 1.49 15.93 47.13
CA LEU A 252 0.44 15.39 46.28
C LEU A 252 -0.28 14.23 46.95
N ASN A 253 0.42 13.48 47.79
CA ASN A 253 -0.18 12.37 48.53
C ASN A 253 -1.38 12.82 49.35
N ASP A 254 -1.40 14.08 49.79
CA ASP A 254 -2.44 14.60 50.66
C ASP A 254 -3.45 15.50 49.97
N VAL A 255 -3.27 15.84 48.69
CA VAL A 255 -4.19 16.74 48.02
C VAL A 255 -4.72 16.14 46.71
N ALA A 256 -4.20 14.97 46.32
CA ALA A 256 -4.66 14.38 45.08
C ALA A 256 -6.15 14.08 45.15
N PRO A 257 -6.93 14.47 44.14
CA PRO A 257 -8.37 14.15 44.16
C PRO A 257 -8.64 12.67 43.99
N PHE A 258 -9.91 12.32 44.14
CA PHE A 258 -10.42 10.96 43.96
C PHE A 258 -9.80 9.96 44.92
N GLY A 259 -9.17 10.41 46.00
CA GLY A 259 -8.60 9.46 46.94
C GLY A 259 -7.39 8.73 46.42
N CYS A 260 -6.70 9.26 45.42
CA CYS A 260 -5.53 8.59 44.90
C CYS A 260 -4.46 8.41 45.97
N SER A 261 -3.86 7.23 45.99
CA SER A 261 -2.73 6.93 46.86
C SER A 261 -1.47 6.95 46.00
N ILE A 262 -0.45 7.64 46.48
CA ILE A 262 0.79 7.82 45.72
C ILE A 262 1.86 6.89 46.25
N ALA A 263 2.51 6.18 45.32
CA ALA A 263 3.61 5.27 45.62
C ALA A 263 4.77 5.65 44.72
N LEU A 264 6.00 5.30 45.13
CA LEU A 264 7.17 5.77 44.43
C LEU A 264 7.93 4.71 43.64
N GLU A 265 7.75 3.43 43.91
CA GLU A 265 8.51 2.38 43.24
C GLU A 265 7.60 1.41 42.50
N PRO A 266 7.20 1.71 41.26
CA PRO A 266 7.50 2.91 40.47
C PRO A 266 6.62 4.08 40.88
N LEU A 267 6.93 5.32 40.49
CA LEU A 267 6.05 6.43 40.81
C LEU A 267 4.69 6.16 40.19
N ARG A 268 3.64 6.18 41.02
CA ARG A 268 2.31 5.87 40.50
C ARG A 268 1.24 6.38 41.44
N ALA A 269 0.04 6.55 40.89
CA ALA A 269 -1.16 6.95 41.64
C ALA A 269 -2.08 5.74 41.69
N GLU A 270 -2.43 5.31 42.90
CA GLU A 270 -3.23 4.11 43.08
C GLU A 270 -4.66 4.41 43.51
N ASN A 271 -5.57 3.54 43.05
CA ASN A 271 -6.98 3.56 43.42
C ASN A 271 -7.68 4.89 43.13
N CYS A 272 -7.36 5.52 42.00
CA CYS A 272 -8.07 6.72 41.61
C CYS A 272 -9.42 6.31 41.03
N ALA A 273 -10.51 6.64 41.73
CA ALA A 273 -11.85 6.24 41.32
C ALA A 273 -12.38 7.24 40.29
N VAL A 274 -11.87 7.13 39.07
CA VAL A 274 -12.23 8.03 37.98
C VAL A 274 -12.87 7.25 36.84
N GLY A 275 -14.08 7.65 36.46
CA GLY A 275 -14.77 7.07 35.31
C GLY A 275 -15.19 5.62 35.48
N SER A 276 -15.17 4.91 34.36
CA SER A 276 -15.57 3.51 34.27
C SER A 276 -14.53 2.77 33.43
N ILE A 277 -14.56 1.44 33.51
CA ILE A 277 -13.60 0.60 32.82
C ILE A 277 -14.33 -0.46 31.99
N PRO A 278 -14.18 -0.46 30.66
CA PRO A 278 -14.77 -1.54 29.86
C PRO A 278 -14.07 -2.86 30.16
N ILE A 279 -14.82 -3.95 30.08
CA ILE A 279 -14.28 -5.28 30.33
C ILE A 279 -14.78 -6.26 29.27
N SER A 280 -13.94 -7.27 28.99
CA SER A 280 -14.27 -8.34 28.06
C SER A 280 -13.64 -9.61 28.60
N ILE A 281 -14.45 -10.59 28.96
CA ILE A 281 -13.97 -11.85 29.52
C ILE A 281 -14.57 -13.02 28.76
N ASP A 282 -13.73 -13.97 28.37
CA ASP A 282 -14.15 -15.20 27.71
C ASP A 282 -14.29 -16.29 28.77
N ILE A 283 -15.52 -16.73 29.01
CA ILE A 283 -15.76 -17.82 29.96
C ILE A 283 -15.53 -19.15 29.25
N PRO A 284 -14.76 -20.07 29.83
CA PRO A 284 -14.52 -21.35 29.12
C PRO A 284 -15.80 -22.11 28.87
N ASP A 285 -15.82 -22.81 27.74
CA ASP A 285 -17.01 -23.56 27.34
C ASP A 285 -17.44 -24.59 28.38
N ALA A 286 -16.48 -25.16 29.10
CA ALA A 286 -16.79 -26.17 30.12
C ALA A 286 -17.59 -25.61 31.29
N ALA A 287 -17.60 -24.30 31.48
CA ALA A 287 -18.32 -23.70 32.60
C ALA A 287 -19.83 -23.67 32.43
N PHE A 288 -20.35 -23.92 31.23
CA PHE A 288 -21.77 -23.80 30.95
C PHE A 288 -22.46 -25.16 30.94
N THR A 289 -23.65 -25.22 31.54
CA THR A 289 -24.49 -26.40 31.60
C THR A 289 -25.74 -26.18 30.76
N ARG A 290 -26.18 -27.20 30.04
CA ARG A 290 -27.37 -27.08 29.21
C ARG A 290 -28.59 -26.75 30.06
N ILE A 291 -29.49 -25.94 29.47
CA ILE A 291 -30.69 -25.49 30.18
C ILE A 291 -31.52 -26.68 30.67
N SER A 292 -31.69 -27.69 29.82
CA SER A 292 -32.48 -28.86 30.21
C SER A 292 -31.87 -29.61 31.39
N GLU A 293 -30.60 -29.39 31.69
CA GLU A 293 -29.93 -30.05 32.79
C GLU A 293 -29.98 -29.27 34.10
N THR A 294 -30.58 -28.08 34.12
CA THR A 294 -30.68 -27.27 35.32
C THR A 294 -32.11 -27.15 35.82
N PRO A 295 -32.30 -26.74 37.07
CA PRO A 295 -33.67 -26.58 37.61
C PRO A 295 -34.45 -25.49 36.90
N THR A 296 -35.77 -25.70 36.85
CA THR A 296 -36.71 -24.73 36.29
C THR A 296 -37.57 -24.20 37.43
N VAL A 297 -37.57 -22.88 37.61
CA VAL A 297 -38.27 -22.23 38.72
C VAL A 297 -39.51 -21.54 38.17
N SER A 298 -40.59 -21.56 38.96
CA SER A 298 -41.85 -20.96 38.55
C SER A 298 -42.60 -20.48 39.78
N ASP A 299 -43.62 -19.65 39.53
CA ASP A 299 -44.46 -19.07 40.60
C ASP A 299 -43.62 -18.32 41.63
N LEU A 300 -42.64 -17.56 41.15
CA LEU A 300 -41.78 -16.78 42.04
C LEU A 300 -42.56 -15.59 42.60
N GLU A 301 -42.54 -15.45 43.92
CA GLU A 301 -43.18 -14.33 44.61
C GLU A 301 -42.19 -13.71 45.57
N CYS A 302 -41.84 -12.45 45.33
CA CYS A 302 -40.83 -11.74 46.12
C CYS A 302 -41.49 -10.76 47.09
N LYS A 303 -41.16 -10.90 48.37
CA LYS A 303 -41.67 -10.05 49.43
C LYS A 303 -40.49 -9.38 50.13
N ILE A 304 -40.52 -8.06 50.20
CA ILE A 304 -39.49 -7.30 50.93
C ILE A 304 -39.88 -7.29 52.40
N THR A 305 -39.12 -8.00 53.23
CA THR A 305 -39.48 -8.09 54.65
C THR A 305 -38.96 -6.91 55.45
N GLU A 306 -37.83 -6.33 55.04
CA GLU A 306 -37.26 -5.17 55.71
C GLU A 306 -36.32 -4.47 54.75
N CYS A 307 -36.32 -3.15 54.74
CA CYS A 307 -35.40 -2.41 53.90
C CYS A 307 -35.00 -1.08 54.49
N THR A 308 -33.71 -0.78 54.41
CA THR A 308 -33.13 0.48 54.82
C THR A 308 -32.14 0.84 53.71
N TYR A 309 -32.19 2.07 53.21
CA TYR A 309 -31.27 2.41 52.14
C TYR A 309 -29.90 2.80 52.68
N ALA A 310 -29.36 1.98 53.57
CA ALA A 310 -28.05 2.20 54.18
C ALA A 310 -26.96 1.83 53.19
N PHE A 311 -25.74 2.27 53.50
CA PHE A 311 -24.62 1.93 52.61
C PHE A 311 -24.33 0.44 52.62
N ASP A 312 -24.64 -0.25 53.71
CA ASP A 312 -24.45 -1.68 53.79
C ASP A 312 -25.62 -2.39 53.12
N PHE A 313 -25.63 -3.72 53.20
CA PHE A 313 -26.73 -4.53 52.69
C PHE A 313 -27.87 -4.52 53.71
N GLY A 314 -28.54 -3.37 53.79
CA GLY A 314 -29.61 -3.16 54.74
C GLY A 314 -30.96 -3.70 54.34
N GLY A 315 -31.10 -4.20 53.11
CA GLY A 315 -32.36 -4.77 52.65
C GLY A 315 -32.38 -6.29 52.76
N ILE A 316 -33.54 -6.80 53.15
CA ILE A 316 -33.78 -8.23 53.28
C ILE A 316 -35.07 -8.56 52.55
N ALA A 317 -35.05 -9.60 51.73
CA ALA A 317 -36.21 -10.01 50.96
C ALA A 317 -36.37 -11.51 50.98
N THR A 318 -37.62 -11.97 50.87
CA THR A 318 -37.95 -13.38 50.85
C THR A 318 -38.66 -13.68 49.53
N VAL A 319 -38.20 -14.71 48.83
CA VAL A 319 -38.79 -15.13 47.56
C VAL A 319 -39.36 -16.53 47.71
N ALA A 320 -40.67 -16.66 47.53
CA ALA A 320 -41.31 -17.97 47.53
C ALA A 320 -41.17 -18.57 46.14
N TYR A 321 -40.97 -19.88 46.07
CA TYR A 321 -40.72 -20.49 44.78
C TYR A 321 -41.07 -21.98 44.80
N LYS A 322 -41.20 -22.53 43.59
CA LYS A 322 -41.34 -23.95 43.35
C LYS A 322 -40.35 -24.29 42.23
N SER A 323 -39.64 -25.41 42.37
CA SER A 323 -38.62 -25.74 41.40
C SER A 323 -38.49 -27.25 41.26
N SER A 324 -38.20 -27.69 40.05
CA SER A 324 -37.92 -29.08 39.75
C SER A 324 -36.45 -29.40 39.99
N LYS A 325 -36.18 -30.68 40.22
CA LYS A 325 -34.82 -31.19 40.39
C LYS A 325 -34.12 -30.68 41.66
N ALA A 326 -34.67 -29.66 42.32
CA ALA A 326 -34.14 -29.15 43.58
C ALA A 326 -32.62 -28.96 43.53
N GLY A 327 -32.17 -28.14 42.58
CA GLY A 327 -30.76 -27.85 42.41
C GLY A 327 -30.39 -26.42 42.82
N ASN A 328 -29.13 -26.10 42.56
CA ASN A 328 -28.58 -24.76 42.79
C ASN A 328 -29.02 -23.80 41.69
N CYS A 329 -29.21 -22.53 42.08
CA CYS A 329 -29.73 -21.54 41.14
C CYS A 329 -29.10 -20.17 41.33
N PRO A 330 -28.38 -19.65 40.32
CA PRO A 330 -27.85 -18.28 40.42
C PRO A 330 -28.92 -17.25 40.63
N ILE A 331 -28.57 -16.19 41.36
CA ILE A 331 -29.45 -15.07 41.64
C ILE A 331 -28.75 -13.80 41.19
N HIS A 332 -29.50 -12.90 40.54
CA HIS A 332 -28.91 -11.66 40.08
C HIS A 332 -30.01 -10.61 39.92
N SER A 333 -29.59 -9.35 39.91
CA SER A 333 -30.48 -8.21 39.70
C SER A 333 -29.85 -7.31 38.65
N PRO A 334 -30.29 -7.40 37.38
CA PRO A 334 -29.65 -6.57 36.35
C PRO A 334 -29.94 -5.09 36.48
N SER A 335 -31.03 -4.71 37.13
CA SER A 335 -31.31 -3.29 37.33
C SER A 335 -30.38 -2.71 38.38
N GLY A 336 -29.97 -1.46 38.17
CA GLY A 336 -29.08 -0.78 39.09
C GLY A 336 -29.70 -0.33 40.38
N VAL A 337 -31.01 -0.57 40.56
CA VAL A 337 -31.69 -0.12 41.77
C VAL A 337 -31.13 -0.80 43.01
N ALA A 338 -30.85 -2.10 42.92
CA ALA A 338 -30.36 -2.84 44.08
C ALA A 338 -29.25 -3.80 43.69
N VAL A 339 -28.27 -3.94 44.58
CA VAL A 339 -27.15 -4.86 44.43
C VAL A 339 -27.39 -6.02 45.37
N ILE A 340 -27.37 -7.23 44.83
CA ILE A 340 -27.67 -8.43 45.61
C ILE A 340 -26.40 -8.95 46.26
N LYS A 341 -26.50 -9.28 47.56
CA LYS A 341 -25.35 -9.81 48.28
C LYS A 341 -25.03 -11.24 47.85
N GLU A 342 -26.03 -12.11 47.86
CA GLU A 342 -25.82 -13.50 47.49
C GLU A 342 -25.63 -13.67 45.99
N ASN A 343 -24.77 -14.62 45.63
CA ASN A 343 -24.50 -14.93 44.23
C ASN A 343 -25.38 -16.06 43.72
N ASP A 344 -25.75 -17.00 44.59
CA ASP A 344 -26.59 -18.12 44.20
C ASP A 344 -27.27 -18.65 45.46
N VAL A 345 -28.29 -19.47 45.26
CA VAL A 345 -29.04 -20.08 46.35
C VAL A 345 -29.26 -21.56 46.05
N THR A 346 -29.54 -22.30 47.12
CA THR A 346 -29.86 -23.72 47.02
C THR A 346 -31.37 -23.86 47.05
N LEU A 347 -31.94 -24.45 46.00
CA LEU A 347 -33.37 -24.58 45.86
C LEU A 347 -33.84 -26.00 46.16
N ALA A 348 -35.00 -26.11 46.79
CA ALA A 348 -35.67 -27.36 47.06
C ALA A 348 -36.83 -27.50 46.08
N GLU A 349 -37.63 -28.56 46.25
CA GLU A 349 -38.78 -28.72 45.36
C GLU A 349 -39.76 -27.57 45.54
N SER A 350 -39.94 -27.11 46.78
CA SER A 350 -40.81 -25.98 47.07
C SER A 350 -40.35 -25.34 48.37
N GLY A 351 -40.65 -24.07 48.52
CA GLY A 351 -40.30 -23.35 49.73
C GLY A 351 -40.10 -21.88 49.44
N SER A 352 -39.18 -21.28 50.20
CA SER A 352 -38.79 -19.90 50.00
C SER A 352 -37.34 -19.72 50.43
N PHE A 353 -36.70 -18.70 49.87
CA PHE A 353 -35.33 -18.37 50.22
C PHE A 353 -35.24 -16.86 50.41
N THR A 354 -34.24 -16.43 51.19
CA THR A 354 -34.03 -15.02 51.45
C THR A 354 -32.68 -14.56 50.87
N PHE A 355 -32.65 -13.30 50.47
CA PHE A 355 -31.44 -12.67 49.94
C PHE A 355 -31.37 -11.25 50.49
N HIS A 356 -30.15 -10.71 50.50
CA HIS A 356 -29.91 -9.37 51.01
C HIS A 356 -29.48 -8.46 49.87
N PHE A 357 -29.89 -7.20 49.93
CA PHE A 357 -29.56 -6.25 48.88
C PHE A 357 -29.36 -4.87 49.49
N SER A 358 -28.64 -4.02 48.75
CA SER A 358 -28.39 -2.64 49.13
C SER A 358 -28.96 -1.74 48.05
N THR A 359 -29.81 -0.79 48.44
CA THR A 359 -30.44 0.11 47.49
C THR A 359 -30.49 1.52 48.03
N ALA A 360 -30.34 2.49 47.13
CA ALA A 360 -30.44 3.91 47.48
C ALA A 360 -31.86 4.43 47.37
N ASN A 361 -32.74 3.72 46.68
CA ASN A 361 -34.08 4.20 46.41
C ASN A 361 -34.97 4.07 47.64
N ILE A 362 -35.83 5.08 47.84
CA ILE A 362 -36.77 5.04 48.94
C ILE A 362 -37.90 4.05 48.65
N HIS A 363 -38.22 3.84 47.38
CA HIS A 363 -39.19 2.84 46.94
C HIS A 363 -38.52 2.00 45.86
N PRO A 364 -37.72 1.02 46.25
CA PRO A 364 -37.02 0.20 45.25
C PRO A 364 -37.97 -0.67 44.45
N ALA A 365 -37.62 -0.85 43.18
CA ALA A 365 -38.35 -1.73 42.28
C ALA A 365 -37.31 -2.32 41.35
N PHE A 366 -37.06 -3.63 41.45
CA PHE A 366 -36.02 -4.24 40.66
C PHE A 366 -36.40 -5.67 40.28
N LYS A 367 -35.83 -6.12 39.18
CA LYS A 367 -36.03 -7.46 38.64
C LYS A 367 -34.93 -8.38 39.17
N LEU A 368 -35.34 -9.46 39.86
CA LEU A 368 -34.39 -10.43 40.38
C LEU A 368 -34.39 -11.62 39.43
N GLN A 369 -33.28 -11.81 38.72
CA GLN A 369 -33.13 -12.89 37.74
C GLN A 369 -32.78 -14.22 38.41
N VAL A 370 -33.80 -14.88 38.94
CA VAL A 370 -33.60 -16.23 39.42
C VAL A 370 -33.33 -17.11 38.21
N CYS A 371 -32.23 -17.87 38.26
CA CYS A 371 -31.71 -18.59 37.09
C CYS A 371 -32.81 -19.01 36.11
N THR A 372 -32.70 -18.53 34.87
CA THR A 372 -33.63 -18.75 33.77
C THR A 372 -34.99 -18.09 33.99
N SER A 373 -35.22 -17.45 35.14
CA SER A 373 -36.50 -16.82 35.43
C SER A 373 -36.29 -15.40 35.96
N ALA A 374 -37.35 -14.78 36.47
CA ALA A 374 -37.24 -13.44 37.02
C ALA A 374 -38.46 -13.15 37.89
N VAL A 375 -38.24 -12.36 38.93
CA VAL A 375 -39.29 -11.93 39.84
C VAL A 375 -39.08 -10.45 40.16
N THR A 376 -40.16 -9.68 40.15
CA THR A 376 -40.09 -8.25 40.44
C THR A 376 -40.32 -8.02 41.93
N CYS A 377 -39.38 -7.36 42.58
CA CYS A 377 -39.44 -7.04 44.01
C CYS A 377 -39.72 -5.56 44.19
N LYS A 378 -40.69 -5.24 45.03
CA LYS A 378 -41.05 -3.85 45.33
C LYS A 378 -41.27 -3.68 46.82
N GLY A 379 -40.87 -2.53 47.35
CA GLY A 379 -41.02 -2.29 48.78
C GLY A 379 -40.72 -0.85 49.13
N ASP A 380 -40.77 -0.58 50.44
CA ASP A 380 -40.49 0.74 51.00
C ASP A 380 -39.30 0.63 51.94
N CYS A 381 -38.30 1.48 51.74
CA CYS A 381 -37.08 1.47 52.54
C CYS A 381 -37.06 2.66 53.50
N LYS A 382 -36.66 2.39 54.75
CA LYS A 382 -36.52 3.40 55.79
C LYS A 382 -35.15 4.07 55.73
N PRO A 383 -35.03 5.28 56.29
CA PRO A 383 -33.73 5.95 56.29
C PRO A 383 -32.76 5.31 57.25
N PRO A 384 -31.47 5.30 56.93
CA PRO A 384 -30.48 4.75 57.86
C PRO A 384 -30.29 5.66 59.07
N LYS A 385 -29.95 5.04 60.21
CA LYS A 385 -29.79 5.76 61.46
C LYS A 385 -28.38 6.31 61.67
N ASP A 386 -27.35 5.66 61.13
CA ASP A 386 -25.97 6.10 61.34
C ASP A 386 -25.63 7.26 60.41
N HIS A 387 -25.18 8.36 61.00
CA HIS A 387 -24.85 9.56 60.21
C HIS A 387 -23.58 9.38 59.41
N ILE A 388 -22.54 8.77 59.99
CA ILE A 388 -21.25 8.59 59.36
C ILE A 388 -20.85 7.12 59.44
N VAL A 389 -20.32 6.60 58.33
CA VAL A 389 -19.87 5.21 58.26
C VAL A 389 -18.46 5.19 57.69
N ASP A 390 -17.72 4.13 58.02
CA ASP A 390 -16.34 3.97 57.60
C ASP A 390 -16.18 3.06 56.38
N TYR A 391 -17.25 2.81 55.64
CA TYR A 391 -17.19 1.96 54.46
C TYR A 391 -17.96 2.63 53.33
N ALA A 392 -17.51 2.40 52.09
CA ALA A 392 -18.14 3.00 50.94
C ALA A 392 -19.49 2.38 50.65
N ALA A 393 -20.35 3.14 49.99
CA ALA A 393 -21.68 2.66 49.63
C ALA A 393 -21.58 1.53 48.62
N GLN A 394 -22.32 0.45 48.88
CA GLN A 394 -22.33 -0.70 47.98
C GLN A 394 -23.25 -0.51 46.79
N HIS A 395 -24.10 0.51 46.81
CA HIS A 395 -25.08 0.78 45.76
C HIS A 395 -24.73 2.07 45.01
N THR A 396 -25.55 2.36 44.00
CA THR A 396 -25.42 3.56 43.18
C THR A 396 -26.70 4.38 43.30
N GLU A 397 -26.54 5.66 43.65
CA GLU A 397 -27.67 6.57 43.77
C GLU A 397 -27.99 7.21 42.42
N SER A 398 -29.28 7.38 42.15
CA SER A 398 -29.75 8.01 40.92
C SER A 398 -30.47 9.32 41.23
N PHE A 399 -30.80 10.05 40.15
CA PHE A 399 -31.46 11.34 40.31
C PHE A 399 -32.81 11.21 41.00
N THR A 400 -33.58 10.17 40.67
CA THR A 400 -34.91 9.96 41.23
C THR A 400 -34.92 8.98 42.39
N SER A 401 -33.75 8.57 42.87
CA SER A 401 -33.69 7.62 43.96
C SER A 401 -34.39 8.14 45.22
N ALA A 402 -34.27 9.44 45.49
CA ALA A 402 -34.84 10.02 46.70
C ALA A 402 -36.29 10.46 46.56
N ILE A 403 -36.88 10.46 45.35
CA ILE A 403 -38.23 10.96 45.18
C ILE A 403 -39.21 9.91 45.69
N SER A 404 -39.92 10.24 46.76
CA SER A 404 -40.89 9.35 47.38
C SER A 404 -42.21 9.35 46.60
N ALA A 405 -43.08 8.42 46.98
CA ALA A 405 -44.41 8.35 46.38
C ALA A 405 -45.19 9.64 46.62
N THR A 406 -45.09 10.19 47.83
CA THR A 406 -45.76 11.45 48.15
C THR A 406 -45.16 12.59 47.33
N ALA A 407 -43.84 12.59 47.13
CA ALA A 407 -43.23 13.62 46.31
C ALA A 407 -43.70 13.53 44.87
N TRP A 408 -43.80 12.32 44.33
CA TRP A 408 -44.33 12.16 42.97
C TRP A 408 -45.79 12.59 42.91
N SER A 409 -46.58 12.25 43.95
CA SER A 409 -47.98 12.66 43.98
C SER A 409 -48.11 14.17 43.89
N TRP A 410 -47.32 14.90 44.67
CA TRP A 410 -47.37 16.36 44.62
C TRP A 410 -46.88 16.90 43.29
N ILE A 411 -45.83 16.30 42.72
CA ILE A 411 -45.33 16.73 41.42
C ILE A 411 -46.40 16.52 40.35
N LYS A 412 -47.03 15.35 40.36
CA LYS A 412 -48.09 15.08 39.39
C LYS A 412 -49.27 16.02 39.55
N VAL A 413 -49.66 16.32 40.79
CA VAL A 413 -50.76 17.24 41.03
C VAL A 413 -50.40 18.65 40.57
N LEU A 414 -49.20 19.12 40.89
CA LEU A 414 -48.80 20.46 40.47
C LEU A 414 -48.66 20.55 38.95
N VAL A 415 -48.01 19.55 38.33
CA VAL A 415 -47.87 19.56 36.88
C VAL A 415 -49.23 19.35 36.21
N GLY A 416 -49.99 18.37 36.70
CA GLY A 416 -51.30 18.10 36.12
C GLY A 416 -52.28 19.22 36.34
N GLY A 417 -52.33 19.78 37.55
CA GLY A 417 -53.24 20.88 37.83
C GLY A 417 -52.97 22.11 36.98
N THR A 418 -51.71 22.54 36.91
CA THR A 418 -51.37 23.70 36.10
C THR A 418 -51.63 23.42 34.62
N SER A 419 -51.29 22.22 34.16
CA SER A 419 -51.56 21.88 32.75
C SER A 419 -53.05 21.86 32.48
N ALA A 420 -53.83 21.25 33.37
CA ALA A 420 -55.28 21.20 33.18
C ALA A 420 -55.89 22.61 33.22
N PHE A 421 -55.38 23.47 34.09
CA PHE A 421 -55.90 24.84 34.15
C PHE A 421 -55.59 25.61 32.89
N ILE A 422 -54.39 25.40 32.31
CA ILE A 422 -54.05 26.04 31.04
C ILE A 422 -54.99 25.56 29.93
N VAL A 423 -55.20 24.25 29.84
CA VAL A 423 -56.07 23.70 28.81
C VAL A 423 -57.49 24.25 28.94
N LEU A 424 -57.99 24.38 30.18
CA LEU A 424 -59.30 24.96 30.39
C LEU A 424 -59.39 26.35 29.78
N GLY A 425 -58.35 27.17 29.99
CA GLY A 425 -58.37 28.50 29.41
C GLY A 425 -58.37 28.49 27.89
N LEU A 426 -57.53 27.64 27.29
CA LEU A 426 -57.47 27.54 25.84
C LEU A 426 -58.79 27.02 25.27
N ILE A 427 -59.38 26.00 25.89
CA ILE A 427 -60.64 25.45 25.41
C ILE A 427 -61.74 26.51 25.48
N ALA A 428 -61.83 27.21 26.61
CA ALA A 428 -62.86 28.24 26.73
C ALA A 428 -62.69 29.33 25.68
N THR A 429 -61.44 29.71 25.38
CA THR A 429 -61.20 30.70 24.34
C THR A 429 -61.64 30.19 22.97
N ALA A 430 -61.36 28.93 22.65
CA ALA A 430 -61.79 28.37 21.38
C ALA A 430 -63.31 28.21 21.32
N VAL A 431 -63.93 27.75 22.40
CA VAL A 431 -65.38 27.56 22.41
C VAL A 431 -66.11 28.88 22.21
N VAL A 432 -65.68 29.94 22.90
CA VAL A 432 -66.34 31.23 22.74
C VAL A 432 -66.20 31.74 21.32
N ALA A 433 -65.08 31.46 20.67
CA ALA A 433 -64.91 31.86 19.27
C ALA A 433 -65.98 31.22 18.40
N LEU A 434 -66.32 29.96 18.67
CA LEU A 434 -67.40 29.30 17.92
C LEU A 434 -68.75 29.90 18.27
N VAL A 435 -68.96 30.24 19.54
CA VAL A 435 -70.22 30.87 19.94
C VAL A 435 -70.42 32.19 19.20
N LEU A 436 -69.35 32.99 19.10
CA LEU A 436 -69.44 34.25 18.36
C LEU A 436 -69.70 34.00 16.87
N PHE A 437 -69.05 32.97 16.31
CA PHE A 437 -69.28 32.63 14.91
C PHE A 437 -70.76 32.33 14.66
N PHE A 438 -71.36 31.49 15.50
CA PHE A 438 -72.78 31.18 15.35
C PHE A 438 -73.66 32.42 15.52
N HIS A 439 -73.20 33.41 16.28
CA HIS A 439 -73.97 34.64 16.41
C HIS A 439 -74.10 35.35 15.06
N ARG A 440 -73.01 35.40 14.29
CA ARG A 440 -73.07 36.01 12.97
C ARG A 440 -73.83 35.12 11.98
N HIS A 441 -73.63 33.81 12.09
CA HIS A 441 -74.29 32.87 11.19
C HIS A 441 -75.38 32.09 11.92
N ASP B 1 39.26 -6.11 62.04
CA ASP B 1 39.73 -5.43 63.24
C ASP B 1 39.82 -3.93 63.00
N LEU B 2 40.12 -3.17 64.06
CA LEU B 2 40.22 -1.72 63.93
C LEU B 2 41.37 -1.32 63.02
N ASP B 3 42.42 -2.15 62.95
CA ASP B 3 43.55 -1.85 62.08
C ASP B 3 43.14 -1.55 60.65
N THR B 4 42.08 -2.21 60.17
CA THR B 4 41.58 -1.95 58.81
C THR B 4 41.05 -0.53 58.67
N HIS B 5 40.38 -0.02 59.69
CA HIS B 5 39.81 1.33 59.60
C HIS B 5 40.84 2.42 59.87
N PHE B 6 41.87 2.14 60.67
CA PHE B 6 42.90 3.12 61.00
C PHE B 6 44.13 3.02 60.11
N THR B 7 44.09 2.17 59.08
CA THR B 7 45.24 2.01 58.18
C THR B 7 45.65 3.36 57.56
N GLN B 8 44.68 4.14 57.09
CA GLN B 8 44.99 5.44 56.51
C GLN B 8 45.18 6.52 57.58
N TYR B 9 44.43 6.45 58.67
CA TYR B 9 44.54 7.45 59.74
C TYR B 9 45.90 7.37 60.45
N LYS B 10 46.58 6.23 60.41
CA LYS B 10 47.91 6.16 61.00
C LYS B 10 48.89 7.10 60.30
N LEU B 11 48.61 7.48 59.06
CA LEU B 11 49.51 8.36 58.30
C LEU B 11 49.30 9.84 58.62
N ALA B 12 48.22 10.20 59.30
CA ALA B 12 47.91 11.59 59.64
C ALA B 12 48.20 11.85 61.11
N ARG B 13 48.29 13.14 61.44
CA ARG B 13 48.55 13.60 62.80
C ARG B 13 47.59 14.70 63.20
N PRO B 14 47.44 14.96 64.50
CA PRO B 14 46.69 16.13 64.94
C PRO B 14 47.40 17.41 64.54
N TYR B 15 46.67 18.52 64.64
CA TYR B 15 47.24 19.82 64.33
C TYR B 15 46.57 20.90 65.17
N ILE B 16 47.24 22.04 65.27
CA ILE B 16 46.74 23.21 66.00
C ILE B 16 46.22 24.20 64.98
N ALA B 17 44.98 24.66 65.17
CA ALA B 17 44.37 25.61 64.26
C ALA B 17 43.58 26.65 65.04
N ASP B 18 43.25 27.73 64.34
CA ASP B 18 42.47 28.82 64.91
C ASP B 18 41.12 28.34 65.43
N CYS B 19 40.81 28.72 66.66
CA CYS B 19 39.53 28.40 67.29
C CYS B 19 38.80 29.70 67.63
N PRO B 20 37.60 29.93 67.10
CA PRO B 20 36.90 31.19 67.37
C PRO B 20 36.82 31.56 68.84
N ASN B 21 36.68 30.58 69.73
CA ASN B 21 36.60 30.84 71.16
C ASN B 21 37.20 29.63 71.87
N CYS B 22 38.36 29.85 72.50
CA CYS B 22 39.04 28.80 73.25
C CYS B 22 38.88 29.03 74.75
N GLY B 23 37.77 29.63 75.14
CA GLY B 23 37.45 29.99 76.50
C GLY B 23 37.07 31.45 76.61
N HIS B 24 37.83 32.22 77.39
CA HIS B 24 37.57 33.65 77.52
C HIS B 24 38.04 34.45 76.31
N SER B 25 38.86 33.88 75.44
CA SER B 25 39.40 34.61 74.30
C SER B 25 39.64 33.66 73.13
N ARG B 26 39.88 34.26 71.97
CA ARG B 26 40.20 33.52 70.75
C ARG B 26 41.67 33.13 70.77
N CYS B 27 41.96 31.87 70.47
CA CYS B 27 43.36 31.42 70.44
C CYS B 27 43.46 30.14 69.61
N ASP B 28 44.70 29.80 69.27
CA ASP B 28 45.00 28.57 68.54
C ASP B 28 44.82 27.37 69.45
N SER B 29 43.87 26.49 69.12
CA SER B 29 43.53 25.37 69.98
C SER B 29 43.86 24.03 69.34
N PRO B 30 44.41 23.08 70.09
CA PRO B 30 44.65 21.73 69.55
C PRO B 30 43.38 20.96 69.27
N ILE B 31 42.24 21.41 69.80
CA ILE B 31 40.95 20.76 69.61
C ILE B 31 40.02 21.66 68.79
N ALA B 32 40.60 22.53 67.97
CA ALA B 32 39.82 23.44 67.15
C ALA B 32 38.81 22.66 66.30
N ILE B 33 37.57 23.15 66.28
CA ILE B 33 36.47 22.51 65.54
C ILE B 33 36.47 23.02 64.11
N GLU B 34 36.50 22.10 63.15
CA GLU B 34 36.50 22.44 61.73
C GLU B 34 35.10 22.44 61.12
N GLU B 35 34.24 21.49 61.50
CA GLU B 35 32.94 21.36 60.87
C GLU B 35 31.98 20.68 61.84
N VAL B 36 30.72 21.11 61.82
CA VAL B 36 29.64 20.47 62.57
C VAL B 36 28.56 20.03 61.59
N ARG B 37 28.32 18.72 61.52
CA ARG B 37 27.27 18.14 60.69
C ARG B 37 26.04 17.94 61.57
N GLY B 38 24.96 18.67 61.28
CA GLY B 38 23.76 18.62 62.09
C GLY B 38 22.50 18.26 61.35
N ASP B 39 22.64 17.67 60.16
CA ASP B 39 21.51 17.29 59.31
C ASP B 39 20.90 15.94 59.67
N ALA B 40 20.51 15.74 60.92
CA ALA B 40 20.01 14.45 61.39
C ALA B 40 18.81 14.67 62.31
N HIS B 41 17.86 13.74 62.22
CA HIS B 41 16.59 13.84 62.95
C HIS B 41 16.75 13.64 64.46
N ALA B 42 17.48 12.63 64.88
CA ALA B 42 17.60 12.37 66.32
C ALA B 42 18.48 13.37 67.05
N GLY B 43 18.97 14.41 66.37
CA GLY B 43 19.90 15.32 67.00
C GLY B 43 21.33 14.85 67.01
N VAL B 44 21.64 13.80 66.23
CA VAL B 44 23.01 13.33 66.12
C VAL B 44 23.81 14.35 65.33
N ILE B 45 24.92 14.80 65.89
CA ILE B 45 25.83 15.72 65.23
C ILE B 45 27.21 15.10 65.19
N ARG B 46 27.91 15.31 64.08
CA ARG B 46 29.28 14.85 63.88
C ARG B 46 30.20 16.06 63.81
N ILE B 47 31.12 16.15 64.76
CA ILE B 47 32.01 17.29 64.92
C ILE B 47 33.42 16.85 64.49
N GLN B 48 33.94 17.52 63.47
CA GLN B 48 35.32 17.33 63.03
C GLN B 48 36.22 18.31 63.75
N THR B 49 37.23 17.78 64.43
CA THR B 49 38.21 18.55 65.18
C THR B 49 39.60 18.28 64.64
N SER B 50 40.56 19.08 65.08
CA SER B 50 41.96 18.90 64.71
C SER B 50 42.64 17.82 65.53
N ALA B 51 42.06 17.38 66.64
CA ALA B 51 42.66 16.30 67.42
C ALA B 51 42.30 14.95 66.79
N MET B 52 43.08 13.94 67.14
CA MET B 52 42.83 12.57 66.70
C MET B 52 42.48 11.69 67.88
N PHE B 53 41.34 11.01 67.77
CA PHE B 53 40.80 10.13 68.80
C PHE B 53 40.86 8.68 68.33
N GLY B 54 41.25 7.79 69.23
CA GLY B 54 41.48 6.41 68.91
C GLY B 54 42.87 6.08 68.43
N LEU B 55 43.77 7.05 68.39
CA LEU B 55 45.15 6.81 67.96
C LEU B 55 46.11 7.42 68.96
N LYS B 56 47.20 6.70 69.19
CA LYS B 56 48.33 7.17 69.97
C LYS B 56 49.55 7.08 69.06
N THR B 57 50.53 7.95 69.30
CA THR B 57 51.72 7.94 68.47
C THR B 57 52.32 6.54 68.39
N ASP B 58 52.15 5.75 69.44
CA ASP B 58 52.64 4.37 69.47
C ASP B 58 51.74 3.39 68.73
N GLY B 59 50.52 3.76 68.39
CA GLY B 59 49.63 2.87 67.67
C GLY B 59 48.17 3.20 67.88
N VAL B 60 47.33 2.26 67.45
CA VAL B 60 45.87 2.39 67.55
C VAL B 60 45.38 1.94 68.93
N ASP B 61 44.51 2.74 69.53
CA ASP B 61 43.89 2.42 70.81
C ASP B 61 42.71 3.35 71.05
N LEU B 62 41.49 2.80 71.09
CA LEU B 62 40.30 3.62 71.28
C LEU B 62 40.26 4.31 72.64
N ALA B 63 41.07 3.89 73.61
CA ALA B 63 41.13 4.54 74.90
C ALA B 63 42.01 5.78 74.90
N TYR B 64 42.79 5.99 73.84
CA TYR B 64 43.77 7.06 73.75
C TYR B 64 43.42 8.04 72.63
N MET B 65 43.85 9.29 72.83
CA MET B 65 43.69 10.36 71.85
C MET B 65 45.03 11.06 71.71
N SER B 66 45.29 11.56 70.50
CA SER B 66 46.50 12.30 70.16
C SER B 66 46.19 13.75 69.80
N PHE B 67 47.04 14.65 70.31
CA PHE B 67 46.94 16.08 70.03
C PHE B 67 48.34 16.65 70.05
N MET B 68 48.52 17.78 69.36
CA MET B 68 49.81 18.45 69.30
C MET B 68 50.04 19.35 70.50
N ASN B 69 51.23 19.25 71.09
CA ASN B 69 51.67 20.11 72.18
C ASN B 69 52.89 20.87 71.64
N GLY B 70 52.61 21.87 70.82
CA GLY B 70 53.61 22.55 70.01
C GLY B 70 54.14 21.74 68.85
N LYS B 71 55.46 21.53 68.81
CA LYS B 71 56.08 20.69 67.79
C LYS B 71 55.83 19.21 68.01
N THR B 72 55.65 18.78 69.25
CA THR B 72 55.54 17.37 69.59
C THR B 72 54.09 16.93 69.73
N GLN B 73 53.80 15.74 69.21
CA GLN B 73 52.48 15.14 69.32
C GLN B 73 52.38 14.38 70.63
N LYS B 74 51.44 14.78 71.47
CA LYS B 74 51.20 14.18 72.78
C LYS B 74 49.97 13.29 72.71
N SER B 75 50.10 12.04 73.17
CA SER B 75 48.98 11.11 73.20
C SER B 75 48.66 10.79 74.65
N ILE B 76 47.40 10.96 75.01
CA ILE B 76 46.90 10.75 76.36
C ILE B 76 45.61 9.93 76.31
N LYS B 77 45.33 9.26 77.43
CA LYS B 77 44.02 8.63 77.59
C LYS B 77 42.92 9.67 77.54
N ILE B 78 41.83 9.33 76.85
CA ILE B 78 40.66 10.20 76.76
C ILE B 78 40.16 10.47 78.17
N ASP B 79 40.23 11.73 78.60
CA ASP B 79 39.91 12.14 79.95
C ASP B 79 38.88 13.26 79.93
N ASN B 80 37.67 12.94 80.36
CA ASN B 80 36.55 13.88 80.41
C ASN B 80 36.27 14.54 79.06
N LEU B 81 36.50 13.81 77.97
CA LEU B 81 36.15 14.31 76.65
C LEU B 81 34.65 14.57 76.61
N HIS B 82 34.26 15.80 76.29
CA HIS B 82 32.85 16.16 76.35
C HIS B 82 32.48 17.10 75.22
N VAL B 83 31.17 17.14 74.94
CA VAL B 83 30.57 18.00 73.93
C VAL B 83 29.37 18.69 74.56
N ARG B 84 29.24 19.99 74.32
CA ARG B 84 28.13 20.77 74.85
C ARG B 84 27.49 21.62 73.77
N THR B 85 26.16 21.65 73.77
CA THR B 85 25.35 22.44 72.85
C THR B 85 24.23 23.12 73.64
N SER B 86 24.61 23.83 74.70
CA SER B 86 23.72 24.41 75.71
C SER B 86 23.34 23.36 76.74
N ALA B 87 23.86 22.14 76.63
CA ALA B 87 23.62 21.08 77.59
C ALA B 87 24.59 19.95 77.26
N PRO B 88 25.02 19.16 78.25
CA PRO B 88 25.96 18.07 77.94
C PRO B 88 25.38 17.11 76.93
N CYS B 89 26.23 16.65 76.02
CA CYS B 89 25.84 15.69 75.00
C CYS B 89 26.38 14.30 75.34
N SER B 90 25.60 13.28 74.98
CA SER B 90 26.04 11.90 75.13
C SER B 90 26.96 11.56 73.97
N LEU B 91 28.18 11.12 74.28
CA LEU B 91 29.09 10.69 73.22
C LEU B 91 28.66 9.33 72.68
N VAL B 92 28.63 9.24 71.35
CA VAL B 92 28.31 8.00 70.67
C VAL B 92 29.61 7.26 70.37
N SER B 93 30.53 7.92 69.67
CA SER B 93 31.80 7.32 69.29
C SER B 93 32.71 8.42 68.75
N HIS B 94 33.97 8.07 68.55
CA HIS B 94 34.98 8.96 68.01
C HIS B 94 35.93 8.18 67.12
N HIS B 95 36.41 8.84 66.06
CA HIS B 95 37.32 8.20 65.11
C HIS B 95 38.09 9.26 64.35
N GLY B 96 39.40 9.26 64.54
CA GLY B 96 40.28 10.25 63.96
C GLY B 96 39.91 11.67 64.36
N TYR B 97 39.65 12.51 63.35
CA TYR B 97 39.20 13.88 63.58
C TYR B 97 37.75 14.00 64.00
N TYR B 98 36.94 12.96 63.86
CA TYR B 98 35.49 13.07 64.03
C TYR B 98 35.01 12.59 65.39
N ILE B 99 34.07 13.34 65.95
CA ILE B 99 33.37 13.01 67.18
C ILE B 99 31.88 12.94 66.85
N LEU B 100 31.25 11.83 67.21
CA LEU B 100 29.81 11.65 67.03
C LEU B 100 29.11 11.73 68.38
N ALA B 101 28.10 12.61 68.47
CA ALA B 101 27.39 12.83 69.72
C ALA B 101 25.93 13.10 69.43
N GLN B 102 25.11 12.84 70.46
CA GLN B 102 23.69 13.17 70.49
C GLN B 102 23.53 14.45 71.30
N CYS B 103 23.20 15.55 70.62
CA CYS B 103 23.17 16.84 71.29
C CYS B 103 21.78 17.48 71.20
N PRO B 104 21.35 18.16 72.25
CA PRO B 104 20.09 18.91 72.20
C PRO B 104 20.26 20.20 71.43
N PRO B 105 19.15 20.87 71.07
CA PRO B 105 19.28 22.13 70.34
C PRO B 105 20.06 23.16 71.14
N GLY B 106 20.79 24.01 70.42
CA GLY B 106 21.59 25.04 71.05
C GLY B 106 22.18 25.98 70.01
N ASP B 107 22.67 27.11 70.51
CA ASP B 107 23.27 28.13 69.65
C ASP B 107 24.75 27.88 69.36
N THR B 108 25.44 27.14 70.23
CA THR B 108 26.87 26.90 70.08
C THR B 108 27.17 25.42 70.27
N VAL B 109 28.30 25.00 69.72
CA VAL B 109 28.83 23.65 69.89
C VAL B 109 30.20 23.77 70.54
N THR B 110 30.35 23.19 71.73
CA THR B 110 31.60 23.21 72.47
C THR B 110 32.17 21.81 72.60
N VAL B 111 33.45 21.67 72.27
CA VAL B 111 34.21 20.44 72.40
C VAL B 111 35.41 20.74 73.28
N GLY B 112 35.77 19.81 74.16
CA GLY B 112 36.95 20.00 74.97
C GLY B 112 37.30 18.74 75.73
N PHE B 113 38.54 18.74 76.23
CA PHE B 113 39.08 17.60 76.96
C PHE B 113 40.05 18.12 78.02
N HIS B 114 40.30 17.27 79.02
CA HIS B 114 41.20 17.59 80.12
C HIS B 114 42.52 16.86 79.96
N ASP B 115 43.59 17.52 80.39
CA ASP B 115 44.95 16.98 80.39
C ASP B 115 45.60 17.45 81.69
N GLY B 116 45.40 16.66 82.75
CA GLY B 116 45.83 17.01 84.07
C GLY B 116 45.28 18.34 84.54
N PRO B 117 46.15 19.31 84.87
CA PRO B 117 45.66 20.66 85.17
C PRO B 117 45.21 21.45 83.96
N ASN B 118 45.56 21.04 82.75
CA ASN B 118 45.18 21.80 81.56
C ASN B 118 43.77 21.47 81.10
N ARG B 119 43.08 22.49 80.58
CA ARG B 119 41.74 22.37 80.02
C ARG B 119 41.77 22.96 78.61
N HIS B 120 41.47 22.12 77.62
CA HIS B 120 41.46 22.52 76.21
C HIS B 120 40.03 22.43 75.69
N THR B 121 39.45 23.58 75.38
CA THR B 121 38.08 23.68 74.90
C THR B 121 38.01 24.60 73.68
N CYS B 122 37.05 24.31 72.80
CA CYS B 122 36.81 25.14 71.62
C CYS B 122 35.31 25.25 71.39
N THR B 123 34.80 26.48 71.43
CA THR B 123 33.39 26.76 71.22
C THR B 123 33.20 27.47 69.88
N VAL B 124 32.36 26.91 69.03
CA VAL B 124 32.01 27.50 67.74
C VAL B 124 30.52 27.76 67.71
N ALA B 125 30.13 28.94 67.24
CA ALA B 125 28.72 29.27 67.10
C ALA B 125 28.11 28.47 65.95
N HIS B 126 27.12 27.64 66.25
CA HIS B 126 26.50 26.77 65.26
C HIS B 126 25.07 26.47 65.72
N LYS B 127 24.12 26.68 64.82
CA LYS B 127 22.72 26.42 65.11
C LYS B 127 22.45 24.92 65.11
N VAL B 128 22.38 24.34 66.30
CA VAL B 128 22.06 22.93 66.48
C VAL B 128 20.56 22.83 66.76
N GLU B 129 19.84 22.16 65.87
CA GLU B 129 18.39 22.02 65.99
C GLU B 129 18.00 20.56 66.00
N PHE B 130 16.97 20.25 66.81
CA PHE B 130 16.36 18.93 66.79
C PHE B 130 15.37 18.89 65.64
N ARG B 131 15.44 17.84 64.83
CA ARG B 131 14.61 17.71 63.62
C ARG B 131 13.66 16.54 63.77
N PRO B 132 12.45 16.74 64.28
CA PRO B 132 11.51 15.64 64.42
C PRO B 132 11.18 15.01 63.07
N VAL B 133 10.98 13.69 63.11
CA VAL B 133 10.56 12.90 61.96
C VAL B 133 9.06 12.65 62.04
N GLY B 134 8.36 12.91 60.94
CA GLY B 134 6.92 12.69 60.87
C GLY B 134 6.09 13.96 61.00
N ARG B 135 4.84 13.76 61.39
CA ARG B 135 3.84 14.82 61.46
C ARG B 135 3.65 15.39 62.86
N GLU B 136 4.56 15.14 63.79
CA GLU B 136 4.45 15.68 65.13
C GLU B 136 5.78 16.25 65.56
N LYS B 137 5.77 17.49 66.05
CA LYS B 137 6.98 18.19 66.45
C LYS B 137 7.32 17.90 67.92
N TYR B 138 7.77 16.67 68.16
CA TYR B 138 8.20 16.30 69.50
C TYR B 138 9.57 16.92 69.78
N ARG B 139 9.87 17.15 71.06
CA ARG B 139 11.11 17.80 71.46
C ARG B 139 12.17 16.81 71.94
N HIS B 140 11.87 15.52 71.99
CA HIS B 140 12.86 14.53 72.42
C HIS B 140 12.39 13.18 71.92
N PRO B 141 13.30 12.30 71.50
CA PRO B 141 12.87 10.98 71.00
C PRO B 141 12.05 10.24 72.05
N PRO B 142 10.88 9.72 71.68
CA PRO B 142 10.03 9.04 72.65
C PRO B 142 10.46 7.61 72.91
N GLU B 143 9.99 7.08 74.02
CA GLU B 143 10.28 5.69 74.39
C GLU B 143 9.41 4.72 73.61
N HIS B 144 8.31 5.17 73.04
CA HIS B 144 7.43 4.34 72.23
C HIS B 144 6.71 5.22 71.22
N GLY B 145 6.22 4.60 70.16
CA GLY B 145 5.50 5.33 69.13
C GLY B 145 5.49 4.53 67.83
N VAL B 146 5.50 5.26 66.72
CA VAL B 146 5.51 4.66 65.39
C VAL B 146 6.93 4.75 64.82
N GLU B 147 7.41 3.62 64.30
CA GLU B 147 8.73 3.53 63.67
C GLU B 147 8.69 4.11 62.27
N LEU B 148 9.38 5.23 62.05
CA LEU B 148 9.40 5.91 60.78
C LEU B 148 10.82 5.92 60.21
N PRO B 149 10.98 5.81 58.88
CA PRO B 149 12.31 5.95 58.29
C PRO B 149 12.86 7.35 58.49
N CYS B 150 14.16 7.41 58.82
CA CYS B 150 14.83 8.66 59.11
C CYS B 150 16.28 8.59 58.67
N ASN B 151 16.92 9.77 58.64
CA ASN B 151 18.33 9.93 58.30
C ASN B 151 19.17 10.09 59.57
N ARG B 152 20.16 9.21 59.75
CA ARG B 152 21.02 9.23 60.92
C ARG B 152 22.47 9.04 60.51
N TYR B 153 23.37 9.62 61.29
CA TYR B 153 24.81 9.34 61.14
C TYR B 153 25.11 8.05 61.89
N THR B 154 25.50 7.01 61.16
CA THR B 154 25.76 5.73 61.79
C THR B 154 26.96 5.83 62.72
N HIS B 155 26.94 5.02 63.78
CA HIS B 155 28.05 4.95 64.72
C HIS B 155 29.19 4.06 64.23
N LYS B 156 29.04 3.46 63.06
CA LYS B 156 30.07 2.59 62.51
C LYS B 156 31.24 3.39 61.93
N ARG B 157 32.46 2.99 62.32
CA ARG B 157 33.69 3.59 61.85
C ARG B 157 34.05 3.20 60.42
N ALA B 158 33.41 2.16 59.88
CA ALA B 158 33.78 1.64 58.58
C ALA B 158 33.63 2.66 57.44
N ASP B 159 34.45 2.46 56.41
CA ASP B 159 34.46 3.25 55.20
C ASP B 159 33.24 2.93 54.35
N GLN B 160 32.42 3.95 54.07
CA GLN B 160 31.20 3.77 53.27
C GLN B 160 31.22 4.59 51.98
N GLY B 161 32.42 4.94 51.49
CA GLY B 161 32.59 5.67 50.25
C GLY B 161 32.74 7.17 50.33
N HIS B 162 32.85 7.75 51.53
CA HIS B 162 33.06 9.18 51.72
C HIS B 162 34.48 9.40 52.22
N TYR B 163 35.22 10.27 51.53
CA TYR B 163 36.62 10.49 51.84
C TYR B 163 36.94 11.98 51.90
N VAL B 164 37.99 12.29 52.65
CA VAL B 164 38.57 13.63 52.74
C VAL B 164 40.04 13.49 52.40
N GLU B 165 40.62 14.55 51.85
CA GLU B 165 42.02 14.55 51.45
C GLU B 165 42.93 15.03 52.58
N MET B 166 44.02 14.31 52.77
CA MET B 166 45.07 14.67 53.71
C MET B 166 46.26 15.16 52.89
N HIS B 167 46.79 16.32 53.25
CA HIS B 167 47.87 16.96 52.51
C HIS B 167 49.11 17.12 53.39
N GLN B 168 50.27 17.14 52.74
CA GLN B 168 51.52 17.42 53.43
C GLN B 168 51.43 18.76 54.15
N PRO B 169 51.69 18.81 55.46
CA PRO B 169 51.56 20.08 56.19
C PRO B 169 52.48 21.16 55.64
N GLY B 170 51.98 22.40 55.66
CA GLY B 170 52.74 23.55 55.23
C GLY B 170 53.80 23.94 56.26
N LEU B 171 54.52 25.01 55.96
CA LEU B 171 55.54 25.52 56.87
C LEU B 171 54.91 25.84 58.22
N VAL B 172 55.50 25.31 59.29
CA VAL B 172 55.01 25.54 60.65
C VAL B 172 55.95 26.53 61.33
N ALA B 173 55.59 27.82 61.27
CA ALA B 173 56.39 28.86 61.89
C ALA B 173 56.58 28.58 63.37
N ASP B 174 57.83 28.69 63.85
CA ASP B 174 58.11 28.42 65.26
C ASP B 174 59.34 29.22 65.69
N HIS B 175 59.09 30.35 66.36
CA HIS B 175 60.15 31.21 66.89
C HIS B 175 61.04 30.52 67.92
N SER B 176 60.56 29.45 68.57
CA SER B 176 61.38 28.74 69.55
C SER B 176 62.56 28.01 68.92
N LEU B 177 62.54 27.84 67.59
CA LEU B 177 63.69 27.29 66.89
C LEU B 177 64.91 28.21 66.94
N LEU B 178 64.72 29.48 67.26
CA LEU B 178 65.82 30.46 67.26
C LEU B 178 66.32 30.69 68.68
N SER B 179 67.63 30.88 68.81
CA SER B 179 68.27 31.13 70.08
C SER B 179 69.33 32.21 69.93
N ILE B 180 69.49 33.02 70.99
CA ILE B 180 70.48 34.09 70.97
C ILE B 180 71.90 33.54 70.96
N HIS B 181 72.11 32.36 71.54
CA HIS B 181 73.44 31.72 71.60
C HIS B 181 74.44 32.76 72.10
N SER B 182 75.61 32.89 71.48
CA SER B 182 76.62 33.87 71.88
C SER B 182 76.34 35.24 71.22
N ALA B 183 75.20 35.81 71.58
CA ALA B 183 74.76 37.09 71.02
C ALA B 183 74.67 37.04 69.50
N LYS B 184 74.37 35.86 68.97
CA LYS B 184 74.23 35.66 67.54
C LYS B 184 73.18 34.59 67.32
N VAL B 185 72.17 34.90 66.49
CA VAL B 185 71.03 34.01 66.34
C VAL B 185 71.48 32.66 65.81
N LYS B 186 71.08 31.61 66.52
CA LYS B 186 71.36 30.23 66.16
C LYS B 186 70.03 29.52 65.92
N ILE B 187 69.98 28.68 64.89
CA ILE B 187 68.79 27.93 64.55
C ILE B 187 68.93 26.51 65.07
N THR B 188 68.01 26.11 65.94
CA THR B 188 67.96 24.75 66.47
C THR B 188 67.06 23.91 65.56
N VAL B 189 67.60 22.83 65.00
CA VAL B 189 66.87 21.96 64.09
C VAL B 189 66.48 20.70 64.85
N PRO B 190 65.19 20.46 65.11
CA PRO B 190 64.79 19.21 65.77
C PRO B 190 65.24 17.99 64.97
N SER B 191 65.51 16.91 65.71
CA SER B 191 65.93 15.66 65.09
C SER B 191 64.86 15.15 64.12
N GLY B 192 65.33 14.69 62.95
CA GLY B 192 64.45 14.17 61.93
C GLY B 192 63.57 15.19 61.26
N ALA B 193 63.99 16.46 61.26
CA ALA B 193 63.21 17.51 60.64
C ALA B 193 64.14 18.59 60.09
N GLN B 194 63.60 19.43 59.22
CA GLN B 194 64.32 20.53 58.61
C GLN B 194 63.69 21.85 59.06
N VAL B 195 64.51 22.89 59.15
CA VAL B 195 64.05 24.22 59.50
C VAL B 195 64.36 25.18 58.36
N LYS B 196 63.31 25.70 57.74
CA LYS B 196 63.43 26.79 56.78
C LYS B 196 63.59 28.09 57.55
N TYR B 197 64.50 28.95 57.11
CA TYR B 197 64.72 30.21 57.77
C TYR B 197 64.79 31.36 56.79
N TYR B 198 64.35 32.52 57.27
CA TYR B 198 64.35 33.78 56.55
C TYR B 198 64.66 34.85 57.58
N CYS B 199 65.71 35.64 57.34
CA CYS B 199 66.13 36.65 58.30
C CYS B 199 66.72 37.83 57.54
N LYS B 200 65.90 38.87 57.38
CA LYS B 200 66.27 40.05 56.61
C LYS B 200 67.02 41.06 57.47
N CYS B 201 68.20 40.65 57.92
CA CYS B 201 69.10 41.52 58.67
C CYS B 201 70.03 42.16 57.64
N PRO B 202 70.95 43.05 58.03
CA PRO B 202 71.88 43.59 57.04
C PRO B 202 72.53 42.51 56.18
N ASP B 203 72.88 41.37 56.79
CA ASP B 203 73.34 40.20 56.05
C ASP B 203 72.13 39.30 55.85
N VAL B 204 71.36 39.60 54.80
CA VAL B 204 70.15 38.83 54.51
C VAL B 204 70.52 37.40 54.16
N ARG B 205 69.91 36.45 54.87
CA ARG B 205 70.17 35.03 54.65
C ARG B 205 68.84 34.28 54.68
N LYS B 206 68.75 33.23 53.86
CA LYS B 206 67.55 32.41 53.82
C LYS B 206 67.89 31.06 53.21
N GLY B 207 67.03 30.08 53.45
CA GLY B 207 67.24 28.75 52.95
C GLY B 207 66.64 27.70 53.88
N ILE B 208 66.99 26.46 53.59
CA ILE B 208 66.55 25.28 54.34
C ILE B 208 67.77 24.57 54.91
N THR B 209 67.82 24.46 56.23
CA THR B 209 68.91 23.79 56.93
C THR B 209 68.40 22.54 57.62
N SER B 210 69.18 21.47 57.52
CA SER B 210 68.90 20.20 58.17
C SER B 210 69.62 20.04 59.50
N SER B 211 70.41 21.03 59.91
CA SER B 211 71.22 20.95 61.11
C SER B 211 71.38 22.34 61.69
N ASP B 212 71.79 22.39 62.95
CA ASP B 212 72.01 23.67 63.62
C ASP B 212 72.88 24.57 62.76
N HIS B 213 72.42 25.81 62.58
CA HIS B 213 73.10 26.82 61.78
C HIS B 213 73.11 28.14 62.55
N THR B 214 74.26 28.81 62.54
CA THR B 214 74.42 30.10 63.21
C THR B 214 74.65 31.18 62.17
N THR B 215 73.86 32.25 62.24
CA THR B 215 73.97 33.37 61.35
C THR B 215 74.70 34.52 62.01
N THR B 216 74.89 35.61 61.28
CA THR B 216 75.57 36.79 61.79
C THR B 216 74.64 37.81 62.42
N CYS B 217 73.32 37.56 62.39
CA CYS B 217 72.37 38.50 62.95
C CYS B 217 72.29 38.30 64.46
N THR B 218 72.15 39.40 65.20
CA THR B 218 72.18 39.37 66.65
C THR B 218 70.80 39.38 67.31
N ASP B 219 69.75 39.89 66.67
CA ASP B 219 68.43 39.95 67.26
C ASP B 219 67.57 38.79 66.75
N VAL B 220 67.10 37.95 67.67
CA VAL B 220 66.24 36.83 67.33
C VAL B 220 64.96 37.30 66.65
N LYS B 221 64.45 38.47 67.03
CA LYS B 221 63.21 38.99 66.44
C LYS B 221 63.35 39.25 64.94
N GLN B 222 64.57 39.38 64.44
CA GLN B 222 64.78 39.61 63.02
C GLN B 222 64.74 38.35 62.16
N CYS B 223 64.69 37.16 62.75
CA CYS B 223 64.63 35.93 61.97
C CYS B 223 63.28 35.24 62.12
N ARG B 224 62.92 34.48 61.07
CA ARG B 224 61.72 33.64 61.03
C ARG B 224 62.15 32.21 60.73
N ALA B 225 61.81 31.29 61.64
CA ALA B 225 62.12 29.88 61.47
C ALA B 225 60.84 29.08 61.28
N TYR B 226 60.85 28.17 60.29
CA TYR B 226 59.71 27.32 59.97
C TYR B 226 60.13 25.86 60.01
N LEU B 227 59.42 25.06 60.79
CA LEU B 227 59.67 23.63 60.90
C LEU B 227 59.07 22.89 59.71
N ILE B 228 59.92 22.13 59.01
CA ILE B 228 59.53 21.23 57.93
C ILE B 228 59.64 19.79 58.44
N ASP B 229 58.49 19.15 58.64
CA ASP B 229 58.45 17.76 59.09
C ASP B 229 57.23 17.12 58.46
N ASN B 230 57.47 16.27 57.45
CA ASN B 230 56.43 15.62 56.67
C ASN B 230 56.21 14.16 57.06
N LYS B 231 56.71 13.73 58.22
CA LYS B 231 56.52 12.35 58.63
C LYS B 231 55.04 11.99 58.69
N LYS B 232 54.21 12.92 59.16
CA LYS B 232 52.78 12.71 59.26
C LYS B 232 52.08 13.79 58.44
N TRP B 233 50.97 13.43 57.82
CA TRP B 233 50.19 14.35 57.01
C TRP B 233 49.08 14.99 57.84
N VAL B 234 48.44 16.01 57.28
CA VAL B 234 47.33 16.70 57.94
C VAL B 234 46.18 16.90 56.97
N TYR B 235 44.98 17.04 57.55
CA TYR B 235 43.79 17.36 56.78
C TYR B 235 43.95 18.68 56.04
N ASN B 236 43.36 18.77 54.85
CA ASN B 236 43.38 19.98 54.04
C ASN B 236 42.56 21.09 54.70
N SER B 237 42.92 21.44 55.94
CA SER B 237 42.18 22.42 56.71
C SER B 237 42.32 23.83 56.15
N GLY B 238 41.20 24.54 56.09
CA GLY B 238 41.17 25.93 55.67
C GLY B 238 41.81 26.90 56.64
N ARG B 239 42.31 26.40 57.78
CA ARG B 239 42.95 27.21 58.80
C ARG B 239 44.45 26.98 58.88
N LEU B 240 45.02 26.18 57.98
CA LEU B 240 46.44 25.89 57.91
C LEU B 240 47.02 26.35 56.58
N PRO B 241 48.23 26.93 56.57
CA PRO B 241 48.87 27.29 55.30
C PRO B 241 49.02 26.07 54.40
N ARG B 242 48.71 26.28 53.11
CA ARG B 242 48.71 25.18 52.15
C ARG B 242 50.11 24.58 51.97
N GLY B 243 51.11 25.43 51.79
CA GLY B 243 52.44 24.95 51.50
C GLY B 243 52.68 24.80 50.01
N GLU B 244 53.93 25.02 49.61
CA GLU B 244 54.30 25.00 48.19
C GLU B 244 54.26 23.60 47.57
N GLY B 245 53.95 23.60 46.27
CA GLY B 245 53.83 22.43 45.43
C GLY B 245 52.54 21.64 45.60
N ASP B 246 52.60 20.38 45.16
CA ASP B 246 51.52 19.41 45.31
C ASP B 246 51.56 18.79 46.71
N THR B 247 50.77 19.31 47.63
CA THR B 247 50.77 18.78 48.99
C THR B 247 49.87 17.57 49.14
N PHE B 248 49.05 17.26 48.13
CA PHE B 248 48.14 16.12 48.17
C PHE B 248 48.90 14.81 48.32
N LYS B 249 48.62 14.07 49.40
CA LYS B 249 49.29 12.81 49.68
C LYS B 249 48.35 11.61 49.71
N GLY B 250 47.09 11.79 50.08
CA GLY B 250 46.17 10.66 50.08
C GLY B 250 44.80 11.07 50.58
N LYS B 251 43.90 10.08 50.61
CA LYS B 251 42.54 10.24 51.12
C LYS B 251 42.31 9.52 52.45
N LEU B 252 41.51 10.15 53.29
CA LEU B 252 41.04 9.59 54.55
C LEU B 252 39.54 9.37 54.39
N HIS B 253 39.06 8.18 54.74
CA HIS B 253 37.63 7.94 54.71
C HIS B 253 36.92 8.71 55.83
N VAL B 254 35.70 9.13 55.53
CA VAL B 254 34.82 9.81 56.49
C VAL B 254 34.07 8.78 57.34
N PRO B 255 34.34 8.71 58.64
CA PRO B 255 33.56 7.83 59.50
C PRO B 255 32.15 8.40 59.72
N PHE B 256 31.31 7.55 60.29
CA PHE B 256 29.94 7.90 60.67
C PHE B 256 29.23 8.64 59.52
N VAL B 257 29.19 7.96 58.38
CA VAL B 257 28.49 8.47 57.20
C VAL B 257 27.00 8.52 57.46
N PRO B 258 26.28 9.52 56.94
CA PRO B 258 24.81 9.50 57.03
C PRO B 258 24.23 8.25 56.40
N VAL B 259 23.26 7.65 57.09
CA VAL B 259 22.59 6.45 56.61
C VAL B 259 21.09 6.56 56.88
N LYS B 260 20.32 5.80 56.11
CA LYS B 260 18.89 5.65 56.37
C LYS B 260 18.68 4.74 57.58
N ALA B 261 17.85 5.20 58.51
CA ALA B 261 17.61 4.48 59.75
C ALA B 261 16.14 4.57 60.11
N LYS B 262 15.77 3.83 61.15
CA LYS B 262 14.42 3.87 61.70
C LYS B 262 14.38 4.64 63.02
N CYS B 263 13.57 5.69 63.07
CA CYS B 263 13.38 6.51 64.26
C CYS B 263 11.98 6.30 64.78
N ILE B 264 11.86 6.23 66.11
CA ILE B 264 10.59 6.09 66.81
C ILE B 264 9.96 7.46 66.99
N ALA B 265 8.88 7.72 66.25
CA ALA B 265 8.15 8.99 66.32
C ALA B 265 6.91 8.79 67.18
N THR B 266 6.51 9.85 67.87
CA THR B 266 5.37 9.80 68.77
C THR B 266 4.05 9.59 68.02
N LEU B 267 3.07 9.11 68.77
CA LEU B 267 1.68 8.96 68.30
C LEU B 267 0.82 9.90 69.13
N ALA B 268 0.08 10.77 68.46
CA ALA B 268 -0.80 11.69 69.17
C ALA B 268 -1.96 10.93 69.81
N PRO B 269 -2.53 11.46 70.90
CA PRO B 269 -3.67 10.79 71.52
C PRO B 269 -4.80 10.57 70.53
N GLU B 270 -5.45 9.42 70.66
CA GLU B 270 -6.52 9.05 69.74
C GLU B 270 -7.60 10.13 69.76
N PRO B 271 -8.01 10.65 68.60
CA PRO B 271 -9.04 11.70 68.58
C PRO B 271 -10.40 11.16 68.97
N LEU B 272 -11.17 12.01 69.64
CA LEU B 272 -12.55 11.67 70.01
C LEU B 272 -13.45 12.16 68.90
N VAL B 273 -14.25 11.26 68.34
CA VAL B 273 -15.05 11.54 67.15
C VAL B 273 -16.53 11.55 67.50
N GLU B 274 -17.22 12.57 67.04
CA GLU B 274 -18.67 12.69 67.12
C GLU B 274 -19.20 12.87 65.71
N HIS B 275 -20.43 12.42 65.47
CA HIS B 275 -21.00 12.47 64.13
C HIS B 275 -22.32 13.19 64.12
N LYS B 276 -22.50 14.01 63.09
CA LYS B 276 -23.75 14.72 62.81
C LYS B 276 -24.03 14.55 61.32
N HIS B 277 -25.23 14.95 60.90
CA HIS B 277 -25.60 14.80 59.50
C HIS B 277 -24.57 15.46 58.59
N ARG B 278 -23.92 14.65 57.75
CA ARG B 278 -22.89 15.11 56.83
C ARG B 278 -21.79 15.90 57.52
N THR B 279 -21.55 15.66 58.80
CA THR B 279 -20.55 16.41 59.53
C THR B 279 -19.76 15.49 60.46
N LEU B 280 -18.45 15.63 60.43
CA LEU B 280 -17.53 14.91 61.29
C LEU B 280 -16.94 15.89 62.30
N ILE B 281 -17.13 15.63 63.59
CA ILE B 281 -16.62 16.48 64.66
C ILE B 281 -15.51 15.74 65.36
N LEU B 282 -14.31 16.32 65.34
CA LEU B 282 -13.13 15.76 65.97
C LEU B 282 -12.69 16.61 67.15
N HIS B 283 -12.56 16.00 68.32
CA HIS B 283 -12.01 16.66 69.50
C HIS B 283 -10.57 16.19 69.62
N LEU B 284 -9.63 17.12 69.41
CA LEU B 284 -8.21 16.79 69.30
C LEU B 284 -7.44 17.31 70.51
N HIS B 285 -6.57 16.44 71.06
CA HIS B 285 -5.74 16.75 72.22
C HIS B 285 -4.34 16.29 71.84
N PRO B 286 -3.54 17.15 71.20
CA PRO B 286 -2.29 16.69 70.58
C PRO B 286 -1.10 16.44 71.50
N ASP B 287 -0.98 17.20 72.60
CA ASP B 287 0.18 17.13 73.49
C ASP B 287 1.46 17.69 72.87
N HIS B 288 1.52 17.77 71.54
CA HIS B 288 2.63 18.36 70.80
C HIS B 288 2.06 18.88 69.50
N PRO B 289 2.67 19.88 68.87
CA PRO B 289 2.13 20.35 67.60
C PRO B 289 1.96 19.20 66.63
N THR B 290 0.70 18.88 66.32
CA THR B 290 0.35 17.72 65.50
C THR B 290 -0.35 18.19 64.24
N LEU B 291 0.08 17.69 63.09
CA LEU B 291 -0.48 18.10 61.82
C LEU B 291 -1.76 17.32 61.54
N LEU B 292 -2.84 18.05 61.25
CA LEU B 292 -4.12 17.47 60.85
C LEU B 292 -4.37 17.85 59.40
N THR B 293 -4.56 16.85 58.54
CA THR B 293 -4.89 17.09 57.14
C THR B 293 -6.10 16.26 56.76
N THR B 294 -6.92 16.81 55.88
CA THR B 294 -8.10 16.12 55.38
C THR B 294 -8.29 16.46 53.91
N ARG B 295 -9.01 15.58 53.22
CA ARG B 295 -9.36 15.82 51.83
C ARG B 295 -10.62 15.01 51.51
N SER B 296 -11.45 15.57 50.63
CA SER B 296 -12.60 14.80 50.17
C SER B 296 -12.15 13.82 49.10
N LEU B 297 -12.93 12.75 48.94
CA LEU B 297 -12.61 11.69 47.99
C LEU B 297 -13.33 11.88 46.65
N GLY B 298 -13.87 13.07 46.40
CA GLY B 298 -14.56 13.35 45.16
C GLY B 298 -13.64 13.98 44.12
N SER B 299 -14.28 14.47 43.06
CA SER B 299 -13.54 15.11 41.97
C SER B 299 -12.97 16.46 42.36
N ASP B 300 -13.58 17.13 43.34
CA ASP B 300 -13.14 18.43 43.82
C ASP B 300 -12.65 18.28 45.25
N ALA B 301 -11.39 17.92 45.42
CA ALA B 301 -10.80 17.82 46.74
C ALA B 301 -10.63 19.20 47.33
N ASN B 302 -10.90 19.31 48.64
CA ASN B 302 -10.77 20.56 49.38
C ASN B 302 -9.79 20.30 50.52
N PRO B 303 -8.50 20.26 50.22
CA PRO B 303 -7.52 19.90 51.25
C PRO B 303 -7.50 20.88 52.41
N THR B 304 -7.31 20.35 53.61
CA THR B 304 -7.11 21.12 54.82
C THR B 304 -5.77 20.73 55.41
N ARG B 305 -5.05 21.71 55.96
CA ARG B 305 -3.74 21.44 56.56
C ARG B 305 -3.51 22.48 57.65
N GLN B 306 -3.49 22.03 58.90
CA GLN B 306 -3.25 22.94 60.01
C GLN B 306 -2.50 22.22 61.12
N TRP B 307 -1.61 22.95 61.79
CA TRP B 307 -0.87 22.42 62.93
C TRP B 307 -1.66 22.73 64.19
N ILE B 308 -1.97 21.70 64.96
CA ILE B 308 -2.79 21.82 66.16
C ILE B 308 -1.88 21.68 67.38
N GLU B 309 -1.81 22.74 68.17
CA GLU B 309 -0.91 22.83 69.30
C GLU B 309 -1.62 22.73 70.65
N ARG B 310 -2.92 23.03 70.69
CA ARG B 310 -3.72 23.02 71.90
C ARG B 310 -5.03 22.29 71.62
N PRO B 311 -5.76 21.90 72.67
CA PRO B 311 -7.04 21.24 72.47
C PRO B 311 -7.98 22.09 71.63
N THR B 312 -8.63 21.45 70.66
CA THR B 312 -9.51 22.16 69.75
C THR B 312 -10.52 21.18 69.16
N THR B 313 -11.64 21.72 68.68
CA THR B 313 -12.69 20.94 68.03
C THR B 313 -12.75 21.37 66.57
N VAL B 314 -12.60 20.40 65.66
CA VAL B 314 -12.59 20.66 64.23
C VAL B 314 -13.75 19.90 63.60
N ASN B 315 -14.56 20.61 62.83
CA ASN B 315 -15.74 20.05 62.15
C ASN B 315 -15.48 20.05 60.65
N PHE B 316 -15.60 18.88 60.04
CA PHE B 316 -15.41 18.70 58.61
C PHE B 316 -16.73 18.26 57.98
N THR B 317 -17.02 18.81 56.81
CA THR B 317 -18.21 18.41 56.06
C THR B 317 -17.90 17.13 55.27
N VAL B 318 -18.71 16.10 55.49
CA VAL B 318 -18.55 14.81 54.82
C VAL B 318 -19.79 14.58 53.96
N THR B 319 -19.59 14.19 52.71
CA THR B 319 -20.66 13.92 51.77
C THR B 319 -20.65 12.43 51.41
N GLY B 320 -21.55 12.05 50.51
CA GLY B 320 -21.61 10.67 50.06
C GLY B 320 -20.36 10.21 49.34
N GLU B 321 -19.50 11.14 48.93
CA GLU B 321 -18.24 10.78 48.29
C GLU B 321 -17.21 10.31 49.29
N GLY B 322 -17.27 10.83 50.52
CA GLY B 322 -16.38 10.45 51.59
C GLY B 322 -15.36 11.54 51.90
N LEU B 323 -14.75 11.40 53.07
CA LEU B 323 -13.72 12.32 53.54
C LEU B 323 -12.60 11.50 54.14
N GLU B 324 -11.36 11.84 53.80
CA GLU B 324 -10.19 11.22 54.41
C GLU B 324 -9.53 12.25 55.30
N TYR B 325 -9.19 11.84 56.52
CA TYR B 325 -8.49 12.70 57.46
C TYR B 325 -7.31 11.94 58.05
N THR B 326 -6.22 12.65 58.29
CA THR B 326 -5.00 12.08 58.85
C THR B 326 -4.60 12.88 60.07
N TRP B 327 -4.48 12.21 61.20
CA TRP B 327 -4.06 12.83 62.44
C TRP B 327 -2.59 12.49 62.62
N GLY B 328 -1.78 13.49 62.93
CA GLY B 328 -0.33 13.31 62.96
C GLY B 328 0.19 11.96 63.41
N ASN B 329 0.91 11.30 62.52
CA ASN B 329 1.52 9.98 62.69
C ASN B 329 0.51 8.84 62.75
N HIS B 330 -0.79 9.12 62.61
CA HIS B 330 -1.76 8.03 62.56
C HIS B 330 -2.08 7.68 61.11
N PRO B 331 -2.44 6.43 60.82
CA PRO B 331 -2.80 6.09 59.45
C PRO B 331 -4.02 6.87 59.00
N PRO B 332 -4.11 7.19 57.71
CA PRO B 332 -5.30 7.92 57.22
C PRO B 332 -6.57 7.11 57.43
N LYS B 333 -7.63 7.80 57.87
CA LYS B 333 -8.94 7.21 58.05
C LYS B 333 -9.91 7.82 57.06
N ARG B 334 -10.80 6.98 56.52
CA ARG B 334 -11.79 7.43 55.56
C ARG B 334 -13.19 7.19 56.14
N VAL B 335 -14.07 8.16 55.92
CA VAL B 335 -15.46 8.07 56.39
C VAL B 335 -16.38 8.61 55.31
N TRP B 336 -17.61 8.11 55.30
CA TRP B 336 -18.62 8.50 54.34
C TRP B 336 -19.92 8.81 55.08
N ALA B 337 -20.67 9.78 54.56
CA ALA B 337 -21.92 10.20 55.17
C ALA B 337 -23.10 9.50 54.50
N GLN B 338 -24.02 9.00 55.32
CA GLN B 338 -25.23 8.36 54.84
C GLN B 338 -26.35 9.39 54.70
N GLU B 339 -27.36 9.04 53.90
CA GLU B 339 -28.49 9.94 53.67
C GLU B 339 -29.51 9.81 54.79
N SER B 340 -29.06 10.19 55.99
CA SER B 340 -29.85 10.09 57.21
C SER B 340 -30.39 11.43 57.67
N GLY B 341 -30.69 12.34 56.73
CA GLY B 341 -31.18 13.64 57.11
C GLY B 341 -32.53 13.59 57.78
N GLU B 342 -32.86 14.70 58.45
CA GLU B 342 -34.13 14.82 59.18
C GLU B 342 -35.27 15.12 58.22
N GLY B 343 -36.47 14.72 58.64
CA GLY B 343 -37.69 14.92 57.89
C GLY B 343 -38.43 13.61 57.65
N ASN B 344 -39.58 13.74 56.99
CA ASN B 344 -40.40 12.59 56.64
C ASN B 344 -40.93 12.78 55.23
N PRO B 345 -40.31 12.14 54.22
CA PRO B 345 -40.76 12.33 52.84
C PRO B 345 -42.14 11.77 52.55
N HIS B 346 -42.74 11.04 53.50
CA HIS B 346 -44.07 10.48 53.34
C HIS B 346 -45.13 11.22 54.13
N GLY B 347 -44.78 12.33 54.77
CA GLY B 347 -45.70 13.06 55.62
C GLY B 347 -46.34 14.24 54.92
N TRP B 348 -46.70 15.25 55.71
CA TRP B 348 -47.34 16.44 55.19
C TRP B 348 -46.33 17.26 54.38
N PRO B 349 -46.82 18.23 53.59
CA PRO B 349 -45.89 19.06 52.81
C PRO B 349 -44.78 19.67 53.66
N HIS B 350 -45.10 20.04 54.91
CA HIS B 350 -44.07 20.58 55.80
C HIS B 350 -42.95 19.57 56.02
N GLU B 351 -43.31 18.32 56.31
CA GLU B 351 -42.30 17.29 56.53
C GLU B 351 -41.62 16.86 55.24
N VAL B 352 -42.35 16.86 54.12
CA VAL B 352 -41.75 16.48 52.84
C VAL B 352 -40.71 17.51 52.40
N VAL B 353 -41.06 18.79 52.46
CA VAL B 353 -40.12 19.84 52.05
C VAL B 353 -38.90 19.84 52.95
N VAL B 354 -39.09 19.66 54.26
CA VAL B 354 -37.97 19.63 55.19
C VAL B 354 -36.99 18.52 54.84
N TYR B 355 -37.52 17.32 54.54
CA TYR B 355 -36.64 16.20 54.21
C TYR B 355 -35.79 16.50 52.97
N TYR B 356 -36.44 16.94 51.89
CA TYR B 356 -35.69 17.19 50.66
C TYR B 356 -34.79 18.40 50.78
N TYR B 357 -35.16 19.39 51.60
CA TYR B 357 -34.28 20.53 51.81
C TYR B 357 -33.00 20.12 52.52
N ASN B 358 -33.12 19.29 53.56
CA ASN B 358 -31.94 18.80 54.26
C ASN B 358 -31.09 17.91 53.37
N ARG B 359 -31.71 17.09 52.52
CA ARG B 359 -30.95 16.20 51.66
C ARG B 359 -30.43 16.90 50.42
N TYR B 360 -31.22 17.82 49.84
CA TYR B 360 -30.82 18.59 48.66
C TYR B 360 -31.16 20.05 48.90
N PRO B 361 -30.35 20.77 49.68
CA PRO B 361 -30.64 22.18 49.99
C PRO B 361 -30.86 23.04 48.75
N LEU B 362 -29.87 23.09 47.87
CA LEU B 362 -29.95 23.96 46.69
C LEU B 362 -31.01 23.49 45.71
N THR B 363 -31.08 22.18 45.43
CA THR B 363 -32.06 21.66 44.49
C THR B 363 -33.48 21.92 44.96
N THR B 364 -33.73 21.79 46.27
CA THR B 364 -35.07 22.04 46.79
C THR B 364 -35.45 23.52 46.64
N ILE B 365 -34.52 24.43 46.93
CA ILE B 365 -34.83 25.85 46.79
C ILE B 365 -35.09 26.19 45.33
N ILE B 366 -34.24 25.70 44.42
CA ILE B 366 -34.46 25.94 43.00
C ILE B 366 -35.76 25.30 42.55
N GLY B 367 -36.01 24.06 43.02
CA GLY B 367 -37.24 23.38 42.63
C GLY B 367 -38.49 24.12 43.06
N LEU B 368 -38.54 24.55 44.32
CA LEU B 368 -39.72 25.28 44.81
C LEU B 368 -39.89 26.60 44.07
N CYS B 369 -38.80 27.34 43.86
CA CYS B 369 -38.90 28.60 43.12
C CYS B 369 -39.39 28.37 41.69
N THR B 370 -38.89 27.33 41.03
CA THR B 370 -39.34 27.03 39.67
C THR B 370 -40.82 26.63 39.66
N CYS B 371 -41.24 25.81 40.62
CA CYS B 371 -42.66 25.44 40.69
C CYS B 371 -43.55 26.65 40.90
N VAL B 372 -43.16 27.56 41.80
CA VAL B 372 -43.96 28.75 42.04
C VAL B 372 -44.05 29.60 40.78
N ALA B 373 -42.93 29.73 40.05
CA ALA B 373 -42.96 30.48 38.81
C ALA B 373 -43.90 29.84 37.80
N ILE B 374 -43.82 28.51 37.65
CA ILE B 374 -44.71 27.81 36.73
C ILE B 374 -46.16 27.97 37.17
N ILE B 375 -46.43 27.87 38.47
CA ILE B 375 -47.79 28.03 38.96
C ILE B 375 -48.30 29.44 38.69
N MET B 376 -47.49 30.46 39.01
CA MET B 376 -47.91 31.83 38.79
C MET B 376 -48.16 32.10 37.30
N VAL B 377 -47.22 31.69 36.45
CA VAL B 377 -47.38 31.90 35.02
C VAL B 377 -48.61 31.17 34.50
N SER B 378 -48.84 29.94 34.97
CA SER B 378 -50.00 29.18 34.51
C SER B 378 -51.29 29.79 35.02
N CYS B 379 -51.34 30.15 36.30
CA CYS B 379 -52.57 30.74 36.86
C CYS B 379 -52.87 32.10 36.24
N VAL B 380 -51.86 32.95 36.07
CA VAL B 380 -52.09 34.25 35.44
C VAL B 380 -52.58 34.08 34.01
N THR B 381 -51.95 33.19 33.25
CA THR B 381 -52.37 32.96 31.87
C THR B 381 -53.80 32.43 31.82
N SER B 382 -54.13 31.46 32.66
CA SER B 382 -55.47 30.88 32.66
C SER B 382 -56.51 31.90 33.12
N VAL B 383 -56.20 32.70 34.14
CA VAL B 383 -57.15 33.72 34.59
C VAL B 383 -57.37 34.75 33.50
N TRP B 384 -56.29 35.17 32.82
CA TRP B 384 -56.44 36.10 31.71
C TRP B 384 -57.27 35.49 30.59
N LEU B 385 -57.00 34.23 30.23
CA LEU B 385 -57.78 33.57 29.20
C LEU B 385 -59.25 33.48 29.57
N LEU B 386 -59.55 33.17 30.83
CA LEU B 386 -60.95 33.08 31.25
C LEU B 386 -61.61 34.46 31.31
N CYS B 387 -60.88 35.47 31.80
CA CYS B 387 -61.47 36.81 31.82
C CYS B 387 -61.72 37.32 30.40
N ARG B 388 -60.76 37.10 29.50
CA ARG B 388 -60.95 37.48 28.11
C ARG B 388 -62.12 36.73 27.48
N THR B 389 -62.19 35.43 27.73
CA THR B 389 -63.30 34.63 27.21
C THR B 389 -64.64 35.11 27.75
N ARG B 390 -64.71 35.41 29.04
CA ARG B 390 -65.97 35.88 29.62
C ARG B 390 -66.44 37.17 28.96
N ASN B 391 -65.54 38.12 28.75
CA ASN B 391 -65.92 39.38 28.11
C ASN B 391 -66.49 39.12 26.72
N LEU B 392 -65.83 38.27 25.93
CA LEU B 392 -66.34 37.95 24.61
C LEU B 392 -67.70 37.25 24.68
N CYS B 393 -67.89 36.42 25.70
CA CYS B 393 -69.17 35.71 25.84
C CYS B 393 -70.31 36.65 26.22
N ILE B 394 -70.08 37.59 27.14
CA ILE B 394 -71.16 38.47 27.59
C ILE B 394 -71.31 39.74 26.75
N THR B 395 -70.23 40.24 26.14
CA THR B 395 -70.34 41.45 25.34
C THR B 395 -71.46 41.41 24.31
N PRO B 396 -71.68 40.33 23.57
CA PRO B 396 -72.79 40.31 22.60
C PRO B 396 -74.15 40.58 23.22
N TYR B 397 -74.31 40.34 24.53
CA TYR B 397 -75.57 40.60 25.21
C TYR B 397 -75.57 41.89 26.01
N LYS B 398 -74.41 42.31 26.52
CA LYS B 398 -74.36 43.58 27.25
C LYS B 398 -74.72 44.75 26.35
N LEU B 399 -74.41 44.64 25.05
CA LEU B 399 -74.76 45.65 24.07
C LEU B 399 -76.18 45.50 23.54
N ALA B 400 -76.95 44.53 24.05
CA ALA B 400 -78.34 44.31 23.65
C ALA B 400 -79.19 44.25 24.90
N PRO B 401 -79.57 45.41 25.44
CA PRO B 401 -80.34 45.45 26.70
C PRO B 401 -81.57 44.54 26.75
N ASN B 402 -82.22 44.26 25.63
CA ASN B 402 -83.39 43.38 25.61
C ASN B 402 -83.08 41.97 25.15
N ALA B 403 -81.80 41.60 25.04
CA ALA B 403 -81.46 40.25 24.60
C ALA B 403 -81.95 39.22 25.60
N GLN B 404 -82.15 37.99 25.11
CA GLN B 404 -82.66 36.92 25.95
C GLN B 404 -81.67 36.55 27.05
N VAL B 405 -80.38 36.57 26.75
CA VAL B 405 -79.36 36.13 27.70
C VAL B 405 -79.66 34.68 28.10
N PRO B 406 -79.28 33.70 27.28
CA PRO B 406 -79.62 32.30 27.58
C PRO B 406 -79.21 31.90 29.00
N ILE B 407 -80.02 31.01 29.59
CA ILE B 407 -79.79 30.58 30.96
C ILE B 407 -78.44 29.89 31.09
N LEU B 408 -78.08 29.05 30.12
CA LEU B 408 -76.77 28.39 30.17
C LEU B 408 -75.65 29.41 30.11
N LEU B 409 -75.77 30.41 29.23
CA LEU B 409 -74.75 31.45 29.15
C LEU B 409 -74.73 32.30 30.41
N ALA B 410 -75.91 32.57 30.98
CA ALA B 410 -76.00 33.32 32.23
C ALA B 410 -75.28 32.60 33.37
N LEU B 411 -75.28 31.27 33.35
CA LEU B 411 -74.64 30.48 34.39
C LEU B 411 -73.17 30.20 34.12
N LEU B 412 -72.80 30.00 32.85
CA LEU B 412 -71.41 29.73 32.50
C LEU B 412 -70.58 30.98 32.26
N CYS B 413 -71.18 32.07 31.81
CA CYS B 413 -70.45 33.30 31.52
C CYS B 413 -70.78 34.45 32.46
N CYS B 414 -72.03 34.60 32.88
CA CYS B 414 -72.43 35.73 33.71
C CYS B 414 -72.36 35.36 35.19
N ASP C 1 -80.53 66.71 21.31
CA ASP C 1 -79.74 65.95 20.36
C ASP C 1 -79.31 64.61 20.96
N LYS C 2 -79.37 63.56 20.15
CA LYS C 2 -78.97 62.22 20.57
C LYS C 2 -77.71 61.73 19.85
N THR C 3 -77.22 62.48 18.87
CA THR C 3 -75.99 62.17 18.16
C THR C 3 -75.02 63.32 18.39
N PHE C 4 -73.77 63.00 18.74
CA PHE C 4 -72.80 64.02 19.07
C PHE C 4 -71.53 63.82 18.23
N PRO C 5 -71.07 64.85 17.52
CA PRO C 5 -69.85 64.70 16.72
C PRO C 5 -68.60 64.50 17.57
N ILE C 6 -67.65 63.78 17.00
CA ILE C 6 -66.36 63.52 17.64
C ILE C 6 -65.31 64.28 16.83
N MET C 7 -64.57 65.16 17.50
CA MET C 7 -63.56 65.98 16.84
C MET C 7 -62.23 65.86 17.58
N LEU C 8 -61.16 65.66 16.83
CA LEU C 8 -59.81 65.54 17.39
C LEU C 8 -59.07 66.88 17.37
N ASN C 9 -59.07 67.57 16.23
CA ASN C 9 -58.40 68.85 16.05
C ASN C 9 -59.36 69.90 15.52
N GLY C 10 -60.65 69.74 15.79
CA GLY C 10 -61.68 70.62 15.30
C GLY C 10 -62.42 70.11 14.08
N GLN C 11 -61.90 69.06 13.44
CA GLN C 11 -62.55 68.42 12.31
C GLN C 11 -63.34 67.22 12.82
N VAL C 12 -64.44 66.91 12.14
CA VAL C 12 -65.30 65.82 12.57
C VAL C 12 -64.70 64.49 12.11
N ASN C 13 -64.38 63.63 13.08
CA ASN C 13 -63.81 62.32 12.80
C ASN C 13 -64.85 61.21 12.81
N GLY C 14 -65.97 61.43 13.47
CA GLY C 14 -67.04 60.44 13.56
C GLY C 14 -68.14 60.97 14.43
N TYR C 15 -69.14 60.13 14.66
CA TYR C 15 -70.27 60.49 15.51
C TYR C 15 -70.48 59.45 16.59
N ALA C 16 -71.04 59.91 17.71
CA ALA C 16 -71.43 59.06 18.83
C ALA C 16 -72.95 59.12 18.96
N CYS C 17 -73.55 58.04 19.43
CA CYS C 17 -74.99 57.99 19.62
C CYS C 17 -75.33 57.24 20.90
N VAL C 18 -76.50 57.57 21.44
CA VAL C 18 -77.02 56.96 22.67
C VAL C 18 -78.12 56.00 22.25
N VAL C 19 -77.89 54.70 22.40
CA VAL C 19 -78.82 53.67 21.97
C VAL C 19 -79.09 52.73 23.14
N GLY C 20 -80.35 52.58 23.52
CA GLY C 20 -80.74 51.66 24.56
C GLY C 20 -80.25 52.01 25.94
N GLY C 21 -79.65 53.18 26.12
CA GLY C 21 -79.09 53.59 27.38
C GLY C 21 -77.58 53.53 27.44
N ARG C 22 -76.92 53.23 26.33
CA ARG C 22 -75.47 53.18 26.25
C ARG C 22 -74.97 54.15 25.18
N VAL C 23 -73.79 54.70 25.43
CA VAL C 23 -73.13 55.60 24.48
C VAL C 23 -72.23 54.74 23.58
N PHE C 24 -72.37 54.89 22.27
CA PHE C 24 -71.61 54.11 21.32
C PHE C 24 -70.75 55.01 20.44
N LYS C 25 -69.51 54.56 20.18
CA LYS C 25 -68.61 55.19 19.23
C LYS C 25 -67.63 54.16 18.73
N PRO C 26 -67.18 54.26 17.48
CA PRO C 26 -66.19 53.30 16.96
C PRO C 26 -64.82 53.48 17.61
N LEU C 27 -64.05 52.39 17.59
CA LEU C 27 -62.68 52.44 18.11
C LEU C 27 -61.79 53.30 17.24
N HIS C 28 -61.97 53.26 15.92
CA HIS C 28 -61.10 53.98 15.01
C HIS C 28 -61.37 55.48 14.97
N VAL C 29 -62.41 55.97 15.63
CA VAL C 29 -62.71 57.40 15.65
C VAL C 29 -61.93 58.02 16.80
N GLU C 30 -61.02 58.93 16.46
CA GLU C 30 -60.20 59.66 17.42
C GLU C 30 -60.77 61.05 17.68
N GLY C 31 -60.52 61.55 18.88
CA GLY C 31 -60.99 62.86 19.31
C GLY C 31 -61.88 62.76 20.53
N ARG C 32 -62.47 63.90 20.87
CA ARG C 32 -63.33 64.04 22.03
C ARG C 32 -64.75 64.40 21.62
N ILE C 33 -65.73 63.85 22.35
CA ILE C 33 -67.12 64.19 22.11
C ILE C 33 -67.37 65.61 22.58
N ASP C 34 -68.12 66.37 21.77
CA ASP C 34 -68.39 67.77 22.12
C ASP C 34 -69.13 67.89 23.44
N ASN C 35 -69.97 66.91 23.77
CA ASN C 35 -70.71 66.92 25.04
C ASN C 35 -69.78 66.43 26.14
N GLU C 36 -69.42 67.35 27.07
CA GLU C 36 -68.54 66.99 28.16
C GLU C 36 -69.14 65.94 29.07
N GLN C 37 -70.47 65.87 29.15
CA GLN C 37 -71.11 64.86 29.98
C GLN C 37 -70.81 63.45 29.49
N LEU C 38 -70.64 63.27 28.18
CA LEU C 38 -70.30 61.98 27.60
C LEU C 38 -68.80 61.78 27.47
N ALA C 39 -68.05 62.84 27.14
CA ALA C 39 -66.61 62.71 26.95
C ALA C 39 -65.91 62.31 28.24
N ALA C 40 -66.44 62.69 29.40
CA ALA C 40 -65.84 62.32 30.67
C ALA C 40 -66.12 60.88 31.08
N ILE C 41 -66.95 60.15 30.34
CA ILE C 41 -67.27 58.77 30.68
C ILE C 41 -66.14 57.86 30.23
N LYS C 42 -65.73 56.95 31.12
CA LYS C 42 -64.74 55.94 30.78
C LYS C 42 -65.43 54.87 29.93
N LEU C 43 -64.91 54.64 28.73
CA LEU C 43 -65.54 53.72 27.79
C LEU C 43 -64.78 52.40 27.72
N LYS C 44 -65.55 51.31 27.67
CA LYS C 44 -65.00 49.97 27.54
C LYS C 44 -64.68 49.66 26.08
N LYS C 45 -63.56 48.98 25.85
CA LYS C 45 -63.10 48.69 24.50
C LYS C 45 -63.63 47.31 24.08
N ALA C 46 -64.71 47.31 23.30
CA ALA C 46 -65.25 46.07 22.74
C ALA C 46 -64.62 45.82 21.38
N SER C 47 -63.36 45.37 21.43
CA SER C 47 -62.60 45.11 20.21
C SER C 47 -63.26 44.06 19.33
N ILE C 48 -64.14 43.23 19.89
CA ILE C 48 -64.89 42.27 19.09
C ILE C 48 -65.72 42.96 18.03
N TYR C 49 -66.24 44.16 18.31
CA TYR C 49 -67.10 44.87 17.38
C TYR C 49 -66.58 46.26 16.99
N ASP C 50 -65.35 46.60 17.37
CA ASP C 50 -64.81 47.92 17.10
C ASP C 50 -65.70 49.03 17.65
N LEU C 51 -66.19 48.86 18.87
CA LEU C 51 -67.06 49.84 19.51
C LEU C 51 -66.63 50.12 20.94
N GLU C 52 -66.68 51.40 21.31
CA GLU C 52 -66.49 51.85 22.68
C GLU C 52 -67.86 52.13 23.28
N TYR C 53 -68.07 51.74 24.53
CA TYR C 53 -69.36 51.96 25.16
C TYR C 53 -69.19 52.30 26.63
N GLY C 54 -70.22 52.93 27.18
CA GLY C 54 -70.28 53.33 28.57
C GLY C 54 -71.72 53.53 28.99
N ASP C 55 -71.91 53.80 30.28
CA ASP C 55 -73.24 53.98 30.84
C ASP C 55 -73.66 55.45 30.72
N VAL C 56 -74.88 55.66 30.26
CA VAL C 56 -75.40 57.03 30.08
C VAL C 56 -75.60 57.67 31.44
N PRO C 57 -75.11 58.89 31.67
CA PRO C 57 -75.33 59.56 32.96
C PRO C 57 -76.81 59.77 33.23
N GLN C 58 -77.17 59.77 34.51
CA GLN C 58 -78.56 59.96 34.89
C GLN C 58 -79.12 61.27 34.35
N CYS C 59 -78.27 62.30 34.23
CA CYS C 59 -78.70 63.57 33.65
C CYS C 59 -78.96 63.47 32.15
N MET C 60 -78.42 62.45 31.49
CA MET C 60 -78.58 62.26 30.05
C MET C 60 -79.46 61.07 29.71
N LYS C 61 -80.04 60.42 30.71
CA LYS C 61 -80.83 59.21 30.46
C LYS C 61 -82.01 59.47 29.53
N SER C 62 -82.56 60.68 29.53
CA SER C 62 -83.69 60.99 28.67
C SER C 62 -83.30 61.06 27.19
N ASP C 63 -82.04 61.33 26.89
CA ASP C 63 -81.57 61.41 25.51
C ASP C 63 -81.09 60.05 25.01
N THR C 64 -82.00 59.09 24.99
CA THR C 64 -81.70 57.71 24.61
C THR C 64 -82.61 57.28 23.47
N LEU C 65 -82.02 56.67 22.45
CA LEU C 65 -82.76 56.14 21.30
C LEU C 65 -83.15 54.69 21.52
N GLN C 66 -84.40 54.37 21.19
CA GLN C 66 -84.86 52.99 21.24
C GLN C 66 -84.28 52.21 20.05
N TYR C 67 -83.98 50.94 20.28
CA TYR C 67 -83.46 50.06 19.24
C TYR C 67 -84.35 48.83 19.12
N THR C 68 -84.21 48.11 18.01
CA THR C 68 -84.98 46.89 17.80
C THR C 68 -84.20 45.95 16.89
N SER C 69 -84.51 44.66 17.02
CA SER C 69 -83.92 43.63 16.17
C SER C 69 -84.80 43.27 14.97
N ASP C 70 -86.02 43.80 14.91
CA ASP C 70 -86.94 43.54 13.80
C ASP C 70 -86.60 44.48 12.67
N LYS C 71 -85.80 44.00 11.71
CA LYS C 71 -85.33 44.79 10.58
C LYS C 71 -85.70 44.06 9.29
N PRO C 72 -86.95 44.15 8.85
CA PRO C 72 -87.35 43.51 7.60
C PRO C 72 -86.78 44.22 6.40
N PRO C 73 -86.70 43.54 5.25
CA PRO C 73 -86.21 44.21 4.04
C PRO C 73 -87.04 45.44 3.70
N GLY C 74 -86.36 46.50 3.26
CA GLY C 74 -87.03 47.75 2.97
C GLY C 74 -86.05 48.91 3.04
N PHE C 75 -86.60 50.10 3.24
CA PHE C 75 -85.84 51.33 3.30
C PHE C 75 -85.81 51.90 4.71
N TYR C 76 -84.64 52.39 5.12
CA TYR C 76 -84.43 52.93 6.45
C TYR C 76 -83.85 54.33 6.30
N ASN C 77 -83.99 55.13 7.36
CA ASN C 77 -83.54 56.52 7.35
C ASN C 77 -82.28 56.71 8.17
N TRP C 78 -81.47 57.68 7.75
CA TRP C 78 -80.31 58.13 8.51
C TRP C 78 -80.03 59.58 8.13
N HIS C 79 -78.99 60.14 8.73
CA HIS C 79 -78.68 61.56 8.53
C HIS C 79 -78.46 61.95 7.07
N HIS C 80 -78.10 61.01 6.19
CA HIS C 80 -77.91 61.34 4.77
C HIS C 80 -79.12 60.98 3.92
N GLY C 81 -80.20 60.48 4.52
CA GLY C 81 -81.39 60.13 3.76
C GLY C 81 -81.89 58.72 3.95
N ALA C 82 -82.39 58.12 2.87
CA ALA C 82 -82.87 56.75 2.91
C ALA C 82 -81.74 55.75 2.74
N VAL C 83 -81.91 54.58 3.35
CA VAL C 83 -80.97 53.48 3.28
C VAL C 83 -81.76 52.23 2.90
N GLN C 84 -81.27 51.49 1.91
CA GLN C 84 -81.94 50.28 1.45
C GLN C 84 -81.24 49.06 2.04
N TYR C 85 -82.04 48.18 2.65
CA TYR C 85 -81.56 46.95 3.26
C TYR C 85 -82.21 45.75 2.59
N GLU C 86 -81.40 44.86 2.03
CA GLU C 86 -81.90 43.68 1.36
C GLU C 86 -80.86 42.58 1.43
N ASN C 87 -81.34 41.33 1.43
CA ASN C 87 -80.48 40.15 1.45
C ASN C 87 -79.44 40.22 2.56
N ASN C 88 -79.87 40.71 3.73
CA ASN C 88 -78.99 40.88 4.88
C ASN C 88 -77.85 41.85 4.60
N ARG C 89 -78.06 42.81 3.70
CA ARG C 89 -77.05 43.79 3.35
C ARG C 89 -77.63 45.19 3.41
N PHE C 90 -76.86 46.12 3.97
CA PHE C 90 -77.24 47.53 4.04
C PHE C 90 -76.52 48.27 2.92
N THR C 91 -77.26 49.01 2.11
CA THR C 91 -76.70 49.67 0.94
C THR C 91 -77.21 51.10 0.81
N VAL C 92 -76.33 51.99 0.37
CA VAL C 92 -76.68 53.37 0.08
C VAL C 92 -76.15 53.72 -1.31
N PRO C 93 -76.75 54.70 -1.98
CA PRO C 93 -76.23 55.11 -3.28
C PRO C 93 -74.80 55.63 -3.16
N ARG C 94 -74.01 55.40 -4.20
CA ARG C 94 -72.62 55.84 -4.19
C ARG C 94 -72.54 57.35 -4.01
N GLY C 95 -71.61 57.78 -3.15
CA GLY C 95 -71.43 59.18 -2.84
C GLY C 95 -72.22 59.67 -1.64
N VAL C 96 -73.11 58.84 -1.10
CA VAL C 96 -73.91 59.21 0.06
C VAL C 96 -73.17 58.67 1.29
N GLY C 97 -72.46 59.56 1.98
CA GLY C 97 -71.68 59.18 3.13
C GLY C 97 -70.22 58.90 2.78
N GLY C 98 -69.38 58.98 3.80
CA GLY C 98 -67.96 58.77 3.60
C GLY C 98 -67.21 58.88 4.91
N LYS C 99 -65.91 59.10 4.81
CA LYS C 99 -65.08 59.21 6.00
C LYS C 99 -65.62 60.29 6.93
N GLY C 100 -65.79 59.93 8.20
CA GLY C 100 -66.37 60.81 9.20
C GLY C 100 -67.81 60.48 9.55
N ASP C 101 -68.46 59.64 8.75
CA ASP C 101 -69.85 59.28 8.95
C ASP C 101 -70.02 58.00 9.77
N SER C 102 -68.94 57.36 10.19
CA SER C 102 -69.06 56.18 11.04
C SER C 102 -69.65 56.57 12.39
N GLY C 103 -70.44 55.67 12.95
CA GLY C 103 -71.12 55.90 14.21
C GLY C 103 -72.51 56.47 14.07
N ARG C 104 -72.93 56.85 12.88
CA ARG C 104 -74.29 57.32 12.68
C ARG C 104 -75.27 56.15 12.83
N PRO C 105 -76.44 56.38 13.42
CA PRO C 105 -77.44 55.32 13.53
C PRO C 105 -78.39 55.30 12.35
N ILE C 106 -78.96 54.13 12.11
CA ILE C 106 -79.97 53.93 11.07
C ILE C 106 -81.29 53.62 11.76
N LEU C 107 -82.34 54.35 11.38
CA LEU C 107 -83.62 54.27 12.05
C LEU C 107 -84.67 53.71 11.11
N ASP C 108 -85.62 52.97 11.68
CA ASP C 108 -86.72 52.37 10.94
C ASP C 108 -87.87 53.37 10.83
N ASN C 109 -89.04 52.88 10.37
CA ASN C 109 -90.22 53.72 10.23
C ASN C 109 -90.80 54.18 11.56
N LYS C 110 -90.36 53.61 12.68
CA LYS C 110 -90.82 54.01 14.00
C LYS C 110 -89.77 54.78 14.80
N GLY C 111 -88.65 55.14 14.18
CA GLY C 111 -87.62 55.87 14.88
C GLY C 111 -86.73 55.04 15.77
N ARG C 112 -86.71 53.72 15.57
CA ARG C 112 -85.89 52.82 16.37
C ARG C 112 -84.57 52.56 15.64
N VAL C 113 -83.47 52.59 16.37
CA VAL C 113 -82.16 52.35 15.76
C VAL C 113 -82.03 50.86 15.44
N VAL C 114 -81.71 50.56 14.18
CA VAL C 114 -81.50 49.18 13.74
C VAL C 114 -80.04 48.85 13.48
N ALA C 115 -79.17 49.85 13.29
CA ALA C 115 -77.77 49.56 13.02
C ALA C 115 -76.93 50.80 13.30
N ILE C 116 -75.62 50.57 13.48
CA ILE C 116 -74.63 51.63 13.62
C ILE C 116 -73.60 51.42 12.51
N VAL C 117 -73.34 52.47 11.74
CA VAL C 117 -72.48 52.38 10.56
C VAL C 117 -71.02 52.52 10.98
N LEU C 118 -70.19 51.57 10.54
CA LEU C 118 -68.75 51.60 10.77
C LEU C 118 -67.96 51.98 9.53
N GLY C 119 -68.43 51.60 8.35
CA GLY C 119 -67.72 51.88 7.12
C GLY C 119 -68.53 51.40 5.94
N GLY C 120 -67.86 51.19 4.81
CA GLY C 120 -68.59 50.70 3.66
C GLY C 120 -67.71 50.36 2.49
N VAL C 121 -68.34 49.78 1.48
CA VAL C 121 -67.71 49.35 0.23
C VAL C 121 -68.49 49.97 -0.91
N ASN C 122 -67.79 50.59 -1.85
CA ASN C 122 -68.42 51.15 -3.04
C ASN C 122 -68.57 50.03 -4.06
N GLU C 123 -69.80 49.67 -4.37
CA GLU C 123 -70.11 48.61 -5.33
C GLU C 123 -70.83 49.23 -6.53
N GLY C 124 -70.05 49.78 -7.45
CA GLY C 124 -70.65 50.41 -8.61
C GLY C 124 -71.54 51.57 -8.23
N SER C 125 -72.79 51.52 -8.69
CA SER C 125 -73.74 52.59 -8.43
C SER C 125 -74.18 52.66 -6.97
N ARG C 126 -73.86 51.66 -6.15
CA ARG C 126 -74.26 51.64 -4.76
C ARG C 126 -73.07 51.35 -3.87
N THR C 127 -73.16 51.83 -2.61
CA THR C 127 -72.15 51.61 -1.59
C THR C 127 -72.72 50.73 -0.48
N ALA C 128 -72.07 49.60 -0.21
CA ALA C 128 -72.48 48.73 0.87
C ALA C 128 -71.84 49.22 2.17
N LEU C 129 -72.59 49.14 3.26
CA LEU C 129 -72.14 49.65 4.55
C LEU C 129 -71.76 48.54 5.52
N SER C 130 -70.66 48.74 6.23
CA SER C 130 -70.31 47.88 7.36
C SER C 130 -71.09 48.39 8.57
N VAL C 131 -71.92 47.54 9.15
CA VAL C 131 -72.78 47.96 10.26
C VAL C 131 -72.76 46.94 11.38
N VAL C 132 -73.10 47.42 12.58
CA VAL C 132 -73.26 46.59 13.76
C VAL C 132 -74.76 46.41 13.96
N THR C 133 -75.23 45.17 13.88
CA THR C 133 -76.65 44.88 13.95
C THR C 133 -76.89 43.73 14.91
N TRP C 134 -78.16 43.53 15.24
CA TRP C 134 -78.62 42.43 16.07
C TRP C 134 -79.30 41.40 15.20
N ASN C 135 -78.97 40.13 15.41
CA ASN C 135 -79.51 39.05 14.60
C ASN C 135 -80.97 38.80 14.95
N GLN C 136 -81.54 37.77 14.32
CA GLN C 136 -82.95 37.46 14.54
C GLN C 136 -83.26 37.17 16.01
N LYS C 137 -82.23 36.85 16.81
CA LYS C 137 -82.40 36.63 18.24
C LYS C 137 -81.99 37.83 19.07
N GLY C 138 -81.66 38.95 18.43
CA GLY C 138 -81.26 40.15 19.15
C GLY C 138 -79.84 40.18 19.65
N VAL C 139 -78.96 39.31 19.14
CA VAL C 139 -77.57 39.26 19.59
C VAL C 139 -76.73 40.19 18.72
N THR C 140 -75.90 41.01 19.37
CA THR C 140 -75.08 41.97 18.64
C THR C 140 -74.08 41.25 17.75
N VAL C 141 -74.01 41.67 16.48
CA VAL C 141 -73.07 41.11 15.52
C VAL C 141 -72.52 42.24 14.68
N LYS C 142 -71.39 41.96 14.02
CA LYS C 142 -70.73 42.92 13.15
C LYS C 142 -70.77 42.41 11.71
N ASP C 143 -71.35 43.21 10.81
CA ASP C 143 -71.44 42.87 9.40
C ASP C 143 -70.40 43.70 8.65
N THR C 144 -69.49 43.02 7.96
CA THR C 144 -68.39 43.69 7.25
C THR C 144 -68.24 43.16 5.83
N PRO C 145 -68.72 43.90 4.83
CA PRO C 145 -68.46 43.50 3.45
C PRO C 145 -66.96 43.46 3.18
N GLU C 146 -66.55 42.50 2.35
CA GLU C 146 -65.13 42.34 2.07
C GLU C 146 -64.55 43.62 1.49
N GLY C 147 -63.44 44.06 2.05
CA GLY C 147 -62.77 45.28 1.60
C GLY C 147 -63.34 46.56 2.16
N SER C 148 -64.25 46.49 3.12
CA SER C 148 -64.86 47.70 3.66
C SER C 148 -63.82 48.59 4.32
N GLU C 149 -63.90 49.89 4.03
CA GLU C 149 -63.00 50.89 4.56
C GLU C 149 -63.65 51.58 5.74
N PRO C 150 -63.02 51.63 6.91
CA PRO C 150 -63.63 52.36 8.03
C PRO C 150 -63.80 53.83 7.71
N TRP C 151 -64.95 54.37 8.10
CA TRP C 151 -65.26 55.77 7.86
C TRP C 151 -65.02 56.61 9.11
N TYR D 1 27.55 42.80 28.03
CA TYR D 1 26.42 43.37 27.31
C TYR D 1 25.60 42.26 26.66
N GLU D 2 24.30 42.23 26.97
CA GLU D 2 23.41 41.20 26.42
C GLU D 2 22.89 41.64 25.05
N HIS D 3 23.11 40.80 24.05
CA HIS D 3 22.56 41.00 22.71
C HIS D 3 21.50 39.95 22.47
N THR D 4 20.28 40.38 22.18
CA THR D 4 19.17 39.48 21.92
C THR D 4 18.70 39.64 20.48
N ALA D 5 18.38 38.51 19.85
CA ALA D 5 17.94 38.50 18.46
C ALA D 5 17.29 37.15 18.18
N VAL D 6 16.81 36.98 16.95
CA VAL D 6 16.21 35.73 16.50
C VAL D 6 16.97 35.28 15.26
N MET D 7 17.45 34.05 15.28
CA MET D 7 18.15 33.47 14.15
C MET D 7 17.37 32.30 13.57
N PRO D 8 17.43 32.09 12.26
CA PRO D 8 16.71 30.96 11.67
C PRO D 8 17.32 29.63 12.08
N ASN D 9 16.46 28.60 12.14
CA ASN D 9 16.89 27.25 12.49
C ASN D 9 17.52 26.59 11.26
N LYS D 10 18.71 27.07 10.91
CA LYS D 10 19.47 26.56 9.78
C LYS D 10 20.84 26.11 10.25
N VAL D 11 21.32 25.01 9.68
CA VAL D 11 22.61 24.43 10.04
C VAL D 11 23.58 24.70 8.90
N GLY D 12 24.76 25.22 9.23
CA GLY D 12 25.76 25.56 8.24
C GLY D 12 25.66 26.98 7.71
N ILE D 13 24.57 27.69 7.99
CA ILE D 13 24.40 29.07 7.58
C ILE D 13 24.65 29.94 8.81
N PRO D 14 25.73 30.71 8.86
CA PRO D 14 26.01 31.51 10.07
C PRO D 14 25.10 32.71 10.20
N TYR D 15 24.77 33.03 11.44
CA TYR D 15 24.02 34.24 11.78
C TYR D 15 25.02 35.33 12.14
N LYS D 16 24.90 36.48 11.49
CA LYS D 16 25.81 37.60 11.71
C LYS D 16 25.04 38.81 12.20
N ALA D 17 25.63 39.53 13.14
CA ALA D 17 25.01 40.73 13.70
C ALA D 17 26.10 41.59 14.31
N LEU D 18 25.78 42.87 14.49
CA LEU D 18 26.66 43.82 15.16
C LEU D 18 26.10 44.09 16.55
N VAL D 19 26.91 43.84 17.58
CA VAL D 19 26.54 44.16 18.95
C VAL D 19 26.89 45.61 19.18
N GLU D 20 25.87 46.46 19.29
CA GLU D 20 26.05 47.91 19.44
C GLU D 20 25.80 48.28 20.89
N ARG D 21 26.87 48.49 21.64
CA ARG D 21 26.79 48.91 23.03
C ARG D 21 26.97 50.42 23.08
N PRO D 22 26.00 51.18 23.60
CA PRO D 22 26.14 52.63 23.63
C PRO D 22 27.47 53.08 24.22
N GLY D 23 28.17 53.94 23.49
CA GLY D 23 29.46 54.46 23.91
C GLY D 23 30.65 53.67 23.42
N TYR D 24 30.43 52.49 22.85
CA TYR D 24 31.51 51.63 22.38
C TYR D 24 31.32 51.30 20.91
N ALA D 25 32.43 51.05 20.22
CA ALA D 25 32.37 50.71 18.82
C ALA D 25 31.67 49.36 18.64
N PRO D 26 30.95 49.18 17.53
CA PRO D 26 30.24 47.91 17.35
C PRO D 26 31.19 46.72 17.35
N VAL D 27 30.73 45.63 17.97
CA VAL D 27 31.48 44.38 18.03
C VAL D 27 30.74 43.40 17.14
N HIS D 28 31.43 42.88 16.11
CA HIS D 28 30.80 41.92 15.22
C HIS D 28 30.62 40.59 15.93
N LEU D 29 29.43 40.02 15.81
CA LEU D 29 29.09 38.75 16.42
C LEU D 29 28.61 37.80 15.33
N GLN D 30 29.10 36.56 15.35
CA GLN D 30 28.72 35.56 14.37
C GLN D 30 28.41 34.26 15.11
N ILE D 31 27.18 33.78 14.96
CA ILE D 31 26.71 32.56 15.63
C ILE D 31 26.31 31.57 14.54
N GLN D 32 26.91 30.40 14.56
CA GLN D 32 26.60 29.34 13.60
C GLN D 32 26.29 28.07 14.34
N LEU D 33 25.19 27.41 13.95
CA LEU D 33 24.84 26.12 14.51
C LEU D 33 25.60 25.01 13.79
N VAL D 34 26.28 24.16 14.55
CA VAL D 34 26.97 23.03 13.95
C VAL D 34 26.00 21.89 13.72
N ASN D 35 25.10 21.64 14.67
CA ASN D 35 24.05 20.66 14.50
C ASN D 35 22.93 20.97 15.48
N THR D 36 21.73 20.50 15.15
CA THR D 36 20.55 20.63 15.99
C THR D 36 19.98 19.23 16.15
N ARG D 37 19.75 18.82 17.40
CA ARG D 37 19.29 17.47 17.69
C ARG D 37 18.02 17.50 18.52
N ILE D 38 16.95 16.92 17.99
CA ILE D 38 15.71 16.74 18.72
C ILE D 38 15.79 15.35 19.35
N ILE D 39 15.92 15.30 20.67
CA ILE D 39 16.12 14.02 21.37
C ILE D 39 14.87 13.68 22.17
N PRO D 40 13.93 12.92 21.61
CA PRO D 40 12.71 12.57 22.34
C PRO D 40 12.99 11.54 23.43
N SER D 41 12.05 11.48 24.38
CA SER D 41 12.11 10.49 25.45
C SER D 41 11.41 9.23 24.98
N THR D 42 12.07 8.08 25.12
CA THR D 42 11.54 6.82 24.64
C THR D 42 11.50 5.78 25.74
N ASN D 43 10.46 4.95 25.72
CA ASN D 43 10.28 3.83 26.64
C ASN D 43 10.17 2.56 25.81
N LEU D 44 11.09 1.63 26.04
CA LEU D 44 11.06 0.36 25.31
C LEU D 44 9.82 -0.43 25.71
N GLU D 45 8.98 -0.73 24.72
CA GLU D 45 7.76 -1.50 25.00
C GLU D 45 8.04 -3.00 25.00
N TYR D 46 8.69 -3.49 23.94
CA TYR D 46 9.04 -4.90 23.83
C TYR D 46 10.06 -5.04 22.69
N ILE D 47 10.68 -6.22 22.62
CA ILE D 47 11.63 -6.57 21.57
C ILE D 47 11.07 -7.72 20.75
N THR D 48 11.12 -7.57 19.42
CA THR D 48 10.64 -8.56 18.48
C THR D 48 11.81 -9.13 17.70
N CYS D 49 11.78 -10.44 17.47
CA CYS D 49 12.84 -11.09 16.69
C CYS D 49 12.31 -12.40 16.13
N LYS D 50 13.14 -13.04 15.30
CA LYS D 50 12.80 -14.35 14.74
C LYS D 50 12.75 -15.40 15.85
N TYR D 51 11.67 -16.17 15.87
CA TYR D 51 11.50 -17.25 16.83
C TYR D 51 12.24 -18.53 16.43
N LYS D 52 12.49 -19.36 17.45
CA LYS D 52 13.05 -20.69 17.30
C LYS D 52 12.06 -21.69 17.90
N THR D 53 11.78 -22.77 17.17
CA THR D 53 10.89 -23.84 17.63
C THR D 53 11.70 -24.97 18.25
N LYS D 54 11.58 -25.12 19.57
CA LYS D 54 12.26 -26.16 20.33
C LYS D 54 11.35 -27.38 20.43
N VAL D 55 11.88 -28.53 20.03
CA VAL D 55 11.11 -29.78 20.01
C VAL D 55 11.82 -30.88 20.79
N PRO D 56 11.50 -31.08 22.07
CA PRO D 56 12.13 -32.17 22.84
C PRO D 56 11.84 -33.55 22.27
N SER D 57 12.68 -34.50 22.66
CA SER D 57 12.54 -35.89 22.25
C SER D 57 11.13 -36.43 22.55
N PRO D 58 10.45 -37.01 21.56
CA PRO D 58 9.11 -37.56 21.81
C PRO D 58 9.13 -38.78 22.73
N VAL D 59 8.09 -38.90 23.54
CA VAL D 59 7.93 -40.03 24.45
C VAL D 59 7.18 -41.12 23.68
N VAL D 60 7.86 -42.22 23.37
CA VAL D 60 7.25 -43.34 22.66
C VAL D 60 6.87 -44.41 23.68
N LYS D 61 5.57 -44.53 23.96
CA LYS D 61 5.04 -45.52 24.89
C LYS D 61 4.62 -46.77 24.13
N CYS D 62 5.36 -47.85 24.30
CA CYS D 62 5.06 -49.13 23.65
C CYS D 62 4.12 -49.97 24.51
N CYS D 63 3.11 -50.54 23.87
CA CYS D 63 2.11 -51.36 24.55
C CYS D 63 1.45 -50.61 25.71
N GLY D 64 0.99 -49.40 25.43
CA GLY D 64 0.41 -48.57 26.47
C GLY D 64 0.04 -47.21 25.92
N ALA D 65 -0.23 -46.28 26.84
CA ALA D 65 -0.62 -44.93 26.45
C ALA D 65 -0.11 -43.93 27.49
N THR D 66 0.07 -42.69 27.04
CA THR D 66 0.51 -41.58 27.88
C THR D 66 -0.48 -40.43 27.71
N GLN D 67 -0.37 -39.43 28.58
CA GLN D 67 -1.23 -38.26 28.54
C GLN D 67 -0.41 -36.97 28.57
N CYS D 68 -0.82 -36.02 27.75
CA CYS D 68 -0.22 -34.69 27.73
C CYS D 68 -0.65 -33.84 28.92
N THR D 69 0.27 -33.02 29.41
CA THR D 69 0.02 -32.07 30.49
C THR D 69 0.46 -30.69 30.04
N SER D 70 -0.23 -29.67 30.55
CA SER D 70 0.15 -28.29 30.30
C SER D 70 1.47 -27.93 30.96
N LYS D 71 2.21 -27.04 30.31
CA LYS D 71 3.48 -26.53 30.82
C LYS D 71 3.57 -25.05 30.51
N PRO D 72 4.28 -24.29 31.35
CA PRO D 72 4.44 -22.83 31.13
C PRO D 72 5.45 -22.46 30.05
N HIS D 73 5.22 -22.94 28.83
CA HIS D 73 6.10 -22.65 27.71
C HIS D 73 5.36 -21.86 26.64
N PRO D 74 6.03 -20.91 25.99
CA PRO D 74 5.37 -20.13 24.93
C PRO D 74 4.85 -21.01 23.80
N ASP D 75 3.56 -20.83 23.48
CA ASP D 75 2.91 -21.56 22.39
C ASP D 75 3.11 -23.06 22.52
N TYR D 76 3.14 -23.56 23.75
CA TYR D 76 3.38 -24.97 24.00
C TYR D 76 2.31 -25.83 23.34
N GLN D 77 2.75 -26.89 22.64
CA GLN D 77 1.88 -27.86 22.02
C GLN D 77 2.25 -29.26 22.49
N CYS D 78 1.23 -30.06 22.79
CA CYS D 78 1.43 -31.45 23.18
C CYS D 78 0.27 -32.28 22.67
N GLN D 79 0.59 -33.38 22.00
CA GLN D 79 -0.43 -34.26 21.45
C GLN D 79 0.10 -35.69 21.47
N VAL D 80 -0.77 -36.61 21.84
CA VAL D 80 -0.47 -38.04 21.88
C VAL D 80 -1.04 -38.70 20.63
N PHE D 81 -0.15 -39.30 19.83
CA PHE D 81 -0.51 -40.00 18.61
C PHE D 81 -0.48 -41.50 18.89
N SER D 82 -1.65 -42.11 18.93
CA SER D 82 -1.84 -43.53 19.17
C SER D 82 -1.76 -44.32 17.87
N GLY D 83 -1.43 -45.60 18.01
CA GLY D 83 -1.36 -46.49 16.86
C GLY D 83 -0.10 -46.35 16.03
N VAL D 84 0.98 -45.90 16.64
CA VAL D 84 2.27 -45.77 15.97
C VAL D 84 3.05 -47.07 16.13
N TYR D 85 3.89 -47.38 15.15
CA TYR D 85 4.75 -48.56 15.18
C TYR D 85 6.12 -48.13 14.64
N PRO D 86 6.84 -47.31 15.40
CA PRO D 86 8.10 -46.77 14.92
C PRO D 86 9.19 -47.83 14.76
N PHE D 87 10.11 -47.54 13.84
CA PHE D 87 11.28 -48.37 13.59
C PHE D 87 12.53 -47.53 13.79
N MET D 88 13.56 -48.14 14.35
CA MET D 88 14.85 -47.52 14.57
C MET D 88 15.89 -48.24 13.70
N TYR D 89 17.15 -47.85 13.86
CA TYR D 89 18.21 -48.53 13.13
C TYR D 89 18.25 -50.01 13.51
N GLY D 90 17.88 -50.33 14.74
CA GLY D 90 17.91 -51.68 15.27
C GLY D 90 16.64 -52.47 15.08
N GLY D 91 15.70 -51.98 14.29
CA GLY D 91 14.46 -52.69 14.01
C GLY D 91 13.25 -52.04 14.66
N ALA D 92 12.17 -52.80 14.72
CA ALA D 92 10.94 -52.31 15.33
C ALA D 92 11.19 -51.91 16.78
N TYR D 93 10.79 -50.68 17.13
CA TYR D 93 11.01 -50.18 18.48
C TYR D 93 10.01 -50.78 19.47
N CYS D 94 8.74 -50.84 19.11
CA CYS D 94 7.70 -51.35 19.99
C CYS D 94 7.32 -52.76 19.60
N PHE D 95 6.74 -53.49 20.57
CA PHE D 95 6.26 -54.84 20.33
C PHE D 95 4.83 -54.87 19.81
N CYS D 96 3.92 -54.17 20.48
CA CYS D 96 2.52 -54.17 20.07
C CYS D 96 2.36 -53.47 18.73
N ASP D 97 1.40 -53.98 17.94
CA ASP D 97 1.18 -53.46 16.60
C ASP D 97 0.48 -52.11 16.58
N THR D 98 -0.48 -51.89 17.47
CA THR D 98 -1.21 -50.62 17.52
C THR D 98 -1.36 -50.03 18.91
N GLU D 99 -1.14 -50.81 19.96
CA GLU D 99 -1.26 -50.32 21.32
C GLU D 99 -0.04 -49.52 21.76
N ASN D 100 0.40 -48.56 20.94
CA ASN D 100 1.54 -47.73 21.27
C ASN D 100 1.21 -46.27 20.98
N THR D 101 1.80 -45.37 21.77
CA THR D 101 1.58 -43.94 21.61
C THR D 101 2.91 -43.19 21.60
N GLN D 102 2.97 -42.17 20.74
CA GLN D 102 4.06 -41.22 20.65
C GLN D 102 3.53 -39.86 21.11
N MET D 103 4.12 -39.30 22.16
CA MET D 103 3.75 -37.97 22.63
C MET D 103 4.76 -36.94 22.11
N SER D 104 4.28 -36.06 21.24
CA SER D 104 5.05 -34.99 20.63
C SER D 104 4.90 -33.71 21.44
N GLU D 105 6.01 -33.01 21.67
CA GLU D 105 6.01 -31.73 22.37
C GLU D 105 6.83 -30.72 21.59
N ALA D 106 6.37 -29.47 21.60
CA ALA D 106 7.06 -28.38 20.92
C ALA D 106 6.70 -27.06 21.55
N TYR D 107 7.67 -26.14 21.58
CA TYR D 107 7.44 -24.81 22.11
C TYR D 107 8.37 -23.83 21.39
N VAL D 108 8.01 -22.55 21.47
CA VAL D 108 8.73 -21.45 20.82
C VAL D 108 9.72 -20.78 21.76
N GLU D 109 10.92 -20.52 21.25
CA GLU D 109 11.99 -19.83 21.97
C GLU D 109 12.55 -18.71 21.10
N ARG D 110 13.23 -17.76 21.74
CA ARG D 110 14.03 -16.79 21.01
C ARG D 110 15.26 -17.44 20.38
N SER D 111 15.46 -17.20 19.09
CA SER D 111 16.63 -17.72 18.39
C SER D 111 17.90 -17.01 18.87
N GLU D 112 19.04 -17.66 18.61
CA GLU D 112 20.34 -17.07 18.92
C GLU D 112 20.53 -15.70 18.27
N GLU D 113 20.03 -15.51 17.06
CA GLU D 113 20.13 -14.20 16.41
C GLU D 113 19.40 -13.11 17.18
N CYS D 114 18.42 -13.45 18.00
CA CYS D 114 17.66 -12.42 18.69
C CYS D 114 18.52 -11.52 19.57
N SER D 115 19.71 -11.97 19.95
CA SER D 115 20.61 -11.10 20.71
C SER D 115 21.13 -9.94 19.87
N ILE D 116 21.25 -10.12 18.56
CA ILE D 116 21.79 -9.12 17.64
C ILE D 116 20.78 -8.66 16.60
N ASP D 117 19.99 -9.58 16.06
CA ASP D 117 19.05 -9.30 14.97
C ASP D 117 17.62 -9.26 15.52
N HIS D 118 17.25 -8.09 16.06
CA HIS D 118 15.93 -7.90 16.64
C HIS D 118 15.56 -6.44 16.50
N ALA D 119 14.24 -6.18 16.53
CA ALA D 119 13.68 -4.84 16.44
C ALA D 119 13.13 -4.40 17.79
N LYS D 120 13.42 -3.17 18.18
CA LYS D 120 12.97 -2.60 19.44
C LYS D 120 11.78 -1.69 19.20
N ALA D 121 10.67 -1.97 19.86
CA ALA D 121 9.46 -1.16 19.77
C ALA D 121 9.45 -0.15 20.91
N TYR D 122 9.42 1.13 20.58
CA TYR D 122 9.50 2.20 21.56
C TYR D 122 8.28 3.11 21.53
N LYS D 123 7.92 3.59 22.72
CA LYS D 123 6.93 4.66 22.89
C LYS D 123 7.72 5.95 22.93
N VAL D 124 7.33 6.93 22.13
CA VAL D 124 8.07 8.19 22.01
C VAL D 124 7.25 9.33 22.56
N HIS D 125 7.85 10.09 23.47
CA HIS D 125 7.24 11.24 24.12
C HIS D 125 8.15 12.44 23.93
N THR D 126 7.59 13.63 24.07
CA THR D 126 8.39 14.85 23.94
C THR D 126 9.56 14.79 24.91
N GLY D 127 10.77 15.06 24.40
CA GLY D 127 11.95 15.02 25.22
C GLY D 127 12.65 16.35 25.35
N THR D 128 13.87 16.44 24.82
CA THR D 128 14.66 17.66 24.87
C THR D 128 15.23 17.97 23.50
N VAL D 129 15.69 19.20 23.33
CA VAL D 129 16.32 19.66 22.11
C VAL D 129 17.69 20.23 22.47
N GLN D 130 18.73 19.75 21.80
CA GLN D 130 20.08 20.21 22.04
C GLN D 130 20.70 20.64 20.73
N ALA D 131 21.75 21.47 20.82
CA ALA D 131 22.45 21.92 19.63
C ALA D 131 23.90 22.19 19.96
N MET D 132 24.74 22.13 18.94
CA MET D 132 26.15 22.48 19.02
C MET D 132 26.28 23.83 18.34
N VAL D 133 26.72 24.84 19.08
CA VAL D 133 26.76 26.21 18.60
C VAL D 133 28.21 26.67 18.48
N ASN D 134 28.53 27.24 17.32
CA ASN D 134 29.86 27.76 17.01
C ASN D 134 29.74 29.28 17.04
N ILE D 135 30.51 29.94 17.90
CA ILE D 135 30.41 31.39 18.06
C ILE D 135 31.79 32.03 18.00
N THR D 136 31.86 33.16 17.31
CA THR D 136 33.03 34.01 17.26
C THR D 136 32.56 35.45 17.37
N TYR D 137 33.33 36.29 18.05
CA TYR D 137 32.97 37.70 18.20
C TYR D 137 34.24 38.52 18.33
N GLY D 138 34.20 39.72 17.78
CA GLY D 138 35.35 40.61 17.83
C GLY D 138 36.61 39.95 17.31
N SER D 139 37.65 39.92 18.13
CA SER D 139 38.91 39.29 17.81
C SER D 139 39.05 37.90 18.42
N VAL D 140 37.98 37.37 19.01
CA VAL D 140 37.99 36.06 19.64
C VAL D 140 37.71 35.00 18.58
N SER D 141 38.58 34.00 18.51
CA SER D 141 38.44 32.93 17.53
C SER D 141 37.19 32.10 17.83
N TRP D 142 36.84 31.24 16.86
CA TRP D 142 35.65 30.41 16.99
C TRP D 142 35.74 29.47 18.19
N ARG D 143 34.69 29.48 19.00
CA ARG D 143 34.54 28.61 20.14
C ARG D 143 33.16 27.95 20.06
N SER D 144 33.07 26.72 20.56
CA SER D 144 31.80 26.00 20.48
C SER D 144 31.60 25.16 21.73
N ALA D 145 30.32 24.87 22.00
CA ALA D 145 29.93 24.03 23.12
C ALA D 145 28.53 23.50 22.85
N ASP D 146 28.20 22.40 23.52
CA ASP D 146 26.86 21.86 23.47
C ASP D 146 25.93 22.68 24.36
N VAL D 147 24.77 23.04 23.83
CA VAL D 147 23.80 23.85 24.56
C VAL D 147 22.43 23.19 24.46
N TYR D 148 21.55 23.56 25.39
CA TYR D 148 20.18 23.08 25.43
C TYR D 148 19.28 24.15 24.83
N VAL D 149 18.51 23.78 23.82
CA VAL D 149 17.62 24.73 23.14
C VAL D 149 16.30 24.72 23.92
N ASN D 150 16.32 25.44 25.05
CA ASN D 150 15.15 25.54 25.92
C ASN D 150 14.89 26.96 26.40
N GLY D 151 15.78 27.91 26.14
CA GLY D 151 15.62 29.28 26.54
C GLY D 151 15.89 29.56 28.00
N GLU D 152 16.30 28.56 28.77
CA GLU D 152 16.56 28.71 30.19
C GLU D 152 18.01 28.42 30.54
N THR D 153 18.52 27.25 30.18
CA THR D 153 19.86 26.84 30.57
C THR D 153 20.91 27.68 29.86
N PRO D 154 21.73 28.46 30.57
CA PRO D 154 22.78 29.23 29.90
C PRO D 154 24.01 28.38 29.65
N ALA D 155 24.77 28.76 28.63
CA ALA D 155 26.00 28.06 28.28
C ALA D 155 27.14 29.07 28.18
N LYS D 156 28.30 28.66 28.68
CA LYS D 156 29.51 29.47 28.67
C LYS D 156 30.35 29.07 27.46
N ILE D 157 30.44 29.95 26.47
CA ILE D 157 31.19 29.69 25.24
C ILE D 157 32.20 30.82 25.10
N GLY D 158 33.46 30.51 25.39
CA GLY D 158 34.54 31.48 25.24
C GLY D 158 34.36 32.74 26.04
N ASP D 159 34.04 32.59 27.33
CA ASP D 159 33.76 33.68 28.26
C ASP D 159 32.43 34.36 27.99
N ALA D 160 31.71 33.97 26.95
CA ALA D 160 30.41 34.53 26.63
C ALA D 160 29.31 33.57 27.09
N LYS D 161 28.27 34.13 27.69
CA LYS D 161 27.16 33.34 28.21
C LYS D 161 26.04 33.36 27.18
N LEU D 162 25.72 32.19 26.63
CA LEU D 162 24.75 32.05 25.57
C LEU D 162 23.50 31.34 26.08
N ILE D 163 22.34 31.93 25.81
CA ILE D 163 21.04 31.34 26.11
C ILE D 163 20.30 31.20 24.79
N ILE D 164 20.02 29.96 24.38
CA ILE D 164 19.34 29.69 23.12
C ILE D 164 17.87 29.42 23.40
N GLY D 165 17.00 30.25 22.84
CA GLY D 165 15.58 30.11 23.04
C GLY D 165 15.02 28.84 22.45
N PRO D 166 13.82 28.46 22.88
CA PRO D 166 13.19 27.24 22.33
C PRO D 166 12.83 27.43 20.88
N LEU D 167 12.81 26.31 20.14
CA LEU D 167 12.44 26.38 18.74
C LEU D 167 11.01 26.91 18.61
N SER D 168 10.80 27.78 17.63
CA SER D 168 9.46 28.33 17.43
C SER D 168 8.46 27.27 17.00
N SER D 169 8.93 26.15 16.45
CA SER D 169 8.08 25.04 16.04
C SER D 169 8.36 23.81 16.89
N ALA D 170 7.29 23.24 17.45
CA ALA D 170 7.40 22.04 18.28
C ALA D 170 7.37 20.76 17.45
N TRP D 171 7.46 20.88 16.12
CA TRP D 171 7.42 19.73 15.24
C TRP D 171 8.52 18.73 15.56
N SER D 172 8.18 17.45 15.46
CA SER D 172 9.11 16.34 15.67
C SER D 172 8.76 15.25 14.66
N PRO D 173 9.77 14.62 14.04
CA PRO D 173 9.47 13.59 13.03
C PRO D 173 8.97 12.27 13.57
N PHE D 174 9.10 12.01 14.87
CA PHE D 174 8.70 10.74 15.44
C PHE D 174 7.24 10.78 15.90
N ASP D 175 6.51 9.71 15.57
CA ASP D 175 5.15 9.55 16.06
C ASP D 175 5.20 8.97 17.48
N ASN D 176 4.02 8.76 18.07
CA ASN D 176 3.98 8.23 19.43
C ASN D 176 4.54 6.81 19.52
N LYS D 177 4.65 6.11 18.40
CA LYS D 177 5.18 4.76 18.36
C LYS D 177 6.19 4.64 17.22
N VAL D 178 7.38 4.12 17.52
CA VAL D 178 8.39 3.90 16.50
C VAL D 178 9.03 2.53 16.73
N VAL D 179 9.56 1.97 15.65
CA VAL D 179 10.28 0.71 15.67
C VAL D 179 11.70 0.98 15.21
N VAL D 180 12.68 0.58 16.01
CA VAL D 180 14.09 0.79 15.69
C VAL D 180 14.70 -0.57 15.35
N TYR D 181 15.19 -0.70 14.13
CA TYR D 181 15.83 -1.92 13.66
C TYR D 181 17.16 -1.55 13.04
N GLY D 182 18.25 -2.09 13.58
CA GLY D 182 19.56 -1.72 13.08
C GLY D 182 19.79 -0.24 13.28
N HIS D 183 20.15 0.45 12.20
CA HIS D 183 20.33 1.90 12.21
C HIS D 183 19.10 2.65 11.73
N GLU D 184 18.04 1.95 11.35
CA GLU D 184 16.84 2.54 10.77
C GLU D 184 15.71 2.66 11.78
N VAL D 185 14.94 3.74 11.67
CA VAL D 185 13.78 4.00 12.51
C VAL D 185 12.54 4.00 11.62
N TYR D 186 11.49 3.31 12.06
CA TYR D 186 10.24 3.23 11.33
C TYR D 186 9.10 3.74 12.19
N ASN D 187 8.26 4.61 11.62
CA ASN D 187 7.05 5.02 12.30
C ASN D 187 6.05 3.90 12.07
N TYR D 188 5.83 3.08 13.09
CA TYR D 188 5.02 1.87 12.96
C TYR D 188 4.17 1.70 14.21
N ASP D 189 2.85 1.69 14.03
CA ASP D 189 1.91 1.49 15.15
C ASP D 189 1.90 0.00 15.45
N PHE D 190 2.97 -0.44 16.11
CA PHE D 190 3.11 -1.85 16.44
C PHE D 190 2.02 -2.30 17.39
N PRO D 191 1.62 -3.58 17.32
CA PRO D 191 0.60 -4.09 18.24
C PRO D 191 1.05 -4.05 19.70
N GLU D 192 0.08 -3.84 20.58
CA GLU D 192 0.34 -3.88 22.01
C GLU D 192 0.90 -5.24 22.41
N TYR D 193 1.70 -5.27 23.47
CA TYR D 193 2.24 -6.52 23.95
C TYR D 193 1.12 -7.50 24.28
N GLY D 194 1.31 -8.75 23.87
CA GLY D 194 0.32 -9.80 23.99
C GLY D 194 -0.77 -9.77 22.95
N THR D 195 -0.69 -8.88 21.96
CA THR D 195 -1.70 -8.76 20.92
C THR D 195 -1.15 -9.06 19.53
N GLY D 196 0.14 -9.32 19.40
CA GLY D 196 0.70 -9.61 18.09
C GLY D 196 0.11 -10.87 17.48
N LYS D 197 -0.19 -10.80 16.19
CA LYS D 197 -0.83 -11.86 15.45
C LYS D 197 0.21 -12.77 14.80
N ALA D 198 -0.19 -14.02 14.59
CA ALA D 198 0.69 -15.00 13.95
C ALA D 198 1.07 -14.54 12.55
N GLY D 199 2.35 -14.68 12.22
CA GLY D 199 2.87 -14.27 10.94
C GLY D 199 2.96 -12.78 10.75
N SER D 200 2.71 -12.00 11.79
CA SER D 200 2.79 -10.55 11.75
C SER D 200 3.98 -10.08 12.59
N PHE D 201 4.29 -8.79 12.45
CA PHE D 201 5.41 -8.18 13.17
C PHE D 201 5.50 -8.61 14.63
N GLY D 202 4.42 -8.49 15.38
CA GLY D 202 4.43 -8.87 16.78
C GLY D 202 4.18 -10.32 17.13
N ASP D 203 4.31 -11.24 16.17
CA ASP D 203 4.10 -12.65 16.48
C ASP D 203 4.93 -13.09 17.69
N LEU D 204 6.16 -12.58 17.79
CA LEU D 204 7.04 -12.85 18.93
C LEU D 204 7.33 -11.53 19.64
N GLN D 205 6.96 -11.44 20.92
CA GLN D 205 7.15 -10.23 21.71
C GLN D 205 7.78 -10.57 23.05
N SER D 206 8.81 -9.83 23.42
CA SER D 206 9.54 -10.01 24.67
C SER D 206 9.80 -8.63 25.25
N ARG D 207 9.56 -8.46 26.54
CA ARG D 207 9.75 -7.14 27.15
C ARG D 207 11.20 -6.69 27.04
N THR D 208 12.16 -7.63 27.11
CA THR D 208 13.55 -7.31 26.90
C THR D 208 14.23 -8.53 26.29
N SER D 209 15.40 -8.30 25.68
CA SER D 209 16.12 -9.37 25.01
C SER D 209 16.62 -10.45 25.96
N THR D 210 16.61 -10.21 27.27
CA THR D 210 17.06 -11.19 28.25
C THR D 210 15.95 -11.62 29.21
N SER D 211 14.69 -11.33 28.90
CA SER D 211 13.61 -11.70 29.78
C SER D 211 13.37 -13.22 29.75
N ASN D 212 12.70 -13.70 30.79
CA ASN D 212 12.36 -15.11 30.96
C ASN D 212 10.86 -15.34 30.80
N ASP D 213 10.16 -14.41 30.16
CA ASP D 213 8.73 -14.52 29.90
C ASP D 213 8.53 -14.05 28.46
N LEU D 214 8.30 -15.00 27.56
CA LEU D 214 8.23 -14.74 26.12
C LEU D 214 6.80 -14.96 25.61
N TYR D 215 6.29 -13.99 24.88
CA TYR D 215 5.00 -14.10 24.21
C TYR D 215 5.23 -14.60 22.79
N ALA D 216 4.55 -15.69 22.43
CA ALA D 216 4.65 -16.29 21.11
C ALA D 216 3.26 -16.65 20.63
N ASN D 217 2.91 -16.19 19.43
CA ASN D 217 1.60 -16.44 18.83
C ASN D 217 1.79 -16.89 17.39
N THR D 218 2.01 -18.19 17.23
CA THR D 218 2.20 -18.84 15.94
C THR D 218 1.26 -20.04 15.91
N ASN D 219 0.76 -20.40 14.72
CA ASN D 219 -0.12 -21.56 14.62
C ASN D 219 0.71 -22.85 14.62
N LEU D 220 1.52 -22.98 15.67
CA LEU D 220 2.31 -24.17 15.91
C LEU D 220 1.39 -25.38 16.13
N LYS D 221 1.34 -26.31 15.19
CA LYS D 221 0.48 -27.47 15.33
C LYS D 221 1.27 -28.73 15.02
N LEU D 222 1.24 -29.66 15.98
CA LEU D 222 1.87 -30.97 15.83
C LEU D 222 1.14 -31.85 14.83
N GLN D 223 1.88 -32.40 13.88
CA GLN D 223 1.33 -33.33 12.90
C GLN D 223 1.68 -34.75 13.32
N ARG D 224 0.86 -35.70 12.86
CA ARG D 224 1.15 -37.11 13.12
C ARG D 224 2.47 -37.54 12.51
N PRO D 225 3.36 -38.20 13.28
CA PRO D 225 4.58 -38.74 12.68
C PRO D 225 4.29 -39.73 11.56
N GLN D 226 5.16 -39.73 10.55
CA GLN D 226 5.00 -40.64 9.43
C GLN D 226 5.10 -42.08 9.91
N ALA D 227 4.42 -42.97 9.19
CA ALA D 227 4.36 -44.37 9.58
C ALA D 227 5.75 -44.99 9.74
N GLY D 228 6.03 -45.50 10.94
CA GLY D 228 7.28 -46.16 11.25
C GLY D 228 8.48 -45.27 11.51
N ILE D 229 8.31 -43.95 11.62
CA ILE D 229 9.43 -43.04 11.78
C ILE D 229 9.29 -42.32 13.13
N VAL D 230 10.38 -42.29 13.89
CA VAL D 230 10.41 -41.55 15.15
C VAL D 230 10.86 -40.14 14.83
N HIS D 231 9.90 -39.21 14.78
CA HIS D 231 10.19 -37.81 14.54
C HIS D 231 8.99 -37.01 15.03
N THR D 232 9.18 -35.70 15.18
CA THR D 232 8.14 -34.80 15.67
C THR D 232 7.83 -33.75 14.61
N PRO D 233 7.01 -34.09 13.62
CA PRO D 233 6.66 -33.11 12.59
C PRO D 233 5.71 -32.07 13.13
N PHE D 234 5.81 -30.86 12.58
CA PHE D 234 4.95 -29.75 12.99
C PHE D 234 4.84 -28.75 11.85
N THR D 235 3.75 -27.99 11.87
CA THR D 235 3.53 -26.90 10.94
C THR D 235 3.40 -25.61 11.74
N GLN D 236 3.86 -24.52 11.17
CA GLN D 236 3.86 -23.24 11.87
C GLN D 236 3.86 -22.11 10.85
N VAL D 237 3.25 -20.99 11.23
CA VAL D 237 3.20 -19.83 10.34
C VAL D 237 4.60 -19.22 10.24
N PRO D 238 5.12 -18.99 9.03
CA PRO D 238 6.47 -18.42 8.90
C PRO D 238 6.63 -17.13 9.69
N SER D 239 7.85 -16.94 10.21
CA SER D 239 8.18 -15.82 11.09
C SER D 239 7.69 -14.50 10.50
N GLY D 240 6.87 -13.78 11.28
CA GLY D 240 6.43 -12.46 10.88
C GLY D 240 7.51 -11.39 10.96
N PHE D 241 8.57 -11.65 11.71
CA PHE D 241 9.74 -10.76 11.70
C PHE D 241 10.49 -10.86 10.37
N GLU D 242 10.79 -12.07 9.91
CA GLU D 242 11.38 -12.25 8.59
C GLU D 242 10.50 -11.64 7.50
N ARG D 243 9.19 -11.87 7.58
CA ARG D 243 8.25 -11.22 6.67
C ARG D 243 8.37 -9.70 6.75
N TRP D 244 8.30 -9.14 7.96
CA TRP D 244 8.44 -7.70 8.15
C TRP D 244 9.73 -7.17 7.54
N LYS D 245 10.86 -7.82 7.82
CA LYS D 245 12.13 -7.37 7.25
C LYS D 245 12.06 -7.28 5.73
N LYS D 246 11.24 -8.11 5.09
CA LYS D 246 11.02 -7.98 3.65
C LYS D 246 10.18 -6.75 3.31
N ASP D 247 9.09 -6.54 4.06
CA ASP D 247 8.11 -5.50 3.76
C ASP D 247 8.23 -4.27 4.66
N LYS D 248 9.42 -4.01 5.21
CA LYS D 248 9.58 -2.88 6.12
C LYS D 248 9.15 -1.57 5.45
N GLY D 249 9.46 -1.41 4.17
CA GLY D 249 9.18 -0.18 3.48
C GLY D 249 10.25 0.87 3.70
N ALA D 250 9.90 2.12 3.42
CA ALA D 250 10.86 3.21 3.57
C ALA D 250 11.04 3.58 5.04
N PRO D 251 12.27 3.69 5.52
CA PRO D 251 12.49 4.08 6.92
C PRO D 251 12.29 5.58 7.10
N LEU D 252 12.12 5.97 8.38
CA LEU D 252 12.00 7.38 8.70
C LEU D 252 13.23 8.16 8.24
N ASN D 253 14.39 7.50 8.23
CA ASN D 253 15.62 8.14 7.76
C ASN D 253 15.50 8.65 6.33
N ASP D 254 14.61 8.05 5.53
CA ASP D 254 14.46 8.43 4.12
C ASP D 254 13.19 9.22 3.83
N VAL D 255 12.31 9.43 4.82
CA VAL D 255 11.05 10.14 4.59
C VAL D 255 10.84 11.29 5.56
N ALA D 256 11.72 11.48 6.54
CA ALA D 256 11.57 12.57 7.47
C ALA D 256 11.60 13.91 6.73
N PRO D 257 10.63 14.79 6.93
CA PRO D 257 10.67 16.10 6.28
C PRO D 257 11.78 16.99 6.83
N PHE D 258 11.95 18.14 6.18
CA PHE D 258 12.91 19.17 6.57
C PHE D 258 14.35 18.69 6.55
N GLY D 259 14.64 17.56 5.91
CA GLY D 259 16.01 17.09 5.87
C GLY D 259 16.54 16.54 7.16
N CYS D 260 15.67 16.09 8.07
CA CYS D 260 16.14 15.55 9.34
C CYS D 260 17.01 14.33 9.11
N SER D 261 18.05 14.20 9.92
CA SER D 261 18.94 13.05 9.92
C SER D 261 18.70 12.29 11.22
N ILE D 262 18.34 11.02 11.10
CA ILE D 262 17.98 10.20 12.27
C ILE D 262 19.19 9.44 12.77
N ALA D 263 19.42 9.54 14.08
CA ALA D 263 20.49 8.85 14.78
C ALA D 263 19.87 8.04 15.91
N LEU D 264 20.58 7.01 16.38
CA LEU D 264 20.00 6.10 17.36
C LEU D 264 20.62 6.15 18.74
N GLU D 265 21.82 6.72 18.92
CA GLU D 265 22.50 6.71 20.21
C GLU D 265 22.80 8.12 20.69
N PRO D 266 21.82 8.81 21.32
CA PRO D 266 20.44 8.38 21.61
C PRO D 266 19.53 8.57 20.40
N LEU D 267 18.33 7.98 20.38
CA LEU D 267 17.43 8.21 19.26
C LEU D 267 17.16 9.70 19.12
N ARG D 268 17.40 10.25 17.93
CA ARG D 268 17.20 11.68 17.73
C ARG D 268 17.08 11.99 16.25
N ALA D 269 16.53 13.17 15.97
CA ALA D 269 16.40 13.72 14.63
C ALA D 269 17.30 14.95 14.55
N GLU D 270 18.32 14.89 13.71
CA GLU D 270 19.29 15.97 13.59
C GLU D 270 19.03 16.90 12.42
N ASN D 271 19.42 18.16 12.62
CA ASN D 271 19.42 19.20 11.59
C ASN D 271 18.05 19.42 10.92
N CYS D 272 16.98 19.38 11.71
CA CYS D 272 15.66 19.67 11.15
C CYS D 272 15.50 21.17 11.01
N ALA D 273 15.36 21.66 9.78
CA ALA D 273 15.26 23.09 9.50
C ALA D 273 13.81 23.57 9.69
N VAL D 274 13.37 23.60 10.96
CA VAL D 274 12.02 24.00 11.30
C VAL D 274 12.07 25.27 12.16
N GLY D 275 11.28 26.27 11.76
CA GLY D 275 11.12 27.50 12.50
C GLY D 275 12.37 28.36 12.62
N SER D 276 12.44 29.09 13.73
CA SER D 276 13.55 29.96 14.05
C SER D 276 13.91 29.75 15.52
N ILE D 277 15.07 30.28 15.92
CA ILE D 277 15.56 30.09 17.28
C ILE D 277 15.89 31.43 17.93
N PRO D 278 15.14 31.87 18.95
CA PRO D 278 15.53 33.07 19.68
C PRO D 278 16.86 32.84 20.39
N ILE D 279 17.67 33.89 20.47
CA ILE D 279 18.98 33.78 21.11
C ILE D 279 19.27 35.00 21.97
N SER D 280 20.11 34.81 22.97
CA SER D 280 20.54 35.86 23.87
C SER D 280 21.97 35.54 24.28
N ILE D 281 22.91 36.43 23.96
CA ILE D 281 24.32 36.24 24.30
C ILE D 281 24.82 37.48 25.05
N ASP D 282 25.49 37.24 26.18
CA ASP D 282 26.09 38.29 26.98
C ASP D 282 27.57 38.36 26.62
N ILE D 283 27.94 39.38 25.86
CA ILE D 283 29.32 39.56 25.40
C ILE D 283 30.15 40.17 26.52
N PRO D 284 31.38 39.70 26.76
CA PRO D 284 32.20 40.29 27.83
C PRO D 284 32.41 41.78 27.61
N ASP D 285 32.41 42.53 28.71
CA ASP D 285 32.65 43.97 28.63
C ASP D 285 34.04 44.31 28.11
N ALA D 286 34.99 43.38 28.22
CA ALA D 286 36.35 43.62 27.73
C ALA D 286 36.44 43.58 26.21
N ALA D 287 35.43 43.06 25.52
CA ALA D 287 35.43 42.99 24.06
C ALA D 287 35.08 44.30 23.39
N PHE D 288 34.65 45.32 24.14
CA PHE D 288 34.21 46.58 23.58
C PHE D 288 35.25 47.67 23.76
N THR D 289 35.43 48.47 22.71
CA THR D 289 36.35 49.61 22.70
C THR D 289 35.54 50.88 22.52
N ARG D 290 35.95 51.94 23.23
CA ARG D 290 35.19 53.19 23.17
C ARG D 290 35.21 53.78 21.76
N ILE D 291 34.16 54.54 21.46
CA ILE D 291 33.99 55.14 20.13
C ILE D 291 35.20 55.99 19.77
N SER D 292 35.65 56.83 20.70
CA SER D 292 36.77 57.73 20.42
C SER D 292 38.08 56.99 20.18
N GLU D 293 38.16 55.71 20.55
CA GLU D 293 39.37 54.93 20.36
C GLU D 293 39.39 54.14 19.06
N THR D 294 38.32 54.20 18.25
CA THR D 294 38.26 53.48 17.00
C THR D 294 38.28 54.41 15.79
N PRO D 295 38.63 53.89 14.61
CA PRO D 295 38.71 54.73 13.42
C PRO D 295 37.37 55.35 13.03
N THR D 296 37.41 56.58 12.53
CA THR D 296 36.24 57.27 12.03
C THR D 296 36.25 57.17 10.51
N VAL D 297 35.16 56.66 9.95
CA VAL D 297 35.03 56.43 8.50
C VAL D 297 33.98 57.39 7.94
N SER D 298 34.32 58.08 6.86
CA SER D 298 33.43 59.06 6.24
C SER D 298 33.62 59.04 4.74
N ASP D 299 32.77 59.80 4.04
CA ASP D 299 32.79 59.89 2.59
C ASP D 299 32.68 58.52 1.92
N LEU D 300 31.82 57.67 2.46
CA LEU D 300 31.62 56.34 1.89
C LEU D 300 30.84 56.41 0.59
N GLU D 301 31.31 55.66 -0.41
CA GLU D 301 30.63 55.52 -1.69
C GLU D 301 30.73 54.06 -2.11
N CYS D 302 29.58 53.41 -2.27
CA CYS D 302 29.53 51.99 -2.61
C CYS D 302 29.12 51.81 -4.07
N LYS D 303 29.94 51.07 -4.82
CA LYS D 303 29.69 50.77 -6.22
C LYS D 303 29.64 49.26 -6.39
N ILE D 304 28.53 48.75 -6.93
CA ILE D 304 28.43 47.33 -7.25
C ILE D 304 29.12 47.09 -8.58
N THR D 305 30.20 46.32 -8.58
CA THR D 305 30.95 46.09 -9.80
C THR D 305 30.47 44.85 -10.56
N GLU D 306 29.90 43.88 -9.84
CA GLU D 306 29.37 42.67 -10.47
C GLU D 306 28.33 42.07 -9.54
N CYS D 307 27.27 41.51 -10.10
CA CYS D 307 26.28 40.87 -9.25
C CYS D 307 25.44 39.87 -10.03
N THR D 308 25.21 38.73 -9.39
CA THR D 308 24.30 37.70 -9.89
C THR D 308 23.58 37.15 -8.67
N TYR D 309 22.27 36.92 -8.79
CA TYR D 309 21.53 36.47 -7.62
C TYR D 309 21.65 34.96 -7.45
N ALA D 310 22.88 34.46 -7.44
CA ALA D 310 23.19 33.06 -7.26
C ALA D 310 23.10 32.70 -5.77
N PHE D 311 23.09 31.40 -5.49
CA PHE D 311 23.04 30.95 -4.10
C PHE D 311 24.37 31.18 -3.39
N ASP D 312 25.48 31.24 -4.14
CA ASP D 312 26.78 31.54 -3.55
C ASP D 312 26.92 33.06 -3.42
N PHE D 313 28.11 33.51 -3.01
CA PHE D 313 28.41 34.93 -2.90
C PHE D 313 28.73 35.49 -4.29
N GLY D 314 27.67 35.57 -5.10
CA GLY D 314 27.79 36.02 -6.48
C GLY D 314 28.00 37.51 -6.65
N GLY D 315 27.72 38.31 -5.63
CA GLY D 315 27.92 39.74 -5.72
C GLY D 315 29.31 40.19 -5.30
N ILE D 316 29.78 41.25 -5.95
CA ILE D 316 31.07 41.89 -5.66
C ILE D 316 30.85 43.38 -5.68
N ALA D 317 31.31 44.07 -4.63
CA ALA D 317 31.16 45.52 -4.55
C ALA D 317 32.45 46.16 -4.08
N THR D 318 32.65 47.41 -4.49
CA THR D 318 33.82 48.19 -4.13
C THR D 318 33.35 49.45 -3.42
N VAL D 319 33.89 49.71 -2.23
CA VAL D 319 33.52 50.87 -1.43
C VAL D 319 34.73 51.79 -1.29
N ALA D 320 34.57 53.03 -1.73
CA ALA D 320 35.59 54.05 -1.54
C ALA D 320 35.34 54.73 -0.20
N TYR D 321 36.40 55.12 0.48
CA TYR D 321 36.25 55.71 1.80
C TYR D 321 37.40 56.64 2.14
N LYS D 322 37.17 57.47 3.14
CA LYS D 322 38.16 58.32 3.76
C LYS D 322 38.08 58.07 5.25
N SER D 323 39.22 58.04 5.94
CA SER D 323 39.20 57.72 7.35
C SER D 323 40.42 58.32 8.04
N SER D 324 40.65 57.87 9.27
CA SER D 324 41.76 58.29 10.11
C SER D 324 42.07 57.13 11.03
N LYS D 325 43.25 57.17 11.65
CA LYS D 325 43.69 56.10 12.55
C LYS D 325 43.46 54.74 11.87
N ALA D 326 44.18 54.55 10.77
CA ALA D 326 44.07 53.34 9.97
C ALA D 326 44.02 52.10 10.84
N GLY D 327 43.04 51.24 10.57
CA GLY D 327 42.87 50.04 11.37
C GLY D 327 41.65 49.26 10.94
N ASN D 328 41.46 48.13 11.61
CA ASN D 328 40.33 47.25 11.34
C ASN D 328 39.01 47.88 11.73
N CYS D 329 37.98 47.64 10.90
CA CYS D 329 36.63 48.15 11.10
C CYS D 329 35.62 47.11 10.63
N PRO D 330 34.66 46.72 11.47
CA PRO D 330 33.67 45.72 11.06
C PRO D 330 32.76 46.19 9.93
N ILE D 331 32.29 45.21 9.15
CA ILE D 331 31.39 45.44 8.02
C ILE D 331 30.16 44.59 8.26
N HIS D 332 28.97 45.18 8.09
CA HIS D 332 27.74 44.43 8.26
C HIS D 332 26.62 45.09 7.46
N SER D 333 25.72 44.24 6.96
CA SER D 333 24.51 44.70 6.27
C SER D 333 23.31 44.35 7.14
N PRO D 334 22.68 45.30 7.82
CA PRO D 334 21.60 44.92 8.76
C PRO D 334 20.37 44.35 8.10
N SER D 335 20.06 44.74 6.86
CA SER D 335 18.87 44.22 6.20
C SER D 335 19.16 42.86 5.56
N GLY D 336 18.08 42.14 5.27
CA GLY D 336 18.15 40.83 4.65
C GLY D 336 18.34 40.85 3.15
N VAL D 337 18.47 42.05 2.58
CA VAL D 337 18.63 42.19 1.13
C VAL D 337 19.91 41.53 0.66
N ALA D 338 21.00 41.67 1.42
CA ALA D 338 22.27 41.08 1.02
C ALA D 338 23.02 40.56 2.25
N VAL D 339 23.69 39.42 2.06
CA VAL D 339 24.50 38.79 3.09
C VAL D 339 25.95 39.03 2.73
N ILE D 340 26.71 39.64 3.63
CA ILE D 340 28.09 40.02 3.35
C ILE D 340 29.01 38.87 3.73
N LYS D 341 29.94 38.54 2.83
CA LYS D 341 30.88 37.45 3.07
C LYS D 341 31.93 37.84 4.11
N GLU D 342 32.56 38.99 3.92
CA GLU D 342 33.56 39.47 4.86
C GLU D 342 32.92 40.02 6.13
N ASN D 343 33.62 39.82 7.25
CA ASN D 343 33.16 40.30 8.55
C ASN D 343 33.81 41.61 8.94
N ASP D 344 35.01 41.90 8.44
CA ASP D 344 35.71 43.13 8.77
C ASP D 344 36.72 43.42 7.68
N VAL D 345 37.17 44.67 7.63
CA VAL D 345 38.14 45.12 6.65
C VAL D 345 39.16 46.03 7.32
N THR D 346 40.32 46.17 6.68
CA THR D 346 41.38 47.05 7.15
C THR D 346 41.27 48.35 6.35
N LEU D 347 41.12 49.46 7.07
CA LEU D 347 40.97 50.78 6.45
C LEU D 347 42.22 51.60 6.65
N ALA D 348 42.68 52.25 5.58
CA ALA D 348 43.80 53.18 5.62
C ALA D 348 43.24 54.59 5.83
N GLU D 349 44.11 55.60 5.79
CA GLU D 349 43.60 56.97 5.88
C GLU D 349 42.70 57.29 4.70
N SER D 350 42.94 56.69 3.54
CA SER D 350 42.09 56.87 2.38
C SER D 350 42.33 55.74 1.40
N GLY D 351 41.34 55.48 0.57
CA GLY D 351 41.44 54.45 -0.44
C GLY D 351 40.06 53.85 -0.73
N SER D 352 40.05 52.55 -0.99
CA SER D 352 38.81 51.82 -1.21
C SER D 352 39.02 50.37 -0.80
N PHE D 353 37.92 49.69 -0.49
CA PHE D 353 37.95 48.28 -0.14
C PHE D 353 36.81 47.57 -0.87
N THR D 354 36.95 46.26 -1.02
CA THR D 354 35.94 45.45 -1.69
C THR D 354 35.42 44.37 -0.76
N PHE D 355 34.16 43.99 -0.98
CA PHE D 355 33.51 42.94 -0.23
C PHE D 355 32.60 42.15 -1.16
N HIS D 356 32.29 40.92 -0.77
CA HIS D 356 31.42 40.06 -1.54
C HIS D 356 30.14 39.82 -0.77
N PHE D 357 29.04 39.67 -1.51
CA PHE D 357 27.74 39.47 -0.86
C PHE D 357 26.88 38.56 -1.72
N SER D 358 25.87 37.97 -1.08
CA SER D 358 24.90 37.11 -1.74
C SER D 358 23.52 37.77 -1.62
N THR D 359 22.80 37.87 -2.73
CA THR D 359 21.49 38.50 -2.73
C THR D 359 20.55 37.79 -3.68
N ALA D 360 19.28 37.73 -3.30
CA ALA D 360 18.23 37.15 -4.13
C ALA D 360 17.49 38.21 -4.95
N ASN D 361 17.74 39.49 -4.67
CA ASN D 361 17.02 40.57 -5.33
C ASN D 361 17.61 40.87 -6.70
N ILE D 362 16.74 41.10 -7.67
CA ILE D 362 17.19 41.44 -9.01
C ILE D 362 17.76 42.85 -9.05
N HIS D 363 17.25 43.74 -8.20
CA HIS D 363 17.78 45.10 -8.05
C HIS D 363 18.04 45.32 -6.56
N PRO D 364 19.12 44.75 -6.03
CA PRO D 364 19.38 44.88 -4.59
C PRO D 364 19.64 46.32 -4.18
N ALA D 365 19.09 46.68 -3.03
CA ALA D 365 19.29 47.99 -2.43
C ALA D 365 19.41 47.73 -0.94
N PHE D 366 20.63 47.81 -0.40
CA PHE D 366 20.87 47.47 0.98
C PHE D 366 21.85 48.43 1.62
N LYS D 367 21.71 48.57 2.94
CA LYS D 367 22.57 49.41 3.75
C LYS D 367 23.77 48.60 4.21
N LEU D 368 24.96 49.20 4.09
CA LEU D 368 26.19 48.58 4.56
C LEU D 368 26.72 49.42 5.70
N GLN D 369 26.93 48.80 6.86
CA GLN D 369 27.47 49.46 8.04
C GLN D 369 28.98 49.24 8.10
N VAL D 370 29.74 50.33 8.15
CA VAL D 370 31.18 50.27 8.28
C VAL D 370 31.53 50.80 9.65
N CYS D 371 31.48 49.93 10.67
CA CYS D 371 31.65 50.32 12.07
C CYS D 371 30.76 51.52 12.42
N THR D 372 31.34 52.68 12.71
CA THR D 372 30.56 53.84 13.12
C THR D 372 29.83 54.53 11.97
N SER D 373 29.92 54.04 10.74
CA SER D 373 29.30 54.69 9.59
C SER D 373 28.55 53.66 8.75
N ALA D 374 27.81 54.15 7.75
CA ALA D 374 27.05 53.27 6.89
C ALA D 374 26.88 53.91 5.51
N VAL D 375 26.70 53.06 4.50
CA VAL D 375 26.55 53.48 3.11
C VAL D 375 25.48 52.61 2.46
N THR D 376 24.82 53.17 1.44
CA THR D 376 23.78 52.46 0.70
C THR D 376 24.34 51.95 -0.63
N CYS D 377 24.22 50.64 -0.85
CA CYS D 377 24.69 49.98 -2.06
C CYS D 377 23.51 49.64 -2.96
N LYS D 378 23.61 50.01 -4.25
CA LYS D 378 22.55 49.73 -5.21
C LYS D 378 23.17 49.26 -6.52
N GLY D 379 22.44 48.40 -7.22
CA GLY D 379 22.91 47.89 -8.49
C GLY D 379 21.93 46.91 -9.08
N ASP D 380 22.32 46.34 -10.22
CA ASP D 380 21.53 45.33 -10.93
C ASP D 380 22.26 43.99 -10.87
N CYS D 381 21.51 42.90 -10.75
CA CYS D 381 22.07 41.56 -10.66
C CYS D 381 21.56 40.69 -11.80
N LYS D 382 22.47 39.93 -12.42
CA LYS D 382 22.15 39.05 -13.53
C LYS D 382 21.68 37.68 -13.03
N PRO D 383 20.92 36.95 -13.84
CA PRO D 383 20.48 35.61 -13.42
C PRO D 383 21.66 34.67 -13.29
N PRO D 384 21.58 33.70 -12.39
CA PRO D 384 22.67 32.71 -12.28
C PRO D 384 22.65 31.74 -13.44
N LYS D 385 23.85 31.28 -13.82
CA LYS D 385 23.98 30.37 -14.96
C LYS D 385 23.73 28.91 -14.59
N ASP D 386 24.04 28.50 -13.36
CA ASP D 386 23.90 27.12 -12.96
C ASP D 386 22.46 26.80 -12.58
N HIS D 387 21.90 25.75 -13.21
CA HIS D 387 20.54 25.36 -12.93
C HIS D 387 20.41 24.66 -11.58
N ILE D 388 21.40 23.84 -11.22
CA ILE D 388 21.41 23.08 -9.98
C ILE D 388 22.75 23.29 -9.28
N VAL D 389 22.70 23.47 -7.96
CA VAL D 389 23.91 23.64 -7.16
C VAL D 389 23.87 22.66 -5.99
N ASP D 390 25.05 22.36 -5.46
CA ASP D 390 25.22 21.41 -4.36
C ASP D 390 25.35 22.09 -3.00
N TYR D 391 24.93 23.35 -2.89
CA TYR D 391 25.00 24.07 -1.63
C TYR D 391 23.72 24.87 -1.43
N ALA D 392 23.36 25.08 -0.17
CA ALA D 392 22.15 25.83 0.16
C ALA D 392 22.34 27.33 -0.07
N ALA D 393 21.23 28.03 -0.28
CA ALA D 393 21.26 29.46 -0.51
C ALA D 393 21.67 30.21 0.75
N GLN D 394 22.60 31.15 0.59
CA GLN D 394 23.02 31.99 1.71
C GLN D 394 22.01 33.09 2.00
N HIS D 395 21.40 33.63 0.95
CA HIS D 395 20.43 34.72 1.07
C HIS D 395 19.03 34.19 1.37
N THR D 396 18.09 35.12 1.47
CA THR D 396 16.67 34.83 1.67
C THR D 396 15.88 35.58 0.61
N GLU D 397 14.95 34.88 -0.03
CA GLU D 397 14.12 35.47 -1.08
C GLU D 397 12.83 36.03 -0.50
N SER D 398 12.53 37.27 -0.83
CA SER D 398 11.31 37.95 -0.39
C SER D 398 10.28 37.98 -1.50
N PHE D 399 9.05 38.34 -1.12
CA PHE D 399 7.94 38.37 -2.09
C PHE D 399 8.27 39.28 -3.27
N THR D 400 8.84 40.45 -3.01
CA THR D 400 9.17 41.42 -4.05
C THR D 400 10.59 41.30 -4.58
N SER D 401 11.33 40.27 -4.16
CA SER D 401 12.72 40.16 -4.58
C SER D 401 12.85 39.97 -6.09
N ALA D 402 11.93 39.24 -6.71
CA ALA D 402 12.01 38.97 -8.14
C ALA D 402 11.44 40.08 -9.02
N ILE D 403 10.71 41.04 -8.46
CA ILE D 403 10.05 42.06 -9.27
C ILE D 403 11.11 43.05 -9.76
N SER D 404 11.26 43.14 -11.08
CA SER D 404 12.22 44.05 -11.68
C SER D 404 11.64 45.46 -11.78
N ALA D 405 12.51 46.42 -12.05
CA ALA D 405 12.06 47.80 -12.25
C ALA D 405 11.07 47.90 -13.39
N THR D 406 11.29 47.10 -14.45
CA THR D 406 10.34 47.08 -15.56
C THR D 406 8.97 46.54 -15.13
N ALA D 407 8.97 45.48 -14.33
CA ALA D 407 7.70 44.94 -13.85
C ALA D 407 6.98 45.95 -12.96
N TRP D 408 7.72 46.67 -12.12
CA TRP D 408 7.09 47.72 -11.32
C TRP D 408 6.51 48.81 -12.21
N SER D 409 7.24 49.20 -13.27
CA SER D 409 6.74 50.22 -14.18
C SER D 409 5.42 49.80 -14.82
N TRP D 410 5.32 48.56 -15.27
CA TRP D 410 4.07 48.09 -15.86
C TRP D 410 2.95 48.04 -14.82
N ILE D 411 3.28 47.68 -13.58
CA ILE D 411 2.29 47.68 -12.52
C ILE D 411 1.82 49.11 -12.24
N LYS D 412 2.74 50.06 -12.20
CA LYS D 412 2.36 51.46 -12.00
C LYS D 412 1.47 51.96 -13.13
N VAL D 413 1.84 51.65 -14.38
CA VAL D 413 1.02 52.07 -15.51
C VAL D 413 -0.35 51.41 -15.46
N LEU D 414 -0.39 50.12 -15.15
CA LEU D 414 -1.66 49.41 -15.02
C LEU D 414 -2.56 50.07 -13.98
N VAL D 415 -2.06 50.22 -12.75
CA VAL D 415 -2.88 50.76 -11.67
C VAL D 415 -3.19 52.23 -11.91
N GLY D 416 -2.20 53.01 -12.35
CA GLY D 416 -2.44 54.42 -12.59
C GLY D 416 -3.46 54.67 -13.69
N GLY D 417 -3.30 53.97 -14.81
CA GLY D 417 -4.27 54.12 -15.90
C GLY D 417 -5.64 53.60 -15.52
N THR D 418 -5.71 52.42 -14.92
CA THR D 418 -6.98 51.84 -14.50
C THR D 418 -7.71 52.77 -13.55
N SER D 419 -7.01 53.29 -12.54
CA SER D 419 -7.62 54.20 -11.58
C SER D 419 -8.09 55.49 -12.26
N ALA D 420 -7.25 56.07 -13.12
CA ALA D 420 -7.63 57.29 -13.81
C ALA D 420 -8.92 57.11 -14.63
N PHE D 421 -9.11 55.94 -15.22
CA PHE D 421 -10.33 55.71 -16.01
C PHE D 421 -11.58 55.82 -15.13
N ILE D 422 -11.56 55.19 -13.96
CA ILE D 422 -12.69 55.30 -13.05
C ILE D 422 -12.79 56.69 -12.46
N VAL D 423 -11.66 57.28 -12.07
CA VAL D 423 -11.68 58.62 -11.48
C VAL D 423 -12.25 59.63 -12.47
N LEU D 424 -11.80 59.58 -13.72
CA LEU D 424 -12.32 60.51 -14.72
C LEU D 424 -13.82 60.33 -14.93
N GLY D 425 -14.29 59.08 -14.97
CA GLY D 425 -15.72 58.83 -15.13
C GLY D 425 -16.53 59.39 -13.97
N LEU D 426 -16.01 59.26 -12.75
CA LEU D 426 -16.73 59.77 -11.59
C LEU D 426 -16.75 61.29 -11.56
N ILE D 427 -15.63 61.92 -11.94
CA ILE D 427 -15.59 63.38 -11.99
C ILE D 427 -16.58 63.91 -13.03
N ALA D 428 -16.59 63.30 -14.22
CA ALA D 428 -17.54 63.72 -15.24
C ALA D 428 -18.98 63.58 -14.75
N THR D 429 -19.29 62.50 -14.04
CA THR D 429 -20.62 62.33 -13.48
C THR D 429 -20.93 63.42 -12.47
N ALA D 430 -19.98 63.75 -11.60
CA ALA D 430 -20.21 64.81 -10.61
C ALA D 430 -20.40 66.17 -11.27
N VAL D 431 -19.61 66.47 -12.31
CA VAL D 431 -19.74 67.76 -12.98
C VAL D 431 -21.10 67.91 -13.63
N VAL D 432 -21.56 66.87 -14.35
CA VAL D 432 -22.88 66.95 -14.98
C VAL D 432 -23.98 67.04 -13.93
N ALA D 433 -23.83 66.34 -12.82
CA ALA D 433 -24.82 66.42 -11.75
C ALA D 433 -24.96 67.84 -11.22
N LEU D 434 -23.84 68.54 -11.07
CA LEU D 434 -23.90 69.93 -10.61
C LEU D 434 -24.54 70.84 -11.65
N VAL D 435 -24.20 70.64 -12.93
CA VAL D 435 -24.80 71.46 -13.98
C VAL D 435 -26.31 71.30 -14.00
N LEU D 436 -26.79 70.06 -13.86
CA LEU D 436 -28.23 69.82 -13.84
C LEU D 436 -28.87 70.51 -12.64
N PHE D 437 -28.19 70.53 -11.50
CA PHE D 437 -28.71 71.25 -10.34
C PHE D 437 -28.82 72.74 -10.62
N PHE D 438 -27.77 73.34 -11.21
CA PHE D 438 -27.83 74.75 -11.54
C PHE D 438 -28.88 75.06 -12.60
N HIS D 439 -29.17 74.10 -13.49
CA HIS D 439 -30.25 74.31 -14.45
C HIS D 439 -31.58 74.52 -13.76
N ARG D 440 -31.90 73.67 -12.78
CA ARG D 440 -33.16 73.82 -12.06
C ARG D 440 -33.17 75.09 -11.21
N HIS D 441 -32.02 75.43 -10.62
CA HIS D 441 -31.92 76.64 -9.80
C HIS D 441 -31.10 77.70 -10.52
N ASP E 1 44.02 -23.01 25.10
CA ASP E 1 44.01 -24.45 24.86
C ASP E 1 42.80 -24.85 24.04
N LEU E 2 42.86 -26.02 23.41
CA LEU E 2 41.76 -26.55 22.62
C LEU E 2 40.83 -27.43 23.44
N ASP E 3 41.38 -28.20 24.38
CA ASP E 3 40.57 -29.13 25.16
C ASP E 3 39.53 -28.39 26.01
N THR E 4 39.82 -27.16 26.42
CA THR E 4 38.88 -26.40 27.23
C THR E 4 37.56 -26.15 26.52
N HIS E 5 37.54 -26.22 25.19
CA HIS E 5 36.30 -26.04 24.44
C HIS E 5 35.52 -27.34 24.27
N PHE E 6 36.11 -28.48 24.60
CA PHE E 6 35.48 -29.78 24.47
C PHE E 6 35.23 -30.46 25.83
N THR E 7 35.38 -29.73 26.93
CA THR E 7 35.19 -30.33 28.24
C THR E 7 33.79 -30.93 28.39
N GLN E 8 32.77 -30.28 27.85
CA GLN E 8 31.42 -30.83 27.90
C GLN E 8 31.14 -31.75 26.73
N TYR E 9 31.69 -31.46 25.55
CA TYR E 9 31.46 -32.30 24.39
C TYR E 9 32.07 -33.69 24.57
N LYS E 10 33.11 -33.82 25.38
CA LYS E 10 33.67 -35.14 25.65
C LYS E 10 32.68 -36.06 26.36
N LEU E 11 31.69 -35.49 27.04
CA LEU E 11 30.69 -36.30 27.73
C LEU E 11 29.55 -36.75 26.83
N ALA E 12 29.48 -36.24 25.60
CA ALA E 12 28.45 -36.59 24.65
C ALA E 12 29.01 -37.50 23.56
N ARG E 13 28.11 -38.23 22.92
CA ARG E 13 28.44 -39.14 21.82
C ARG E 13 27.58 -38.85 20.61
N PRO E 14 28.03 -39.24 19.42
CA PRO E 14 27.19 -39.14 18.24
C PRO E 14 26.02 -40.12 18.32
N TYR E 15 25.05 -39.93 17.44
CA TYR E 15 23.89 -40.81 17.41
C TYR E 15 23.36 -40.93 15.99
N ILE E 16 22.58 -41.99 15.78
CA ILE E 16 21.93 -42.27 14.50
C ILE E 16 20.48 -41.84 14.60
N ALA E 17 20.05 -40.96 13.70
CA ALA E 17 18.69 -40.44 13.72
C ALA E 17 18.12 -40.44 12.30
N ASP E 18 16.80 -40.39 12.24
CA ASP E 18 16.07 -40.39 10.98
C ASP E 18 16.53 -39.25 10.06
N CYS E 19 16.85 -39.61 8.81
CA CYS E 19 17.23 -38.65 7.78
C CYS E 19 16.25 -38.78 6.62
N PRO E 20 15.59 -37.71 6.20
CA PRO E 20 14.60 -37.84 5.12
C PRO E 20 15.14 -38.37 3.80
N ASN E 21 16.40 -38.10 3.47
CA ASN E 21 16.98 -38.55 2.20
C ASN E 21 18.43 -39.00 2.42
N CYS E 22 18.62 -40.32 2.53
CA CYS E 22 19.96 -40.91 2.61
C CYS E 22 20.33 -41.34 1.19
N GLY E 23 20.69 -40.36 0.38
CA GLY E 23 20.83 -40.60 -1.03
C GLY E 23 19.50 -40.68 -1.78
N HIS E 24 19.01 -41.88 -2.07
CA HIS E 24 17.74 -42.04 -2.76
C HIS E 24 16.54 -42.33 -1.85
N SER E 25 16.74 -42.70 -0.58
CA SER E 25 15.57 -43.01 0.24
C SER E 25 15.83 -42.67 1.70
N ARG E 26 14.73 -42.58 2.46
CA ARG E 26 14.81 -42.29 3.88
C ARG E 26 15.51 -43.42 4.62
N CYS E 27 16.34 -43.06 5.60
CA CYS E 27 17.06 -44.05 6.39
C CYS E 27 17.47 -43.41 7.72
N ASP E 28 17.98 -44.24 8.61
CA ASP E 28 18.55 -43.78 9.87
C ASP E 28 20.01 -43.45 9.59
N SER E 29 20.31 -42.15 9.53
CA SER E 29 21.62 -41.67 9.10
C SER E 29 22.49 -41.26 10.28
N PRO E 30 23.75 -41.69 10.32
CA PRO E 30 24.67 -41.21 11.38
C PRO E 30 25.03 -39.74 11.24
N ILE E 31 24.72 -39.13 10.09
CA ILE E 31 25.02 -37.73 9.79
C ILE E 31 23.73 -36.91 9.67
N ALA E 32 22.63 -37.42 10.21
CA ALA E 32 21.33 -36.77 10.14
C ALA E 32 21.42 -35.31 10.58
N ILE E 33 20.84 -34.43 9.76
CA ILE E 33 20.85 -32.99 10.00
C ILE E 33 19.68 -32.64 10.92
N GLU E 34 20.01 -32.05 12.07
CA GLU E 34 19.03 -31.65 13.08
C GLU E 34 18.50 -30.24 12.87
N GLU E 35 19.35 -29.31 12.45
CA GLU E 35 18.94 -27.93 12.26
C GLU E 35 19.86 -27.29 11.23
N VAL E 36 19.31 -26.34 10.48
CA VAL E 36 20.09 -25.48 9.60
C VAL E 36 19.81 -24.02 9.96
N ARG E 37 20.85 -23.34 10.44
CA ARG E 37 20.80 -21.93 10.78
C ARG E 37 21.36 -21.18 9.58
N GLY E 38 20.50 -20.45 8.87
CA GLY E 38 20.92 -19.71 7.71
C GLY E 38 20.49 -18.26 7.63
N ASP E 39 20.45 -17.57 8.77
CA ASP E 39 19.99 -16.19 8.81
C ASP E 39 21.14 -15.19 8.72
N ALA E 40 22.37 -15.66 8.57
CA ALA E 40 23.50 -14.77 8.34
C ALA E 40 23.45 -14.18 6.92
N HIS E 41 24.09 -13.03 6.78
CA HIS E 41 24.12 -12.28 5.52
C HIS E 41 24.88 -12.95 4.38
N ALA E 42 26.21 -12.98 4.47
CA ALA E 42 27.03 -13.45 3.37
C ALA E 42 26.98 -14.96 3.12
N GLY E 43 25.78 -15.55 3.18
CA GLY E 43 25.60 -16.97 2.98
C GLY E 43 26.18 -17.91 4.00
N VAL E 44 26.59 -17.42 5.18
CA VAL E 44 27.11 -18.32 6.20
C VAL E 44 25.94 -19.07 6.83
N ILE E 45 26.03 -20.40 6.86
CA ILE E 45 25.03 -21.25 7.49
C ILE E 45 25.71 -22.18 8.49
N ARG E 46 25.02 -22.43 9.59
CA ARG E 46 25.47 -23.38 10.61
C ARG E 46 24.51 -24.56 10.63
N ILE E 47 25.04 -25.75 10.38
CA ILE E 47 24.28 -26.99 10.28
C ILE E 47 24.60 -27.86 11.48
N GLN E 48 23.56 -28.24 12.21
CA GLN E 48 23.71 -29.16 13.34
C GLN E 48 23.35 -30.57 12.89
N THR E 49 24.26 -31.50 13.16
CA THR E 49 24.12 -32.90 12.79
C THR E 49 24.22 -33.79 14.03
N SER E 50 23.92 -35.07 13.83
CA SER E 50 24.08 -36.09 14.86
C SER E 50 25.51 -36.60 14.99
N ALA E 51 26.39 -36.26 14.06
CA ALA E 51 27.78 -36.70 14.09
C ALA E 51 28.61 -35.72 14.92
N MET E 52 29.69 -36.24 15.51
CA MET E 52 30.61 -35.41 16.28
C MET E 52 31.87 -35.18 15.46
N PHE E 53 32.24 -33.91 15.31
CA PHE E 53 33.42 -33.47 14.59
C PHE E 53 34.44 -32.85 15.55
N GLY E 54 35.70 -33.21 15.36
CA GLY E 54 36.76 -32.77 16.24
C GLY E 54 36.99 -33.63 17.48
N LEU E 55 36.19 -34.67 17.69
CA LEU E 55 36.42 -35.56 18.81
C LEU E 55 36.64 -36.98 18.33
N LYS E 56 37.50 -37.68 19.06
CA LYS E 56 37.79 -39.09 18.87
C LYS E 56 37.52 -39.79 20.19
N THR E 57 37.31 -41.11 20.13
CA THR E 57 37.08 -41.85 21.35
C THR E 57 38.20 -41.63 22.37
N ASP E 58 39.39 -41.30 21.88
CA ASP E 58 40.57 -41.11 22.73
C ASP E 58 40.77 -39.67 23.20
N GLY E 59 40.01 -38.72 22.70
CA GLY E 59 40.20 -37.34 23.08
C GLY E 59 39.79 -36.38 21.97
N VAL E 60 40.42 -35.20 21.98
CA VAL E 60 40.13 -34.12 21.04
C VAL E 60 41.15 -34.12 19.92
N ASP E 61 40.66 -33.99 18.68
CA ASP E 61 41.54 -33.89 17.51
C ASP E 61 40.69 -33.35 16.37
N LEU E 62 40.95 -32.10 15.95
CA LEU E 62 40.16 -31.50 14.88
C LEU E 62 40.29 -32.20 13.54
N ALA E 63 41.29 -33.07 13.37
CA ALA E 63 41.42 -33.85 12.15
C ALA E 63 40.53 -35.09 12.16
N TYR E 64 39.97 -35.45 13.30
CA TYR E 64 39.17 -36.65 13.49
C TYR E 64 37.71 -36.30 13.73
N MET E 65 36.84 -37.25 13.40
CA MET E 65 35.41 -37.16 13.65
C MET E 65 34.95 -38.50 14.20
N SER E 66 33.84 -38.47 14.92
CA SER E 66 33.25 -39.66 15.50
C SER E 66 31.78 -39.78 15.16
N PHE E 67 31.36 -40.99 14.79
CA PHE E 67 30.00 -41.28 14.38
C PHE E 67 29.66 -42.68 14.89
N MET E 68 28.36 -42.93 15.02
CA MET E 68 27.88 -44.25 15.43
C MET E 68 27.81 -45.23 14.27
N ASN E 69 28.35 -46.42 14.50
CA ASN E 69 28.31 -47.54 13.56
C ASN E 69 27.49 -48.64 14.22
N GLY E 70 26.18 -48.43 14.22
CA GLY E 70 25.26 -49.24 15.01
C GLY E 70 25.36 -48.92 16.49
N LYS E 71 25.46 -49.96 17.32
CA LYS E 71 25.70 -49.75 18.74
C LYS E 71 27.10 -49.26 19.07
N THR E 72 28.06 -49.48 18.18
CA THR E 72 29.46 -49.15 18.45
C THR E 72 29.79 -47.76 17.88
N GLN E 73 30.43 -46.93 18.68
CA GLN E 73 30.87 -45.62 18.21
C GLN E 73 32.17 -45.79 17.45
N LYS E 74 32.21 -45.25 16.23
CA LYS E 74 33.39 -45.30 15.39
C LYS E 74 34.03 -43.92 15.31
N SER E 75 35.37 -43.89 15.34
CA SER E 75 36.14 -42.66 15.25
C SER E 75 37.08 -42.76 14.07
N ILE E 76 36.95 -41.84 13.11
CA ILE E 76 37.72 -41.84 11.89
C ILE E 76 38.23 -40.43 11.60
N LYS E 77 39.29 -40.36 10.79
CA LYS E 77 39.73 -39.08 10.25
C LYS E 77 38.70 -38.51 9.27
N ILE E 78 38.48 -37.20 9.38
CA ILE E 78 37.60 -36.51 8.46
C ILE E 78 38.11 -36.71 7.04
N ASP E 79 37.29 -37.36 6.20
CA ASP E 79 37.65 -37.64 4.82
C ASP E 79 36.51 -37.18 3.92
N ASN E 80 36.81 -36.16 3.10
CA ASN E 80 35.86 -35.57 2.17
C ASN E 80 34.56 -35.16 2.85
N LEU E 81 34.65 -34.68 4.08
CA LEU E 81 33.51 -34.07 4.73
C LEU E 81 33.05 -32.87 3.90
N HIS E 82 31.81 -32.91 3.41
CA HIS E 82 31.36 -31.84 2.52
C HIS E 82 29.93 -31.45 2.85
N VAL E 83 29.61 -30.22 2.46
CA VAL E 83 28.28 -29.64 2.60
C VAL E 83 27.90 -29.08 1.25
N ARG E 84 26.67 -29.37 0.80
CA ARG E 84 26.22 -28.91 -0.50
C ARG E 84 24.76 -28.48 -0.44
N THR E 85 24.48 -27.32 -1.05
CA THR E 85 23.13 -26.81 -1.22
C THR E 85 22.75 -26.89 -2.69
N SER E 86 23.34 -26.03 -3.52
CA SER E 86 23.22 -26.08 -4.98
C SER E 86 24.58 -26.25 -5.62
N ALA E 87 25.66 -26.03 -4.88
CA ALA E 87 27.04 -26.20 -5.31
C ALA E 87 27.87 -26.44 -4.08
N PRO E 88 29.10 -26.94 -4.22
CA PRO E 88 29.91 -27.22 -3.03
C PRO E 88 30.10 -25.98 -2.16
N CYS E 89 29.98 -26.20 -0.85
CA CYS E 89 30.19 -25.15 0.14
C CYS E 89 31.60 -25.24 0.70
N SER E 90 32.20 -24.08 0.93
CA SER E 90 33.49 -24.04 1.61
C SER E 90 33.25 -24.22 3.10
N LEU E 91 33.93 -25.19 3.71
CA LEU E 91 33.83 -25.40 5.14
C LEU E 91 34.72 -24.42 5.91
N VAL E 92 34.11 -23.70 6.84
CA VAL E 92 34.82 -22.71 7.63
C VAL E 92 35.43 -23.34 8.87
N SER E 93 34.64 -24.11 9.61
CA SER E 93 35.10 -24.82 10.80
C SER E 93 34.02 -25.82 11.18
N HIS E 94 34.38 -26.73 12.09
CA HIS E 94 33.44 -27.73 12.58
C HIS E 94 33.67 -27.96 14.07
N HIS E 95 32.60 -28.37 14.74
CA HIS E 95 32.62 -28.62 16.17
C HIS E 95 31.59 -29.71 16.43
N GLY E 96 31.63 -30.28 17.63
CA GLY E 96 30.67 -31.31 17.99
C GLY E 96 29.26 -30.99 17.55
N TYR E 97 28.66 -31.88 16.76
CA TYR E 97 27.32 -31.72 16.19
C TYR E 97 27.17 -30.57 15.19
N TYR E 98 28.12 -29.65 15.10
CA TYR E 98 27.96 -28.42 14.31
C TYR E 98 28.99 -28.30 13.20
N ILE E 99 28.50 -27.90 12.02
CA ILE E 99 29.32 -27.61 10.85
C ILE E 99 29.01 -26.19 10.39
N LEU E 100 30.05 -25.40 10.18
CA LEU E 100 29.93 -24.05 9.64
C LEU E 100 30.40 -24.07 8.19
N ALA E 101 29.51 -23.70 7.28
CA ALA E 101 29.78 -23.74 5.84
C ALA E 101 29.41 -22.43 5.17
N GLN E 102 30.13 -22.15 4.09
CA GLN E 102 29.91 -20.98 3.23
C GLN E 102 29.19 -21.48 1.98
N CYS E 103 27.85 -21.38 1.97
CA CYS E 103 27.02 -22.00 0.95
C CYS E 103 26.30 -20.98 0.07
N PRO E 104 26.15 -21.28 -1.21
CA PRO E 104 25.33 -20.44 -2.09
C PRO E 104 23.86 -20.73 -1.91
N PRO E 105 22.98 -19.90 -2.47
CA PRO E 105 21.55 -20.17 -2.32
C PRO E 105 21.18 -21.54 -2.87
N GLY E 106 20.10 -22.10 -2.34
CA GLY E 106 19.63 -23.39 -2.79
C GLY E 106 18.36 -23.78 -2.08
N ASP E 107 17.73 -24.84 -2.60
CA ASP E 107 16.50 -25.39 -2.06
C ASP E 107 16.75 -26.50 -1.05
N THR E 108 17.96 -27.04 -0.98
CA THR E 108 18.28 -28.17 -0.11
C THR E 108 19.63 -27.91 0.55
N VAL E 109 19.89 -28.67 1.62
CA VAL E 109 21.19 -28.69 2.29
C VAL E 109 21.61 -30.14 2.43
N THR E 110 22.74 -30.48 1.82
CA THR E 110 23.29 -31.83 1.86
C THR E 110 24.59 -31.85 2.66
N VAL E 111 24.67 -32.76 3.62
CA VAL E 111 25.85 -32.97 4.44
C VAL E 111 26.23 -34.44 4.33
N GLY E 112 27.52 -34.70 4.17
CA GLY E 112 27.97 -36.08 4.12
C GLY E 112 29.46 -36.20 4.28
N PHE E 113 29.89 -37.43 4.53
CA PHE E 113 31.29 -37.75 4.78
C PHE E 113 31.57 -39.14 4.23
N HIS E 114 32.85 -39.43 4.00
CA HIS E 114 33.28 -40.72 3.51
C HIS E 114 34.02 -41.50 4.59
N ASP E 115 33.83 -42.81 4.56
CA ASP E 115 34.50 -43.75 5.47
C ASP E 115 34.92 -44.94 4.59
N GLY E 116 36.11 -44.84 4.00
CA GLY E 116 36.60 -45.84 3.10
C GLY E 116 35.66 -46.00 1.90
N PRO E 117 35.17 -47.22 1.66
CA PRO E 117 34.24 -47.41 0.55
C PRO E 117 32.81 -46.94 0.82
N ASN E 118 32.48 -46.64 2.07
CA ASN E 118 31.13 -46.23 2.44
C ASN E 118 30.94 -44.73 2.24
N ARG E 119 29.70 -44.34 1.96
CA ARG E 119 29.33 -42.94 1.79
C ARG E 119 28.09 -42.67 2.63
N HIS E 120 28.19 -41.67 3.52
CA HIS E 120 27.09 -41.28 4.41
C HIS E 120 26.68 -39.85 4.10
N THR E 121 25.47 -39.67 3.59
CA THR E 121 24.97 -38.35 3.23
C THR E 121 23.56 -38.19 3.80
N CYS E 122 23.17 -36.93 4.01
CA CYS E 122 21.82 -36.59 4.46
C CYS E 122 21.40 -35.30 3.79
N THR E 123 20.34 -35.36 2.98
CA THR E 123 19.80 -34.23 2.27
C THR E 123 18.45 -33.83 2.86
N VAL E 124 18.34 -32.58 3.30
CA VAL E 124 17.12 -32.04 3.88
C VAL E 124 16.65 -30.89 3.02
N ALA E 125 15.33 -30.72 2.96
CA ALA E 125 14.71 -29.60 2.26
C ALA E 125 14.76 -28.34 3.13
N HIS E 126 15.53 -27.36 2.70
CA HIS E 126 15.71 -26.12 3.47
C HIS E 126 16.16 -25.04 2.50
N LYS E 127 15.34 -24.00 2.36
CA LYS E 127 15.65 -22.88 1.48
C LYS E 127 16.79 -22.06 2.07
N VAL E 128 17.96 -22.13 1.44
CA VAL E 128 19.12 -21.33 1.83
C VAL E 128 19.15 -20.14 0.89
N GLU E 129 19.14 -18.94 1.46
CA GLU E 129 19.12 -17.70 0.70
C GLU E 129 20.37 -16.88 1.00
N PHE E 130 20.86 -16.18 -0.03
CA PHE E 130 21.97 -15.25 0.13
C PHE E 130 21.37 -13.91 0.50
N ARG E 131 21.82 -13.34 1.61
CA ARG E 131 21.29 -12.07 2.10
C ARG E 131 22.31 -10.95 1.93
N PRO E 132 22.24 -10.17 0.86
CA PRO E 132 23.20 -9.06 0.70
C PRO E 132 22.96 -7.97 1.71
N VAL E 133 24.03 -7.21 1.99
CA VAL E 133 24.00 -6.12 2.95
C VAL E 133 23.86 -4.80 2.19
N GLY E 134 22.93 -3.95 2.65
CA GLY E 134 22.75 -2.63 2.08
C GLY E 134 21.68 -2.46 1.03
N ARG E 135 21.88 -1.48 0.16
CA ARG E 135 20.91 -1.09 -0.86
C ARG E 135 21.15 -1.74 -2.22
N GLU E 136 22.02 -2.74 -2.30
CA GLU E 136 22.28 -3.43 -3.57
C GLU E 136 22.16 -4.93 -3.34
N LYS E 137 21.43 -5.60 -4.24
CA LYS E 137 21.23 -7.04 -4.13
C LYS E 137 22.33 -7.79 -4.89
N TYR E 138 23.54 -7.71 -4.35
CA TYR E 138 24.66 -8.46 -4.89
C TYR E 138 24.46 -9.94 -4.61
N ARG E 139 25.03 -10.77 -5.49
CA ARG E 139 24.86 -12.22 -5.40
C ARG E 139 26.10 -12.92 -4.88
N HIS E 140 27.19 -12.19 -4.62
CA HIS E 140 28.41 -12.78 -4.08
C HIS E 140 29.18 -11.67 -3.39
N PRO E 141 29.78 -11.91 -2.22
CA PRO E 141 30.57 -10.87 -1.57
C PRO E 141 31.56 -10.24 -2.53
N PRO E 142 31.49 -8.93 -2.74
CA PRO E 142 32.41 -8.29 -3.67
C PRO E 142 33.83 -8.19 -3.13
N GLU E 143 34.77 -8.05 -4.07
CA GLU E 143 36.17 -7.87 -3.70
C GLU E 143 36.36 -6.56 -2.94
N HIS E 144 35.65 -5.50 -3.36
CA HIS E 144 35.79 -4.18 -2.80
C HIS E 144 34.44 -3.49 -2.79
N GLY E 145 34.32 -2.47 -1.95
CA GLY E 145 33.09 -1.70 -1.87
C GLY E 145 32.94 -0.91 -0.58
N VAL E 146 31.71 -0.79 -0.08
CA VAL E 146 31.45 -0.14 1.21
C VAL E 146 31.35 -1.20 2.30
N GLU E 147 32.14 -1.01 3.35
CA GLU E 147 32.14 -1.89 4.52
C GLU E 147 30.98 -1.54 5.44
N LEU E 148 30.02 -2.46 5.58
CA LEU E 148 28.83 -2.21 6.36
C LEU E 148 28.67 -3.25 7.45
N PRO E 149 28.04 -2.90 8.58
CA PRO E 149 27.78 -3.90 9.62
C PRO E 149 26.83 -4.99 9.15
N CYS E 150 27.14 -6.23 9.57
CA CYS E 150 26.36 -7.38 9.15
C CYS E 150 26.36 -8.43 10.26
N ASN E 151 25.42 -9.37 10.14
CA ASN E 151 25.28 -10.50 11.05
C ASN E 151 25.97 -11.72 10.47
N ARG E 152 26.93 -12.28 11.21
CA ARG E 152 27.66 -13.46 10.76
C ARG E 152 27.77 -14.45 11.90
N TYR E 153 27.79 -15.74 11.56
CA TYR E 153 28.12 -16.78 12.53
C TYR E 153 29.64 -16.83 12.67
N THR E 154 30.13 -16.50 13.86
CA THR E 154 31.58 -16.46 14.05
C THR E 154 32.18 -17.85 13.86
N HIS E 155 33.42 -17.86 13.37
CA HIS E 155 34.15 -19.10 13.17
C HIS E 155 34.74 -19.65 14.47
N LYS E 156 34.61 -18.92 15.57
CA LYS E 156 35.16 -19.34 16.85
C LYS E 156 34.29 -20.36 17.57
N ARG E 157 34.95 -21.39 18.08
CA ARG E 157 34.35 -22.48 18.84
C ARG E 157 34.01 -22.11 20.28
N ALA E 158 34.59 -21.04 20.80
CA ALA E 158 34.46 -20.69 22.21
C ALA E 158 33.02 -20.40 22.63
N ASP E 159 32.76 -20.69 23.90
CA ASP E 159 31.45 -20.49 24.54
C ASP E 159 31.15 -19.01 24.69
N GLN E 160 30.04 -18.58 24.08
CA GLN E 160 29.62 -17.18 24.11
C GLN E 160 28.20 -17.02 24.68
N GLY E 161 27.83 -17.92 25.59
CA GLY E 161 26.58 -17.87 26.30
C GLY E 161 25.38 -18.60 25.70
N HIS E 162 25.56 -19.34 24.61
CA HIS E 162 24.48 -20.09 24.00
C HIS E 162 24.72 -21.58 24.23
N TYR E 163 23.71 -22.27 24.77
CA TYR E 163 23.83 -23.67 25.15
C TYR E 163 22.64 -24.49 24.66
N VAL E 164 22.89 -25.79 24.52
CA VAL E 164 21.85 -26.78 24.24
C VAL E 164 21.98 -27.85 25.32
N GLU E 165 20.85 -28.47 25.64
CA GLU E 165 20.81 -29.51 26.67
C GLU E 165 21.14 -30.88 26.09
N MET E 166 21.95 -31.64 26.81
CA MET E 166 22.26 -33.02 26.49
C MET E 166 21.60 -33.89 27.54
N HIS E 167 20.86 -34.91 27.08
CA HIS E 167 20.08 -35.78 27.94
C HIS E 167 20.61 -37.22 27.90
N GLN E 168 20.32 -37.96 28.96
CA GLN E 168 20.59 -39.40 28.96
C GLN E 168 19.90 -40.08 27.79
N PRO E 169 20.60 -40.90 27.01
CA PRO E 169 19.97 -41.56 25.86
C PRO E 169 18.78 -42.44 26.25
N GLY E 170 17.77 -42.44 25.39
CA GLY E 170 16.63 -43.31 25.56
C GLY E 170 17.00 -44.75 25.23
N LEU E 171 16.01 -45.63 25.34
CA LEU E 171 16.25 -47.04 25.02
C LEU E 171 16.65 -47.18 23.55
N VAL E 172 17.75 -47.90 23.32
CA VAL E 172 18.28 -48.12 21.98
C VAL E 172 17.87 -49.52 21.54
N ALA E 173 16.73 -49.61 20.86
CA ALA E 173 16.23 -50.89 20.41
C ALA E 173 17.20 -51.50 19.39
N ASP E 174 17.61 -52.74 19.62
CA ASP E 174 18.61 -53.36 18.75
C ASP E 174 18.38 -54.88 18.74
N HIS E 175 17.81 -55.38 17.65
CA HIS E 175 17.48 -56.79 17.52
C HIS E 175 18.70 -57.70 17.37
N SER E 176 19.90 -57.13 17.18
CA SER E 176 21.11 -57.94 17.08
C SER E 176 21.51 -58.55 18.41
N LEU E 177 20.91 -58.10 19.50
CA LEU E 177 21.18 -58.66 20.83
C LEU E 177 20.56 -60.04 21.02
N LEU E 178 19.55 -60.39 20.23
CA LEU E 178 18.83 -61.65 20.41
C LEU E 178 19.33 -62.71 19.43
N SER E 179 19.47 -63.94 19.94
CA SER E 179 19.92 -65.08 19.16
C SER E 179 19.08 -66.30 19.51
N ILE E 180 18.69 -67.07 18.49
CA ILE E 180 17.89 -68.26 18.72
C ILE E 180 18.68 -69.28 19.54
N HIS E 181 20.00 -69.29 19.40
CA HIS E 181 20.91 -70.16 20.16
C HIS E 181 20.42 -71.61 20.03
N SER E 182 20.23 -72.35 21.13
CA SER E 182 19.69 -73.70 21.15
C SER E 182 18.17 -73.75 21.03
N ALA E 183 17.62 -73.11 20.00
CA ALA E 183 16.16 -73.03 19.85
C ALA E 183 15.51 -72.41 21.08
N LYS E 184 16.20 -71.44 21.68
CA LYS E 184 15.78 -70.81 22.92
C LYS E 184 16.44 -69.44 22.93
N VAL E 185 15.64 -68.39 22.77
CA VAL E 185 16.15 -67.03 22.64
C VAL E 185 17.14 -66.71 23.75
N LYS E 186 18.34 -66.29 23.36
CA LYS E 186 19.39 -65.84 24.26
C LYS E 186 19.58 -64.35 24.07
N ILE E 187 19.75 -63.63 25.17
CA ILE E 187 19.99 -62.19 25.15
C ILE E 187 21.47 -61.96 25.43
N THR E 188 22.17 -61.40 24.44
CA THR E 188 23.58 -61.05 24.55
C THR E 188 23.67 -59.62 25.08
N VAL E 189 24.37 -59.44 26.19
CA VAL E 189 24.54 -58.14 26.84
C VAL E 189 25.98 -57.68 26.59
N PRO E 190 26.20 -56.60 25.84
CA PRO E 190 27.56 -56.08 25.67
C PRO E 190 28.19 -55.76 27.02
N SER E 191 29.50 -55.98 27.10
CA SER E 191 30.23 -55.74 28.33
C SER E 191 30.06 -54.30 28.80
N GLY E 192 29.73 -54.14 30.08
CA GLY E 192 29.50 -52.87 30.71
C GLY E 192 28.13 -52.27 30.45
N ALA E 193 27.33 -52.85 29.56
CA ALA E 193 26.00 -52.34 29.26
C ALA E 193 24.93 -53.23 29.87
N GLN E 194 23.70 -52.73 29.87
CA GLN E 194 22.53 -53.46 30.31
C GLN E 194 21.57 -53.58 29.13
N VAL E 195 20.88 -54.72 29.03
CA VAL E 195 19.90 -54.94 27.97
C VAL E 195 18.53 -55.17 28.59
N LYS E 196 17.60 -54.26 28.29
CA LYS E 196 16.21 -54.44 28.65
C LYS E 196 15.54 -55.29 27.58
N TYR E 197 14.76 -56.29 28.00
CA TYR E 197 14.07 -57.16 27.08
C TYR E 197 12.58 -57.23 27.43
N TYR E 198 11.78 -57.48 26.39
CA TYR E 198 10.33 -57.61 26.51
C TYR E 198 9.87 -58.69 25.55
N CYS E 199 9.45 -59.82 26.11
CA CYS E 199 9.00 -60.99 25.37
C CYS E 199 7.54 -61.28 25.72
N LYS E 200 6.73 -61.51 24.70
CA LYS E 200 5.31 -61.75 24.85
C LYS E 200 4.93 -63.06 24.15
N CYS E 201 5.74 -64.08 24.40
CA CYS E 201 5.45 -65.43 23.94
C CYS E 201 4.47 -66.02 24.95
N PRO E 202 4.08 -67.30 24.82
CA PRO E 202 3.22 -67.90 25.86
C PRO E 202 3.65 -67.55 27.27
N ASP E 203 4.96 -67.53 27.52
CA ASP E 203 5.52 -67.10 28.80
C ASP E 203 5.93 -65.64 28.66
N VAL E 204 5.07 -64.73 29.11
CA VAL E 204 5.37 -63.30 29.06
C VAL E 204 6.47 -62.98 30.08
N ARG E 205 7.60 -62.46 29.60
CA ARG E 205 8.75 -62.16 30.44
C ARG E 205 9.32 -60.81 30.02
N LYS E 206 9.74 -60.02 31.02
CA LYS E 206 10.34 -58.72 30.76
C LYS E 206 11.24 -58.35 31.94
N GLY E 207 12.17 -57.46 31.68
CA GLY E 207 13.07 -57.00 32.72
C GLY E 207 14.37 -56.46 32.15
N ILE E 208 15.26 -56.10 33.06
CA ILE E 208 16.57 -55.55 32.75
C ILE E 208 17.64 -56.53 33.22
N THR E 209 18.45 -57.02 32.29
CA THR E 209 19.53 -57.95 32.58
C THR E 209 20.87 -57.27 32.33
N SER E 210 21.81 -57.53 33.24
CA SER E 210 23.18 -57.05 33.14
C SER E 210 24.13 -58.10 32.56
N SER E 211 23.63 -59.29 32.25
CA SER E 211 24.46 -60.39 31.78
C SER E 211 23.63 -61.24 30.83
N ASP E 212 24.32 -62.07 30.06
CA ASP E 212 23.65 -63.01 29.16
C ASP E 212 22.55 -63.75 29.88
N HIS E 213 21.34 -63.65 29.33
CA HIS E 213 20.13 -64.23 29.91
C HIS E 213 19.40 -65.06 28.87
N THR E 214 18.94 -66.24 29.28
CA THR E 214 18.16 -67.13 28.44
C THR E 214 16.70 -67.06 28.86
N THR E 215 15.84 -66.64 27.93
CA THR E 215 14.41 -66.51 28.20
C THR E 215 13.67 -67.80 27.83
N THR E 216 12.39 -67.84 28.19
CA THR E 216 11.52 -68.98 27.90
C THR E 216 10.99 -68.99 26.47
N CYS E 217 11.22 -67.96 25.69
CA CYS E 217 10.70 -67.86 24.33
C CYS E 217 11.69 -68.47 23.34
N THR E 218 11.13 -69.08 22.29
CA THR E 218 11.87 -69.79 21.26
C THR E 218 12.00 -69.05 19.93
N ASP E 219 11.53 -67.81 19.83
CA ASP E 219 11.62 -67.09 18.57
C ASP E 219 11.95 -65.63 18.84
N VAL E 220 12.99 -65.15 18.16
CA VAL E 220 13.45 -63.76 18.29
C VAL E 220 12.35 -62.76 17.99
N LYS E 221 11.46 -63.08 17.05
CA LYS E 221 10.37 -62.17 16.74
C LYS E 221 9.44 -61.96 17.92
N GLN E 222 9.43 -62.88 18.87
CA GLN E 222 8.60 -62.78 20.07
C GLN E 222 9.21 -61.88 21.15
N CYS E 223 10.42 -61.36 20.95
CA CYS E 223 11.09 -60.53 21.94
C CYS E 223 11.58 -59.23 21.32
N ARG E 224 11.82 -58.27 22.22
CA ARG E 224 12.45 -57.00 21.89
C ARG E 224 13.64 -56.83 22.84
N ALA E 225 14.71 -56.25 22.34
CA ALA E 225 15.90 -55.96 23.14
C ALA E 225 16.32 -54.51 22.98
N TYR E 226 16.58 -53.85 24.10
CA TYR E 226 16.96 -52.44 24.13
C TYR E 226 18.28 -52.29 24.89
N LEU E 227 19.23 -51.63 24.26
CA LEU E 227 20.54 -51.37 24.86
C LEU E 227 20.50 -50.16 25.77
N ILE E 228 20.86 -50.35 27.03
CA ILE E 228 20.94 -49.29 28.03
C ILE E 228 22.42 -49.04 28.31
N ASP E 229 22.92 -47.89 27.84
CA ASP E 229 24.32 -47.51 28.03
C ASP E 229 24.34 -46.00 28.18
N ASN E 230 24.49 -45.53 29.41
CA ASN E 230 24.47 -44.12 29.77
C ASN E 230 25.87 -43.54 29.96
N LYS E 231 26.92 -44.24 29.50
CA LYS E 231 28.26 -43.72 29.65
C LYS E 231 28.39 -42.34 29.02
N LYS E 232 27.83 -42.18 27.82
CA LYS E 232 27.88 -40.93 27.09
C LYS E 232 26.45 -40.47 26.84
N TRP E 233 26.23 -39.16 26.89
CA TRP E 233 24.92 -38.59 26.71
C TRP E 233 24.73 -38.13 25.27
N VAL E 234 23.48 -37.80 24.92
CA VAL E 234 23.15 -37.33 23.59
C VAL E 234 22.28 -36.09 23.67
N TYR E 235 22.36 -35.25 22.64
CA TYR E 235 21.48 -34.10 22.52
C TYR E 235 20.04 -34.59 22.54
N ASN E 236 19.14 -33.81 23.13
CA ASN E 236 17.73 -34.20 23.19
C ASN E 236 17.04 -33.97 21.84
N SER E 237 17.52 -34.73 20.86
CA SER E 237 17.02 -34.65 19.50
C SER E 237 15.55 -35.01 19.42
N GLY E 238 14.80 -34.25 18.62
CA GLY E 238 13.40 -34.54 18.39
C GLY E 238 13.14 -35.82 17.60
N ARG E 239 14.21 -36.47 17.14
CA ARG E 239 14.15 -37.70 16.36
C ARG E 239 14.60 -38.92 17.16
N LEU E 240 14.87 -38.76 18.46
CA LEU E 240 15.24 -39.84 19.35
C LEU E 240 14.17 -40.02 20.42
N PRO E 241 13.84 -41.26 20.79
CA PRO E 241 12.87 -41.44 21.87
C PRO E 241 13.42 -41.00 23.21
N ARG E 242 12.57 -40.30 23.98
CA ARG E 242 12.96 -39.80 25.29
C ARG E 242 13.10 -40.93 26.30
N GLY E 243 14.05 -40.76 27.21
CA GLY E 243 14.23 -41.69 28.31
C GLY E 243 13.21 -41.47 29.42
N GLU E 244 13.25 -42.36 30.41
CA GLU E 244 12.35 -42.28 31.54
C GLU E 244 12.91 -41.43 32.67
N GLY E 245 12.02 -40.72 33.35
CA GLY E 245 12.35 -39.78 34.40
C GLY E 245 12.93 -38.48 33.88
N ASP E 246 13.70 -37.82 34.74
CA ASP E 246 14.44 -36.62 34.36
C ASP E 246 15.72 -37.02 33.64
N THR E 247 15.70 -36.97 32.31
CA THR E 247 16.85 -37.40 31.52
C THR E 247 17.90 -36.31 31.36
N PHE E 248 17.59 -35.07 31.77
CA PHE E 248 18.52 -33.95 31.64
C PHE E 248 19.81 -34.23 32.41
N LYS E 249 20.95 -34.17 31.72
CA LYS E 249 22.24 -34.43 32.33
C LYS E 249 23.21 -33.27 32.25
N GLY E 250 23.08 -32.36 31.29
CA GLY E 250 23.99 -31.23 31.23
C GLY E 250 23.70 -30.33 30.05
N LYS E 251 24.53 -29.30 29.92
CA LYS E 251 24.47 -28.34 28.83
C LYS E 251 25.71 -28.38 27.94
N LEU E 252 25.49 -28.27 26.64
CA LEU E 252 26.55 -28.18 25.65
C LEU E 252 26.45 -26.79 25.02
N HIS E 253 27.56 -26.04 25.06
CA HIS E 253 27.56 -24.72 24.42
C HIS E 253 27.37 -24.83 22.91
N VAL E 254 26.67 -23.85 22.36
CA VAL E 254 26.47 -23.71 20.91
C VAL E 254 27.67 -23.01 20.29
N PRO E 255 28.50 -23.70 19.52
CA PRO E 255 29.60 -23.04 18.83
C PRO E 255 29.08 -22.14 17.71
N PHE E 256 30.00 -21.32 17.19
CA PHE E 256 29.73 -20.43 16.06
C PHE E 256 28.40 -19.69 16.23
N VAL E 257 28.32 -18.95 17.33
CA VAL E 257 27.17 -18.13 17.65
C VAL E 257 27.08 -16.96 16.66
N PRO E 258 25.88 -16.49 16.33
CA PRO E 258 25.77 -15.29 15.49
C PRO E 258 26.34 -14.06 16.17
N VAL E 259 27.13 -13.28 15.42
CA VAL E 259 27.76 -12.07 15.93
C VAL E 259 27.63 -10.96 14.89
N LYS E 260 27.77 -9.72 15.37
CA LYS E 260 27.88 -8.57 14.49
C LYS E 260 29.26 -8.47 13.86
N ALA E 261 29.30 -8.27 12.54
CA ALA E 261 30.54 -8.22 11.80
C ALA E 261 30.42 -7.14 10.73
N LYS E 262 31.56 -6.82 10.12
CA LYS E 262 31.64 -5.86 9.02
C LYS E 262 31.75 -6.59 7.69
N CYS E 263 30.76 -6.38 6.82
CA CYS E 263 30.71 -7.00 5.50
C CYS E 263 30.92 -5.93 4.43
N ILE E 264 31.60 -6.34 3.36
CA ILE E 264 31.83 -5.47 2.19
C ILE E 264 30.63 -5.56 1.25
N ALA E 265 29.91 -4.45 1.12
CA ALA E 265 28.78 -4.35 0.21
C ALA E 265 29.22 -3.69 -1.09
N THR E 266 28.60 -4.10 -2.18
CA THR E 266 28.89 -3.51 -3.49
C THR E 266 28.62 -2.00 -3.50
N LEU E 267 29.31 -1.33 -4.43
CA LEU E 267 29.19 0.11 -4.63
C LEU E 267 28.84 0.36 -6.09
N ALA E 268 27.59 0.76 -6.35
CA ALA E 268 27.11 0.93 -7.71
C ALA E 268 27.91 2.01 -8.45
N PRO E 269 27.93 1.95 -9.79
CA PRO E 269 28.65 2.97 -10.56
C PRO E 269 28.08 4.36 -10.34
N GLU E 270 28.96 5.35 -10.43
CA GLU E 270 28.57 6.74 -10.22
C GLU E 270 27.59 7.19 -11.29
N PRO E 271 26.43 7.74 -10.93
CA PRO E 271 25.47 8.17 -11.95
C PRO E 271 25.96 9.37 -12.75
N LEU E 272 25.46 9.47 -13.98
CA LEU E 272 25.64 10.67 -14.79
C LEU E 272 24.52 11.63 -14.42
N VAL E 273 24.90 12.86 -14.11
CA VAL E 273 23.95 13.87 -13.64
C VAL E 273 23.89 15.03 -14.64
N GLU E 274 22.69 15.32 -15.12
CA GLU E 274 22.42 16.42 -16.03
C GLU E 274 21.48 17.37 -15.32
N HIS E 275 21.68 18.67 -15.53
CA HIS E 275 20.92 19.69 -14.83
C HIS E 275 20.07 20.50 -15.79
N LYS E 276 18.81 20.70 -15.41
CA LYS E 276 17.85 21.52 -16.15
C LYS E 276 17.17 22.42 -15.14
N HIS E 277 16.45 23.43 -15.65
CA HIS E 277 15.75 24.34 -14.76
C HIS E 277 14.86 23.59 -13.78
N ARG E 278 15.19 23.71 -12.49
CA ARG E 278 14.45 23.05 -11.42
C ARG E 278 14.27 21.55 -11.65
N THR E 279 15.20 20.92 -12.39
CA THR E 279 15.08 19.49 -12.64
C THR E 279 16.46 18.84 -12.59
N LEU E 280 16.51 17.68 -11.94
CA LEU E 280 17.71 16.86 -11.84
C LEU E 280 17.46 15.59 -12.66
N ILE E 281 18.32 15.34 -13.65
CA ILE E 281 18.20 14.17 -14.52
C ILE E 281 19.37 13.25 -14.20
N LEU E 282 19.05 12.04 -13.75
CA LEU E 282 20.03 11.03 -13.39
C LEU E 282 19.97 9.87 -14.37
N HIS E 283 21.12 9.48 -14.90
CA HIS E 283 21.24 8.30 -15.76
C HIS E 283 21.89 7.22 -14.92
N LEU E 284 21.12 6.20 -14.56
CA LEU E 284 21.55 5.16 -13.65
C LEU E 284 21.88 3.89 -14.43
N HIS E 285 23.09 3.36 -14.22
CA HIS E 285 23.56 2.16 -14.91
C HIS E 285 24.04 1.18 -13.84
N PRO E 286 23.12 0.53 -13.14
CA PRO E 286 23.50 -0.38 -12.06
C PRO E 286 24.01 -1.73 -12.57
N ASP E 287 24.80 -2.37 -11.71
CA ASP E 287 25.29 -3.72 -11.97
C ASP E 287 24.35 -4.77 -11.39
N HIS E 288 23.71 -4.45 -10.27
CA HIS E 288 22.79 -5.32 -9.56
C HIS E 288 21.60 -4.46 -9.15
N PRO E 289 20.46 -5.08 -8.82
CA PRO E 289 19.32 -4.27 -8.39
C PRO E 289 19.74 -3.31 -7.29
N THR E 290 19.67 -2.01 -7.60
CA THR E 290 20.13 -0.96 -6.72
C THR E 290 18.97 -0.06 -6.33
N LEU E 291 18.82 0.19 -5.04
CA LEU E 291 17.73 1.01 -4.54
C LEU E 291 18.05 2.49 -4.70
N LEU E 292 17.13 3.24 -5.31
CA LEU E 292 17.23 4.69 -5.44
C LEU E 292 16.11 5.31 -4.61
N THR E 293 16.48 6.19 -3.69
CA THR E 293 15.50 6.92 -2.88
C THR E 293 15.81 8.41 -2.91
N THR E 294 14.76 9.22 -2.91
CA THR E 294 14.89 10.66 -2.90
C THR E 294 13.81 11.25 -2.00
N ARG E 295 14.07 12.48 -1.54
CA ARG E 295 13.10 13.19 -0.72
C ARG E 295 13.38 14.68 -0.83
N SER E 296 12.30 15.47 -0.77
CA SER E 296 12.44 16.91 -0.74
C SER E 296 12.84 17.36 0.66
N LEU E 297 13.60 18.45 0.74
CA LEU E 297 14.05 18.99 2.01
C LEU E 297 13.11 20.04 2.56
N GLY E 298 11.88 20.13 2.03
CA GLY E 298 10.89 21.07 2.47
C GLY E 298 9.94 20.46 3.49
N SER E 299 8.82 21.15 3.69
CA SER E 299 7.83 20.69 4.66
C SER E 299 7.12 19.42 4.21
N ASP E 300 7.22 19.07 2.93
CA ASP E 300 6.64 17.85 2.37
C ASP E 300 7.77 17.05 1.76
N ALA E 301 8.15 15.95 2.43
CA ALA E 301 9.27 15.15 1.95
C ALA E 301 9.02 14.57 0.56
N ASN E 302 7.77 14.26 0.22
CA ASN E 302 7.40 13.67 -1.06
C ASN E 302 8.41 12.57 -1.41
N PRO E 303 8.58 11.57 -0.55
CA PRO E 303 9.61 10.56 -0.78
C PRO E 303 9.33 9.68 -1.98
N THR E 304 10.42 9.21 -2.59
CA THR E 304 10.40 8.30 -3.73
C THR E 304 11.30 7.11 -3.40
N ARG E 305 10.84 5.91 -3.71
CA ARG E 305 11.61 4.70 -3.45
C ARG E 305 11.36 3.70 -4.56
N GLN E 306 12.42 3.34 -5.29
CA GLN E 306 12.31 2.38 -6.38
C GLN E 306 13.62 1.65 -6.58
N TRP E 307 13.52 0.37 -6.95
CA TRP E 307 14.68 -0.47 -7.24
C TRP E 307 15.00 -0.38 -8.72
N ILE E 308 16.24 -0.01 -9.04
CA ILE E 308 16.68 0.11 -10.43
C ILE E 308 17.46 -1.14 -10.78
N GLU E 309 16.90 -1.95 -11.69
CA GLU E 309 17.52 -3.21 -12.08
C GLU E 309 18.26 -3.13 -13.40
N ARG E 310 17.90 -2.19 -14.27
CA ARG E 310 18.53 -2.02 -15.57
C ARG E 310 18.75 -0.54 -15.82
N PRO E 311 19.58 -0.18 -16.79
CA PRO E 311 19.83 1.23 -17.09
C PRO E 311 18.53 2.00 -17.33
N THR E 312 18.42 3.17 -16.72
CA THR E 312 17.20 3.97 -16.83
C THR E 312 17.53 5.43 -16.53
N THR E 313 16.62 6.30 -16.94
CA THR E 313 16.70 7.74 -16.70
C THR E 313 15.55 8.16 -15.81
N VAL E 314 15.86 8.84 -14.72
CA VAL E 314 14.86 9.33 -13.78
C VAL E 314 15.03 10.83 -13.61
N ASN E 315 13.91 11.55 -13.63
CA ASN E 315 13.88 13.01 -13.57
C ASN E 315 13.21 13.42 -12.26
N PHE E 316 13.91 14.20 -11.45
CA PHE E 316 13.37 14.70 -10.19
C PHE E 316 13.27 16.21 -10.23
N THR E 317 12.17 16.74 -9.73
CA THR E 317 11.97 18.18 -9.66
C THR E 317 12.68 18.72 -8.42
N VAL E 318 13.56 19.69 -8.61
CA VAL E 318 14.33 20.30 -7.53
C VAL E 318 13.94 21.77 -7.46
N THR E 319 13.56 22.21 -6.27
CA THR E 319 13.18 23.59 -6.01
C THR E 319 14.25 24.26 -5.16
N GLY E 320 14.01 25.52 -4.81
CA GLY E 320 14.96 26.23 -3.96
C GLY E 320 15.07 25.64 -2.57
N GLU E 321 14.12 24.79 -2.18
CA GLU E 321 14.19 24.14 -0.88
C GLU E 321 15.22 23.02 -0.89
N GLY E 322 15.47 22.44 -2.06
CA GLY E 322 16.45 21.39 -2.23
C GLY E 322 15.81 20.01 -2.31
N LEU E 323 16.62 19.06 -2.77
CA LEU E 323 16.21 17.67 -2.88
C LEU E 323 17.40 16.79 -2.54
N GLU E 324 17.15 15.71 -1.83
CA GLU E 324 18.18 14.74 -1.49
C GLU E 324 17.87 13.41 -2.16
N TYR E 325 18.90 12.80 -2.75
CA TYR E 325 18.78 11.50 -3.40
C TYR E 325 19.89 10.62 -2.90
N THR E 326 19.59 9.34 -2.74
CA THR E 326 20.56 8.34 -2.29
C THR E 326 20.58 7.21 -3.30
N TRP E 327 21.72 7.05 -3.97
CA TRP E 327 21.93 5.96 -4.91
C TRP E 327 22.54 4.82 -4.10
N GLY E 328 22.02 3.61 -4.29
CA GLY E 328 22.40 2.49 -3.45
C GLY E 328 23.82 2.44 -2.96
N ASN E 329 23.97 2.35 -1.64
CA ASN E 329 25.25 2.27 -0.94
C ASN E 329 26.11 3.52 -1.10
N HIS E 330 25.57 4.61 -1.69
CA HIS E 330 26.35 5.84 -1.76
C HIS E 330 25.84 6.82 -0.71
N PRO E 331 26.70 7.72 -0.22
CA PRO E 331 26.24 8.73 0.73
C PRO E 331 25.17 9.62 0.11
N PRO E 332 24.14 10.01 0.87
CA PRO E 332 23.10 10.87 0.29
C PRO E 332 23.67 12.18 -0.22
N LYS E 333 23.20 12.61 -1.38
CA LYS E 333 23.62 13.86 -1.99
C LYS E 333 22.46 14.85 -1.98
N ARG E 334 22.77 16.11 -1.68
CA ARG E 334 21.78 17.18 -1.64
C ARG E 334 22.06 18.18 -2.74
N VAL E 335 21.02 18.59 -3.44
CA VAL E 335 21.12 19.56 -4.53
C VAL E 335 19.98 20.56 -4.42
N TRP E 336 20.27 21.81 -4.82
CA TRP E 336 19.31 22.90 -4.76
C TRP E 336 19.27 23.60 -6.11
N ALA E 337 18.07 24.02 -6.51
CA ALA E 337 17.87 24.68 -7.79
C ALA E 337 17.93 26.20 -7.63
N GLN E 338 18.68 26.85 -8.51
CA GLN E 338 18.79 28.30 -8.53
C GLN E 338 17.69 28.92 -9.38
N GLU E 339 17.47 30.22 -9.20
CA GLU E 339 16.44 30.95 -9.94
C GLU E 339 16.99 31.39 -11.29
N SER E 340 17.30 30.39 -12.12
CA SER E 340 17.90 30.58 -13.43
C SER E 340 16.89 30.43 -14.57
N GLY E 341 15.61 30.67 -14.28
CA GLY E 341 14.59 30.49 -15.31
C GLY E 341 14.83 31.34 -16.54
N GLU E 342 14.32 30.85 -17.67
CA GLU E 342 14.47 31.51 -18.96
C GLU E 342 13.55 32.72 -19.09
N GLY E 343 14.08 33.79 -19.64
CA GLY E 343 13.30 35.00 -19.86
C GLY E 343 14.17 36.23 -19.71
N ASN E 344 13.53 37.38 -19.92
CA ASN E 344 14.18 38.68 -19.77
C ASN E 344 13.26 39.60 -18.98
N PRO E 345 13.47 39.75 -17.67
CA PRO E 345 12.59 40.63 -16.87
C PRO E 345 12.72 42.11 -17.21
N HIS E 346 13.73 42.50 -18.00
CA HIS E 346 13.92 43.89 -18.40
C HIS E 346 13.54 44.15 -19.85
N GLY E 347 12.94 43.18 -20.52
CA GLY E 347 12.58 43.30 -21.92
C GLY E 347 11.15 43.75 -22.14
N TRP E 348 10.59 43.37 -23.30
CA TRP E 348 9.23 43.71 -23.64
C TRP E 348 8.23 42.90 -22.82
N PRO E 349 6.97 43.35 -22.76
CA PRO E 349 5.97 42.63 -21.95
C PRO E 349 5.89 41.13 -22.21
N HIS E 350 6.10 40.68 -23.45
CA HIS E 350 6.06 39.24 -23.68
C HIS E 350 7.28 38.55 -23.08
N GLU E 351 8.40 39.26 -22.98
CA GLU E 351 9.60 38.70 -22.37
C GLU E 351 9.53 38.75 -20.86
N VAL E 352 8.90 39.80 -20.30
CA VAL E 352 8.72 39.91 -18.86
C VAL E 352 7.80 38.80 -18.35
N VAL E 353 6.66 38.62 -19.01
CA VAL E 353 5.71 37.59 -18.61
C VAL E 353 6.34 36.20 -18.72
N VAL E 354 7.14 35.97 -19.75
CA VAL E 354 7.81 34.67 -19.89
C VAL E 354 8.76 34.43 -18.71
N TYR E 355 9.55 35.44 -18.33
CA TYR E 355 10.47 35.26 -17.22
C TYR E 355 9.72 34.92 -15.93
N TYR E 356 8.71 35.73 -15.59
CA TYR E 356 7.98 35.48 -14.35
C TYR E 356 7.11 34.23 -14.43
N TYR E 357 6.64 33.87 -15.62
CA TYR E 357 5.89 32.63 -15.74
C TYR E 357 6.77 31.43 -15.45
N ASN E 358 7.99 31.42 -15.98
CA ASN E 358 8.91 30.33 -15.71
C ASN E 358 9.33 30.30 -14.24
N ARG E 359 9.45 31.46 -13.61
CA ARG E 359 9.84 31.51 -12.20
C ARG E 359 8.65 31.27 -11.28
N TYR E 360 7.48 31.82 -11.60
CA TYR E 360 6.27 31.65 -10.81
C TYR E 360 5.11 31.32 -11.73
N PRO E 361 5.02 30.07 -12.21
CA PRO E 361 3.97 29.70 -13.16
C PRO E 361 2.56 30.06 -12.72
N LEU E 362 2.13 29.53 -11.57
CA LEU E 362 0.77 29.78 -11.10
C LEU E 362 0.55 31.23 -10.70
N THR E 363 1.51 31.84 -10.00
CA THR E 363 1.34 33.24 -9.60
C THR E 363 1.21 34.15 -10.81
N THR E 364 1.98 33.89 -11.87
CA THR E 364 1.88 34.71 -13.07
C THR E 364 0.52 34.55 -13.74
N ILE E 365 0.01 33.31 -13.80
CA ILE E 365 -1.32 33.08 -14.38
C ILE E 365 -2.38 33.84 -13.59
N ILE E 366 -2.35 33.73 -12.26
CA ILE E 366 -3.32 34.43 -11.43
C ILE E 366 -3.17 35.93 -11.58
N GLY E 367 -1.92 36.41 -11.59
CA GLY E 367 -1.70 37.84 -11.75
C GLY E 367 -2.25 38.40 -13.04
N LEU E 368 -1.94 37.74 -14.16
CA LEU E 368 -2.45 38.21 -15.45
C LEU E 368 -3.97 38.16 -15.52
N CYS E 369 -4.57 37.07 -15.06
CA CYS E 369 -6.03 36.98 -15.07
C CYS E 369 -6.66 38.07 -14.22
N THR E 370 -6.07 38.34 -13.05
CA THR E 370 -6.60 39.41 -12.20
C THR E 370 -6.48 40.77 -12.89
N CYS E 371 -5.35 41.04 -13.53
CA CYS E 371 -5.19 42.31 -14.23
C CYS E 371 -6.21 42.47 -15.35
N VAL E 372 -6.42 41.44 -16.15
CA VAL E 372 -7.39 41.54 -17.25
C VAL E 372 -8.79 41.75 -16.69
N ALA E 373 -9.15 41.02 -15.63
CA ALA E 373 -10.46 41.20 -15.02
C ALA E 373 -10.60 42.62 -14.48
N ILE E 374 -9.57 43.14 -13.83
CA ILE E 374 -9.60 44.51 -13.33
C ILE E 374 -9.73 45.51 -14.48
N ILE E 375 -8.98 45.30 -15.56
CA ILE E 375 -9.06 46.21 -16.70
C ILE E 375 -10.47 46.20 -17.29
N MET E 376 -11.04 45.02 -17.51
CA MET E 376 -12.37 44.95 -18.09
C MET E 376 -13.41 45.62 -17.20
N VAL E 377 -13.39 45.30 -15.90
CA VAL E 377 -14.35 45.91 -14.98
C VAL E 377 -14.16 47.41 -14.92
N SER E 378 -12.91 47.88 -14.93
CA SER E 378 -12.65 49.31 -14.88
C SER E 378 -13.04 50.00 -16.18
N CYS E 379 -12.72 49.40 -17.32
CA CYS E 379 -13.10 50.01 -18.60
C CYS E 379 -14.60 50.05 -18.78
N VAL E 380 -15.31 48.98 -18.42
CA VAL E 380 -16.77 48.99 -18.53
C VAL E 380 -17.35 50.06 -17.62
N THR E 381 -16.86 50.15 -16.38
CA THR E 381 -17.36 51.17 -15.47
C THR E 381 -17.06 52.58 -15.99
N SER E 382 -15.85 52.79 -16.50
CA SER E 382 -15.48 54.10 -17.02
C SER E 382 -16.35 54.49 -18.21
N VAL E 383 -16.53 53.56 -19.16
CA VAL E 383 -17.35 53.85 -20.33
C VAL E 383 -18.81 54.02 -19.93
N TRP E 384 -19.30 53.20 -19.00
CA TRP E 384 -20.67 53.32 -18.53
C TRP E 384 -20.91 54.70 -17.89
N LEU E 385 -19.99 55.13 -17.03
CA LEU E 385 -20.13 56.45 -16.41
C LEU E 385 -20.05 57.56 -17.43
N LEU E 386 -19.15 57.44 -18.40
CA LEU E 386 -19.03 58.48 -19.43
C LEU E 386 -20.24 58.51 -20.35
N CYS E 387 -20.74 57.34 -20.75
CA CYS E 387 -21.94 57.32 -21.59
C CYS E 387 -23.16 57.83 -20.83
N ARG E 388 -23.30 57.43 -19.57
CA ARG E 388 -24.40 57.95 -18.76
C ARG E 388 -24.31 59.45 -18.59
N THR E 389 -23.09 59.98 -18.45
CA THR E 389 -22.90 61.43 -18.37
C THR E 389 -23.42 62.11 -19.63
N ARG E 390 -23.09 61.56 -20.81
CA ARG E 390 -23.57 62.15 -22.05
C ARG E 390 -25.09 62.14 -22.12
N ASN E 391 -25.72 61.03 -21.75
CA ASN E 391 -27.18 60.96 -21.78
C ASN E 391 -27.79 62.01 -20.85
N LEU E 392 -27.26 62.11 -19.63
CA LEU E 392 -27.79 63.07 -18.68
C LEU E 392 -27.50 64.51 -19.10
N CYS E 393 -26.35 64.75 -19.72
CA CYS E 393 -25.98 66.10 -20.15
C CYS E 393 -26.75 66.53 -21.40
N ILE E 394 -26.96 65.61 -22.35
CA ILE E 394 -27.62 65.97 -23.61
C ILE E 394 -29.14 65.88 -23.55
N THR E 395 -29.69 64.95 -22.77
CA THR E 395 -31.15 64.83 -22.69
C THR E 395 -31.86 66.15 -22.45
N PRO E 396 -31.41 67.03 -21.55
CA PRO E 396 -32.11 68.32 -21.36
C PRO E 396 -32.28 69.12 -22.65
N TYR E 397 -31.40 68.93 -23.64
CA TYR E 397 -31.47 69.67 -24.89
C TYR E 397 -32.23 68.92 -25.99
N LYS E 398 -32.29 67.60 -25.93
CA LYS E 398 -33.08 66.87 -26.92
C LYS E 398 -34.56 67.18 -26.78
N LEU E 399 -35.03 67.34 -25.55
CA LEU E 399 -36.43 67.69 -25.30
C LEU E 399 -36.71 69.17 -25.54
N ALA E 400 -35.73 69.91 -26.06
CA ALA E 400 -35.88 71.35 -26.34
C ALA E 400 -35.21 71.63 -27.67
N PRO E 401 -35.86 71.28 -28.78
CA PRO E 401 -35.23 71.51 -30.10
C PRO E 401 -34.80 72.94 -30.34
N ASN E 402 -35.58 73.92 -29.88
CA ASN E 402 -35.24 75.33 -30.05
C ASN E 402 -34.43 75.80 -28.83
N ALA E 403 -33.16 75.40 -28.82
CA ALA E 403 -32.25 75.75 -27.76
C ALA E 403 -30.92 76.22 -28.36
N GLN E 404 -30.15 76.94 -27.55
CA GLN E 404 -28.87 77.48 -28.02
C GLN E 404 -27.88 76.36 -28.35
N VAL E 405 -27.84 75.32 -27.52
CA VAL E 405 -26.91 74.21 -27.71
C VAL E 405 -25.51 74.75 -27.99
N PRO E 406 -24.85 75.35 -27.00
CA PRO E 406 -23.51 75.91 -27.24
C PRO E 406 -22.55 74.86 -27.76
N ILE E 407 -21.64 75.30 -28.63
CA ILE E 407 -20.66 74.38 -29.22
C ILE E 407 -19.85 73.69 -28.13
N LEU E 408 -19.55 74.42 -27.05
CA LEU E 408 -18.78 73.81 -25.96
C LEU E 408 -19.48 72.60 -25.38
N LEU E 409 -20.81 72.60 -25.40
CA LEU E 409 -21.56 71.45 -24.89
C LEU E 409 -21.23 70.19 -25.69
N ALA E 410 -21.14 70.32 -27.01
CA ALA E 410 -20.79 69.20 -27.88
C ALA E 410 -19.33 68.77 -27.73
N LEU E 411 -18.48 69.57 -27.07
CA LEU E 411 -17.08 69.22 -26.88
C LEU E 411 -16.79 68.61 -25.52
N LEU E 412 -17.51 69.01 -24.47
CA LEU E 412 -17.27 68.47 -23.13
C LEU E 412 -18.11 67.24 -22.82
N CYS E 413 -19.39 67.23 -23.21
CA CYS E 413 -20.28 66.12 -22.90
C CYS E 413 -20.34 65.05 -24.00
N CYS E 414 -19.61 65.23 -25.10
CA CYS E 414 -19.62 64.23 -26.17
C CYS E 414 -18.21 63.69 -26.40
N ASP F 1 -56.44 65.90 -33.01
CA ASP F 1 -56.28 65.74 -31.57
C ASP F 1 -54.84 66.01 -31.14
N LYS F 2 -54.71 66.73 -30.03
CA LYS F 2 -53.40 67.05 -29.46
C LYS F 2 -53.07 66.22 -28.24
N THR F 3 -54.07 65.67 -27.55
CA THR F 3 -53.89 64.87 -26.36
C THR F 3 -54.46 63.48 -26.62
N PHE F 4 -53.71 62.44 -26.25
CA PHE F 4 -54.11 61.06 -26.49
C PHE F 4 -54.13 60.29 -25.18
N PRO F 5 -55.26 59.72 -24.78
CA PRO F 5 -55.29 58.96 -23.52
C PRO F 5 -54.48 57.68 -23.60
N ILE F 6 -53.95 57.27 -22.45
CA ILE F 6 -53.19 56.03 -22.31
C ILE F 6 -54.04 55.08 -21.48
N MET F 7 -54.35 53.91 -22.04
CA MET F 7 -55.19 52.93 -21.38
C MET F 7 -54.39 51.72 -20.92
N LEU F 8 -54.60 51.31 -19.67
CA LEU F 8 -53.92 50.18 -19.06
C LEU F 8 -54.76 48.92 -19.16
N ASN F 9 -55.94 48.94 -18.53
CA ASN F 9 -56.87 47.81 -18.51
C ASN F 9 -58.23 48.23 -19.06
N GLY F 10 -58.23 49.22 -19.95
CA GLY F 10 -59.43 49.82 -20.47
C GLY F 10 -59.76 51.18 -19.88
N GLN F 11 -59.18 51.49 -18.73
CA GLN F 11 -59.33 52.79 -18.08
C GLN F 11 -58.17 53.69 -18.48
N VAL F 12 -58.41 55.01 -18.45
CA VAL F 12 -57.38 55.98 -18.81
C VAL F 12 -56.44 56.14 -17.62
N ASN F 13 -55.14 55.93 -17.87
CA ASN F 13 -54.12 56.03 -16.84
C ASN F 13 -53.19 57.23 -17.05
N GLY F 14 -53.54 58.12 -17.96
CA GLY F 14 -52.70 59.27 -18.28
C GLY F 14 -52.93 59.69 -19.72
N TYR F 15 -52.19 60.72 -20.12
CA TYR F 15 -52.30 61.26 -21.47
C TYR F 15 -50.93 61.50 -22.09
N ALA F 16 -50.82 61.21 -23.38
CA ALA F 16 -49.61 61.45 -24.16
C ALA F 16 -49.80 62.66 -25.05
N CYS F 17 -48.76 63.48 -25.17
CA CYS F 17 -48.81 64.70 -25.99
C CYS F 17 -47.67 64.71 -27.00
N VAL F 18 -47.92 65.39 -28.12
CA VAL F 18 -46.97 65.53 -29.22
C VAL F 18 -46.63 67.00 -29.37
N VAL F 19 -45.36 67.35 -29.16
CA VAL F 19 -44.91 68.73 -29.20
C VAL F 19 -43.67 68.84 -30.09
N GLY F 20 -43.74 69.73 -31.07
CA GLY F 20 -42.60 69.99 -31.95
C GLY F 20 -42.02 68.76 -32.62
N GLY F 21 -42.87 67.82 -33.01
CA GLY F 21 -42.41 66.59 -33.62
C GLY F 21 -42.01 65.50 -32.66
N ARG F 22 -42.12 65.72 -31.36
CA ARG F 22 -41.77 64.74 -30.36
C ARG F 22 -42.99 64.44 -29.49
N VAL F 23 -43.09 63.19 -29.05
CA VAL F 23 -44.18 62.73 -28.19
C VAL F 23 -43.63 62.51 -26.79
N PHE F 24 -44.40 62.91 -25.78
CA PHE F 24 -44.05 62.71 -24.38
C PHE F 24 -45.20 62.05 -23.65
N LYS F 25 -44.88 61.13 -22.75
CA LYS F 25 -45.87 60.51 -21.88
C LYS F 25 -45.22 60.24 -20.54
N PRO F 26 -45.99 60.21 -19.45
CA PRO F 26 -45.39 59.99 -18.13
C PRO F 26 -44.68 58.64 -18.04
N LEU F 27 -43.47 58.66 -17.49
CA LEU F 27 -42.68 57.44 -17.34
C LEU F 27 -43.31 56.48 -16.34
N HIS F 28 -43.99 57.00 -15.32
CA HIS F 28 -44.62 56.18 -14.30
C HIS F 28 -46.00 55.66 -14.68
N VAL F 29 -46.49 55.96 -15.88
CA VAL F 29 -47.81 55.51 -16.31
C VAL F 29 -47.63 54.29 -17.20
N GLU F 30 -48.28 53.20 -16.84
CA GLU F 30 -48.24 51.94 -17.57
C GLU F 30 -49.48 51.80 -18.43
N GLY F 31 -49.30 51.17 -19.59
CA GLY F 31 -50.37 50.96 -20.55
C GLY F 31 -49.98 51.40 -21.95
N ARG F 32 -50.86 51.07 -22.88
CA ARG F 32 -50.70 51.44 -24.28
C ARG F 32 -51.31 52.81 -24.56
N ILE F 33 -50.73 53.51 -25.53
CA ILE F 33 -51.28 54.77 -26.02
C ILE F 33 -52.47 54.44 -26.92
N ASP F 34 -53.59 55.13 -26.70
CA ASP F 34 -54.80 54.87 -27.47
C ASP F 34 -54.72 55.53 -28.84
N ASN F 35 -53.70 55.13 -29.59
CA ASN F 35 -53.48 55.64 -30.95
C ASN F 35 -52.55 54.68 -31.67
N GLU F 36 -53.01 54.10 -32.78
CA GLU F 36 -52.19 53.14 -33.52
C GLU F 36 -50.89 53.76 -34.00
N GLN F 37 -50.93 55.02 -34.44
CA GLN F 37 -49.72 55.67 -34.94
C GLN F 37 -48.72 55.93 -33.81
N LEU F 38 -49.20 56.37 -32.64
CA LEU F 38 -48.29 56.65 -31.54
C LEU F 38 -47.89 55.40 -30.77
N ALA F 39 -48.77 54.40 -30.70
CA ALA F 39 -48.44 53.17 -29.99
C ALA F 39 -47.30 52.40 -30.66
N ALA F 40 -47.02 52.67 -31.94
CA ALA F 40 -45.95 52.00 -32.66
C ALA F 40 -44.60 52.69 -32.53
N ILE F 41 -44.52 53.82 -31.82
CA ILE F 41 -43.25 54.52 -31.63
C ILE F 41 -42.53 53.95 -30.43
N LYS F 42 -41.25 53.61 -30.61
CA LYS F 42 -40.40 53.16 -29.51
C LYS F 42 -39.76 54.39 -28.89
N LEU F 43 -40.08 54.66 -27.63
CA LEU F 43 -39.63 55.87 -26.95
C LEU F 43 -38.42 55.61 -26.07
N LYS F 44 -37.60 56.64 -25.93
CA LYS F 44 -36.42 56.63 -25.07
C LYS F 44 -36.80 57.14 -23.69
N LYS F 45 -36.10 56.65 -22.68
CA LYS F 45 -36.38 57.06 -21.30
C LYS F 45 -35.55 58.28 -20.92
N ALA F 46 -36.17 59.17 -20.15
CA ALA F 46 -35.54 60.38 -19.61
C ALA F 46 -35.92 60.46 -18.13
N SER F 47 -35.21 59.69 -17.30
CA SER F 47 -35.53 59.65 -15.88
C SER F 47 -35.39 61.00 -15.19
N ILE F 48 -34.59 61.92 -15.75
CA ILE F 48 -34.48 63.24 -15.15
C ILE F 48 -35.84 63.92 -15.12
N TYR F 49 -36.63 63.73 -16.18
CA TYR F 49 -37.93 64.38 -16.32
C TYR F 49 -39.10 63.43 -16.13
N ASP F 50 -38.83 62.20 -15.68
CA ASP F 50 -39.88 61.20 -15.45
C ASP F 50 -40.77 61.02 -16.67
N LEU F 51 -40.19 61.07 -17.86
CA LEU F 51 -40.96 60.93 -19.08
C LEU F 51 -40.16 60.17 -20.14
N GLU F 52 -40.89 59.65 -21.13
CA GLU F 52 -40.36 59.00 -22.30
C GLU F 52 -40.62 59.87 -23.53
N TYR F 53 -39.71 59.84 -24.50
CA TYR F 53 -39.84 60.68 -25.68
C TYR F 53 -39.39 59.94 -26.93
N GLY F 54 -39.81 60.47 -28.07
CA GLY F 54 -39.46 59.92 -29.37
C GLY F 54 -40.09 60.75 -30.46
N ASP F 55 -39.69 60.45 -31.70
CA ASP F 55 -40.23 61.16 -32.85
C ASP F 55 -41.57 60.58 -33.28
N VAL F 56 -42.36 61.40 -33.98
CA VAL F 56 -43.67 61.00 -34.46
C VAL F 56 -43.68 60.78 -35.97
N PRO F 57 -44.69 60.09 -36.51
CA PRO F 57 -44.75 59.86 -37.95
C PRO F 57 -44.84 61.16 -38.76
N GLN F 58 -44.35 61.08 -40.00
CA GLN F 58 -44.33 62.24 -40.89
C GLN F 58 -45.69 62.89 -41.06
N CYS F 59 -46.77 62.12 -40.93
CA CYS F 59 -48.11 62.68 -41.07
C CYS F 59 -48.51 63.57 -39.89
N MET F 60 -47.92 63.37 -38.72
CA MET F 60 -48.26 64.15 -37.53
C MET F 60 -47.35 65.35 -37.33
N LYS F 61 -46.12 65.30 -37.84
CA LYS F 61 -45.15 66.36 -37.63
C LYS F 61 -45.69 67.72 -38.02
N SER F 62 -46.56 67.78 -39.03
CA SER F 62 -47.10 69.05 -39.51
C SER F 62 -48.06 69.72 -38.53
N ASP F 63 -48.57 69.00 -37.52
CA ASP F 63 -49.55 69.59 -36.62
C ASP F 63 -49.18 69.39 -35.15
N THR F 64 -47.89 69.44 -34.84
CA THR F 64 -47.46 69.28 -33.45
C THR F 64 -47.49 70.62 -32.71
N LEU F 65 -47.55 70.54 -31.39
CA LEU F 65 -47.57 71.73 -30.56
C LEU F 65 -46.26 72.49 -30.64
N GLN F 66 -46.36 73.82 -30.53
CA GLN F 66 -45.21 74.72 -30.59
C GLN F 66 -44.61 74.94 -29.21
N TYR F 67 -43.30 74.74 -29.09
CA TYR F 67 -42.58 74.97 -27.84
C TYR F 67 -42.40 76.47 -27.59
N THR F 68 -42.52 76.87 -26.34
CA THR F 68 -42.21 78.25 -25.95
C THR F 68 -41.73 78.26 -24.50
N SER F 69 -40.80 79.16 -24.21
CA SER F 69 -40.24 79.33 -22.88
C SER F 69 -40.61 80.67 -22.24
N ASP F 70 -41.32 81.54 -22.95
CA ASP F 70 -41.73 82.84 -22.41
C ASP F 70 -42.89 82.61 -21.45
N LYS F 71 -42.59 82.63 -20.15
CA LYS F 71 -43.58 82.33 -19.11
C LYS F 71 -43.67 83.52 -18.16
N PRO F 72 -44.30 84.61 -18.57
CA PRO F 72 -44.52 85.74 -17.66
C PRO F 72 -45.59 85.41 -16.63
N PRO F 73 -45.58 86.07 -15.48
CA PRO F 73 -46.63 85.82 -14.48
C PRO F 73 -48.01 86.13 -15.03
N GLY F 74 -48.98 85.33 -14.63
CA GLY F 74 -50.35 85.49 -15.09
C GLY F 74 -51.07 84.17 -15.12
N PHE F 75 -52.17 84.15 -15.88
CA PHE F 75 -53.02 82.97 -16.01
C PHE F 75 -52.79 82.26 -17.33
N TYR F 76 -52.76 80.93 -17.28
CA TYR F 76 -52.54 80.08 -18.43
C TYR F 76 -53.69 79.10 -18.57
N ASN F 77 -53.85 78.55 -19.76
CA ASN F 77 -54.94 77.64 -20.06
C ASN F 77 -54.45 76.19 -20.07
N TRP F 78 -55.34 75.29 -19.68
CA TRP F 78 -55.07 73.86 -19.75
C TRP F 78 -56.40 73.14 -19.89
N HIS F 79 -56.33 71.81 -20.06
CA HIS F 79 -57.53 71.02 -20.35
C HIS F 79 -58.66 71.26 -19.36
N HIS F 80 -58.37 71.30 -18.07
CA HIS F 80 -59.43 71.47 -17.07
C HIS F 80 -59.78 72.92 -16.79
N GLY F 81 -59.20 73.87 -17.50
CA GLY F 81 -59.54 75.27 -17.28
C GLY F 81 -58.34 76.21 -17.33
N ALA F 82 -58.33 77.19 -16.44
CA ALA F 82 -57.23 78.12 -16.33
C ALA F 82 -56.23 77.66 -15.27
N VAL F 83 -54.99 78.11 -15.44
CA VAL F 83 -53.90 77.79 -14.51
C VAL F 83 -53.22 79.09 -14.13
N GLN F 84 -52.96 79.26 -12.83
CA GLN F 84 -52.32 80.45 -12.32
C GLN F 84 -50.82 80.20 -12.21
N TYR F 85 -50.03 81.15 -12.70
CA TYR F 85 -48.57 81.08 -12.66
C TYR F 85 -48.04 82.23 -11.81
N GLU F 86 -47.55 81.90 -10.62
CA GLU F 86 -47.05 82.88 -9.67
C GLU F 86 -45.87 82.26 -8.93
N ASN F 87 -44.93 83.11 -8.51
CA ASN F 87 -43.74 82.65 -7.80
C ASN F 87 -43.03 81.53 -8.56
N ASN F 88 -43.10 81.58 -9.88
CA ASN F 88 -42.53 80.53 -10.74
C ASN F 88 -43.12 79.16 -10.41
N ARG F 89 -44.41 79.14 -10.06
CA ARG F 89 -45.13 77.92 -9.72
C ARG F 89 -46.49 77.93 -10.39
N PHE F 90 -46.91 76.76 -10.87
CA PHE F 90 -48.21 76.60 -11.50
C PHE F 90 -49.17 76.01 -10.47
N THR F 91 -50.29 76.70 -10.24
CA THR F 91 -51.27 76.25 -9.26
C THR F 91 -52.67 76.37 -9.84
N VAL F 92 -53.58 75.56 -9.32
CA VAL F 92 -54.97 75.54 -9.78
C VAL F 92 -55.88 75.43 -8.57
N PRO F 93 -57.17 75.75 -8.75
CA PRO F 93 -58.11 75.61 -7.63
C PRO F 93 -58.24 74.15 -7.19
N ARG F 94 -58.50 73.96 -5.90
CA ARG F 94 -58.65 72.62 -5.36
C ARG F 94 -59.77 71.89 -6.08
N GLY F 95 -59.53 70.61 -6.38
CA GLY F 95 -60.46 69.80 -7.13
C GLY F 95 -60.24 69.79 -8.62
N VAL F 96 -59.34 70.63 -9.12
CA VAL F 96 -59.03 70.69 -10.55
C VAL F 96 -57.75 69.88 -10.76
N GLY F 97 -57.90 68.68 -11.32
CA GLY F 97 -56.76 67.83 -11.56
C GLY F 97 -56.59 66.74 -10.51
N GLY F 98 -56.20 65.56 -10.95
CA GLY F 98 -56.00 64.46 -10.02
C GLY F 98 -55.39 63.27 -10.72
N LYS F 99 -55.50 62.11 -10.06
CA LYS F 99 -54.95 60.88 -10.62
C LYS F 99 -55.50 60.63 -12.02
N GLY F 100 -54.58 60.33 -12.95
CA GLY F 100 -54.91 60.12 -14.34
C GLY F 100 -54.74 61.33 -15.23
N ASP F 101 -54.56 62.51 -14.65
CA ASP F 101 -54.39 63.74 -15.41
C ASP F 101 -52.93 64.05 -15.71
N SER F 102 -52.00 63.17 -15.32
CA SER F 102 -50.59 63.40 -15.59
C SER F 102 -50.31 63.39 -17.08
N GLY F 103 -49.38 64.25 -17.50
CA GLY F 103 -49.01 64.40 -18.90
C GLY F 103 -49.79 65.45 -19.65
N ARG F 104 -50.85 66.01 -19.08
CA ARG F 104 -51.60 67.05 -19.76
C ARG F 104 -50.72 68.28 -20.00
N PRO F 105 -50.93 69.00 -21.09
CA PRO F 105 -50.13 70.20 -21.37
C PRO F 105 -50.78 71.48 -20.85
N ILE F 106 -49.93 72.46 -20.56
CA ILE F 106 -50.34 73.81 -20.19
C ILE F 106 -49.88 74.75 -21.29
N LEU F 107 -50.80 75.57 -21.77
CA LEU F 107 -50.53 76.46 -22.89
C LEU F 107 -50.86 77.90 -22.53
N ASP F 108 -50.20 78.81 -23.24
CA ASP F 108 -50.43 80.25 -23.10
C ASP F 108 -51.63 80.65 -23.94
N ASN F 109 -51.84 81.96 -24.12
CA ASN F 109 -52.92 82.47 -24.94
C ASN F 109 -52.58 82.47 -26.42
N LYS F 110 -51.40 82.00 -26.80
CA LYS F 110 -50.97 81.92 -28.19
C LYS F 110 -50.99 80.49 -28.72
N GLY F 111 -51.43 79.53 -27.90
CA GLY F 111 -51.48 78.14 -28.29
C GLY F 111 -50.17 77.39 -28.17
N ARG F 112 -49.18 77.97 -27.50
CA ARG F 112 -47.88 77.35 -27.30
C ARG F 112 -47.85 76.67 -25.95
N VAL F 113 -47.21 75.50 -25.89
CA VAL F 113 -47.12 74.74 -24.64
C VAL F 113 -45.99 75.29 -23.79
N VAL F 114 -46.26 75.48 -22.50
CA VAL F 114 -45.27 75.99 -21.56
C VAL F 114 -44.85 74.95 -20.52
N ALA F 115 -45.68 73.95 -20.22
CA ALA F 115 -45.31 72.95 -19.23
C ALA F 115 -46.19 71.71 -19.39
N ILE F 116 -45.65 70.58 -18.93
CA ILE F 116 -46.34 69.29 -18.94
C ILE F 116 -46.63 68.92 -17.50
N VAL F 117 -47.90 68.70 -17.19
CA VAL F 117 -48.34 68.40 -15.83
C VAL F 117 -48.14 66.92 -15.54
N LEU F 118 -47.22 66.61 -14.62
CA LEU F 118 -46.98 65.24 -14.19
C LEU F 118 -47.58 64.92 -12.83
N GLY F 119 -47.80 65.91 -11.98
CA GLY F 119 -48.37 65.68 -10.68
C GLY F 119 -48.72 66.98 -10.01
N GLY F 120 -48.86 66.93 -8.69
CA GLY F 120 -49.19 68.14 -7.96
C GLY F 120 -49.26 67.91 -6.47
N VAL F 121 -49.55 68.98 -5.75
CA VAL F 121 -49.66 69.00 -4.29
C VAL F 121 -51.10 69.35 -3.91
N ASN F 122 -51.71 68.52 -3.08
CA ASN F 122 -53.08 68.74 -2.62
C ASN F 122 -53.04 69.58 -1.34
N GLU F 123 -53.36 70.87 -1.46
CA GLU F 123 -53.38 71.77 -0.32
C GLU F 123 -54.81 71.97 0.18
N GLY F 124 -54.96 72.81 1.19
CA GLY F 124 -56.27 73.03 1.77
C GLY F 124 -57.26 73.67 0.82
N SER F 125 -56.84 74.71 0.10
CA SER F 125 -57.72 75.42 -0.82
C SER F 125 -57.23 75.47 -2.26
N ARG F 126 -55.95 75.19 -2.50
CA ARG F 126 -55.38 75.22 -3.84
C ARG F 126 -54.52 73.99 -4.03
N THR F 127 -53.96 73.84 -5.22
CA THR F 127 -53.02 72.78 -5.49
C THR F 127 -51.86 73.32 -6.32
N ALA F 128 -50.68 72.79 -6.07
CA ALA F 128 -49.48 73.16 -6.80
C ALA F 128 -49.15 72.01 -7.75
N LEU F 129 -48.79 72.34 -8.99
CA LEU F 129 -48.55 71.34 -10.02
C LEU F 129 -47.07 71.05 -10.17
N SER F 130 -46.75 69.76 -10.26
CA SER F 130 -45.40 69.29 -10.55
C SER F 130 -45.31 69.15 -12.06
N VAL F 131 -44.55 70.03 -12.71
CA VAL F 131 -44.52 70.08 -14.16
C VAL F 131 -43.08 70.14 -14.67
N VAL F 132 -42.93 69.79 -15.94
CA VAL F 132 -41.68 69.88 -16.67
C VAL F 132 -41.79 71.06 -17.62
N THR F 133 -40.85 72.00 -17.52
CA THR F 133 -40.88 73.20 -18.34
C THR F 133 -39.45 73.54 -18.77
N TRP F 134 -39.29 74.75 -19.29
CA TRP F 134 -38.00 75.24 -19.76
C TRP F 134 -37.66 76.56 -19.08
N ASN F 135 -36.38 76.76 -18.82
CA ASN F 135 -35.90 77.96 -18.17
C ASN F 135 -35.73 79.09 -19.20
N GLN F 136 -35.16 80.20 -18.76
CA GLN F 136 -34.99 81.35 -19.65
C GLN F 136 -34.02 81.08 -20.79
N LYS F 137 -33.21 80.02 -20.70
CA LYS F 137 -32.33 79.62 -21.79
C LYS F 137 -32.94 78.52 -22.66
N GLY F 138 -34.18 78.12 -22.39
CA GLY F 138 -34.81 77.08 -23.19
C GLY F 138 -34.35 75.67 -22.89
N VAL F 139 -33.82 75.40 -21.70
CA VAL F 139 -33.34 74.08 -21.34
C VAL F 139 -34.39 73.41 -20.47
N THR F 140 -34.65 72.14 -20.74
CA THR F 140 -35.70 71.42 -20.02
C THR F 140 -35.35 71.31 -18.53
N VAL F 141 -36.32 71.63 -17.69
CA VAL F 141 -36.17 71.54 -16.24
C VAL F 141 -37.44 70.95 -15.65
N LYS F 142 -37.28 70.21 -14.55
CA LYS F 142 -38.40 69.63 -13.84
C LYS F 142 -38.61 70.38 -12.54
N ASP F 143 -39.84 70.86 -12.33
CA ASP F 143 -40.22 71.59 -11.12
C ASP F 143 -41.10 70.67 -10.28
N THR F 144 -40.61 70.29 -9.11
CA THR F 144 -41.33 69.38 -8.20
C THR F 144 -41.44 70.02 -6.83
N PRO F 145 -42.49 70.80 -6.57
CA PRO F 145 -42.64 71.42 -5.25
C PRO F 145 -42.67 70.37 -4.16
N GLU F 146 -42.17 70.75 -2.99
CA GLU F 146 -42.09 69.83 -1.86
C GLU F 146 -43.45 69.21 -1.58
N GLY F 147 -43.48 67.88 -1.50
CA GLY F 147 -44.71 67.13 -1.30
C GLY F 147 -45.44 66.77 -2.56
N SER F 148 -44.89 67.07 -3.73
CA SER F 148 -45.53 66.71 -4.98
C SER F 148 -45.66 65.20 -5.13
N GLU F 149 -46.78 64.75 -5.67
CA GLU F 149 -47.03 63.33 -5.89
C GLU F 149 -47.45 63.11 -7.33
N PRO F 150 -46.91 62.08 -8.00
CA PRO F 150 -47.32 61.82 -9.38
C PRO F 150 -48.80 61.52 -9.49
N TRP F 151 -49.43 62.04 -10.54
CA TRP F 151 -50.85 61.82 -10.78
C TRP F 151 -51.05 60.68 -11.77
N TYR G 1 -49.62 -50.30 5.49
CA TYR G 1 -50.21 -49.02 5.12
C TYR G 1 -49.21 -48.20 4.32
N GLU G 2 -49.61 -47.80 3.11
CA GLU G 2 -48.73 -47.03 2.24
C GLU G 2 -48.81 -45.55 2.58
N HIS G 3 -47.65 -44.94 2.79
CA HIS G 3 -47.53 -43.51 3.05
C HIS G 3 -46.75 -42.87 1.92
N THR G 4 -47.36 -41.90 1.24
CA THR G 4 -46.74 -41.22 0.11
C THR G 4 -46.46 -39.76 0.48
N ALA G 5 -45.30 -39.27 0.06
CA ALA G 5 -44.88 -37.92 0.43
C ALA G 5 -43.74 -37.50 -0.50
N VAL G 6 -43.26 -36.28 -0.31
CA VAL G 6 -42.12 -35.74 -1.03
C VAL G 6 -41.14 -35.20 -0.01
N MET G 7 -39.89 -35.68 -0.06
CA MET G 7 -38.85 -35.19 0.83
C MET G 7 -37.77 -34.47 0.05
N PRO G 8 -37.14 -33.45 0.63
CA PRO G 8 -36.08 -32.75 -0.10
C PRO G 8 -34.86 -33.62 -0.29
N ASN G 9 -34.15 -33.36 -1.39
CA ASN G 9 -32.93 -34.10 -1.73
C ASN G 9 -31.75 -33.47 -0.98
N LYS G 10 -31.75 -33.68 0.34
CA LYS G 10 -30.71 -33.16 1.22
C LYS G 10 -30.12 -34.32 2.00
N VAL G 11 -28.82 -34.56 1.81
CA VAL G 11 -28.13 -35.65 2.49
C VAL G 11 -27.78 -35.22 3.90
N GLY G 12 -28.06 -36.10 4.87
CA GLY G 12 -27.77 -35.85 6.26
C GLY G 12 -28.88 -35.18 7.05
N ILE G 13 -29.90 -34.65 6.38
CA ILE G 13 -31.03 -34.03 7.04
C ILE G 13 -32.20 -35.01 6.98
N PRO G 14 -32.70 -35.51 8.12
CA PRO G 14 -33.76 -36.51 8.07
C PRO G 14 -35.12 -35.92 7.74
N TYR G 15 -35.93 -36.75 7.09
CA TYR G 15 -37.32 -36.45 6.80
C TYR G 15 -38.18 -37.13 7.85
N LYS G 16 -39.01 -36.35 8.55
CA LYS G 16 -39.85 -36.87 9.62
C LYS G 16 -41.32 -36.66 9.27
N ALA G 17 -42.14 -37.67 9.58
CA ALA G 17 -43.58 -37.59 9.33
C ALA G 17 -44.27 -38.62 10.22
N LEU G 18 -45.56 -38.40 10.42
CA LEU G 18 -46.42 -39.34 11.15
C LEU G 18 -47.27 -40.10 10.15
N VAL G 19 -47.29 -41.43 10.28
CA VAL G 19 -48.12 -42.28 9.43
C VAL G 19 -49.46 -42.43 10.13
N GLU G 20 -50.47 -41.73 9.62
CA GLU G 20 -51.80 -41.72 10.23
C GLU G 20 -52.67 -42.76 9.54
N ARG G 21 -52.94 -43.86 10.25
CA ARG G 21 -53.74 -44.95 9.73
C ARG G 21 -55.10 -44.94 10.40
N PRO G 22 -56.19 -44.73 9.67
CA PRO G 22 -57.51 -44.66 10.34
C PRO G 22 -57.76 -45.86 11.23
N GLY G 23 -58.15 -45.59 12.47
CA GLY G 23 -58.38 -46.61 13.46
C GLY G 23 -57.17 -46.97 14.31
N TYR G 24 -55.99 -46.48 13.94
CA TYR G 24 -54.75 -46.79 14.64
C TYR G 24 -54.05 -45.49 15.02
N ALA G 25 -53.28 -45.54 16.09
CA ALA G 25 -52.51 -44.37 16.50
C ALA G 25 -51.43 -44.08 15.47
N PRO G 26 -51.10 -42.81 15.24
CA PRO G 26 -50.07 -42.49 14.24
C PRO G 26 -48.73 -43.13 14.59
N VAL G 27 -48.03 -43.60 13.55
CA VAL G 27 -46.73 -44.23 13.69
C VAL G 27 -45.70 -43.26 13.15
N HIS G 28 -44.72 -42.91 13.98
CA HIS G 28 -43.70 -41.96 13.56
C HIS G 28 -42.78 -42.60 12.52
N LEU G 29 -42.56 -41.88 11.42
CA LEU G 29 -41.72 -42.34 10.32
C LEU G 29 -40.58 -41.35 10.12
N GLN G 30 -39.36 -41.87 10.01
CA GLN G 30 -38.17 -41.05 9.77
C GLN G 30 -37.36 -41.68 8.66
N ILE G 31 -37.07 -40.89 7.63
CA ILE G 31 -36.28 -41.33 6.48
C ILE G 31 -35.13 -40.35 6.30
N GLN G 32 -33.91 -40.87 6.26
CA GLN G 32 -32.72 -40.05 6.08
C GLN G 32 -31.89 -40.63 4.95
N LEU G 33 -31.47 -39.77 4.03
CA LEU G 33 -30.58 -40.19 2.94
C LEU G 33 -29.15 -40.31 3.47
N VAL G 34 -28.53 -41.46 3.22
CA VAL G 34 -27.13 -41.63 3.60
C VAL G 34 -26.23 -41.05 2.53
N ASN G 35 -26.55 -41.27 1.26
CA ASN G 35 -25.82 -40.67 0.15
C ASN G 35 -26.71 -40.73 -1.09
N THR G 36 -26.41 -39.85 -2.04
CA THR G 36 -27.09 -39.80 -3.32
C THR G 36 -26.03 -39.82 -4.40
N ARG G 37 -26.21 -40.67 -5.41
CA ARG G 37 -25.21 -40.85 -6.46
C ARG G 37 -25.86 -40.80 -7.83
N ILE G 38 -25.40 -39.88 -8.67
CA ILE G 38 -25.84 -39.78 -10.05
C ILE G 38 -24.80 -40.53 -10.87
N ILE G 39 -25.18 -41.67 -11.45
CA ILE G 39 -24.24 -42.52 -12.16
C ILE G 39 -24.52 -42.46 -13.66
N PRO G 40 -23.90 -41.55 -14.40
CA PRO G 40 -24.16 -41.46 -15.84
C PRO G 40 -23.58 -42.67 -16.58
N SER G 41 -24.12 -42.90 -17.77
CA SER G 41 -23.62 -43.95 -18.65
C SER G 41 -22.46 -43.38 -19.45
N THR G 42 -21.30 -44.03 -19.35
CA THR G 42 -20.09 -43.55 -19.99
C THR G 42 -19.60 -44.54 -21.05
N ASN G 43 -19.03 -44.00 -22.11
CA ASN G 43 -18.43 -44.78 -23.19
C ASN G 43 -17.04 -44.21 -23.45
N LEU G 44 -16.01 -45.03 -23.23
CA LEU G 44 -14.64 -44.59 -23.45
C LEU G 44 -14.42 -44.32 -24.94
N GLU G 45 -14.04 -43.09 -25.26
CA GLU G 45 -13.78 -42.70 -26.64
C GLU G 45 -12.35 -43.05 -27.05
N TYR G 46 -11.36 -42.60 -26.27
CA TYR G 46 -9.96 -42.91 -26.55
C TYR G 46 -9.15 -42.55 -25.31
N ILE G 47 -7.87 -42.93 -25.34
CA ILE G 47 -6.93 -42.66 -24.26
C ILE G 47 -5.82 -41.77 -24.80
N THR G 48 -5.51 -40.71 -24.06
CA THR G 48 -4.49 -39.74 -24.44
C THR G 48 -3.36 -39.78 -23.43
N CYS G 49 -2.12 -39.70 -23.93
CA CYS G 49 -0.95 -39.67 -23.07
C CYS G 49 0.21 -39.06 -23.83
N LYS G 50 1.32 -38.87 -23.13
CA LYS G 50 2.51 -38.31 -23.76
C LYS G 50 3.09 -39.31 -24.75
N TYR G 51 3.40 -38.83 -25.95
CA TYR G 51 4.00 -39.64 -27.00
C TYR G 51 5.48 -39.88 -26.76
N LYS G 52 5.98 -40.98 -27.36
CA LYS G 52 7.39 -41.32 -27.41
C LYS G 52 7.78 -41.49 -28.87
N THR G 53 8.88 -40.85 -29.27
CA THR G 53 9.38 -40.92 -30.64
C THR G 53 10.42 -42.03 -30.76
N LYS G 54 10.08 -43.08 -31.52
CA LYS G 54 10.98 -44.19 -31.79
C LYS G 54 11.76 -43.88 -33.08
N VAL G 55 13.08 -43.99 -33.00
CA VAL G 55 13.95 -43.67 -34.12
C VAL G 55 14.90 -44.83 -34.43
N PRO G 56 14.57 -45.71 -35.37
CA PRO G 56 15.47 -46.81 -35.69
C PRO G 56 16.82 -46.34 -36.24
N SER G 57 17.78 -47.24 -36.21
CA SER G 57 19.11 -46.97 -36.74
C SER G 57 19.05 -46.53 -38.20
N PRO G 58 19.64 -45.39 -38.57
CA PRO G 58 19.61 -44.95 -39.96
C PRO G 58 20.41 -45.87 -40.87
N VAL G 59 19.96 -45.97 -42.12
CA VAL G 59 20.63 -46.78 -43.14
C VAL G 59 21.65 -45.90 -43.84
N VAL G 60 22.94 -46.18 -43.63
CA VAL G 60 24.02 -45.42 -44.24
C VAL G 60 24.54 -46.23 -45.42
N LYS G 61 24.19 -45.81 -46.63
CA LYS G 61 24.57 -46.49 -47.87
C LYS G 61 25.75 -45.76 -48.51
N CYS G 62 26.93 -46.36 -48.42
CA CYS G 62 28.14 -45.78 -49.00
C CYS G 62 28.22 -46.08 -50.49
N CYS G 63 28.64 -45.07 -51.26
CA CYS G 63 28.80 -45.20 -52.71
C CYS G 63 27.52 -45.67 -53.39
N GLY G 64 26.41 -44.99 -53.09
CA GLY G 64 25.14 -45.35 -53.68
C GLY G 64 24.00 -44.56 -53.07
N ALA G 65 22.78 -45.02 -53.32
CA ALA G 65 21.58 -44.36 -52.82
C ALA G 65 20.52 -45.40 -52.48
N THR G 66 19.60 -44.98 -51.60
CA THR G 66 18.49 -45.81 -51.15
C THR G 66 17.22 -44.97 -51.23
N GLN G 67 16.07 -45.63 -51.11
CA GLN G 67 14.78 -44.97 -51.24
C GLN G 67 13.86 -45.30 -50.07
N CYS G 68 13.15 -44.28 -49.59
CA CYS G 68 12.16 -44.43 -48.54
C CYS G 68 10.88 -45.09 -49.06
N THR G 69 10.28 -45.90 -48.19
CA THR G 69 9.01 -46.55 -48.44
C THR G 69 8.08 -46.27 -47.27
N SER G 70 6.79 -46.19 -47.55
CA SER G 70 5.80 -46.03 -46.50
C SER G 70 5.70 -47.29 -45.63
N LYS G 71 5.31 -47.08 -44.38
CA LYS G 71 5.10 -48.14 -43.41
C LYS G 71 3.90 -47.79 -42.55
N PRO G 72 3.16 -48.79 -42.06
CA PRO G 72 1.99 -48.54 -41.19
C PRO G 72 2.32 -48.18 -39.75
N HIS G 73 3.06 -47.10 -39.55
CA HIS G 73 3.44 -46.65 -38.22
C HIS G 73 2.86 -45.26 -37.96
N PRO G 74 2.44 -44.98 -36.72
CA PRO G 74 1.89 -43.65 -36.41
C PRO G 74 2.87 -42.53 -36.69
N ASP G 75 2.42 -41.55 -37.46
CA ASP G 75 3.22 -40.37 -37.79
C ASP G 75 4.58 -40.75 -38.38
N TYR G 76 4.62 -41.85 -39.13
CA TYR G 76 5.87 -42.32 -39.70
C TYR G 76 6.49 -41.27 -40.61
N GLN G 77 7.80 -41.08 -40.45
CA GLN G 77 8.59 -40.18 -41.28
C GLN G 77 9.80 -40.91 -41.84
N CYS G 78 10.08 -40.66 -43.11
CA CYS G 78 11.23 -41.27 -43.78
C CYS G 78 11.75 -40.28 -44.82
N GLN G 79 13.04 -39.97 -44.75
CA GLN G 79 13.66 -39.05 -45.67
C GLN G 79 15.06 -39.54 -45.98
N VAL G 80 15.42 -39.45 -47.25
CA VAL G 80 16.74 -39.85 -47.75
C VAL G 80 17.59 -38.60 -47.90
N PHE G 81 18.69 -38.54 -47.14
CA PHE G 81 19.64 -37.44 -47.19
C PHE G 81 20.88 -37.90 -47.96
N SER G 82 21.04 -37.38 -49.17
CA SER G 82 22.16 -37.69 -50.04
C SER G 82 23.34 -36.75 -49.78
N GLY G 83 24.53 -37.21 -50.18
CA GLY G 83 25.74 -36.42 -50.01
C GLY G 83 26.29 -36.34 -48.61
N VAL G 84 26.04 -37.34 -47.78
CA VAL G 84 26.57 -37.39 -46.42
C VAL G 84 27.93 -38.05 -46.44
N TYR G 85 28.80 -37.66 -45.50
CA TYR G 85 30.12 -38.26 -45.36
C TYR G 85 30.40 -38.45 -43.87
N PRO G 86 29.73 -39.42 -43.26
CA PRO G 86 29.83 -39.63 -41.82
C PRO G 86 31.19 -40.14 -41.37
N PHE G 87 31.54 -39.80 -40.14
CA PHE G 87 32.78 -40.23 -39.49
C PHE G 87 32.42 -40.91 -38.17
N MET G 88 33.26 -41.84 -37.75
CA MET G 88 33.07 -42.55 -36.48
C MET G 88 34.43 -42.69 -35.81
N TYR G 89 34.45 -43.46 -34.71
CA TYR G 89 35.69 -43.65 -33.96
C TYR G 89 36.76 -44.26 -34.85
N GLY G 90 36.37 -45.08 -35.82
CA GLY G 90 37.29 -45.73 -36.72
C GLY G 90 37.60 -44.96 -37.98
N GLY G 91 37.25 -43.68 -38.02
CA GLY G 91 37.53 -42.84 -39.17
C GLY G 91 36.34 -42.68 -40.09
N ALA G 92 36.65 -42.29 -41.33
CA ALA G 92 35.59 -42.08 -42.32
C ALA G 92 34.81 -43.37 -42.53
N TYR G 93 33.49 -43.27 -42.43
CA TYR G 93 32.65 -44.45 -42.59
C TYR G 93 32.56 -44.89 -44.04
N CYS G 94 32.45 -43.96 -44.97
CA CYS G 94 32.31 -44.27 -46.37
C CYS G 94 33.51 -43.80 -47.18
N PHE G 95 33.67 -44.39 -48.37
CA PHE G 95 34.72 -43.99 -49.30
C PHE G 95 34.29 -42.81 -50.19
N CYS G 96 33.13 -42.93 -50.83
CA CYS G 96 32.66 -41.88 -51.72
C CYS G 96 32.27 -40.62 -50.97
N ASP G 97 32.65 -39.47 -51.54
CA ASP G 97 32.42 -38.16 -50.95
C ASP G 97 31.05 -37.56 -51.26
N THR G 98 30.44 -37.91 -52.38
CA THR G 98 29.13 -37.36 -52.76
C THR G 98 28.07 -38.41 -53.06
N GLU G 99 28.44 -39.50 -53.73
CA GLU G 99 27.48 -40.59 -54.00
C GLU G 99 27.31 -41.44 -52.75
N ASN G 100 26.81 -40.80 -51.70
CA ASN G 100 26.70 -41.38 -50.36
C ASN G 100 25.40 -40.90 -49.73
N THR G 101 24.63 -41.84 -49.19
CA THR G 101 23.27 -41.54 -48.74
C THR G 101 22.97 -42.13 -47.37
N GLN G 102 22.27 -41.34 -46.55
CA GLN G 102 21.74 -41.77 -45.25
C GLN G 102 20.21 -41.71 -45.31
N MET G 103 19.56 -42.83 -45.00
CA MET G 103 18.11 -42.87 -44.85
C MET G 103 17.73 -42.85 -43.38
N SER G 104 16.99 -41.82 -42.97
CA SER G 104 16.53 -41.62 -41.61
C SER G 104 15.06 -42.01 -41.47
N GLU G 105 14.73 -42.72 -40.39
CA GLU G 105 13.35 -43.11 -40.11
C GLU G 105 12.99 -42.72 -38.69
N ALA G 106 11.72 -42.35 -38.51
CA ALA G 106 11.21 -41.98 -37.19
C ALA G 106 9.70 -42.19 -37.15
N TYR G 107 9.19 -42.56 -35.98
CA TYR G 107 7.76 -42.73 -35.82
C TYR G 107 7.41 -42.53 -34.34
N VAL G 108 6.12 -42.26 -34.11
CA VAL G 108 5.56 -42.01 -32.78
C VAL G 108 4.91 -43.26 -32.21
N GLU G 109 5.15 -43.50 -30.92
CA GLU G 109 4.54 -44.61 -30.19
C GLU G 109 4.19 -44.14 -28.79
N ARG G 110 3.29 -44.88 -28.13
CA ARG G 110 2.97 -44.61 -26.73
C ARG G 110 4.17 -44.77 -25.80
N SER G 111 4.38 -43.77 -24.94
CA SER G 111 5.39 -43.83 -23.91
C SER G 111 5.04 -44.88 -22.85
N GLU G 112 6.07 -45.33 -22.13
CA GLU G 112 5.88 -46.27 -21.03
C GLU G 112 4.96 -45.69 -19.94
N GLU G 113 5.07 -44.38 -19.68
CA GLU G 113 4.20 -43.74 -18.71
C GLU G 113 2.73 -43.87 -19.07
N CYS G 114 2.41 -44.06 -20.35
CA CYS G 114 1.00 -44.13 -20.75
C CYS G 114 0.23 -45.23 -20.06
N SER G 115 0.91 -46.26 -19.53
CA SER G 115 0.21 -47.29 -18.78
C SER G 115 -0.37 -46.76 -17.48
N ILE G 116 0.23 -45.72 -16.90
CA ILE G 116 -0.16 -45.17 -15.61
C ILE G 116 -0.59 -43.70 -15.73
N ASP G 117 0.18 -42.90 -16.47
CA ASP G 117 -0.06 -41.46 -16.60
C ASP G 117 -0.70 -41.14 -17.94
N HIS G 118 -2.03 -41.25 -17.99
CA HIS G 118 -2.79 -40.98 -19.19
C HIS G 118 -4.18 -40.47 -18.79
N ALA G 119 -4.84 -39.82 -19.74
CA ALA G 119 -6.19 -39.30 -19.56
C ALA G 119 -7.18 -40.10 -20.41
N LYS G 120 -8.33 -40.38 -19.83
CA LYS G 120 -9.40 -41.12 -20.49
C LYS G 120 -10.49 -40.16 -20.93
N ALA G 121 -10.79 -40.15 -22.22
CA ALA G 121 -11.84 -39.31 -22.78
C ALA G 121 -13.11 -40.12 -22.88
N TYR G 122 -14.15 -39.70 -22.15
CA TYR G 122 -15.42 -40.42 -22.08
C TYR G 122 -16.57 -39.62 -22.65
N LYS G 123 -17.46 -40.30 -23.36
CA LYS G 123 -18.74 -39.74 -23.78
C LYS G 123 -19.72 -40.03 -22.64
N VAL G 124 -20.45 -39.01 -22.21
CA VAL G 124 -21.33 -39.14 -21.05
C VAL G 124 -22.77 -38.91 -21.48
N HIS G 125 -23.65 -39.82 -21.05
CA HIS G 125 -25.08 -39.78 -21.30
C HIS G 125 -25.80 -39.94 -19.98
N THR G 126 -27.11 -39.72 -19.97
CA THR G 126 -27.86 -39.89 -18.75
C THR G 126 -27.82 -41.35 -18.31
N GLY G 127 -28.07 -41.59 -17.03
CA GLY G 127 -28.01 -42.93 -16.51
C GLY G 127 -28.72 -43.10 -15.19
N THR G 128 -28.39 -44.21 -14.52
CA THR G 128 -29.03 -44.57 -13.27
C THR G 128 -28.70 -43.57 -12.17
N VAL G 129 -29.70 -43.28 -11.33
CA VAL G 129 -29.55 -42.48 -10.12
C VAL G 129 -29.83 -43.40 -8.95
N GLN G 130 -28.89 -43.49 -8.02
CA GLN G 130 -29.03 -44.36 -6.86
C GLN G 130 -28.85 -43.56 -5.58
N ALA G 131 -29.39 -44.11 -4.49
CA ALA G 131 -29.27 -43.49 -3.18
C ALA G 131 -29.32 -44.59 -2.12
N MET G 132 -28.78 -44.28 -0.95
CA MET G 132 -28.82 -45.15 0.21
C MET G 132 -29.66 -44.44 1.27
N VAL G 133 -30.63 -45.16 1.84
CA VAL G 133 -31.57 -44.56 2.78
C VAL G 133 -31.47 -45.24 4.14
N ASN G 134 -31.69 -44.44 5.17
CA ASN G 134 -31.70 -44.87 6.57
C ASN G 134 -33.11 -44.63 7.07
N ILE G 135 -33.80 -45.69 7.50
CA ILE G 135 -35.22 -45.59 7.84
C ILE G 135 -35.50 -46.22 9.21
N THR G 136 -36.40 -45.58 9.96
CA THR G 136 -36.94 -46.10 11.20
C THR G 136 -38.45 -45.95 11.17
N TYR G 137 -39.14 -46.77 11.97
CA TYR G 137 -40.58 -46.69 12.06
C TYR G 137 -41.03 -47.35 13.36
N GLY G 138 -41.82 -46.63 14.13
CA GLY G 138 -42.29 -47.17 15.40
C GLY G 138 -41.14 -47.57 16.31
N SER G 139 -41.20 -48.79 16.82
CA SER G 139 -40.17 -49.34 17.69
C SER G 139 -39.01 -49.98 16.93
N VAL G 140 -39.07 -50.05 15.61
CA VAL G 140 -38.02 -50.68 14.83
C VAL G 140 -36.86 -49.71 14.66
N SER G 141 -35.65 -50.17 15.00
CA SER G 141 -34.45 -49.36 14.92
C SER G 141 -34.04 -49.12 13.47
N TRP G 142 -32.98 -48.33 13.30
CA TRP G 142 -32.50 -47.95 11.99
C TRP G 142 -32.19 -49.15 11.10
N ARG G 143 -32.67 -49.08 9.86
CA ARG G 143 -32.40 -50.05 8.82
C ARG G 143 -32.01 -49.28 7.57
N SER G 144 -31.12 -49.84 6.76
CA SER G 144 -30.68 -49.15 5.56
C SER G 144 -30.48 -50.13 4.42
N ALA G 145 -30.62 -49.62 3.20
CA ALA G 145 -30.47 -50.41 1.99
C ALA G 145 -30.16 -49.46 0.84
N ASP G 146 -29.54 -50.01 -0.20
CA ASP G 146 -29.24 -49.25 -1.40
C ASP G 146 -30.42 -49.39 -2.36
N VAL G 147 -30.96 -48.25 -2.80
CA VAL G 147 -32.16 -48.22 -3.61
C VAL G 147 -31.92 -47.44 -4.89
N TYR G 148 -32.78 -47.70 -5.88
CA TYR G 148 -32.75 -47.03 -7.17
C TYR G 148 -33.74 -45.89 -7.17
N VAL G 149 -33.27 -44.69 -7.48
CA VAL G 149 -34.14 -43.50 -7.49
C VAL G 149 -34.75 -43.43 -8.88
N ASN G 150 -35.77 -44.26 -9.09
CA ASN G 150 -36.46 -44.32 -10.38
C ASN G 150 -37.97 -44.38 -10.26
N GLY G 151 -38.53 -44.61 -9.08
CA GLY G 151 -39.96 -44.68 -8.90
C GLY G 151 -40.60 -45.97 -9.35
N GLU G 152 -39.82 -46.99 -9.68
CA GLU G 152 -40.38 -48.25 -10.17
C GLU G 152 -39.86 -49.45 -9.40
N THR G 153 -38.61 -49.39 -8.94
CA THR G 153 -37.98 -50.52 -8.27
C THR G 153 -38.20 -50.40 -6.77
N PRO G 154 -39.01 -51.27 -6.15
CA PRO G 154 -39.20 -51.20 -4.70
C PRO G 154 -38.04 -51.85 -3.96
N ALA G 155 -37.88 -51.42 -2.71
CA ALA G 155 -36.83 -51.96 -1.84
C ALA G 155 -37.44 -52.36 -0.51
N LYS G 156 -36.99 -53.50 0.01
CA LYS G 156 -37.48 -54.04 1.28
C LYS G 156 -36.51 -53.64 2.37
N ILE G 157 -36.93 -52.72 3.23
CA ILE G 157 -36.10 -52.20 4.32
C ILE G 157 -36.82 -52.50 5.63
N GLY G 158 -36.28 -53.44 6.40
CA GLY G 158 -36.90 -53.78 7.68
C GLY G 158 -38.34 -54.25 7.54
N ASP G 159 -38.62 -55.06 6.52
CA ASP G 159 -39.94 -55.55 6.17
C ASP G 159 -40.86 -54.46 5.60
N ALA G 160 -40.38 -53.23 5.48
CA ALA G 160 -41.13 -52.16 4.85
C ALA G 160 -40.70 -52.04 3.39
N LYS G 161 -41.68 -51.87 2.50
CA LYS G 161 -41.43 -51.80 1.07
C LYS G 161 -41.39 -50.33 0.68
N LEU G 162 -40.19 -49.84 0.34
CA LEU G 162 -39.97 -48.44 0.01
C LEU G 162 -39.82 -48.25 -1.49
N ILE G 163 -40.52 -47.26 -2.03
CA ILE G 163 -40.41 -46.86 -3.42
C ILE G 163 -39.97 -45.41 -3.42
N ILE G 164 -38.82 -45.14 -4.03
CA ILE G 164 -38.28 -43.79 -4.14
C ILE G 164 -38.49 -43.30 -5.56
N GLY G 165 -39.19 -42.18 -5.70
CA GLY G 165 -39.49 -41.61 -6.99
C GLY G 165 -38.29 -40.93 -7.63
N PRO G 166 -38.39 -40.63 -8.92
CA PRO G 166 -37.29 -39.96 -9.60
C PRO G 166 -37.08 -38.56 -9.07
N LEU G 167 -35.84 -38.08 -9.16
CA LEU G 167 -35.54 -36.73 -8.70
C LEU G 167 -36.36 -35.72 -9.50
N SER G 168 -36.80 -34.65 -8.83
CA SER G 168 -37.58 -33.62 -9.49
C SER G 168 -36.78 -32.87 -10.55
N SER G 169 -35.45 -33.00 -10.55
CA SER G 169 -34.60 -32.35 -11.53
C SER G 169 -33.71 -33.38 -12.22
N ALA G 170 -33.56 -33.26 -13.53
CA ALA G 170 -32.70 -34.11 -14.32
C ALA G 170 -31.28 -33.55 -14.41
N TRP G 171 -30.98 -32.50 -13.67
CA TRP G 171 -29.68 -31.87 -13.71
C TRP G 171 -28.57 -32.85 -13.31
N SER G 172 -27.43 -32.74 -14.00
CA SER G 172 -26.26 -33.56 -13.74
C SER G 172 -25.05 -32.68 -14.00
N PRO G 173 -23.98 -32.80 -13.21
CA PRO G 173 -22.82 -31.93 -13.40
C PRO G 173 -21.95 -32.27 -14.59
N PHE G 174 -22.12 -33.43 -15.22
CA PHE G 174 -21.27 -33.83 -16.33
C PHE G 174 -21.85 -33.37 -17.66
N ASP G 175 -20.99 -32.81 -18.50
CA ASP G 175 -21.37 -32.45 -19.87
C ASP G 175 -21.38 -33.71 -20.73
N ASN G 176 -21.67 -33.54 -22.02
CA ASN G 176 -21.68 -34.68 -22.92
C ASN G 176 -20.28 -35.24 -23.16
N LYS G 177 -19.24 -34.53 -22.74
CA LYS G 177 -17.85 -34.98 -22.90
C LYS G 177 -17.10 -34.68 -21.61
N VAL G 178 -16.39 -35.68 -21.09
CA VAL G 178 -15.57 -35.49 -19.89
C VAL G 178 -14.22 -36.16 -20.10
N VAL G 179 -13.21 -35.63 -19.43
CA VAL G 179 -11.86 -36.17 -19.45
C VAL G 179 -11.52 -36.57 -18.02
N VAL G 180 -11.20 -37.84 -17.81
CA VAL G 180 -10.87 -38.36 -16.50
C VAL G 180 -9.35 -38.52 -16.41
N TYR G 181 -8.72 -37.74 -15.54
CA TYR G 181 -7.28 -37.80 -15.34
C TYR G 181 -7.01 -38.01 -13.86
N GLY G 182 -6.43 -39.16 -13.52
CA GLY G 182 -6.20 -39.46 -12.11
C GLY G 182 -7.53 -39.58 -11.40
N HIS G 183 -7.68 -38.84 -10.31
CA HIS G 183 -8.92 -38.79 -9.55
C HIS G 183 -9.84 -37.65 -9.95
N GLU G 184 -9.41 -36.80 -10.88
CA GLU G 184 -10.16 -35.61 -11.30
C GLU G 184 -10.90 -35.84 -12.61
N VAL G 185 -12.04 -35.17 -12.73
CA VAL G 185 -12.88 -35.20 -13.92
C VAL G 185 -12.96 -33.78 -14.47
N TYR G 186 -12.77 -33.63 -15.78
CA TYR G 186 -12.80 -32.33 -16.43
C TYR G 186 -13.87 -32.32 -17.51
N ASN G 187 -14.66 -31.25 -17.54
CA ASN G 187 -15.66 -31.05 -18.60
C ASN G 187 -14.95 -30.40 -19.79
N TYR G 188 -14.15 -31.21 -20.48
CA TYR G 188 -13.34 -30.77 -21.60
C TYR G 188 -13.92 -31.32 -22.90
N ASP G 189 -14.15 -30.43 -23.86
CA ASP G 189 -14.66 -30.81 -25.19
C ASP G 189 -13.47 -31.31 -26.01
N PHE G 190 -13.05 -32.54 -25.71
CA PHE G 190 -11.90 -33.11 -26.39
C PHE G 190 -12.19 -33.37 -27.87
N PRO G 191 -11.17 -33.30 -28.72
CA PRO G 191 -11.38 -33.57 -30.14
C PRO G 191 -11.71 -35.03 -30.39
N GLU G 192 -12.51 -35.27 -31.43
CA GLU G 192 -12.90 -36.63 -31.76
C GLU G 192 -11.68 -37.45 -32.19
N TYR G 193 -11.82 -38.76 -32.07
CA TYR G 193 -10.74 -39.66 -32.47
C TYR G 193 -10.40 -39.45 -33.94
N GLY G 194 -9.11 -39.28 -34.22
CA GLY G 194 -8.65 -39.06 -35.59
C GLY G 194 -8.63 -37.61 -36.03
N THR G 195 -9.04 -36.68 -35.17
CA THR G 195 -9.05 -35.26 -35.50
C THR G 195 -8.17 -34.43 -34.57
N GLY G 196 -7.33 -35.08 -33.75
CA GLY G 196 -6.47 -34.33 -32.84
C GLY G 196 -5.38 -33.61 -33.59
N LYS G 197 -4.99 -32.45 -33.03
CA LYS G 197 -4.00 -31.59 -33.65
C LYS G 197 -2.72 -31.56 -32.81
N ALA G 198 -1.59 -31.38 -33.51
CA ALA G 198 -0.30 -31.34 -32.85
C ALA G 198 -0.25 -30.25 -31.80
N GLY G 199 0.32 -30.56 -30.65
CA GLY G 199 0.43 -29.60 -29.57
C GLY G 199 -0.82 -29.44 -28.73
N SER G 200 -1.92 -30.07 -29.12
CA SER G 200 -3.16 -30.01 -28.35
C SER G 200 -3.40 -31.33 -27.65
N PHE G 201 -4.38 -31.31 -26.74
CA PHE G 201 -4.68 -32.49 -25.91
C PHE G 201 -4.74 -33.78 -26.72
N GLY G 202 -5.47 -33.77 -27.83
CA GLY G 202 -5.62 -34.98 -28.60
C GLY G 202 -4.56 -35.30 -29.62
N ASP G 203 -3.35 -34.74 -29.48
CA ASP G 203 -2.31 -35.03 -30.45
C ASP G 203 -2.02 -36.52 -30.57
N LEU G 204 -2.13 -37.25 -29.45
CA LEU G 204 -1.98 -38.70 -29.43
C LEU G 204 -3.28 -39.30 -28.93
N GLN G 205 -3.87 -40.20 -29.71
CA GLN G 205 -5.13 -40.82 -29.34
C GLN G 205 -5.08 -42.32 -29.58
N SER G 206 -5.55 -43.09 -28.59
CA SER G 206 -5.58 -44.54 -28.66
C SER G 206 -6.93 -45.01 -28.15
N ARG G 207 -7.54 -45.96 -28.84
CA ARG G 207 -8.84 -46.46 -28.41
C ARG G 207 -8.77 -47.08 -27.02
N THR G 208 -7.69 -47.81 -26.75
CA THR G 208 -7.45 -48.41 -25.45
C THR G 208 -5.97 -48.29 -25.11
N SER G 209 -5.65 -48.50 -23.83
CA SER G 209 -4.26 -48.39 -23.41
C SER G 209 -3.41 -49.53 -23.95
N THR G 210 -4.03 -50.57 -24.51
CA THR G 210 -3.34 -51.71 -25.08
C THR G 210 -3.61 -51.82 -26.58
N SER G 211 -4.27 -50.84 -27.16
CA SER G 211 -4.63 -50.89 -28.57
C SER G 211 -3.38 -50.92 -29.45
N ASN G 212 -3.45 -51.74 -30.50
CA ASN G 212 -2.38 -51.86 -31.48
C ASN G 212 -2.48 -50.83 -32.59
N ASP G 213 -3.53 -50.01 -32.59
CA ASP G 213 -3.74 -48.96 -33.59
C ASP G 213 -3.69 -47.63 -32.85
N LEU G 214 -2.62 -46.89 -33.09
CA LEU G 214 -2.34 -45.62 -32.43
C LEU G 214 -2.42 -44.48 -33.44
N TYR G 215 -3.19 -43.45 -33.11
CA TYR G 215 -3.23 -42.23 -33.92
C TYR G 215 -2.31 -41.20 -33.29
N ALA G 216 -1.40 -40.68 -34.08
CA ALA G 216 -0.43 -39.66 -33.66
C ALA G 216 -0.39 -38.55 -34.69
N ASN G 217 -0.52 -37.29 -34.24
CA ASN G 217 -0.51 -36.15 -35.16
C ASN G 217 0.38 -35.06 -34.57
N THR G 218 1.67 -35.19 -34.83
CA THR G 218 2.71 -34.27 -34.41
C THR G 218 3.48 -33.85 -35.65
N ASN G 219 4.03 -32.63 -35.64
CA ASN G 219 4.83 -32.19 -36.78
C ASN G 219 6.23 -32.80 -36.71
N LEU G 220 6.26 -34.13 -36.76
CA LEU G 220 7.51 -34.88 -36.79
C LEU G 220 8.20 -34.63 -38.13
N LYS G 221 9.29 -33.87 -38.11
CA LYS G 221 10.04 -33.57 -39.33
C LYS G 221 11.48 -34.03 -39.14
N LEU G 222 11.92 -34.91 -40.02
CA LEU G 222 13.32 -35.33 -40.04
C LEU G 222 14.23 -34.21 -40.55
N GLN G 223 15.26 -33.91 -39.78
CA GLN G 223 16.24 -32.90 -40.15
C GLN G 223 17.48 -33.59 -40.72
N ARG G 224 18.19 -32.88 -41.58
CA ARG G 224 19.44 -33.39 -42.12
C ARG G 224 20.47 -33.61 -41.01
N PRO G 225 21.12 -34.78 -40.95
CA PRO G 225 22.20 -34.97 -39.96
C PRO G 225 23.33 -33.98 -40.16
N GLN G 226 23.93 -33.58 -39.03
CA GLN G 226 25.05 -32.65 -39.07
C GLN G 226 26.21 -33.27 -39.84
N ALA G 227 27.02 -32.41 -40.44
CA ALA G 227 28.12 -32.86 -41.28
C ALA G 227 29.05 -33.82 -40.57
N GLY G 228 29.20 -35.02 -41.12
CA GLY G 228 30.08 -36.05 -40.58
C GLY G 228 29.57 -36.83 -39.39
N ILE G 229 28.33 -36.64 -38.98
CA ILE G 229 27.81 -37.28 -37.77
C ILE G 229 26.69 -38.23 -38.15
N VAL G 230 26.73 -39.45 -37.63
CA VAL G 230 25.67 -40.42 -37.85
C VAL G 230 24.67 -40.28 -36.71
N HIS G 231 23.53 -39.68 -37.00
CA HIS G 231 22.45 -39.52 -36.05
C HIS G 231 21.20 -39.21 -36.85
N THR G 232 20.05 -39.29 -36.18
CA THR G 232 18.75 -39.01 -36.81
C THR G 232 18.09 -37.84 -36.09
N PRO G 233 18.49 -36.61 -36.39
CA PRO G 233 17.86 -35.45 -35.77
C PRO G 233 16.45 -35.24 -36.30
N PHE G 234 15.60 -34.66 -35.46
CA PHE G 234 14.22 -34.41 -35.85
C PHE G 234 13.68 -33.25 -35.01
N THR G 235 12.65 -32.61 -35.56
CA THR G 235 11.89 -31.57 -34.87
C THR G 235 10.46 -32.05 -34.68
N GLN G 236 9.88 -31.74 -33.54
CA GLN G 236 8.53 -32.21 -33.22
C GLN G 236 7.90 -31.22 -32.26
N VAL G 237 6.59 -31.03 -32.40
CA VAL G 237 5.85 -30.14 -31.52
C VAL G 237 5.77 -30.77 -30.13
N PRO G 238 6.07 -30.03 -29.06
CA PRO G 238 5.99 -30.60 -27.71
C PRO G 238 4.65 -31.29 -27.47
N SER G 239 4.70 -32.36 -26.67
CA SER G 239 3.53 -33.17 -26.42
C SER G 239 2.37 -32.32 -25.91
N GLY G 240 1.20 -32.50 -26.53
CA GLY G 240 0.02 -31.77 -26.13
C GLY G 240 -0.60 -32.27 -24.84
N PHE G 241 -0.27 -33.48 -24.42
CA PHE G 241 -0.73 -33.97 -23.13
C PHE G 241 -0.01 -33.27 -21.99
N GLU G 242 1.32 -33.15 -22.09
CA GLU G 242 2.06 -32.41 -21.07
C GLU G 242 1.63 -30.95 -21.05
N ARG G 243 1.38 -30.37 -22.23
CA ARG G 243 0.87 -29.01 -22.31
C ARG G 243 -0.49 -28.88 -21.63
N TRP G 244 -1.38 -29.84 -21.88
CA TRP G 244 -2.70 -29.81 -21.24
C TRP G 244 -2.59 -29.95 -19.72
N LYS G 245 -1.76 -30.87 -19.24
CA LYS G 245 -1.61 -31.03 -17.80
C LYS G 245 -1.23 -29.73 -17.12
N LYS G 246 -0.44 -28.89 -17.79
CA LYS G 246 -0.12 -27.57 -17.24
C LYS G 246 -1.33 -26.64 -17.29
N ASP G 247 -2.12 -26.73 -18.36
CA ASP G 247 -3.24 -25.83 -18.59
C ASP G 247 -4.60 -26.49 -18.35
N LYS G 248 -4.64 -27.68 -17.76
CA LYS G 248 -5.91 -28.38 -17.60
C LYS G 248 -6.91 -27.56 -16.79
N GLY G 249 -6.44 -26.68 -15.92
CA GLY G 249 -7.32 -25.82 -15.16
C GLY G 249 -7.98 -26.49 -13.97
N ALA G 250 -9.13 -25.93 -13.60
CA ALA G 250 -9.91 -26.40 -12.45
C ALA G 250 -10.71 -27.64 -12.81
N PRO G 251 -10.59 -28.73 -12.05
CA PRO G 251 -11.38 -29.92 -12.33
C PRO G 251 -12.82 -29.75 -11.88
N LEU G 252 -13.69 -30.61 -12.43
CA LEU G 252 -15.09 -30.58 -12.06
C LEU G 252 -15.29 -30.82 -10.56
N ASN G 253 -14.39 -31.58 -9.94
CA ASN G 253 -14.45 -31.81 -8.49
C ASN G 253 -14.45 -30.50 -7.71
N ASP G 254 -13.81 -29.46 -8.24
CA ASP G 254 -13.69 -28.17 -7.59
C ASP G 254 -14.74 -27.15 -8.00
N VAL G 255 -15.40 -27.33 -9.14
CA VAL G 255 -16.36 -26.35 -9.64
C VAL G 255 -17.77 -26.91 -9.79
N ALA G 256 -17.99 -28.19 -9.51
CA ALA G 256 -19.33 -28.74 -9.65
C ALA G 256 -20.30 -28.01 -8.72
N PRO G 257 -21.46 -27.57 -9.20
CA PRO G 257 -22.44 -26.91 -8.32
C PRO G 257 -23.07 -27.87 -7.33
N PHE G 258 -23.84 -27.27 -6.41
CA PHE G 258 -24.61 -27.98 -5.40
C PHE G 258 -23.76 -28.84 -4.47
N GLY G 259 -22.45 -28.60 -4.40
CA GLY G 259 -21.63 -29.38 -3.51
C GLY G 259 -21.45 -30.82 -3.92
N CYS G 260 -21.63 -31.13 -5.19
CA CYS G 260 -21.46 -32.51 -5.65
C CYS G 260 -20.03 -32.98 -5.42
N SER G 261 -19.90 -34.25 -5.03
CA SER G 261 -18.62 -34.91 -4.89
C SER G 261 -18.49 -35.89 -6.05
N ILE G 262 -17.36 -35.83 -6.74
CA ILE G 262 -17.13 -36.65 -7.93
C ILE G 262 -16.29 -37.87 -7.58
N ALA G 263 -16.77 -39.04 -7.97
CA ALA G 263 -16.11 -40.31 -7.75
C ALA G 263 -15.92 -40.97 -9.12
N LEU G 264 -14.91 -41.84 -9.23
CA LEU G 264 -14.57 -42.40 -10.53
C LEU G 264 -14.92 -43.88 -10.71
N GLU G 265 -15.15 -44.64 -9.64
CA GLU G 265 -15.42 -46.07 -9.76
C GLU G 265 -16.78 -46.44 -9.17
N PRO G 266 -17.87 -46.34 -9.94
CA PRO G 266 -17.97 -45.85 -11.33
C PRO G 266 -17.96 -44.33 -11.37
N LEU G 267 -17.76 -43.69 -12.52
CA LEU G 267 -17.84 -42.23 -12.57
C LEU G 267 -19.22 -41.78 -12.12
N ARG G 268 -19.26 -40.90 -11.12
CA ARG G 268 -20.54 -40.46 -10.59
C ARG G 268 -20.37 -39.17 -9.79
N ALA G 269 -21.49 -38.47 -9.61
CA ALA G 269 -21.56 -37.26 -8.80
C ALA G 269 -22.36 -37.61 -7.55
N GLU G 270 -21.77 -37.38 -6.39
CA GLU G 270 -22.39 -37.77 -5.12
C GLU G 270 -22.89 -36.59 -4.31
N ASN G 271 -23.99 -36.85 -3.59
CA ASN G 271 -24.59 -35.92 -2.64
C ASN G 271 -24.94 -34.56 -3.25
N CYS G 272 -25.46 -34.56 -4.48
CA CYS G 272 -25.90 -33.31 -5.09
C CYS G 272 -27.24 -32.91 -4.48
N ALA G 273 -27.28 -31.74 -3.84
CA ALA G 273 -28.50 -31.26 -3.19
C ALA G 273 -29.39 -30.55 -4.22
N VAL G 274 -30.02 -31.36 -5.08
CA VAL G 274 -30.82 -30.85 -6.18
C VAL G 274 -32.25 -31.37 -6.07
N GLY G 275 -33.21 -30.45 -6.06
CA GLY G 275 -34.63 -30.75 -6.08
C GLY G 275 -35.13 -31.50 -4.86
N SER G 276 -36.12 -32.36 -5.11
CA SER G 276 -36.78 -33.15 -4.08
C SER G 276 -36.97 -34.57 -4.59
N ILE G 277 -37.32 -35.47 -3.68
CA ILE G 277 -37.47 -36.88 -4.04
C ILE G 277 -38.84 -37.41 -3.61
N PRO G 278 -39.76 -37.69 -4.53
CA PRO G 278 -41.01 -38.34 -4.15
C PRO G 278 -40.73 -39.72 -3.58
N ILE G 279 -41.51 -40.10 -2.55
CA ILE G 279 -41.31 -41.39 -1.89
C ILE G 279 -42.65 -42.04 -1.57
N SER G 280 -42.60 -43.35 -1.36
CA SER G 280 -43.75 -44.15 -0.94
C SER G 280 -43.23 -45.32 -0.13
N ILE G 281 -43.65 -45.43 1.13
CA ILE G 281 -43.23 -46.51 2.01
C ILE G 281 -44.46 -47.21 2.58
N ASP G 282 -44.46 -48.54 2.52
CA ASP G 282 -45.53 -49.37 3.07
C ASP G 282 -45.10 -49.84 4.45
N ILE G 283 -45.72 -49.28 5.49
CA ILE G 283 -45.37 -49.62 6.87
C ILE G 283 -46.03 -50.95 7.26
N PRO G 284 -45.31 -51.88 7.89
CA PRO G 284 -45.93 -53.14 8.28
C PRO G 284 -47.14 -52.92 9.19
N ASP G 285 -48.18 -53.74 8.98
CA ASP G 285 -49.40 -53.62 9.76
C ASP G 285 -49.15 -53.89 11.24
N ALA G 286 -48.17 -54.74 11.57
CA ALA G 286 -47.87 -55.04 12.97
C ALA G 286 -47.34 -53.83 13.72
N ALA G 287 -46.90 -52.79 13.02
CA ALA G 287 -46.38 -51.60 13.68
C ALA G 287 -47.46 -50.67 14.20
N PHE G 288 -48.72 -50.85 13.80
CA PHE G 288 -49.80 -49.95 14.20
C PHE G 288 -50.55 -50.49 15.40
N THR G 289 -50.89 -49.58 16.33
CA THR G 289 -51.65 -49.88 17.52
C THR G 289 -52.98 -49.13 17.48
N ARG G 290 -54.06 -49.78 17.92
CA ARG G 290 -55.36 -49.13 17.92
C ARG G 290 -55.40 -47.94 18.86
N ILE G 291 -56.29 -47.00 18.55
CA ILE G 291 -56.44 -45.80 19.36
C ILE G 291 -56.70 -46.14 20.82
N SER G 292 -57.67 -47.04 21.06
CA SER G 292 -58.00 -47.43 22.43
C SER G 292 -56.87 -48.17 23.12
N GLU G 293 -55.90 -48.70 22.37
CA GLU G 293 -54.77 -49.41 22.97
C GLU G 293 -53.61 -48.49 23.32
N THR G 294 -53.66 -47.22 22.92
CA THR G 294 -52.60 -46.26 23.21
C THR G 294 -53.05 -45.25 24.26
N PRO G 295 -52.11 -44.63 24.97
CA PRO G 295 -52.47 -43.60 25.95
C PRO G 295 -53.09 -42.38 25.28
N THR G 296 -54.11 -41.83 25.93
CA THR G 296 -54.80 -40.64 25.46
C THR G 296 -54.21 -39.42 26.18
N VAL G 297 -53.84 -38.40 25.40
CA VAL G 297 -53.15 -37.22 25.92
C VAL G 297 -54.10 -36.03 25.81
N SER G 298 -54.25 -35.29 26.91
CA SER G 298 -55.15 -34.15 26.98
C SER G 298 -54.54 -33.08 27.86
N ASP G 299 -55.27 -31.96 28.00
CA ASP G 299 -54.82 -30.81 28.80
C ASP G 299 -53.41 -30.36 28.42
N LEU G 300 -53.14 -30.32 27.12
CA LEU G 300 -51.81 -29.95 26.64
C LEU G 300 -51.62 -28.43 26.66
N GLU G 301 -50.44 -28.01 27.12
CA GLU G 301 -50.06 -26.60 27.14
C GLU G 301 -48.57 -26.52 26.84
N CYS G 302 -48.21 -25.77 25.80
CA CYS G 302 -46.83 -25.66 25.34
C CYS G 302 -46.26 -24.28 25.66
N LYS G 303 -45.12 -24.26 26.34
CA LYS G 303 -44.42 -23.03 26.68
C LYS G 303 -43.00 -23.11 26.11
N ILE G 304 -42.66 -22.16 25.23
CA ILE G 304 -41.31 -22.08 24.71
C ILE G 304 -40.44 -21.32 25.71
N THR G 305 -39.45 -21.99 26.27
CA THR G 305 -38.61 -21.39 27.30
C THR G 305 -37.36 -20.71 26.77
N GLU G 306 -36.88 -21.12 25.59
CA GLU G 306 -35.71 -20.53 24.98
C GLU G 306 -35.82 -20.70 23.48
N CYS G 307 -35.31 -19.74 22.73
CA CYS G 307 -35.35 -19.87 21.27
C CYS G 307 -34.39 -18.92 20.58
N THR G 308 -33.62 -19.49 19.65
CA THR G 308 -32.71 -18.76 18.78
C THR G 308 -32.89 -19.39 17.41
N TYR G 309 -32.99 -18.56 16.37
CA TYR G 309 -33.15 -19.14 15.03
C TYR G 309 -31.81 -19.56 14.44
N ALA G 310 -31.06 -20.35 15.19
CA ALA G 310 -29.76 -20.84 14.76
C ALA G 310 -29.93 -22.09 13.90
N PHE G 311 -28.88 -22.39 13.12
CA PHE G 311 -28.89 -23.60 12.29
C PHE G 311 -29.05 -24.86 13.13
N ASP G 312 -28.49 -24.88 14.33
CA ASP G 312 -28.63 -26.03 15.20
C ASP G 312 -30.02 -26.01 15.86
N PHE G 313 -30.27 -26.96 16.76
CA PHE G 313 -31.50 -27.00 17.54
C PHE G 313 -31.41 -26.01 18.70
N GLY G 314 -31.51 -24.72 18.33
CA GLY G 314 -31.38 -23.63 19.28
C GLY G 314 -32.60 -23.36 20.14
N GLY G 315 -33.73 -24.01 19.87
CA GLY G 315 -34.94 -23.81 20.64
C GLY G 315 -35.22 -24.92 21.63
N ILE G 316 -35.83 -24.55 22.76
CA ILE G 316 -36.21 -25.47 23.82
C ILE G 316 -37.63 -25.10 24.25
N ALA G 317 -38.49 -26.11 24.42
CA ALA G 317 -39.86 -25.86 24.82
C ALA G 317 -40.29 -26.90 25.86
N THR G 318 -41.23 -26.48 26.71
CA THR G 318 -41.80 -27.33 27.75
C THR G 318 -43.28 -27.52 27.47
N VAL G 319 -43.73 -28.76 27.44
CA VAL G 319 -45.14 -29.09 27.21
C VAL G 319 -45.71 -29.76 28.44
N ALA G 320 -46.71 -29.13 29.05
CA ALA G 320 -47.43 -29.70 30.17
C ALA G 320 -48.56 -30.56 29.63
N TYR G 321 -48.87 -31.65 30.33
CA TYR G 321 -49.87 -32.57 29.81
C TYR G 321 -50.48 -33.41 30.91
N LYS G 322 -51.59 -34.05 30.57
CA LYS G 322 -52.26 -35.06 31.38
C LYS G 322 -52.59 -36.21 30.43
N SER G 323 -52.36 -37.45 30.87
CA SER G 323 -52.65 -38.58 30.00
C SER G 323 -52.99 -39.82 30.82
N SER G 324 -53.75 -40.71 30.19
CA SER G 324 -54.10 -41.99 30.75
C SER G 324 -53.09 -43.06 30.31
N LYS G 325 -53.02 -44.13 31.11
CA LYS G 325 -52.15 -45.28 30.85
C LYS G 325 -50.65 -44.97 30.93
N ALA G 326 -50.28 -43.69 30.96
CA ALA G 326 -48.89 -43.28 31.15
C ALA G 326 -47.91 -44.09 30.30
N GLY G 327 -48.12 -44.06 28.99
CA GLY G 327 -47.26 -44.77 28.06
C GLY G 327 -46.38 -43.86 27.22
N ASN G 328 -45.75 -44.47 26.23
CA ASN G 328 -44.91 -43.76 25.26
C ASN G 328 -45.78 -43.07 24.21
N CYS G 329 -45.32 -41.91 23.74
CA CYS G 329 -46.14 -41.11 22.85
C CYS G 329 -45.30 -40.43 21.76
N PRO G 330 -45.59 -40.70 20.48
CA PRO G 330 -44.90 -39.99 19.40
C PRO G 330 -45.11 -38.49 19.45
N ILE G 331 -44.07 -37.75 19.07
CA ILE G 331 -44.09 -36.29 19.04
C ILE G 331 -43.68 -35.85 17.65
N HIS G 332 -44.46 -34.95 17.04
CA HIS G 332 -44.13 -34.47 15.71
C HIS G 332 -44.80 -33.13 15.46
N SER G 333 -44.12 -32.29 14.67
CA SER G 333 -44.64 -31.00 14.24
C SER G 333 -44.89 -31.07 12.73
N PRO G 334 -46.13 -31.28 12.29
CA PRO G 334 -46.36 -31.36 10.83
C PRO G 334 -46.07 -30.07 10.09
N SER G 335 -46.21 -28.92 10.73
CA SER G 335 -45.91 -27.65 10.09
C SER G 335 -44.40 -27.50 9.89
N GLY G 336 -44.03 -26.87 8.77
CA GLY G 336 -42.64 -26.63 8.44
C GLY G 336 -41.98 -25.52 9.23
N VAL G 337 -42.73 -24.90 10.14
CA VAL G 337 -42.21 -23.80 10.94
C VAL G 337 -41.03 -24.25 11.80
N ALA G 338 -41.12 -25.44 12.40
CA ALA G 338 -40.04 -25.92 13.25
C ALA G 338 -39.86 -27.43 13.12
N VAL G 339 -38.60 -27.85 13.18
CA VAL G 339 -38.21 -29.26 13.10
C VAL G 339 -37.91 -29.73 14.52
N ILE G 340 -38.57 -30.79 14.96
CA ILE G 340 -38.43 -31.27 16.33
C ILE G 340 -37.29 -32.28 16.40
N LYS G 341 -36.43 -32.13 17.39
CA LYS G 341 -35.31 -33.05 17.57
C LYS G 341 -35.79 -34.41 18.08
N GLU G 342 -36.62 -34.39 19.12
CA GLU G 342 -37.12 -35.64 19.70
C GLU G 342 -38.19 -36.26 18.81
N ASN G 343 -38.17 -37.60 18.74
CA ASN G 343 -39.17 -38.35 17.98
C ASN G 343 -40.31 -38.84 18.84
N ASP G 344 -40.05 -39.14 20.12
CA ASP G 344 -41.09 -39.61 21.02
C ASP G 344 -40.67 -39.32 22.45
N VAL G 345 -41.65 -39.36 23.35
CA VAL G 345 -41.42 -39.09 24.77
C VAL G 345 -42.21 -40.11 25.59
N THR G 346 -41.81 -40.25 26.85
CA THR G 346 -42.48 -41.12 27.80
C THR G 346 -43.41 -40.27 28.64
N LEU G 347 -44.70 -40.60 28.64
CA LEU G 347 -45.70 -39.83 29.36
C LEU G 347 -46.11 -40.52 30.65
N ALA G 348 -46.37 -39.71 31.67
CA ALA G 348 -46.87 -40.17 32.96
C ALA G 348 -48.35 -39.85 33.05
N GLU G 349 -48.95 -40.14 34.21
CA GLU G 349 -50.36 -39.80 34.40
C GLU G 349 -50.54 -38.29 34.25
N SER G 350 -49.62 -37.51 34.78
CA SER G 350 -49.63 -36.06 34.64
C SER G 350 -48.21 -35.57 34.81
N GLY G 351 -47.92 -34.41 34.24
CA GLY G 351 -46.61 -33.81 34.35
C GLY G 351 -46.32 -32.92 33.15
N SER G 352 -45.04 -32.87 32.79
CA SER G 352 -44.60 -32.11 31.63
C SER G 352 -43.36 -32.76 31.05
N PHE G 353 -43.10 -32.47 29.77
CA PHE G 353 -41.92 -32.96 29.07
C PHE G 353 -41.36 -31.80 28.25
N THR G 354 -40.09 -31.91 27.88
CA THR G 354 -39.44 -30.90 27.07
C THR G 354 -38.95 -31.51 25.75
N PHE G 355 -38.85 -30.65 24.74
CA PHE G 355 -38.35 -31.03 23.44
C PHE G 355 -37.55 -29.89 22.86
N HIS G 356 -36.66 -30.20 21.91
CA HIS G 356 -35.84 -29.20 21.24
C HIS G 356 -36.25 -29.11 19.79
N PHE G 357 -36.14 -27.90 19.23
CA PHE G 357 -36.52 -27.67 17.84
C PHE G 357 -35.63 -26.61 17.24
N SER G 358 -35.58 -26.60 15.90
CA SER G 358 -34.85 -25.61 15.14
C SER G 358 -35.82 -24.88 14.22
N THR G 359 -35.70 -23.56 14.15
CA THR G 359 -36.61 -22.77 13.34
C THR G 359 -35.93 -21.49 12.89
N ALA G 360 -36.27 -21.03 11.68
CA ALA G 360 -35.77 -19.78 11.16
C ALA G 360 -36.69 -18.61 11.50
N ASN G 361 -37.89 -18.88 11.99
CA ASN G 361 -38.89 -17.85 12.22
C ASN G 361 -38.55 -17.05 13.47
N ILE G 362 -38.69 -15.73 13.37
CA ILE G 362 -38.44 -14.86 14.50
C ILE G 362 -39.55 -14.95 15.54
N HIS G 363 -40.76 -15.35 15.13
CA HIS G 363 -41.88 -15.58 16.04
C HIS G 363 -42.50 -16.92 15.66
N PRO G 364 -41.94 -18.02 16.12
CA PRO G 364 -42.48 -19.33 15.77
C PRO G 364 -43.91 -19.52 16.24
N ALA G 365 -44.69 -20.20 15.40
CA ALA G 365 -46.09 -20.53 15.70
C ALA G 365 -46.35 -21.81 14.93
N PHE G 366 -46.29 -22.94 15.63
CA PHE G 366 -46.45 -24.23 14.99
C PHE G 366 -47.29 -25.17 15.82
N LYS G 367 -47.95 -26.09 15.13
CA LYS G 367 -48.78 -27.12 15.76
C LYS G 367 -47.89 -28.32 16.07
N LEU G 368 -47.91 -28.76 17.32
CA LEU G 368 -47.17 -29.93 17.75
C LEU G 368 -48.17 -31.06 17.94
N GLN G 369 -47.97 -32.15 17.22
CA GLN G 369 -48.84 -33.32 17.32
C GLN G 369 -48.30 -34.27 18.39
N VAL G 370 -49.14 -34.57 19.37
CA VAL G 370 -48.85 -35.51 20.43
C VAL G 370 -49.84 -36.65 20.28
N CYS G 371 -49.33 -37.88 20.22
CA CYS G 371 -50.13 -39.06 19.87
C CYS G 371 -51.61 -38.89 20.24
N THR G 372 -52.47 -38.90 19.21
CA THR G 372 -53.92 -38.72 19.31
C THR G 372 -54.33 -37.30 19.70
N SER G 373 -53.38 -36.39 19.93
CA SER G 373 -53.69 -35.02 20.36
C SER G 373 -52.77 -34.05 19.63
N ALA G 374 -52.92 -32.77 19.94
CA ALA G 374 -52.09 -31.73 19.33
C ALA G 374 -52.14 -30.47 20.19
N VAL G 375 -51.07 -29.67 20.11
CA VAL G 375 -50.95 -28.44 20.87
C VAL G 375 -50.22 -27.41 20.00
N THR G 376 -50.53 -26.13 20.23
CA THR G 376 -49.90 -25.04 19.51
C THR G 376 -48.84 -24.36 20.38
N CYS G 377 -47.64 -24.21 19.85
CA CYS G 377 -46.53 -23.57 20.53
C CYS G 377 -46.27 -22.21 19.90
N LYS G 378 -46.12 -21.17 20.74
CA LYS G 378 -45.82 -19.83 20.27
C LYS G 378 -44.73 -19.22 21.13
N GLY G 379 -43.89 -18.39 20.51
CA GLY G 379 -42.81 -17.76 21.24
C GLY G 379 -42.04 -16.82 20.34
N ASP G 380 -40.96 -16.27 20.90
CA ASP G 380 -40.07 -15.34 20.20
C ASP G 380 -38.66 -15.91 20.23
N CYS G 381 -37.87 -15.61 19.20
CA CYS G 381 -36.52 -16.15 19.08
C CYS G 381 -35.51 -15.04 18.86
N LYS G 382 -34.34 -15.18 19.48
CA LYS G 382 -33.22 -14.25 19.40
C LYS G 382 -32.32 -14.59 18.21
N PRO G 383 -31.56 -13.62 17.70
CA PRO G 383 -30.64 -13.92 16.60
C PRO G 383 -29.46 -14.74 17.11
N PRO G 384 -28.84 -15.55 16.25
CA PRO G 384 -27.69 -16.34 16.69
C PRO G 384 -26.46 -15.48 16.92
N LYS G 385 -25.55 -16.01 17.75
CA LYS G 385 -24.28 -15.34 18.04
C LYS G 385 -23.24 -15.57 16.94
N ASP G 386 -23.13 -16.81 16.46
CA ASP G 386 -22.13 -17.19 15.46
C ASP G 386 -22.54 -16.74 14.05
N HIS G 387 -21.67 -15.95 13.42
CA HIS G 387 -21.87 -15.53 12.04
C HIS G 387 -21.72 -16.70 11.08
N ILE G 388 -20.70 -17.53 11.26
CA ILE G 388 -20.37 -18.65 10.38
C ILE G 388 -20.34 -19.93 11.20
N VAL G 389 -20.98 -20.97 10.67
CA VAL G 389 -21.02 -22.29 11.27
C VAL G 389 -20.52 -23.33 10.28
N ASP G 390 -20.01 -24.43 10.82
CA ASP G 390 -19.45 -25.54 10.05
C ASP G 390 -20.47 -26.64 9.75
N TYR G 391 -21.76 -26.39 9.94
CA TYR G 391 -22.79 -27.40 9.71
C TYR G 391 -23.97 -26.77 9.01
N ALA G 392 -24.65 -27.58 8.19
CA ALA G 392 -25.85 -27.16 7.49
C ALA G 392 -27.02 -26.96 8.43
N ALA G 393 -27.90 -26.03 8.04
CA ALA G 393 -29.10 -25.73 8.81
C ALA G 393 -30.06 -26.90 8.83
N GLN G 394 -30.64 -27.15 10.01
CA GLN G 394 -31.62 -28.22 10.20
C GLN G 394 -33.03 -27.82 9.80
N HIS G 395 -33.25 -26.54 9.46
CA HIS G 395 -34.57 -26.02 9.13
C HIS G 395 -34.56 -25.37 7.76
N THR G 396 -35.76 -25.08 7.26
CA THR G 396 -35.93 -24.37 5.99
C THR G 396 -36.52 -22.98 6.26
N GLU G 397 -35.82 -21.95 5.79
CA GLU G 397 -36.29 -20.58 5.93
C GLU G 397 -37.37 -20.28 4.90
N SER G 398 -38.42 -19.59 5.33
CA SER G 398 -39.51 -19.18 4.46
C SER G 398 -39.44 -17.68 4.19
N PHE G 399 -40.31 -17.22 3.29
CA PHE G 399 -40.36 -15.81 2.94
C PHE G 399 -40.73 -14.94 4.14
N THR G 400 -41.70 -15.36 4.94
CA THR G 400 -42.16 -14.57 6.08
C THR G 400 -41.45 -14.90 7.38
N SER G 401 -40.43 -15.78 7.34
CA SER G 401 -39.75 -16.17 8.57
C SER G 401 -39.06 -14.99 9.24
N ALA G 402 -38.52 -14.05 8.46
CA ALA G 402 -37.82 -12.91 9.03
C ALA G 402 -38.73 -11.76 9.45
N ILE G 403 -40.01 -11.79 9.10
CA ILE G 403 -40.89 -10.66 9.39
C ILE G 403 -41.25 -10.69 10.88
N SER G 404 -40.79 -9.68 11.62
CA SER G 404 -41.11 -9.55 13.03
C SER G 404 -42.50 -8.97 13.23
N ALA G 405 -42.98 -9.04 14.47
CA ALA G 405 -44.27 -8.45 14.80
C ALA G 405 -44.27 -6.95 14.55
N THR G 406 -43.14 -6.29 14.83
CA THR G 406 -43.02 -4.86 14.56
C THR G 406 -43.13 -4.58 13.07
N ALA G 407 -42.47 -5.39 12.24
CA ALA G 407 -42.57 -5.21 10.79
C ALA G 407 -43.98 -5.50 10.31
N TRP G 408 -44.63 -6.54 10.84
CA TRP G 408 -46.00 -6.83 10.46
C TRP G 408 -46.93 -5.67 10.85
N SER G 409 -46.69 -5.07 12.01
CA SER G 409 -47.49 -3.91 12.42
C SER G 409 -47.36 -2.77 11.42
N TRP G 410 -46.13 -2.45 11.01
CA TRP G 410 -45.94 -1.41 10.01
C TRP G 410 -46.59 -1.77 8.68
N ILE G 411 -46.47 -3.03 8.26
CA ILE G 411 -47.11 -3.46 7.02
C ILE G 411 -48.61 -3.29 7.11
N LYS G 412 -49.20 -3.70 8.24
CA LYS G 412 -50.64 -3.54 8.42
C LYS G 412 -51.03 -2.07 8.47
N VAL G 413 -50.20 -1.25 9.11
CA VAL G 413 -50.49 0.19 9.16
C VAL G 413 -50.38 0.81 7.78
N LEU G 414 -49.30 0.51 7.05
CA LEU G 414 -49.14 1.07 5.72
C LEU G 414 -50.22 0.57 4.76
N VAL G 415 -50.48 -0.73 4.75
CA VAL G 415 -51.50 -1.27 3.87
C VAL G 415 -52.88 -0.81 4.31
N GLY G 416 -53.15 -0.87 5.63
CA GLY G 416 -54.43 -0.41 6.13
C GLY G 416 -54.65 1.07 5.94
N GLY G 417 -53.58 1.86 6.13
CA GLY G 417 -53.70 3.30 5.95
C GLY G 417 -54.06 3.69 4.53
N THR G 418 -53.33 3.15 3.55
CA THR G 418 -53.62 3.49 2.15
C THR G 418 -54.96 2.92 1.71
N SER G 419 -55.27 1.69 2.10
CA SER G 419 -56.56 1.11 1.73
C SER G 419 -57.71 1.91 2.30
N ALA G 420 -57.65 2.24 3.60
CA ALA G 420 -58.71 3.00 4.24
C ALA G 420 -58.81 4.41 3.64
N PHE G 421 -57.67 5.02 3.33
CA PHE G 421 -57.68 6.37 2.78
C PHE G 421 -58.29 6.40 1.38
N ILE G 422 -57.97 5.40 0.56
CA ILE G 422 -58.57 5.31 -0.77
C ILE G 422 -60.06 5.03 -0.67
N VAL G 423 -60.45 4.10 0.20
CA VAL G 423 -61.86 3.75 0.36
C VAL G 423 -62.66 4.97 0.80
N LEU G 424 -62.08 5.79 1.67
CA LEU G 424 -62.76 7.03 2.07
C LEU G 424 -63.08 7.89 0.86
N GLY G 425 -62.11 8.05 -0.04
CA GLY G 425 -62.36 8.84 -1.24
C GLY G 425 -63.46 8.26 -2.11
N LEU G 426 -63.49 6.94 -2.26
CA LEU G 426 -64.53 6.31 -3.06
C LEU G 426 -65.91 6.45 -2.40
N ILE G 427 -65.98 6.27 -1.08
CA ILE G 427 -67.26 6.44 -0.39
C ILE G 427 -67.72 7.89 -0.47
N ALA G 428 -66.81 8.83 -0.22
CA ALA G 428 -67.15 10.24 -0.29
C ALA G 428 -67.69 10.59 -1.68
N THR G 429 -67.07 10.05 -2.73
CA THR G 429 -67.57 10.30 -4.09
C THR G 429 -68.96 9.71 -4.29
N ALA G 430 -69.19 8.49 -3.82
CA ALA G 430 -70.51 7.87 -3.96
C ALA G 430 -71.57 8.61 -3.16
N VAL G 431 -71.21 9.08 -1.96
CA VAL G 431 -72.20 9.78 -1.13
C VAL G 431 -72.58 11.11 -1.75
N VAL G 432 -71.59 11.90 -2.20
CA VAL G 432 -71.90 13.18 -2.80
C VAL G 432 -72.66 13.00 -4.11
N ALA G 433 -72.32 11.96 -4.88
CA ALA G 433 -73.05 11.70 -6.12
C ALA G 433 -74.52 11.40 -5.83
N LEU G 434 -74.79 10.66 -4.76
CA LEU G 434 -76.17 10.36 -4.40
C LEU G 434 -76.90 11.59 -3.88
N VAL G 435 -76.19 12.45 -3.14
CA VAL G 435 -76.80 13.70 -2.67
C VAL G 435 -77.21 14.57 -3.86
N LEU G 436 -76.35 14.68 -4.87
CA LEU G 436 -76.70 15.46 -6.04
C LEU G 436 -77.92 14.88 -6.75
N PHE G 437 -78.03 13.55 -6.78
CA PHE G 437 -79.20 12.93 -7.38
C PHE G 437 -80.48 13.33 -6.63
N PHE G 438 -80.43 13.33 -5.30
CA PHE G 438 -81.60 13.74 -4.52
C PHE G 438 -81.84 15.25 -4.58
N HIS G 439 -80.83 16.05 -4.91
CA HIS G 439 -81.08 17.47 -5.15
C HIS G 439 -82.00 17.65 -6.35
N ARG G 440 -81.78 16.88 -7.41
CA ARG G 440 -82.65 16.93 -8.57
C ARG G 440 -84.01 16.29 -8.26
N HIS G 441 -84.02 15.22 -7.46
CA HIS G 441 -85.26 14.54 -7.10
C HIS G 441 -85.60 14.77 -5.63
N ASP H 1 17.79 -63.64 -7.25
CA ASP H 1 18.86 -64.03 -8.16
C ASP H 1 19.00 -63.01 -9.28
N LEU H 2 20.21 -62.47 -9.44
CA LEU H 2 20.47 -61.52 -10.52
C LEU H 2 20.63 -62.19 -11.87
N ASP H 3 21.00 -63.47 -11.89
CA ASP H 3 21.21 -64.16 -13.16
C ASP H 3 19.97 -64.14 -14.04
N THR H 4 18.78 -64.16 -13.44
CA THR H 4 17.55 -64.15 -14.21
C THR H 4 17.22 -62.78 -14.80
N HIS H 5 17.84 -61.72 -14.30
CA HIS H 5 17.59 -60.38 -14.81
C HIS H 5 18.55 -59.97 -15.92
N PHE H 6 19.64 -60.71 -16.10
CA PHE H 6 20.63 -60.41 -17.13
C PHE H 6 20.72 -61.47 -18.22
N THR H 7 19.82 -62.45 -18.23
CA THR H 7 19.89 -63.49 -19.25
C THR H 7 19.83 -62.91 -20.65
N GLN H 8 19.05 -61.85 -20.85
CA GLN H 8 18.98 -61.22 -22.16
C GLN H 8 20.10 -60.19 -22.34
N TYR H 9 20.42 -59.45 -21.30
CA TYR H 9 21.47 -58.43 -21.38
C TYR H 9 22.85 -59.05 -21.59
N LYS H 10 23.05 -60.31 -21.18
CA LYS H 10 24.33 -60.96 -21.43
C LYS H 10 24.60 -61.10 -22.93
N LEU H 11 23.55 -61.13 -23.74
CA LEU H 11 23.72 -61.28 -25.18
C LEU H 11 24.03 -59.96 -25.89
N ALA H 12 23.90 -58.83 -25.21
CA ALA H 12 24.19 -57.53 -25.79
C ALA H 12 25.53 -57.02 -25.29
N ARG H 13 26.07 -56.03 -26.00
CA ARG H 13 27.33 -55.40 -25.68
C ARG H 13 27.19 -53.89 -25.65
N PRO H 14 28.14 -53.18 -25.03
CA PRO H 14 28.16 -51.73 -25.12
C PRO H 14 28.56 -51.31 -26.53
N TYR H 15 28.37 -50.02 -26.82
CA TYR H 15 28.76 -49.47 -28.10
C TYR H 15 29.18 -48.02 -27.94
N ILE H 16 29.90 -47.52 -28.95
CA ILE H 16 30.35 -46.13 -29.01
C ILE H 16 29.48 -45.39 -30.00
N ALA H 17 28.90 -44.27 -29.56
CA ALA H 17 28.00 -43.49 -30.39
C ALA H 17 28.26 -42.00 -30.17
N ASP H 18 27.79 -41.22 -31.13
CA ASP H 18 27.95 -39.77 -31.10
C ASP H 18 27.37 -39.14 -29.85
N CYS H 19 28.15 -38.29 -29.19
CA CYS H 19 27.74 -37.54 -28.01
C CYS H 19 27.92 -36.05 -28.28
N PRO H 20 26.87 -35.23 -28.10
CA PRO H 20 27.01 -33.79 -28.37
C PRO H 20 28.15 -33.11 -27.63
N ASN H 21 28.43 -33.49 -26.38
CA ASN H 21 29.49 -32.84 -25.60
C ASN H 21 30.29 -33.88 -24.82
N CYS H 22 31.50 -34.17 -25.30
CA CYS H 22 32.45 -35.02 -24.58
C CYS H 22 33.41 -34.08 -23.87
N GLY H 23 32.93 -33.51 -22.77
CA GLY H 23 33.62 -32.40 -22.14
C GLY H 23 33.48 -31.08 -22.87
N HIS H 24 34.49 -30.70 -23.66
CA HIS H 24 34.43 -29.45 -24.42
C HIS H 24 33.99 -29.59 -25.87
N SER H 25 33.92 -30.80 -26.44
CA SER H 25 33.57 -30.90 -27.85
C SER H 25 32.86 -32.22 -28.15
N ARG H 26 32.19 -32.22 -29.30
CA ARG H 26 31.48 -33.41 -29.76
C ARG H 26 32.46 -34.53 -30.09
N CYS H 27 32.11 -35.75 -29.71
CA CYS H 27 32.95 -36.91 -29.99
C CYS H 27 32.10 -38.17 -29.92
N ASP H 28 32.72 -39.29 -30.31
CA ASP H 28 32.10 -40.60 -30.20
C ASP H 28 32.37 -41.09 -28.79
N SER H 29 31.37 -40.94 -27.92
CA SER H 29 31.46 -41.27 -26.50
C SER H 29 31.06 -42.72 -26.24
N PRO H 30 31.83 -43.43 -25.40
CA PRO H 30 31.44 -44.78 -25.00
C PRO H 30 30.26 -44.82 -24.04
N ILE H 31 29.85 -43.68 -23.49
CA ILE H 31 28.74 -43.58 -22.55
C ILE H 31 27.68 -42.62 -23.08
N ALA H 32 27.55 -42.56 -24.41
CA ALA H 32 26.60 -41.65 -25.05
C ALA H 32 25.19 -41.85 -24.51
N ILE H 33 24.53 -40.75 -24.20
CA ILE H 33 23.18 -40.77 -23.66
C ILE H 33 22.17 -40.88 -24.80
N GLU H 34 21.44 -42.00 -24.83
CA GLU H 34 20.45 -42.26 -25.87
C GLU H 34 19.10 -41.64 -25.54
N GLU H 35 18.69 -41.69 -24.28
CA GLU H 35 17.39 -41.19 -23.88
C GLU H 35 17.47 -40.77 -22.41
N VAL H 36 16.71 -39.73 -22.08
CA VAL H 36 16.49 -39.33 -20.69
C VAL H 36 14.99 -39.32 -20.43
N ARG H 37 14.55 -40.23 -19.56
CA ARG H 37 13.15 -40.32 -19.13
C ARG H 37 13.06 -39.52 -17.83
N GLY H 38 12.40 -38.37 -17.89
CA GLY H 38 12.26 -37.51 -16.73
C GLY H 38 10.86 -37.04 -16.43
N ASP H 39 9.88 -37.93 -16.61
CA ASP H 39 8.49 -37.59 -16.40
C ASP H 39 7.97 -37.98 -15.02
N ALA H 40 8.85 -38.52 -14.16
CA ALA H 40 8.47 -38.80 -12.78
C ALA H 40 8.24 -37.50 -12.02
N HIS H 41 7.52 -37.61 -10.90
CA HIS H 41 7.17 -36.45 -10.10
C HIS H 41 8.36 -35.81 -9.40
N ALA H 42 9.05 -36.55 -8.53
CA ALA H 42 10.05 -35.95 -7.65
C ALA H 42 11.48 -36.27 -8.07
N GLY H 43 11.91 -35.66 -9.17
CA GLY H 43 13.28 -35.75 -9.64
C GLY H 43 13.78 -37.08 -10.18
N VAL H 44 13.00 -38.16 -10.10
CA VAL H 44 13.50 -39.43 -10.61
C VAL H 44 13.60 -39.35 -12.13
N ILE H 45 14.81 -39.59 -12.66
CA ILE H 45 15.06 -39.64 -14.09
C ILE H 45 15.76 -40.96 -14.41
N ARG H 46 15.42 -41.54 -15.55
CA ARG H 46 16.06 -42.75 -16.06
C ARG H 46 16.82 -42.41 -17.33
N ILE H 47 18.13 -42.65 -17.31
CA ILE H 47 19.05 -42.32 -18.39
C ILE H 47 19.53 -43.60 -19.05
N GLN H 48 19.29 -43.73 -20.34
CA GLN H 48 19.82 -44.84 -21.13
C GLN H 48 21.09 -44.41 -21.83
N THR H 49 22.16 -45.18 -21.64
CA THR H 49 23.47 -44.94 -22.22
C THR H 49 23.87 -46.11 -23.10
N SER H 50 25.00 -45.95 -23.80
CA SER H 50 25.60 -47.03 -24.58
C SER H 50 26.47 -47.96 -23.73
N ALA H 51 26.78 -47.59 -22.49
CA ALA H 51 27.59 -48.38 -21.60
C ALA H 51 26.73 -49.42 -20.87
N MET H 52 27.35 -50.52 -20.47
CA MET H 52 26.67 -51.55 -19.70
C MET H 52 27.12 -51.46 -18.24
N PHE H 53 26.13 -51.41 -17.35
CA PHE H 53 26.33 -51.35 -15.91
C PHE H 53 25.87 -52.64 -15.24
N GLY H 54 26.72 -53.19 -14.38
CA GLY H 54 26.47 -54.47 -13.74
C GLY H 54 26.86 -55.68 -14.55
N LEU H 55 27.37 -55.51 -15.76
CA LEU H 55 27.80 -56.64 -16.57
C LEU H 55 29.26 -56.52 -16.93
N LYS H 56 29.91 -57.67 -17.04
CA LYS H 56 31.30 -57.77 -17.47
C LYS H 56 31.37 -58.92 -18.46
N THR H 57 32.42 -58.91 -19.29
CA THR H 57 32.58 -59.99 -20.26
C THR H 57 32.66 -61.35 -19.57
N ASP H 58 33.11 -61.37 -18.32
CA ASP H 58 33.23 -62.60 -17.53
C ASP H 58 31.95 -63.02 -16.82
N GLY H 59 30.93 -62.18 -16.76
CA GLY H 59 29.71 -62.56 -16.08
C GLY H 59 28.93 -61.34 -15.59
N VAL H 60 28.11 -61.58 -14.56
CA VAL H 60 27.27 -60.55 -13.95
C VAL H 60 27.87 -60.14 -12.62
N ASP H 61 27.94 -58.83 -12.39
CA ASP H 61 28.39 -58.29 -11.11
C ASP H 61 28.00 -56.81 -11.04
N LEU H 62 27.14 -56.45 -10.09
CA LEU H 62 26.68 -55.06 -10.01
C LEU H 62 27.81 -54.08 -9.69
N ALA H 63 28.96 -54.57 -9.23
CA ALA H 63 30.11 -53.71 -8.98
C ALA H 63 30.91 -53.40 -10.23
N TYR H 64 30.68 -54.15 -11.30
CA TYR H 64 31.41 -54.04 -12.55
C TYR H 64 30.62 -53.30 -13.61
N MET H 65 31.37 -52.71 -14.55
CA MET H 65 30.83 -51.96 -15.67
C MET H 65 31.59 -52.39 -16.91
N SER H 66 30.90 -52.35 -18.05
CA SER H 66 31.50 -52.68 -19.34
C SER H 66 31.21 -51.61 -20.37
N PHE H 67 32.25 -51.25 -21.13
CA PHE H 67 32.16 -50.24 -22.15
C PHE H 67 33.10 -50.65 -23.29
N MET H 68 32.86 -50.08 -24.46
CA MET H 68 33.71 -50.31 -25.62
C MET H 68 34.94 -49.41 -25.62
N ASN H 69 36.10 -50.05 -25.81
CA ASN H 69 37.39 -49.40 -25.95
C ASN H 69 37.80 -49.61 -27.41
N GLY H 70 37.24 -48.78 -28.28
CA GLY H 70 37.34 -48.98 -29.72
C GLY H 70 36.63 -50.24 -30.17
N LYS H 71 37.36 -51.14 -30.82
CA LYS H 71 36.80 -52.45 -31.18
C LYS H 71 36.81 -53.46 -30.04
N THR H 72 37.51 -53.18 -28.95
CA THR H 72 37.64 -54.14 -27.85
C THR H 72 36.73 -53.74 -26.71
N GLN H 73 35.94 -54.69 -26.22
CA GLN H 73 35.08 -54.45 -25.07
C GLN H 73 35.91 -54.52 -23.80
N LYS H 74 35.85 -53.45 -23.01
CA LYS H 74 36.54 -53.36 -21.74
C LYS H 74 35.55 -53.45 -20.60
N SER H 75 35.92 -54.15 -19.52
CA SER H 75 35.10 -54.26 -18.33
C SER H 75 35.90 -53.84 -17.12
N ILE H 76 35.35 -52.91 -16.34
CA ILE H 76 36.02 -52.32 -15.20
C ILE H 76 35.02 -52.22 -14.05
N LYS H 77 35.57 -52.09 -12.84
CA LYS H 77 34.74 -51.75 -11.68
C LYS H 77 34.23 -50.32 -11.79
N ILE H 78 32.97 -50.13 -11.41
CA ILE H 78 32.36 -48.81 -11.39
C ILE H 78 33.19 -47.90 -10.49
N ASP H 79 33.76 -46.85 -11.08
CA ASP H 79 34.61 -45.91 -10.36
C ASP H 79 34.11 -44.50 -10.63
N ASN H 80 33.55 -43.89 -9.60
CA ASN H 80 32.97 -42.54 -9.65
C ASN H 80 31.98 -42.37 -10.79
N LEU H 81 31.16 -43.39 -11.02
CA LEU H 81 30.03 -43.23 -11.92
C LEU H 81 29.13 -42.12 -11.37
N HIS H 82 28.87 -41.09 -12.17
CA HIS H 82 28.12 -39.96 -11.67
C HIS H 82 27.16 -39.42 -12.72
N VAL H 83 26.11 -38.78 -12.22
CA VAL H 83 25.08 -38.11 -13.01
C VAL H 83 24.95 -36.70 -12.47
N ARG H 84 24.92 -35.71 -13.36
CA ARG H 84 24.85 -34.32 -12.93
C ARG H 84 23.91 -33.53 -13.83
N THR H 85 22.97 -32.81 -13.21
CA THR H 85 22.00 -31.95 -13.88
C THR H 85 21.98 -30.63 -13.13
N SER H 86 22.97 -29.78 -13.39
CA SER H 86 23.17 -28.53 -12.64
C SER H 86 23.61 -28.78 -11.21
N ALA H 87 23.56 -30.03 -10.75
CA ALA H 87 24.07 -30.41 -9.45
C ALA H 87 24.20 -31.93 -9.43
N PRO H 88 25.02 -32.48 -8.54
CA PRO H 88 25.17 -33.94 -8.51
C PRO H 88 23.86 -34.65 -8.19
N CYS H 89 23.64 -35.76 -8.87
CA CYS H 89 22.46 -36.60 -8.67
C CYS H 89 22.80 -37.82 -7.84
N SER H 90 21.89 -38.18 -6.94
CA SER H 90 22.04 -39.41 -6.16
C SER H 90 21.68 -40.58 -7.08
N LEU H 91 22.60 -41.54 -7.19
CA LEU H 91 22.31 -42.75 -7.96
C LEU H 91 21.45 -43.70 -7.16
N VAL H 92 20.36 -44.15 -7.79
CA VAL H 92 19.43 -45.10 -7.22
C VAL H 92 19.87 -46.52 -7.57
N SER H 93 19.99 -46.80 -8.86
CA SER H 93 20.45 -48.11 -9.33
C SER H 93 20.78 -48.00 -10.81
N HIS H 94 21.45 -49.05 -11.31
CA HIS H 94 21.85 -49.13 -12.71
C HIS H 94 21.68 -50.56 -13.18
N HIS H 95 21.33 -50.71 -14.46
CA HIS H 95 21.10 -52.02 -15.04
C HIS H 95 21.23 -51.92 -16.55
N GLY H 96 22.17 -52.68 -17.10
CA GLY H 96 22.43 -52.66 -18.54
C GLY H 96 22.72 -51.26 -19.04
N TYR H 97 21.95 -50.80 -20.02
CA TYR H 97 22.10 -49.46 -20.54
C TYR H 97 21.53 -48.36 -19.64
N TYR H 98 20.74 -48.72 -18.63
CA TYR H 98 19.94 -47.75 -17.88
C TYR H 98 20.56 -47.35 -16.56
N ILE H 99 20.49 -46.05 -16.27
CA ILE H 99 20.94 -45.47 -15.01
C ILE H 99 19.75 -44.76 -14.39
N LEU H 100 19.45 -45.07 -13.13
CA LEU H 100 18.40 -44.40 -12.37
C LEU H 100 19.04 -43.47 -11.35
N ALA H 101 18.67 -42.19 -11.40
CA ALA H 101 19.23 -41.19 -10.52
C ALA H 101 18.15 -40.20 -10.12
N GLN H 102 18.32 -39.63 -8.93
CA GLN H 102 17.45 -38.55 -8.43
C GLN H 102 18.17 -37.22 -8.64
N CYS H 103 17.74 -36.48 -9.65
CA CYS H 103 18.38 -35.26 -10.12
C CYS H 103 17.55 -34.02 -9.81
N PRO H 104 18.17 -32.94 -9.35
CA PRO H 104 17.45 -31.68 -9.19
C PRO H 104 17.23 -31.03 -10.53
N PRO H 105 16.36 -30.02 -10.62
CA PRO H 105 16.11 -29.39 -11.91
C PRO H 105 17.39 -28.87 -12.54
N GLY H 106 17.41 -28.90 -13.86
CA GLY H 106 18.57 -28.42 -14.60
C GLY H 106 18.29 -28.41 -16.09
N ASP H 107 19.18 -27.73 -16.81
CA ASP H 107 19.09 -27.58 -18.25
C ASP H 107 19.84 -28.67 -19.01
N THR H 108 20.75 -29.40 -18.35
CA THR H 108 21.57 -30.40 -19.00
C THR H 108 21.58 -31.67 -18.14
N VAL H 109 21.92 -32.78 -18.78
CA VAL H 109 22.12 -34.07 -18.10
C VAL H 109 23.50 -34.57 -18.45
N THR H 110 24.38 -34.61 -17.46
CA THR H 110 25.76 -35.06 -17.63
C THR H 110 25.94 -36.42 -16.97
N VAL H 111 26.46 -37.37 -17.73
CA VAL H 111 26.75 -38.72 -17.26
C VAL H 111 28.20 -39.03 -17.61
N GLY H 112 28.92 -39.64 -16.66
CA GLY H 112 30.29 -40.00 -16.93
C GLY H 112 30.82 -40.93 -15.86
N PHE H 113 32.00 -41.48 -16.15
CA PHE H 113 32.65 -42.46 -15.31
C PHE H 113 34.15 -42.35 -15.51
N HIS H 114 34.90 -42.89 -14.57
CA HIS H 114 36.35 -42.91 -14.65
C HIS H 114 36.86 -44.32 -14.93
N ASP H 115 37.95 -44.38 -15.68
CA ASP H 115 38.67 -45.62 -16.00
C ASP H 115 40.14 -45.30 -15.77
N GLY H 116 40.59 -45.48 -14.54
CA GLY H 116 41.93 -45.11 -14.16
C GLY H 116 42.15 -43.63 -14.33
N PRO H 117 43.16 -43.22 -15.10
CA PRO H 117 43.38 -41.79 -15.34
C PRO H 117 42.44 -41.17 -16.35
N ASN H 118 41.68 -41.96 -17.09
CA ASN H 118 40.78 -41.46 -18.13
C ASN H 118 39.44 -41.06 -17.54
N ARG H 119 38.79 -40.07 -18.16
CA ARG H 119 37.46 -39.65 -17.76
C ARG H 119 36.57 -39.58 -19.00
N HIS H 120 35.48 -40.33 -18.99
CA HIS H 120 34.51 -40.41 -20.08
C HIS H 120 33.20 -39.76 -19.61
N THR H 121 32.81 -38.66 -20.25
CA THR H 121 31.58 -37.96 -19.91
C THR H 121 30.77 -37.70 -21.17
N CYS H 122 29.47 -37.48 -20.97
CA CYS H 122 28.55 -37.12 -22.05
C CYS H 122 27.48 -36.19 -21.48
N THR H 123 27.41 -34.97 -22.01
CA THR H 123 26.43 -33.97 -21.61
C THR H 123 25.47 -33.70 -22.75
N VAL H 124 24.17 -33.86 -22.49
CA VAL H 124 23.12 -33.60 -23.48
C VAL H 124 22.17 -32.56 -22.92
N ALA H 125 21.68 -31.70 -23.81
CA ALA H 125 20.64 -30.72 -23.49
C ALA H 125 19.30 -31.41 -23.23
N HIS H 126 18.81 -31.30 -21.99
CA HIS H 126 17.56 -31.93 -21.60
C HIS H 126 17.05 -31.22 -20.36
N LYS H 127 15.90 -30.56 -20.46
CA LYS H 127 15.32 -29.86 -19.32
C LYS H 127 14.77 -30.86 -18.31
N VAL H 128 15.42 -30.95 -17.16
CA VAL H 128 14.99 -31.79 -16.06
C VAL H 128 14.24 -30.90 -15.08
N GLU H 129 12.96 -31.21 -14.83
CA GLU H 129 12.13 -30.40 -13.95
C GLU H 129 11.65 -31.22 -12.76
N PHE H 130 11.52 -30.55 -11.63
CA PHE H 130 10.88 -31.13 -10.45
C PHE H 130 9.37 -30.94 -10.57
N ARG H 131 8.64 -32.04 -10.48
CA ARG H 131 7.19 -32.04 -10.60
C ARG H 131 6.53 -32.40 -9.27
N PRO H 132 6.35 -31.43 -8.37
CA PRO H 132 5.67 -31.72 -7.11
C PRO H 132 4.27 -32.30 -7.35
N VAL H 133 3.91 -33.28 -6.53
CA VAL H 133 2.61 -33.90 -6.55
C VAL H 133 1.67 -33.21 -5.56
N GLY H 134 0.50 -32.82 -6.06
CA GLY H 134 -0.49 -32.11 -5.27
C GLY H 134 -0.77 -30.66 -5.61
N ARG H 135 -1.22 -29.90 -4.62
CA ARG H 135 -1.61 -28.50 -4.78
C ARG H 135 -0.57 -27.51 -4.28
N GLU H 136 0.67 -27.95 -4.04
CA GLU H 136 1.72 -27.05 -3.58
C GLU H 136 2.97 -27.32 -4.40
N LYS H 137 3.60 -26.24 -4.88
CA LYS H 137 4.81 -26.33 -5.70
C LYS H 137 6.08 -26.39 -4.85
N TYR H 138 6.22 -27.48 -4.11
CA TYR H 138 7.42 -27.68 -3.32
C TYR H 138 8.59 -28.03 -4.24
N ARG H 139 9.80 -27.67 -3.80
CA ARG H 139 11.02 -27.86 -4.56
C ARG H 139 11.82 -29.10 -4.17
N HIS H 140 11.47 -29.78 -3.08
CA HIS H 140 12.23 -30.95 -2.67
C HIS H 140 11.33 -31.81 -1.81
N PRO H 141 11.39 -33.13 -1.94
CA PRO H 141 10.55 -34.01 -1.10
C PRO H 141 10.56 -33.59 0.36
N PRO H 142 9.40 -33.33 0.94
CA PRO H 142 9.35 -32.92 2.35
C PRO H 142 9.69 -34.07 3.30
N GLU H 143 10.09 -33.68 4.51
CA GLU H 143 10.32 -34.66 5.55
C GLU H 143 9.01 -35.31 5.99
N HIS H 144 7.92 -34.54 5.96
CA HIS H 144 6.63 -34.97 6.46
C HIS H 144 5.54 -34.20 5.72
N GLY H 145 4.32 -34.74 5.76
CA GLY H 145 3.19 -34.09 5.12
C GLY H 145 2.08 -35.08 4.81
N VAL H 146 1.36 -34.81 3.72
CA VAL H 146 0.30 -35.68 3.24
C VAL H 146 0.85 -36.63 2.17
N GLU H 147 0.59 -37.91 2.36
CA GLU H 147 1.02 -38.96 1.43
C GLU H 147 0.02 -39.05 0.27
N LEU H 148 0.46 -38.67 -0.93
CA LEU H 148 -0.37 -38.62 -2.13
C LEU H 148 0.14 -39.61 -3.18
N PRO H 149 -0.76 -40.21 -3.95
CA PRO H 149 -0.32 -41.07 -5.06
C PRO H 149 0.47 -40.30 -6.11
N CYS H 150 1.53 -40.92 -6.59
CA CYS H 150 2.42 -40.30 -7.56
C CYS H 150 3.00 -41.35 -8.50
N ASN H 151 3.57 -40.86 -9.60
CA ASN H 151 4.25 -41.67 -10.61
C ASN H 151 5.75 -41.66 -10.36
N ARG H 152 6.33 -42.85 -10.20
CA ARG H 152 7.75 -43.02 -9.93
C ARG H 152 8.32 -44.12 -10.80
N TYR H 153 9.60 -44.00 -11.13
CA TYR H 153 10.32 -45.11 -11.75
C TYR H 153 10.81 -46.04 -10.65
N THR H 154 10.32 -47.27 -10.65
CA THR H 154 10.71 -48.20 -9.61
C THR H 154 12.21 -48.49 -9.71
N HIS H 155 12.84 -48.65 -8.55
CA HIS H 155 14.27 -48.92 -8.47
C HIS H 155 14.60 -50.38 -8.77
N LYS H 156 13.59 -51.25 -8.83
CA LYS H 156 13.79 -52.67 -9.05
C LYS H 156 14.08 -52.97 -10.52
N ARG H 157 15.04 -53.87 -10.74
CA ARG H 157 15.53 -54.29 -12.04
C ARG H 157 14.60 -55.26 -12.77
N ALA H 158 13.63 -55.85 -12.10
CA ALA H 158 12.84 -56.92 -12.70
C ALA H 158 12.00 -56.46 -13.89
N ASP H 159 11.74 -57.43 -14.78
CA ASP H 159 10.96 -57.25 -15.99
C ASP H 159 9.49 -57.02 -15.65
N GLN H 160 8.94 -55.88 -16.08
CA GLN H 160 7.55 -55.53 -15.81
C GLN H 160 6.76 -55.24 -17.09
N GLY H 161 7.10 -55.94 -18.17
CA GLY H 161 6.40 -55.88 -19.44
C GLY H 161 6.84 -54.84 -20.44
N HIS H 162 7.94 -54.12 -20.21
CA HIS H 162 8.47 -53.15 -21.16
C HIS H 162 9.78 -53.65 -21.72
N TYR H 163 9.90 -53.64 -23.04
CA TYR H 163 11.06 -54.16 -23.73
C TYR H 163 11.55 -53.20 -24.80
N VAL H 164 12.84 -53.31 -25.11
CA VAL H 164 13.48 -52.62 -26.22
C VAL H 164 14.13 -53.69 -27.08
N GLU H 165 14.32 -53.37 -28.36
CA GLU H 165 14.89 -54.32 -29.29
C GLU H 165 16.40 -54.17 -29.41
N MET H 166 17.09 -55.31 -29.46
CA MET H 166 18.52 -55.37 -29.72
C MET H 166 18.70 -56.01 -31.08
N HIS H 167 19.49 -55.36 -31.93
CA HIS H 167 19.70 -55.79 -33.31
C HIS H 167 21.16 -56.15 -33.55
N GLN H 168 21.38 -56.98 -34.55
CA GLN H 168 22.74 -57.29 -34.98
C GLN H 168 23.46 -55.99 -35.38
N PRO H 169 24.65 -55.73 -34.85
CA PRO H 169 25.35 -54.48 -35.16
C PRO H 169 25.61 -54.30 -36.65
N GLY H 170 25.54 -53.05 -37.09
CA GLY H 170 25.90 -52.70 -38.45
C GLY H 170 27.40 -52.76 -38.64
N LEU H 171 27.83 -52.50 -39.88
CA LEU H 171 29.26 -52.51 -40.16
C LEU H 171 29.99 -51.50 -39.26
N VAL H 172 31.04 -51.97 -38.61
CA VAL H 172 31.84 -51.15 -37.70
C VAL H 172 33.10 -50.71 -38.45
N ALA H 173 33.10 -49.49 -38.96
CA ALA H 173 34.24 -48.98 -39.72
C ALA H 173 35.44 -48.83 -38.80
N ASP H 174 36.61 -49.28 -39.26
CA ASP H 174 37.83 -49.22 -38.45
C ASP H 174 39.03 -49.23 -39.40
N HIS H 175 39.58 -48.05 -39.68
CA HIS H 175 40.73 -47.94 -40.57
C HIS H 175 42.01 -48.49 -39.97
N SER H 176 42.06 -48.75 -38.66
CA SER H 176 43.27 -49.28 -38.05
C SER H 176 43.54 -50.73 -38.46
N LEU H 177 42.56 -51.38 -39.09
CA LEU H 177 42.77 -52.70 -39.69
C LEU H 177 43.71 -52.66 -40.89
N LEU H 178 43.97 -51.48 -41.45
CA LEU H 178 44.78 -51.35 -42.65
C LEU H 178 46.20 -50.91 -42.31
N SER H 179 47.18 -51.52 -42.98
CA SER H 179 48.59 -51.21 -42.79
C SER H 179 49.29 -51.27 -44.14
N ILE H 180 50.47 -50.65 -44.20
CA ILE H 180 51.20 -50.55 -45.47
C ILE H 180 51.91 -51.85 -45.82
N HIS H 181 52.40 -52.59 -44.83
CA HIS H 181 53.11 -53.87 -45.03
C HIS H 181 54.17 -53.67 -46.11
N SER H 182 54.23 -54.52 -47.14
CA SER H 182 55.13 -54.37 -48.28
C SER H 182 54.66 -53.33 -49.28
N ALA H 183 54.40 -52.10 -48.82
CA ALA H 183 53.89 -51.04 -49.68
C ALA H 183 52.56 -51.42 -50.32
N LYS H 184 51.84 -52.34 -49.70
CA LYS H 184 50.58 -52.86 -50.22
C LYS H 184 49.64 -53.00 -49.03
N VAL H 185 48.51 -52.28 -49.09
CA VAL H 185 47.54 -52.26 -48.01
C VAL H 185 47.22 -53.68 -47.56
N LYS H 186 47.50 -53.98 -46.29
CA LYS H 186 47.20 -55.26 -45.68
C LYS H 186 46.04 -55.09 -44.71
N ILE H 187 45.09 -56.02 -44.77
CA ILE H 187 43.92 -56.02 -43.91
C ILE H 187 44.15 -57.02 -42.78
N THR H 188 44.30 -56.49 -41.57
CA THR H 188 44.48 -57.31 -40.37
C THR H 188 43.10 -57.70 -39.84
N VAL H 189 42.84 -59.01 -39.79
CA VAL H 189 41.57 -59.54 -39.34
C VAL H 189 41.76 -60.08 -37.93
N PRO H 190 41.12 -59.49 -36.91
CA PRO H 190 41.20 -60.07 -35.56
C PRO H 190 40.54 -61.44 -35.52
N SER H 191 41.10 -62.31 -34.67
CA SER H 191 40.61 -63.67 -34.56
C SER H 191 39.14 -63.71 -34.16
N GLY H 192 38.40 -64.60 -34.81
CA GLY H 192 36.99 -64.81 -34.55
C GLY H 192 36.05 -63.80 -35.16
N ALA H 193 36.53 -62.94 -36.05
CA ALA H 193 35.71 -61.93 -36.69
C ALA H 193 36.11 -61.79 -38.15
N GLN H 194 35.26 -61.12 -38.92
CA GLN H 194 35.49 -60.90 -40.34
C GLN H 194 35.69 -59.41 -40.59
N VAL H 195 36.49 -59.09 -41.60
CA VAL H 195 36.73 -57.72 -42.02
C VAL H 195 36.25 -57.53 -43.45
N LYS H 196 35.31 -56.61 -43.63
CA LYS H 196 34.86 -56.21 -44.96
C LYS H 196 35.73 -55.05 -45.43
N TYR H 197 36.20 -55.14 -46.66
CA TYR H 197 37.06 -54.11 -47.24
C TYR H 197 36.51 -53.67 -48.59
N TYR H 198 36.67 -52.39 -48.87
CA TYR H 198 36.26 -51.77 -50.12
C TYR H 198 37.35 -50.79 -50.52
N CYS H 199 38.12 -51.17 -51.53
CA CYS H 199 39.22 -50.35 -52.06
C CYS H 199 38.89 -49.95 -53.48
N LYS H 200 38.99 -48.65 -53.77
CA LYS H 200 38.67 -48.10 -55.07
C LYS H 200 39.88 -47.40 -55.67
N CYS H 201 41.06 -47.99 -55.48
CA CYS H 201 42.28 -47.53 -56.12
C CYS H 201 42.17 -47.91 -57.60
N PRO H 202 43.17 -47.58 -58.44
CA PRO H 202 43.11 -48.05 -59.84
C PRO H 202 42.67 -49.50 -59.99
N ASP H 203 43.15 -50.37 -59.11
CA ASP H 203 42.73 -51.76 -59.05
C ASP H 203 41.65 -51.88 -57.98
N VAL H 204 40.39 -51.75 -58.42
CA VAL H 204 39.25 -51.80 -57.51
C VAL H 204 39.11 -53.21 -56.95
N ARG H 205 39.14 -53.33 -55.62
CA ARG H 205 39.03 -54.61 -54.92
C ARG H 205 38.10 -54.45 -53.74
N LYS H 206 37.17 -55.38 -53.58
CA LYS H 206 36.23 -55.37 -52.47
C LYS H 206 35.86 -56.80 -52.10
N GLY H 207 35.51 -57.02 -50.84
CA GLY H 207 35.11 -58.34 -50.40
C GLY H 207 35.15 -58.46 -48.89
N ILE H 208 34.90 -59.68 -48.44
CA ILE H 208 34.91 -60.05 -47.03
C ILE H 208 35.99 -61.11 -46.81
N THR H 209 36.95 -60.80 -45.94
CA THR H 209 38.07 -61.68 -45.65
C THR H 209 38.02 -62.10 -44.18
N SER H 210 38.16 -63.41 -43.96
CA SER H 210 38.23 -64.01 -42.63
C SER H 210 39.63 -64.01 -42.04
N SER H 211 40.64 -63.68 -42.84
CA SER H 211 42.02 -63.72 -42.39
C SER H 211 42.78 -62.57 -43.06
N ASP H 212 44.02 -62.39 -42.64
CA ASP H 212 44.86 -61.36 -43.24
C ASP H 212 44.88 -61.48 -44.76
N HIS H 213 44.58 -60.37 -45.42
CA HIS H 213 44.50 -60.30 -46.88
C HIS H 213 45.25 -59.06 -47.35
N THR H 214 46.10 -59.23 -48.36
CA THR H 214 46.86 -58.13 -48.95
C THR H 214 46.22 -57.74 -50.28
N THR H 215 45.81 -56.48 -50.38
CA THR H 215 45.18 -55.97 -51.59
C THR H 215 46.22 -55.34 -52.51
N THR H 216 45.79 -54.99 -53.72
CA THR H 216 46.64 -54.33 -54.71
C THR H 216 46.89 -52.86 -54.43
N CYS H 217 46.02 -52.20 -53.65
CA CYS H 217 46.19 -50.79 -53.36
C CYS H 217 47.39 -50.55 -52.45
N THR H 218 47.99 -49.38 -52.61
CA THR H 218 49.22 -48.97 -51.92
C THR H 218 49.04 -47.99 -50.78
N ASP H 219 47.85 -47.40 -50.57
CA ASP H 219 47.69 -46.42 -49.51
C ASP H 219 46.41 -46.66 -48.74
N VAL H 220 46.52 -46.53 -47.42
CA VAL H 220 45.39 -46.77 -46.51
C VAL H 220 44.18 -45.91 -46.87
N LYS H 221 44.40 -44.65 -47.26
CA LYS H 221 43.26 -43.81 -47.60
C LYS H 221 42.50 -44.34 -48.80
N GLN H 222 43.11 -45.22 -49.59
CA GLN H 222 42.45 -45.82 -50.75
C GLN H 222 41.50 -46.94 -50.39
N CYS H 223 41.48 -47.37 -49.12
CA CYS H 223 40.62 -48.47 -48.68
C CYS H 223 39.81 -48.09 -47.46
N ARG H 224 38.71 -48.82 -47.27
CA ARG H 224 37.87 -48.73 -46.08
C ARG H 224 37.71 -50.14 -45.53
N ALA H 225 38.01 -50.31 -44.25
CA ALA H 225 37.85 -51.57 -43.54
C ALA H 225 36.71 -51.49 -42.53
N TYR H 226 35.82 -52.49 -42.55
CA TYR H 226 34.70 -52.56 -41.63
C TYR H 226 34.77 -53.91 -40.90
N LEU H 227 34.61 -53.86 -39.57
CA LEU H 227 34.60 -55.05 -38.73
C LEU H 227 33.22 -55.68 -38.66
N ILE H 228 33.12 -56.95 -39.03
CA ILE H 228 31.89 -57.74 -38.96
C ILE H 228 32.05 -58.70 -37.79
N ASP H 229 31.36 -58.42 -36.69
CA ASP H 229 31.39 -59.26 -35.49
C ASP H 229 29.98 -59.30 -34.92
N ASN H 230 29.31 -60.42 -35.11
CA ASN H 230 27.93 -60.63 -34.69
C ASN H 230 27.81 -61.41 -33.39
N LYS H 231 28.91 -61.60 -32.66
CA LYS H 231 28.85 -62.35 -31.41
C LYS H 231 27.91 -61.67 -30.41
N LYS H 232 27.97 -60.35 -30.32
CA LYS H 232 27.15 -59.59 -29.40
C LYS H 232 26.26 -58.65 -30.20
N TRP H 233 25.05 -58.43 -29.71
CA TRP H 233 24.09 -57.55 -30.37
C TRP H 233 24.10 -56.19 -29.68
N VAL H 234 23.51 -55.21 -30.36
CA VAL H 234 23.42 -53.85 -29.82
C VAL H 234 22.01 -53.31 -29.96
N TYR H 235 21.66 -52.39 -29.07
CA TYR H 235 20.39 -51.68 -29.17
C TYR H 235 20.33 -51.00 -30.53
N ASN H 236 19.15 -50.96 -31.14
CA ASN H 236 19.00 -50.33 -32.45
C ASN H 236 18.99 -48.81 -32.28
N SER H 237 20.14 -48.32 -31.85
CA SER H 237 20.34 -46.89 -31.59
C SER H 237 20.23 -46.07 -32.88
N GLY H 238 19.58 -44.92 -32.78
CA GLY H 238 19.49 -44.02 -33.91
C GLY H 238 20.82 -43.41 -34.32
N ARG H 239 21.86 -43.66 -33.53
CA ARG H 239 23.20 -43.13 -33.77
C ARG H 239 24.16 -44.18 -34.33
N LEU H 240 23.65 -45.35 -34.70
CA LEU H 240 24.42 -46.42 -35.30
C LEU H 240 23.88 -46.78 -36.68
N PRO H 241 24.74 -47.14 -37.63
CA PRO H 241 24.22 -47.57 -38.94
C PRO H 241 23.53 -48.92 -38.85
N ARG H 242 22.39 -49.02 -39.53
CA ARG H 242 21.62 -50.25 -39.55
C ARG H 242 22.32 -51.32 -40.38
N GLY H 243 22.21 -52.57 -39.93
CA GLY H 243 22.75 -53.69 -40.68
C GLY H 243 21.85 -54.06 -41.85
N GLU H 244 22.31 -55.05 -42.61
CA GLU H 244 21.59 -55.50 -43.79
C GLU H 244 20.62 -56.63 -43.48
N GLY H 245 19.46 -56.57 -44.12
CA GLY H 245 18.35 -57.49 -43.91
C GLY H 245 17.62 -57.28 -42.59
N ASP H 246 17.09 -58.38 -42.07
CA ASP H 246 16.44 -58.40 -40.75
C ASP H 246 17.49 -58.47 -39.66
N THR H 247 17.83 -57.32 -39.09
CA THR H 247 18.85 -57.29 -38.04
C THR H 247 18.28 -57.58 -36.66
N PHE H 248 16.96 -57.68 -36.54
CA PHE H 248 16.31 -57.94 -35.25
C PHE H 248 16.75 -59.29 -34.69
N LYS H 249 17.32 -59.27 -33.48
CA LYS H 249 17.81 -60.48 -32.84
C LYS H 249 17.12 -60.80 -31.52
N GLY H 250 16.58 -59.81 -30.81
CA GLY H 250 15.90 -60.13 -29.56
C GLY H 250 15.36 -58.89 -28.89
N LYS H 251 14.75 -59.12 -27.72
CA LYS H 251 14.22 -58.08 -26.85
C LYS H 251 14.99 -57.95 -25.55
N LEU H 252 15.18 -56.71 -25.10
CA LEU H 252 15.78 -56.41 -23.81
C LEU H 252 14.73 -55.67 -23.00
N HIS H 253 14.41 -56.20 -21.81
CA HIS H 253 13.48 -55.53 -20.92
C HIS H 253 14.00 -54.19 -20.43
N VAL H 254 13.07 -53.27 -20.20
CA VAL H 254 13.33 -51.98 -19.56
C VAL H 254 13.32 -52.20 -18.05
N PRO H 255 14.43 -51.97 -17.35
CA PRO H 255 14.48 -52.31 -15.92
C PRO H 255 13.65 -51.43 -14.99
N PHE H 256 13.73 -50.11 -15.11
CA PHE H 256 13.07 -49.21 -14.17
C PHE H 256 11.80 -48.64 -14.78
N VAL H 257 10.80 -49.51 -14.85
CA VAL H 257 9.49 -49.19 -15.43
C VAL H 257 8.77 -48.16 -14.55
N PRO H 258 8.09 -47.18 -15.13
CA PRO H 258 7.27 -46.27 -14.32
C PRO H 258 6.19 -47.02 -13.56
N VAL H 259 6.02 -46.68 -12.28
CA VAL H 259 5.01 -47.31 -11.43
C VAL H 259 4.30 -46.24 -10.61
N LYS H 260 3.08 -46.57 -10.21
CA LYS H 260 2.33 -45.77 -9.24
C LYS H 260 2.89 -45.97 -7.84
N ALA H 261 3.18 -44.87 -7.16
CA ALA H 261 3.78 -44.91 -5.84
C ALA H 261 3.17 -43.81 -4.98
N LYS H 262 3.55 -43.79 -3.71
CA LYS H 262 3.14 -42.77 -2.76
C LYS H 262 4.26 -41.78 -2.48
N CYS H 263 3.98 -40.49 -2.69
CA CYS H 263 4.91 -39.39 -2.47
C CYS H 263 4.37 -38.49 -1.37
N ILE H 264 5.26 -38.02 -0.51
CA ILE H 264 4.93 -37.06 0.53
C ILE H 264 4.87 -35.64 -0.04
N ALA H 265 3.74 -34.98 0.15
CA ALA H 265 3.52 -33.60 -0.25
C ALA H 265 3.39 -32.73 1.00
N THR H 266 3.92 -31.51 0.91
CA THR H 266 3.84 -30.57 2.03
C THR H 266 2.40 -30.25 2.41
N LEU H 267 2.22 -29.83 3.66
CA LEU H 267 0.96 -29.32 4.17
C LEU H 267 1.21 -27.87 4.58
N ALA H 268 0.55 -26.94 3.89
CA ALA H 268 0.70 -25.54 4.21
C ALA H 268 0.18 -25.25 5.61
N PRO H 269 0.70 -24.21 6.28
CA PRO H 269 0.20 -23.86 7.61
C PRO H 269 -1.28 -23.55 7.56
N GLU H 270 -2.02 -24.02 8.55
CA GLU H 270 -3.45 -23.73 8.58
C GLU H 270 -3.70 -22.24 8.71
N PRO H 271 -4.61 -21.67 7.93
CA PRO H 271 -4.85 -20.23 7.99
C PRO H 271 -5.61 -19.81 9.23
N LEU H 272 -5.41 -18.55 9.63
CA LEU H 272 -6.23 -17.98 10.69
C LEU H 272 -7.58 -17.68 10.06
N VAL H 273 -8.66 -18.11 10.71
CA VAL H 273 -10.01 -17.95 10.18
C VAL H 273 -10.77 -16.96 11.06
N GLU H 274 -11.24 -15.89 10.44
CA GLU H 274 -12.04 -14.86 11.10
C GLU H 274 -13.41 -14.87 10.44
N HIS H 275 -14.45 -14.70 11.23
CA HIS H 275 -15.83 -14.74 10.74
C HIS H 275 -16.49 -13.38 10.91
N LYS H 276 -17.15 -12.92 9.84
CA LYS H 276 -17.92 -11.70 9.86
C LYS H 276 -19.28 -12.02 9.23
N HIS H 277 -20.20 -11.07 9.32
CA HIS H 277 -21.53 -11.27 8.73
C HIS H 277 -21.46 -11.76 7.28
N ARG H 278 -21.86 -13.01 7.05
CA ARG H 278 -21.86 -13.61 5.72
C ARG H 278 -20.50 -13.50 5.03
N THR H 279 -19.41 -13.45 5.81
CA THR H 279 -18.09 -13.31 5.21
C THR H 279 -17.07 -14.15 5.97
N LEU H 280 -16.25 -14.86 5.20
CA LEU H 280 -15.15 -15.67 5.70
C LEU H 280 -13.84 -14.99 5.34
N ILE H 281 -13.03 -14.69 6.35
CA ILE H 281 -11.74 -14.03 6.16
C ILE H 281 -10.65 -15.02 6.53
N LEU H 282 -9.79 -15.35 5.57
CA LEU H 282 -8.69 -16.27 5.76
C LEU H 282 -7.36 -15.53 5.68
N HIS H 283 -6.51 -15.73 6.69
CA HIS H 283 -5.16 -15.19 6.69
C HIS H 283 -4.24 -16.35 6.33
N LEU H 284 -3.70 -16.32 5.11
CA LEU H 284 -2.92 -17.41 4.55
C LEU H 284 -1.45 -17.03 4.54
N HIS H 285 -0.62 -17.85 5.17
CA HIS H 285 0.83 -17.62 5.27
C HIS H 285 1.52 -18.87 4.75
N PRO H 286 1.58 -19.05 3.43
CA PRO H 286 2.16 -20.26 2.88
C PRO H 286 3.68 -20.24 2.85
N ASP H 287 4.26 -21.44 2.77
CA ASP H 287 5.69 -21.62 2.62
C ASP H 287 6.10 -21.61 1.15
N HIS H 288 5.24 -22.17 0.31
CA HIS H 288 5.45 -22.38 -1.12
C HIS H 288 4.20 -21.91 -1.84
N PRO H 289 4.30 -21.59 -3.12
CA PRO H 289 3.08 -21.29 -3.90
C PRO H 289 2.02 -22.34 -3.64
N THR H 290 0.92 -21.94 -3.00
CA THR H 290 -0.14 -22.86 -2.60
C THR H 290 -1.44 -22.48 -3.28
N LEU H 291 -2.11 -23.49 -3.83
CA LEU H 291 -3.37 -23.33 -4.55
C LEU H 291 -4.55 -23.25 -3.59
N LEU H 292 -5.28 -22.14 -3.60
CA LEU H 292 -6.48 -21.98 -2.82
C LEU H 292 -7.65 -21.94 -3.79
N THR H 293 -8.63 -22.82 -3.56
CA THR H 293 -9.85 -22.89 -4.36
C THR H 293 -11.07 -22.91 -3.47
N THR H 294 -12.13 -22.22 -3.91
CA THR H 294 -13.38 -22.16 -3.18
C THR H 294 -14.53 -22.28 -4.18
N ARG H 295 -15.68 -22.75 -3.69
CA ARG H 295 -16.89 -22.85 -4.48
C ARG H 295 -18.11 -22.74 -3.59
N SER H 296 -19.14 -22.08 -4.09
CA SER H 296 -20.43 -22.06 -3.41
C SER H 296 -21.15 -23.39 -3.56
N LEU H 297 -21.95 -23.73 -2.56
CA LEU H 297 -22.76 -24.94 -2.54
C LEU H 297 -24.15 -24.72 -3.12
N GLY H 298 -24.37 -23.59 -3.78
CA GLY H 298 -25.66 -23.24 -4.34
C GLY H 298 -25.74 -23.57 -5.81
N SER H 299 -26.74 -22.99 -6.48
CA SER H 299 -26.94 -23.26 -7.90
C SER H 299 -25.86 -22.66 -8.78
N ASP H 300 -25.12 -21.67 -8.29
CA ASP H 300 -24.01 -21.09 -9.04
C ASP H 300 -22.77 -21.27 -8.18
N ALA H 301 -21.87 -22.17 -8.60
CA ALA H 301 -20.69 -22.46 -7.80
C ALA H 301 -19.79 -21.25 -7.63
N ASN H 302 -19.75 -20.36 -8.62
CA ASN H 302 -18.91 -19.17 -8.61
C ASN H 302 -17.52 -19.54 -8.08
N PRO H 303 -16.86 -20.53 -8.69
CA PRO H 303 -15.57 -20.99 -8.17
C PRO H 303 -14.49 -19.92 -8.23
N THR H 304 -13.54 -20.03 -7.30
CA THR H 304 -12.37 -19.17 -7.21
C THR H 304 -11.12 -20.04 -7.23
N ARG H 305 -10.11 -19.62 -7.98
CA ARG H 305 -8.87 -20.38 -8.12
C ARG H 305 -7.69 -19.41 -8.22
N GLN H 306 -6.77 -19.48 -7.26
CA GLN H 306 -5.60 -18.61 -7.26
C GLN H 306 -4.45 -19.28 -6.53
N TRP H 307 -3.24 -19.08 -7.05
CA TRP H 307 -2.02 -19.53 -6.41
C TRP H 307 -1.51 -18.43 -5.48
N ILE H 308 -1.41 -18.75 -4.20
CA ILE H 308 -1.01 -17.80 -3.15
C ILE H 308 0.43 -18.12 -2.75
N GLU H 309 1.32 -17.19 -3.07
CA GLU H 309 2.76 -17.33 -2.86
C GLU H 309 3.26 -16.55 -1.67
N ARG H 310 2.62 -15.42 -1.36
CA ARG H 310 2.99 -14.51 -0.28
C ARG H 310 1.81 -14.37 0.68
N PRO H 311 2.07 -14.07 1.95
CA PRO H 311 0.96 -13.81 2.88
C PRO H 311 -0.06 -12.83 2.33
N THR H 312 -1.33 -13.22 2.44
CA THR H 312 -2.43 -12.46 1.86
C THR H 312 -3.70 -12.71 2.67
N THR H 313 -4.63 -11.78 2.58
CA THR H 313 -5.95 -11.88 3.19
C THR H 313 -6.99 -11.98 2.08
N VAL H 314 -7.78 -13.06 2.10
CA VAL H 314 -8.84 -13.29 1.12
C VAL H 314 -10.16 -13.37 1.85
N ASN H 315 -11.15 -12.61 1.35
CA ASN H 315 -12.48 -12.50 1.94
C ASN H 315 -13.50 -13.13 1.00
N PHE H 316 -14.12 -14.21 1.44
CA PHE H 316 -15.15 -14.92 0.68
C PHE H 316 -16.52 -14.70 1.32
N THR H 317 -17.49 -14.35 0.48
CA THR H 317 -18.87 -14.20 0.90
C THR H 317 -19.52 -15.57 1.08
N VAL H 318 -19.98 -15.83 2.30
CA VAL H 318 -20.62 -17.09 2.68
C VAL H 318 -22.08 -16.78 2.98
N THR H 319 -22.98 -17.48 2.30
CA THR H 319 -24.42 -17.36 2.45
C THR H 319 -24.97 -18.58 3.19
N GLY H 320 -26.28 -18.58 3.41
CA GLY H 320 -26.93 -19.73 4.00
C GLY H 320 -26.80 -20.99 3.17
N GLU H 321 -26.47 -20.86 1.89
CA GLU H 321 -26.19 -22.04 1.08
C GLU H 321 -24.88 -22.69 1.55
N GLY H 322 -23.93 -21.87 1.96
CA GLY H 322 -22.61 -22.30 2.37
C GLY H 322 -21.56 -22.11 1.29
N LEU H 323 -20.31 -22.26 1.72
CA LEU H 323 -19.16 -22.11 0.86
C LEU H 323 -18.13 -23.17 1.22
N GLU H 324 -17.55 -23.78 0.19
CA GLU H 324 -16.49 -24.77 0.34
C GLU H 324 -15.17 -24.16 -0.11
N TYR H 325 -14.14 -24.29 0.71
CA TYR H 325 -12.81 -23.81 0.38
C TYR H 325 -11.81 -24.93 0.63
N THR H 326 -10.81 -25.01 -0.23
CA THR H 326 -9.75 -26.01 -0.15
C THR H 326 -8.40 -25.32 -0.15
N TRP H 327 -7.74 -25.32 1.00
CA TRP H 327 -6.40 -24.78 1.12
C TRP H 327 -5.47 -25.92 0.71
N GLY H 328 -4.40 -25.58 0.01
CA GLY H 328 -3.51 -26.60 -0.53
C GLY H 328 -3.24 -27.83 0.32
N ASN H 329 -3.49 -28.99 -0.28
CA ASN H 329 -3.30 -30.30 0.36
C ASN H 329 -4.13 -30.51 1.61
N HIS H 330 -5.02 -29.55 1.97
CA HIS H 330 -5.88 -29.77 3.11
C HIS H 330 -7.25 -30.29 2.63
N PRO H 331 -7.96 -31.05 3.46
CA PRO H 331 -9.31 -31.45 3.08
C PRO H 331 -10.20 -30.25 2.88
N PRO H 332 -11.13 -30.30 1.92
CA PRO H 332 -12.08 -29.19 1.75
C PRO H 332 -12.89 -28.93 3.02
N LYS H 333 -13.02 -27.66 3.38
CA LYS H 333 -13.79 -27.23 4.52
C LYS H 333 -15.08 -26.54 4.06
N ARG H 334 -16.22 -26.99 4.58
CA ARG H 334 -17.52 -26.42 4.26
C ARG H 334 -18.04 -25.62 5.43
N VAL H 335 -18.41 -24.36 5.17
CA VAL H 335 -18.96 -23.48 6.19
C VAL H 335 -20.21 -22.79 5.67
N TRP H 336 -21.15 -22.55 6.58
CA TRP H 336 -22.43 -21.92 6.29
C TRP H 336 -22.62 -20.70 7.19
N ALA H 337 -23.15 -19.62 6.60
CA ALA H 337 -23.40 -18.38 7.31
C ALA H 337 -24.81 -18.34 7.91
N GLN H 338 -24.88 -18.08 9.20
CA GLN H 338 -26.12 -17.88 9.92
C GLN H 338 -26.60 -16.44 9.76
N GLU H 339 -27.89 -16.23 10.02
CA GLU H 339 -28.47 -14.89 9.90
C GLU H 339 -28.20 -14.05 11.15
N SER H 340 -26.93 -14.00 11.55
CA SER H 340 -26.45 -13.24 12.70
C SER H 340 -26.11 -11.81 12.31
N GLY H 341 -27.06 -11.11 11.71
CA GLY H 341 -26.85 -9.74 11.29
C GLY H 341 -27.02 -8.71 12.39
N GLU H 342 -26.74 -7.47 12.02
CA GLU H 342 -26.87 -6.30 12.88
C GLU H 342 -28.21 -5.60 12.71
N GLY H 343 -28.68 -5.02 13.80
CA GLY H 343 -29.93 -4.29 13.85
C GLY H 343 -30.91 -4.92 14.83
N ASN H 344 -32.09 -4.30 14.91
CA ASN H 344 -33.14 -4.72 15.82
C ASN H 344 -34.49 -4.71 15.10
N PRO H 345 -35.01 -5.87 14.71
CA PRO H 345 -36.31 -5.91 14.04
C PRO H 345 -37.48 -5.50 14.93
N HIS H 346 -37.25 -5.35 16.24
CA HIS H 346 -38.28 -4.96 17.19
C HIS H 346 -38.09 -3.55 17.72
N GLY H 347 -37.15 -2.79 17.17
CA GLY H 347 -36.86 -1.45 17.64
C GLY H 347 -37.58 -0.37 16.87
N TRP H 348 -36.97 0.82 16.84
CA TRP H 348 -37.53 1.94 16.12
C TRP H 348 -37.46 1.73 14.60
N PRO H 349 -38.26 2.48 13.84
CA PRO H 349 -38.28 2.30 12.38
C PRO H 349 -36.91 2.31 11.72
N HIS H 350 -35.98 3.14 12.19
CA HIS H 350 -34.65 3.14 11.58
C HIS H 350 -33.87 1.88 11.95
N GLU H 351 -34.14 1.30 13.12
CA GLU H 351 -33.48 0.07 13.53
C GLU H 351 -34.06 -1.13 12.80
N VAL H 352 -35.37 -1.12 12.52
CA VAL H 352 -36.00 -2.21 11.80
C VAL H 352 -35.53 -2.23 10.34
N VAL H 353 -35.51 -1.07 9.69
CA VAL H 353 -35.05 -1.00 8.31
C VAL H 353 -33.58 -1.40 8.21
N VAL H 354 -32.76 -0.99 9.18
CA VAL H 354 -31.36 -1.40 9.17
C VAL H 354 -31.23 -2.91 9.27
N TYR H 355 -32.01 -3.53 10.16
CA TYR H 355 -31.94 -4.99 10.29
C TYR H 355 -32.29 -5.69 8.98
N TYR H 356 -33.42 -5.34 8.38
CA TYR H 356 -33.81 -5.98 7.14
C TYR H 356 -32.91 -5.60 5.98
N TYR H 357 -32.32 -4.40 6.01
CA TYR H 357 -31.38 -4.04 4.96
C TYR H 357 -30.13 -4.93 5.04
N ASN H 358 -29.64 -5.19 6.25
CA ASN H 358 -28.49 -6.07 6.39
C ASN H 358 -28.83 -7.51 6.02
N ARG H 359 -30.05 -7.95 6.32
CA ARG H 359 -30.44 -9.31 6.00
C ARG H 359 -30.89 -9.46 4.54
N TYR H 360 -31.59 -8.47 4.01
CA TYR H 360 -32.07 -8.49 2.62
C TYR H 360 -31.82 -7.11 2.00
N PRO H 361 -30.57 -6.82 1.64
CA PRO H 361 -30.24 -5.48 1.12
C PRO H 361 -31.10 -5.03 -0.06
N LEU H 362 -31.12 -5.83 -1.12
CA LEU H 362 -31.87 -5.43 -2.32
C LEU H 362 -33.37 -5.49 -2.10
N THR H 363 -33.86 -6.54 -1.45
CA THR H 363 -35.30 -6.65 -1.22
C THR H 363 -35.82 -5.50 -0.37
N THR H 364 -35.03 -5.04 0.59
CA THR H 364 -35.42 -3.88 1.39
C THR H 364 -35.54 -2.63 0.53
N ILE H 365 -34.55 -2.39 -0.34
CA ILE H 365 -34.59 -1.22 -1.21
C ILE H 365 -35.81 -1.27 -2.12
N ILE H 366 -36.05 -2.42 -2.74
CA ILE H 366 -37.22 -2.57 -3.61
C ILE H 366 -38.51 -2.40 -2.81
N GLY H 367 -38.55 -2.96 -1.60
CA GLY H 367 -39.73 -2.81 -0.77
C GLY H 367 -40.00 -1.37 -0.39
N LEU H 368 -38.96 -0.63 0.00
CA LEU H 368 -39.14 0.78 0.34
C LEU H 368 -39.60 1.59 -0.86
N CYS H 369 -38.97 1.38 -2.02
CA CYS H 369 -39.38 2.12 -3.21
C CYS H 369 -40.82 1.79 -3.61
N THR H 370 -41.20 0.52 -3.52
CA THR H 370 -42.56 0.13 -3.89
C THR H 370 -43.59 0.73 -2.91
N CYS H 371 -43.30 0.69 -1.61
CA CYS H 371 -44.23 1.25 -0.64
C CYS H 371 -44.41 2.75 -0.84
N VAL H 372 -43.30 3.48 -1.04
CA VAL H 372 -43.39 4.91 -1.27
C VAL H 372 -44.20 5.21 -2.53
N ALA H 373 -43.98 4.43 -3.58
CA ALA H 373 -44.77 4.62 -4.80
C ALA H 373 -46.26 4.40 -4.53
N ILE H 374 -46.60 3.34 -3.78
CA ILE H 374 -47.99 3.08 -3.43
C ILE H 374 -48.54 4.19 -2.55
N ILE H 375 -47.73 4.68 -1.60
CA ILE H 375 -48.16 5.78 -0.76
C ILE H 375 -48.50 7.02 -1.59
N MET H 376 -47.64 7.36 -2.55
CA MET H 376 -47.90 8.52 -3.39
C MET H 376 -49.16 8.32 -4.22
N VAL H 377 -49.29 7.17 -4.88
CA VAL H 377 -50.47 6.91 -5.70
C VAL H 377 -51.72 6.86 -4.84
N SER H 378 -51.64 6.23 -3.68
CA SER H 378 -52.80 6.14 -2.80
C SER H 378 -53.23 7.51 -2.29
N CYS H 379 -52.28 8.35 -1.88
CA CYS H 379 -52.63 9.67 -1.36
C CYS H 379 -53.12 10.59 -2.47
N VAL H 380 -52.46 10.58 -3.64
CA VAL H 380 -52.90 11.43 -4.74
C VAL H 380 -54.30 11.03 -5.20
N THR H 381 -54.54 9.73 -5.36
CA THR H 381 -55.86 9.27 -5.77
C THR H 381 -56.92 9.61 -4.73
N SER H 382 -56.61 9.36 -3.46
CA SER H 382 -57.55 9.68 -2.39
C SER H 382 -57.80 11.18 -2.27
N VAL H 383 -56.72 11.97 -2.28
CA VAL H 383 -56.88 13.42 -2.17
C VAL H 383 -57.67 13.96 -3.36
N TRP H 384 -57.43 13.44 -4.55
CA TRP H 384 -58.20 13.86 -5.72
C TRP H 384 -59.67 13.52 -5.54
N LEU H 385 -59.96 12.30 -5.08
CA LEU H 385 -61.35 11.92 -4.83
C LEU H 385 -61.99 12.81 -3.78
N LEU H 386 -61.22 13.21 -2.76
CA LEU H 386 -61.76 14.09 -1.73
C LEU H 386 -61.97 15.51 -2.25
N CYS H 387 -61.02 16.02 -3.03
CA CYS H 387 -61.19 17.35 -3.61
C CYS H 387 -62.35 17.37 -4.59
N ARG H 388 -62.48 16.33 -5.41
CA ARG H 388 -63.63 16.23 -6.31
C ARG H 388 -64.93 16.22 -5.52
N THR H 389 -64.96 15.51 -4.41
CA THR H 389 -66.16 15.50 -3.56
C THR H 389 -66.45 16.89 -3.01
N ARG H 390 -65.41 17.61 -2.57
CA ARG H 390 -65.62 18.95 -2.04
C ARG H 390 -66.21 19.87 -3.09
N ASN H 391 -65.65 19.85 -4.31
CA ASN H 391 -66.17 20.72 -5.36
C ASN H 391 -67.63 20.41 -5.65
N LEU H 392 -67.97 19.11 -5.74
CA LEU H 392 -69.37 18.73 -5.92
C LEU H 392 -70.22 19.12 -4.72
N CYS H 393 -69.64 19.08 -3.52
CA CYS H 393 -70.37 19.43 -2.31
C CYS H 393 -70.68 20.92 -2.24
N ILE H 394 -69.70 21.77 -2.53
CA ILE H 394 -69.89 23.21 -2.41
C ILE H 394 -70.50 23.86 -3.65
N THR H 395 -70.20 23.36 -4.84
CA THR H 395 -70.72 23.99 -6.06
C THR H 395 -72.23 24.20 -6.04
N PRO H 396 -73.06 23.26 -5.59
CA PRO H 396 -74.51 23.52 -5.56
C PRO H 396 -74.90 24.72 -4.70
N TYR H 397 -74.05 25.12 -3.76
CA TYR H 397 -74.32 26.26 -2.90
C TYR H 397 -73.58 27.51 -3.33
N LYS H 398 -72.38 27.39 -3.89
CA LYS H 398 -71.68 28.56 -4.39
C LYS H 398 -72.49 29.25 -5.49
N LEU H 399 -73.26 28.48 -6.25
CA LEU H 399 -74.14 29.00 -7.28
C LEU H 399 -75.49 29.43 -6.73
N ALA H 400 -75.66 29.42 -5.41
CA ALA H 400 -76.91 29.82 -4.76
C ALA H 400 -76.59 30.59 -3.49
N PRO H 401 -76.16 31.86 -3.63
CA PRO H 401 -75.81 32.67 -2.45
C PRO H 401 -76.93 32.76 -1.42
N ASN H 402 -78.18 32.56 -1.82
CA ASN H 402 -79.31 32.61 -0.91
C ASN H 402 -79.72 31.22 -0.43
N ALA H 403 -78.91 30.20 -0.68
CA ALA H 403 -79.26 28.84 -0.27
C ALA H 403 -79.21 28.69 1.24
N GLN H 404 -79.85 27.63 1.73
CA GLN H 404 -79.89 27.36 3.17
C GLN H 404 -78.49 27.07 3.70
N VAL H 405 -77.68 26.35 2.94
CA VAL H 405 -76.33 25.99 3.35
C VAL H 405 -76.38 25.31 4.71
N PRO H 406 -76.76 24.03 4.77
CA PRO H 406 -76.84 23.34 6.06
C PRO H 406 -75.54 23.47 6.87
N ILE H 407 -75.69 23.66 8.17
CA ILE H 407 -74.53 23.86 9.04
C ILE H 407 -73.62 22.65 9.01
N LEU H 408 -74.17 21.45 8.85
CA LEU H 408 -73.34 20.25 8.76
C LEU H 408 -72.40 20.33 7.56
N LEU H 409 -72.93 20.74 6.41
CA LEU H 409 -72.09 20.87 5.21
C LEU H 409 -71.16 22.07 5.31
N ALA H 410 -71.60 23.12 6.01
CA ALA H 410 -70.73 24.28 6.20
C ALA H 410 -69.49 23.92 7.02
N LEU H 411 -69.65 23.01 7.98
CA LEU H 411 -68.51 22.58 8.79
C LEU H 411 -67.76 21.42 8.17
N LEU H 412 -68.45 20.54 7.45
CA LEU H 412 -67.80 19.39 6.82
C LEU H 412 -67.13 19.77 5.51
N CYS H 413 -67.84 20.45 4.62
CA CYS H 413 -67.32 20.81 3.30
C CYS H 413 -66.73 22.22 3.26
N CYS H 414 -67.50 23.23 3.65
CA CYS H 414 -67.03 24.60 3.54
C CYS H 414 -65.88 24.87 4.52
N ASP I 1 -69.69 46.06 -46.03
CA ASP I 1 -68.89 46.32 -47.23
C ASP I 1 -68.25 45.02 -47.73
N LYS I 2 -67.64 45.09 -48.92
CA LYS I 2 -66.95 43.96 -49.51
C LYS I 2 -65.45 44.17 -49.68
N THR I 3 -64.98 45.41 -49.70
CA THR I 3 -63.58 45.73 -49.79
C THR I 3 -63.09 46.14 -48.41
N PHE I 4 -61.96 45.57 -47.98
CA PHE I 4 -61.46 45.77 -46.62
C PHE I 4 -60.06 46.37 -46.65
N PRO I 5 -59.91 47.67 -46.39
CA PRO I 5 -58.58 48.29 -46.44
C PRO I 5 -57.55 47.56 -45.59
N ILE I 6 -56.31 47.58 -46.07
CA ILE I 6 -55.18 46.96 -45.39
C ILE I 6 -54.39 48.07 -44.71
N MET I 7 -54.19 47.94 -43.40
CA MET I 7 -53.54 48.98 -42.59
C MET I 7 -52.29 48.41 -41.95
N LEU I 8 -51.20 49.18 -42.00
CA LEU I 8 -49.90 48.77 -41.45
C LEU I 8 -49.61 49.40 -40.10
N ASN I 9 -49.62 50.73 -40.03
CA ASN I 9 -49.36 51.48 -38.80
C ASN I 9 -50.52 52.40 -38.48
N GLY I 10 -51.74 51.94 -38.73
CA GLY I 10 -52.91 52.77 -38.57
C GLY I 10 -53.25 53.60 -39.77
N GLN I 11 -52.62 53.35 -40.92
CA GLN I 11 -52.84 54.08 -42.16
C GLN I 11 -53.13 53.07 -43.25
N VAL I 12 -54.00 53.45 -44.18
CA VAL I 12 -54.35 52.56 -45.29
C VAL I 12 -53.26 52.64 -46.36
N ASN I 13 -52.69 51.49 -46.70
CA ASN I 13 -51.68 51.38 -47.75
C ASN I 13 -52.10 50.40 -48.82
N GLY I 14 -53.38 50.06 -48.87
CA GLY I 14 -53.90 49.13 -49.85
C GLY I 14 -55.27 48.66 -49.43
N TYR I 15 -55.87 47.84 -50.30
CA TYR I 15 -57.21 47.32 -50.06
C TYR I 15 -57.28 45.84 -50.40
N ALA I 16 -57.91 45.07 -49.51
CA ALA I 16 -58.19 43.67 -49.76
C ALA I 16 -59.61 43.56 -50.29
N CYS I 17 -59.84 42.55 -51.13
CA CYS I 17 -61.17 42.31 -51.67
C CYS I 17 -61.47 40.82 -51.65
N VAL I 18 -62.76 40.52 -51.68
CA VAL I 18 -63.26 39.16 -51.62
C VAL I 18 -63.98 38.88 -52.93
N VAL I 19 -63.46 37.94 -53.71
CA VAL I 19 -63.99 37.64 -55.04
C VAL I 19 -64.31 36.15 -55.12
N GLY I 20 -65.57 35.84 -55.45
CA GLY I 20 -65.99 34.47 -55.63
C GLY I 20 -65.72 33.56 -54.44
N GLY I 21 -65.68 34.12 -53.23
CA GLY I 21 -65.39 33.33 -52.06
C GLY I 21 -63.94 33.28 -51.65
N ARG I 22 -63.07 34.04 -52.29
CA ARG I 22 -61.66 34.11 -51.93
C ARG I 22 -61.27 35.54 -51.59
N VAL I 23 -60.41 35.69 -50.59
CA VAL I 23 -59.90 36.99 -50.17
C VAL I 23 -58.59 37.26 -50.91
N PHE I 24 -58.57 38.31 -51.71
CA PHE I 24 -57.40 38.68 -52.49
C PHE I 24 -56.79 39.98 -51.95
N LYS I 25 -55.50 39.92 -51.62
CA LYS I 25 -54.74 41.09 -51.22
C LYS I 25 -53.44 41.13 -52.02
N PRO I 26 -52.96 42.31 -52.37
CA PRO I 26 -51.66 42.37 -53.07
C PRO I 26 -50.54 41.80 -52.22
N LEU I 27 -49.58 41.17 -52.90
CA LEU I 27 -48.45 40.59 -52.19
C LEU I 27 -47.45 41.65 -51.73
N HIS I 28 -47.30 42.73 -52.51
CA HIS I 28 -46.35 43.79 -52.14
C HIS I 28 -46.90 44.73 -51.07
N VAL I 29 -48.17 44.61 -50.71
CA VAL I 29 -48.77 45.46 -49.68
C VAL I 29 -48.62 44.70 -48.36
N GLU I 30 -47.77 45.23 -47.48
CA GLU I 30 -47.50 44.62 -46.18
C GLU I 30 -48.32 45.32 -45.10
N GLY I 31 -48.93 44.52 -44.23
CA GLY I 31 -49.78 45.03 -43.18
C GLY I 31 -50.89 44.05 -42.87
N ARG I 32 -51.75 44.44 -41.95
CA ARG I 32 -52.88 43.64 -41.53
C ARG I 32 -54.17 44.21 -42.08
N ILE I 33 -55.08 43.31 -42.49
CA ILE I 33 -56.38 43.74 -42.98
C ILE I 33 -57.17 44.33 -41.82
N ASP I 34 -57.87 45.43 -42.07
CA ASP I 34 -58.66 46.08 -41.03
C ASP I 34 -59.90 45.26 -40.71
N ASN I 35 -59.70 44.07 -40.16
CA ASN I 35 -60.81 43.20 -39.81
C ASN I 35 -60.33 42.19 -38.79
N GLU I 36 -61.28 41.47 -38.19
CA GLU I 36 -60.99 40.41 -37.24
C GLU I 36 -61.33 39.02 -37.77
N GLN I 37 -62.36 38.92 -38.61
CA GLN I 37 -62.79 37.63 -39.15
C GLN I 37 -61.93 37.23 -40.35
N LEU I 38 -61.72 38.17 -41.28
CA LEU I 38 -60.89 37.91 -42.45
C LEU I 38 -59.39 37.97 -42.16
N ALA I 39 -58.99 38.61 -41.07
CA ALA I 39 -57.56 38.70 -40.74
C ALA I 39 -57.04 37.46 -40.05
N ALA I 40 -57.91 36.56 -39.59
CA ALA I 40 -57.49 35.37 -38.85
C ALA I 40 -57.21 34.17 -39.74
N ILE I 41 -57.43 34.29 -41.05
CA ILE I 41 -57.19 33.19 -41.99
C ILE I 41 -55.77 33.27 -42.53
N LYS I 42 -55.11 32.12 -42.62
CA LYS I 42 -53.77 32.06 -43.21
C LYS I 42 -53.89 32.22 -44.73
N LEU I 43 -53.06 33.07 -45.30
CA LEU I 43 -53.09 33.37 -46.72
C LEU I 43 -51.94 32.70 -47.46
N LYS I 44 -52.24 32.18 -48.64
CA LYS I 44 -51.27 31.54 -49.52
C LYS I 44 -50.69 32.57 -50.48
N LYS I 45 -49.44 32.37 -50.86
CA LYS I 45 -48.77 33.27 -51.78
C LYS I 45 -49.02 32.89 -53.24
N ALA I 46 -49.09 33.91 -54.08
CA ALA I 46 -49.24 33.77 -55.53
C ALA I 46 -48.28 34.74 -56.20
N SER I 47 -47.00 34.63 -55.83
CA SER I 47 -45.99 35.58 -56.26
C SER I 47 -45.96 35.79 -57.78
N ILE I 48 -46.36 34.79 -58.56
CA ILE I 48 -46.40 34.99 -60.00
C ILE I 48 -47.40 36.07 -60.39
N TYR I 49 -48.41 36.30 -59.55
CA TYR I 49 -49.40 37.35 -59.78
C TYR I 49 -49.27 38.50 -58.79
N ASP I 50 -48.26 38.48 -57.92
CA ASP I 50 -48.12 39.49 -56.87
C ASP I 50 -49.39 39.58 -56.05
N LEU I 51 -50.00 38.43 -55.78
CA LEU I 51 -51.23 38.33 -55.00
C LEU I 51 -51.08 37.29 -53.90
N GLU I 52 -51.94 37.42 -52.89
CA GLU I 52 -52.10 36.43 -51.85
C GLU I 52 -53.58 36.07 -51.76
N TYR I 53 -53.87 34.84 -51.35
CA TYR I 53 -55.24 34.39 -51.29
C TYR I 53 -55.44 33.46 -50.10
N GLY I 54 -56.71 33.32 -49.70
CA GLY I 54 -57.11 32.44 -48.64
C GLY I 54 -58.60 32.15 -48.76
N ASP I 55 -59.06 31.20 -47.95
CA ASP I 55 -60.47 30.83 -47.97
C ASP I 55 -61.30 31.76 -47.11
N VAL I 56 -62.43 32.19 -47.64
CA VAL I 56 -63.35 33.06 -46.90
C VAL I 56 -64.03 32.27 -45.80
N PRO I 57 -64.20 32.82 -44.60
CA PRO I 57 -64.88 32.08 -43.53
C PRO I 57 -66.28 31.66 -43.95
N GLN I 58 -66.72 30.52 -43.42
CA GLN I 58 -68.00 29.94 -43.83
C GLN I 58 -69.15 30.94 -43.69
N CYS I 59 -69.12 31.78 -42.64
CA CYS I 59 -70.16 32.77 -42.46
C CYS I 59 -70.03 33.96 -43.39
N MET I 60 -68.92 34.07 -44.13
CA MET I 60 -68.68 35.19 -45.03
C MET I 60 -68.68 34.79 -46.50
N LYS I 61 -68.69 33.49 -46.81
CA LYS I 61 -68.61 33.03 -48.19
C LYS I 61 -69.76 33.57 -49.06
N SER I 62 -70.91 33.86 -48.47
CA SER I 62 -72.03 34.34 -49.27
C SER I 62 -71.95 35.83 -49.58
N ASP I 63 -71.24 36.60 -48.75
CA ASP I 63 -71.13 38.05 -48.93
C ASP I 63 -69.83 38.40 -49.67
N THR I 64 -69.75 37.97 -50.93
CA THR I 64 -68.55 38.17 -51.73
C THR I 64 -68.89 38.71 -53.11
N LEU I 65 -67.89 39.30 -53.75
CA LEU I 65 -68.02 39.88 -55.08
C LEU I 65 -68.04 38.82 -56.16
N GLN I 66 -68.85 39.06 -57.19
CA GLN I 66 -68.88 38.20 -58.37
C GLN I 66 -67.94 38.79 -59.42
N TYR I 67 -67.39 37.92 -60.26
CA TYR I 67 -66.49 38.36 -61.31
C TYR I 67 -66.89 37.72 -62.64
N THR I 68 -66.40 38.32 -63.72
CA THR I 68 -66.67 37.84 -65.07
C THR I 68 -65.41 37.97 -65.91
N SER I 69 -65.29 37.07 -66.90
CA SER I 69 -64.18 37.14 -67.84
C SER I 69 -64.53 37.92 -69.10
N ASP I 70 -65.81 38.21 -69.33
CA ASP I 70 -66.25 38.97 -70.49
C ASP I 70 -66.02 40.46 -70.22
N LYS I 71 -65.10 41.07 -70.96
CA LYS I 71 -64.73 42.47 -70.78
C LYS I 71 -64.82 43.16 -72.13
N PRO I 72 -66.04 43.46 -72.60
CA PRO I 72 -66.16 44.16 -73.88
C PRO I 72 -65.57 45.55 -73.80
N PRO I 73 -65.06 46.08 -74.92
CA PRO I 73 -64.50 47.43 -74.90
C PRO I 73 -65.53 48.46 -74.47
N GLY I 74 -65.09 49.42 -73.66
CA GLY I 74 -65.98 50.45 -73.16
C GLY I 74 -65.47 51.01 -71.85
N PHE I 75 -66.40 51.55 -71.07
CA PHE I 75 -66.09 52.19 -69.80
C PHE I 75 -66.49 51.33 -68.60
N TYR I 76 -65.58 51.26 -67.63
CA TYR I 76 -65.74 50.51 -66.39
C TYR I 76 -65.59 51.49 -65.24
N ASN I 77 -65.98 51.07 -64.04
CA ASN I 77 -65.90 51.94 -62.87
C ASN I 77 -65.13 51.25 -61.75
N TRP I 78 -64.65 52.07 -60.83
CA TRP I 78 -64.02 51.61 -59.59
C TRP I 78 -64.23 52.67 -58.52
N HIS I 79 -63.52 52.54 -57.41
CA HIS I 79 -63.69 53.46 -56.29
C HIS I 79 -63.55 54.93 -56.68
N HIS I 80 -62.63 55.24 -57.59
CA HIS I 80 -62.39 56.63 -57.98
C HIS I 80 -63.21 57.10 -59.18
N GLY I 81 -64.15 56.30 -59.66
CA GLY I 81 -64.99 56.70 -60.76
C GLY I 81 -64.84 55.80 -61.98
N ALA I 82 -65.00 56.40 -63.16
CA ALA I 82 -64.93 55.68 -64.41
C ALA I 82 -63.50 55.26 -64.76
N VAL I 83 -63.42 54.12 -65.44
CA VAL I 83 -62.18 53.53 -65.93
C VAL I 83 -62.41 53.15 -67.39
N GLN I 84 -61.48 53.51 -68.26
CA GLN I 84 -61.59 53.16 -69.67
C GLN I 84 -60.84 51.87 -69.94
N TYR I 85 -61.50 50.94 -70.63
CA TYR I 85 -60.92 49.67 -71.05
C TYR I 85 -60.93 49.61 -72.57
N GLU I 86 -59.78 49.91 -73.17
CA GLU I 86 -59.66 49.89 -74.62
C GLU I 86 -58.24 49.46 -74.97
N ASN I 87 -58.09 48.89 -76.16
CA ASN I 87 -56.80 48.43 -76.65
C ASN I 87 -56.15 47.45 -75.67
N ASN I 88 -56.98 46.65 -74.99
CA ASN I 88 -56.51 45.66 -74.03
C ASN I 88 -55.78 46.31 -72.85
N ARG I 89 -56.09 47.56 -72.53
CA ARG I 89 -55.48 48.23 -71.40
C ARG I 89 -56.52 48.96 -70.57
N PHE I 90 -56.38 48.85 -69.24
CA PHE I 90 -57.18 49.61 -68.31
C PHE I 90 -56.47 50.93 -68.07
N THR I 91 -57.20 52.04 -68.18
CA THR I 91 -56.56 53.34 -68.02
C THR I 91 -57.52 54.33 -67.38
N VAL I 92 -56.95 55.28 -66.64
CA VAL I 92 -57.68 56.31 -65.92
C VAL I 92 -57.07 57.66 -66.26
N PRO I 93 -57.81 58.77 -66.18
CA PRO I 93 -57.22 60.08 -66.47
C PRO I 93 -56.00 60.33 -65.59
N ARG I 94 -55.05 61.08 -66.15
CA ARG I 94 -53.81 61.39 -65.45
C ARG I 94 -54.07 61.96 -64.05
N GLY I 95 -53.42 61.38 -63.06
CA GLY I 95 -53.55 61.80 -61.68
C GLY I 95 -54.70 61.18 -60.90
N VAL I 96 -55.60 60.46 -61.57
CA VAL I 96 -56.72 59.85 -60.85
C VAL I 96 -56.21 58.74 -59.94
N GLY I 97 -55.26 57.94 -60.42
CA GLY I 97 -54.68 56.87 -59.62
C GLY I 97 -53.36 57.28 -59.00
N GLY I 98 -52.91 56.44 -58.07
CA GLY I 98 -51.66 56.71 -57.38
C GLY I 98 -51.39 55.68 -56.31
N LYS I 99 -50.29 55.89 -55.60
CA LYS I 99 -49.87 54.96 -54.56
C LYS I 99 -50.94 54.82 -53.49
N GLY I 100 -51.15 53.58 -53.03
CA GLY I 100 -52.18 53.25 -52.07
C GLY I 100 -53.37 52.54 -52.66
N ASP I 101 -53.63 52.76 -53.96
CA ASP I 101 -54.75 52.13 -54.65
C ASP I 101 -54.32 50.76 -55.20
N SER I 102 -53.90 49.89 -54.28
CA SER I 102 -53.44 48.55 -54.64
C SER I 102 -54.38 47.52 -54.03
N GLY I 103 -54.96 46.69 -54.89
CA GLY I 103 -55.94 45.70 -54.49
C GLY I 103 -57.36 46.15 -54.68
N ARG I 104 -57.58 47.37 -55.13
CA ARG I 104 -58.92 47.87 -55.38
C ARG I 104 -59.47 47.22 -56.64
N PRO I 105 -60.62 46.54 -56.58
CA PRO I 105 -61.16 45.93 -57.80
C PRO I 105 -61.83 46.95 -58.70
N ILE I 106 -61.89 46.60 -59.98
CA ILE I 106 -62.58 47.38 -60.99
C ILE I 106 -63.89 46.68 -61.30
N LEU I 107 -64.97 47.44 -61.38
CA LEU I 107 -66.30 46.88 -61.57
C LEU I 107 -66.86 47.30 -62.93
N ASP I 108 -67.68 46.44 -63.50
CA ASP I 108 -68.34 46.70 -64.76
C ASP I 108 -69.68 47.39 -64.52
N ASN I 109 -70.50 47.50 -65.58
CA ASN I 109 -71.82 48.10 -65.45
C ASN I 109 -72.80 47.21 -64.72
N LYS I 110 -72.42 45.96 -64.43
CA LYS I 110 -73.28 45.00 -63.74
C LYS I 110 -72.84 44.74 -62.31
N GLY I 111 -71.82 45.45 -61.83
CA GLY I 111 -71.32 45.26 -60.48
C GLY I 111 -70.39 44.08 -60.31
N ARG I 112 -69.94 43.48 -61.41
CA ARG I 112 -69.04 42.33 -61.35
C ARG I 112 -67.59 42.80 -61.38
N VAL I 113 -66.73 42.12 -60.62
CA VAL I 113 -65.31 42.43 -60.61
C VAL I 113 -64.72 41.98 -61.94
N VAL I 114 -63.95 42.87 -62.58
CA VAL I 114 -63.28 42.54 -63.83
C VAL I 114 -61.75 42.51 -63.67
N ALA I 115 -61.19 43.25 -62.72
CA ALA I 115 -59.75 43.24 -62.53
C ALA I 115 -59.41 43.76 -61.15
N ILE I 116 -58.21 43.42 -60.69
CA ILE I 116 -57.66 43.90 -59.44
C ILE I 116 -56.44 44.75 -59.77
N VAL I 117 -56.49 46.03 -59.41
CA VAL I 117 -55.43 46.96 -59.78
C VAL I 117 -54.25 46.80 -58.83
N LEU I 118 -53.05 46.64 -59.41
CA LEU I 118 -51.82 46.53 -58.65
C LEU I 118 -50.85 47.69 -58.87
N GLY I 119 -50.99 48.43 -59.97
CA GLY I 119 -50.08 49.53 -60.25
C GLY I 119 -50.52 50.26 -61.48
N GLY I 120 -49.60 51.06 -62.06
CA GLY I 120 -49.96 51.78 -63.27
C GLY I 120 -48.78 52.51 -63.88
N VAL I 121 -49.05 53.06 -65.06
CA VAL I 121 -48.09 53.86 -65.83
C VAL I 121 -48.80 55.12 -66.31
N ASN I 122 -48.17 56.27 -66.10
CA ASN I 122 -48.73 57.55 -66.51
C ASN I 122 -48.33 57.83 -67.95
N GLU I 123 -49.30 57.77 -68.87
CA GLU I 123 -49.05 58.06 -70.27
C GLU I 123 -49.31 59.53 -70.57
N GLY I 124 -49.21 59.88 -71.85
CA GLY I 124 -49.36 61.27 -72.26
C GLY I 124 -50.68 61.90 -71.87
N SER I 125 -51.77 61.13 -71.92
CA SER I 125 -53.09 61.64 -71.59
C SER I 125 -53.79 60.88 -70.49
N ARG I 126 -53.52 59.60 -70.31
CA ARG I 126 -54.16 58.80 -69.28
C ARG I 126 -53.12 57.91 -68.62
N THR I 127 -53.42 57.47 -67.42
CA THR I 127 -52.55 56.55 -66.68
C THR I 127 -53.03 55.13 -66.89
N ALA I 128 -52.17 54.28 -67.43
CA ALA I 128 -52.50 52.88 -67.60
C ALA I 128 -52.32 52.16 -66.27
N LEU I 129 -53.17 51.17 -66.02
CA LEU I 129 -53.16 50.45 -64.76
C LEU I 129 -52.64 49.03 -64.93
N SER I 130 -51.82 48.60 -63.99
CA SER I 130 -51.31 47.23 -63.92
C SER I 130 -52.31 46.43 -63.09
N VAL I 131 -52.98 45.46 -63.71
CA VAL I 131 -54.06 44.74 -63.05
C VAL I 131 -53.90 43.25 -63.26
N VAL I 132 -54.54 42.49 -62.38
CA VAL I 132 -54.69 41.04 -62.51
C VAL I 132 -56.08 40.79 -63.06
N THR I 133 -56.17 40.19 -64.24
CA THR I 133 -57.46 39.93 -64.85
C THR I 133 -57.49 38.52 -65.42
N TRP I 134 -58.62 38.17 -66.04
CA TRP I 134 -58.85 36.87 -66.63
C TRP I 134 -59.01 37.02 -68.13
N ASN I 135 -58.29 36.21 -68.90
CA ASN I 135 -58.35 36.28 -70.35
C ASN I 135 -59.69 35.75 -70.87
N GLN I 136 -59.82 35.67 -72.18
CA GLN I 136 -61.05 35.21 -72.79
C GLN I 136 -61.38 33.77 -72.43
N LYS I 137 -60.39 33.01 -71.95
CA LYS I 137 -60.60 31.62 -71.53
C LYS I 137 -60.80 31.51 -70.02
N GLY I 138 -60.90 32.63 -69.32
CA GLY I 138 -61.12 32.64 -67.89
C GLY I 138 -59.91 32.30 -67.03
N VAL I 139 -58.71 32.29 -67.59
CA VAL I 139 -57.52 31.95 -66.82
C VAL I 139 -56.92 33.22 -66.24
N THR I 140 -56.47 33.14 -65.00
CA THR I 140 -55.89 34.30 -64.34
C THR I 140 -54.61 34.72 -65.03
N VAL I 141 -54.52 35.99 -65.40
CA VAL I 141 -53.34 36.52 -66.08
C VAL I 141 -53.01 37.88 -65.48
N LYS I 142 -51.73 38.22 -65.47
CA LYS I 142 -51.25 39.51 -64.97
C LYS I 142 -51.01 40.43 -66.17
N ASP I 143 -51.86 41.44 -66.33
CA ASP I 143 -51.77 42.38 -67.43
C ASP I 143 -51.11 43.66 -66.92
N THR I 144 -49.87 43.88 -67.32
CA THR I 144 -49.12 45.04 -66.84
C THR I 144 -48.53 45.83 -68.01
N PRO I 145 -48.60 47.15 -67.97
CA PRO I 145 -47.97 47.96 -69.01
C PRO I 145 -46.47 48.08 -68.79
N GLU I 146 -45.80 48.63 -69.80
CA GLU I 146 -44.35 48.74 -69.76
C GLU I 146 -43.93 49.77 -68.70
N GLY I 147 -43.09 49.33 -67.77
CA GLY I 147 -42.59 50.22 -66.74
C GLY I 147 -43.55 50.49 -65.59
N SER I 148 -44.49 49.59 -65.33
CA SER I 148 -45.47 49.82 -64.28
C SER I 148 -44.80 49.84 -62.92
N GLU I 149 -45.36 50.66 -62.01
CA GLU I 149 -44.84 50.82 -60.67
C GLU I 149 -45.83 50.26 -59.66
N PRO I 150 -45.39 49.46 -58.69
CA PRO I 150 -46.33 48.98 -57.67
C PRO I 150 -46.88 50.13 -56.82
N TRP I 151 -48.17 50.06 -56.54
CA TRP I 151 -48.83 51.08 -55.73
C TRP I 151 -49.08 50.55 -54.32
N TYR J 1 16.74 0.12 -83.73
CA TYR J 1 15.38 0.59 -83.49
C TYR J 1 15.14 0.71 -81.98
N GLU J 2 14.99 1.94 -81.51
CA GLU J 2 14.78 2.20 -80.10
C GLU J 2 13.35 1.92 -79.67
N HIS J 3 13.21 1.23 -78.54
CA HIS J 3 11.92 1.00 -77.89
C HIS J 3 11.99 1.60 -76.50
N THR J 4 11.06 2.52 -76.21
CA THR J 4 11.01 3.18 -74.91
C THR J 4 9.71 2.83 -74.20
N ALA J 5 9.79 2.65 -72.89
CA ALA J 5 8.63 2.28 -72.09
C ALA J 5 8.96 2.55 -70.62
N VAL J 6 7.99 2.24 -69.76
CA VAL J 6 8.16 2.33 -68.32
C VAL J 6 7.74 0.98 -67.72
N MET J 7 8.63 0.39 -66.93
CA MET J 7 8.34 -0.89 -66.31
C MET J 7 8.29 -0.76 -64.79
N PRO J 8 7.42 -1.51 -64.12
CA PRO J 8 7.38 -1.45 -62.66
C PRO J 8 8.70 -1.94 -62.06
N ASN J 9 9.05 -1.36 -60.90
CA ASN J 9 10.25 -1.77 -60.18
C ASN J 9 9.92 -3.03 -59.37
N LYS J 10 9.77 -4.14 -60.09
CA LYS J 10 9.48 -5.43 -59.50
C LYS J 10 10.57 -6.43 -59.88
N VAL J 11 10.95 -7.27 -58.93
CA VAL J 11 12.01 -8.25 -59.11
C VAL J 11 11.38 -9.62 -59.27
N GLY J 12 11.82 -10.36 -60.29
CA GLY J 12 11.30 -11.68 -60.57
C GLY J 12 10.08 -11.70 -61.47
N ILE J 13 9.48 -10.54 -61.73
CA ILE J 13 8.31 -10.43 -62.60
C ILE J 13 8.77 -9.77 -63.90
N PRO J 14 8.77 -10.48 -65.02
CA PRO J 14 9.29 -9.88 -66.25
C PRO J 14 8.36 -8.85 -66.85
N TYR J 15 8.96 -7.88 -67.52
CA TYR J 15 8.26 -6.89 -68.33
C TYR J 15 8.26 -7.40 -69.77
N LYS J 16 7.08 -7.53 -70.36
CA LYS J 16 6.94 -8.06 -71.71
C LYS J 16 6.31 -7.01 -72.61
N ALA J 17 6.84 -6.88 -73.82
CA ALA J 17 6.31 -5.93 -74.79
C ALA J 17 6.78 -6.34 -76.19
N LEU J 18 6.07 -5.84 -77.19
CA LEU J 18 6.43 -6.03 -78.59
C LEU J 18 7.07 -4.78 -79.15
N VAL J 19 8.17 -4.95 -79.86
CA VAL J 19 8.84 -3.86 -80.55
C VAL J 19 8.33 -3.90 -81.98
N GLU J 20 7.38 -3.03 -82.30
CA GLU J 20 6.73 -3.02 -83.60
C GLU J 20 7.45 -2.07 -84.55
N ARG J 21 7.95 -2.60 -85.65
CA ARG J 21 8.64 -1.83 -86.68
C ARG J 21 7.88 -1.99 -87.98
N PRO J 22 7.15 -0.96 -88.43
CA PRO J 22 6.36 -1.12 -89.66
C PRO J 22 7.21 -1.66 -90.81
N GLY J 23 6.70 -2.71 -91.44
CA GLY J 23 7.40 -3.41 -92.50
C GLY J 23 8.15 -4.63 -92.05
N TYR J 24 8.33 -4.82 -90.75
CA TYR J 24 9.05 -5.96 -90.19
C TYR J 24 8.17 -6.65 -89.16
N ALA J 25 8.38 -7.95 -89.00
CA ALA J 25 7.60 -8.71 -88.03
C ALA J 25 7.90 -8.19 -86.62
N PRO J 26 6.91 -8.08 -85.74
CA PRO J 26 7.19 -7.59 -84.39
C PRO J 26 8.20 -8.46 -83.68
N VAL J 27 9.10 -7.82 -82.95
CA VAL J 27 10.12 -8.51 -82.16
C VAL J 27 9.63 -8.51 -80.72
N HIS J 28 9.33 -9.70 -80.19
CA HIS J 28 8.91 -9.79 -78.80
C HIS J 28 10.10 -9.50 -77.89
N LEU J 29 9.89 -8.58 -76.94
CA LEU J 29 10.92 -8.17 -76.00
C LEU J 29 10.47 -8.51 -74.59
N GLN J 30 11.38 -9.04 -73.79
CA GLN J 30 11.08 -9.40 -72.40
C GLN J 30 12.26 -8.97 -71.54
N ILE J 31 11.99 -8.08 -70.59
CA ILE J 31 13.00 -7.51 -69.70
C ILE J 31 12.61 -7.88 -68.28
N GLN J 32 13.50 -8.58 -67.58
CA GLN J 32 13.27 -8.99 -66.20
C GLN J 32 14.42 -8.52 -65.33
N LEU J 33 14.11 -7.94 -64.18
CA LEU J 33 15.13 -7.54 -63.22
C LEU J 33 15.49 -8.73 -62.34
N VAL J 34 16.78 -9.05 -62.27
CA VAL J 34 17.22 -10.13 -61.40
C VAL J 34 17.34 -9.62 -59.97
N ASN J 35 17.86 -8.41 -59.80
CA ASN J 35 17.92 -7.76 -58.49
C ASN J 35 18.07 -6.27 -58.70
N THR J 36 17.65 -5.51 -57.69
CA THR J 36 17.78 -4.06 -57.66
C THR J 36 18.52 -3.70 -56.38
N ARG J 37 19.56 -2.89 -56.49
CA ARG J 37 20.41 -2.56 -55.36
C ARG J 37 20.54 -1.05 -55.21
N ILE J 38 20.09 -0.54 -54.07
CA ILE J 38 20.23 0.87 -53.73
C ILE J 38 21.51 0.97 -52.90
N ILE J 39 22.57 1.54 -53.47
CA ILE J 39 23.86 1.55 -52.81
C ILE J 39 24.22 2.96 -52.37
N PRO J 40 23.90 3.36 -51.14
CA PRO J 40 24.25 4.71 -50.69
C PRO J 40 25.75 4.87 -50.49
N SER J 41 26.18 6.12 -50.53
CA SER J 41 27.58 6.45 -50.27
C SER J 41 27.73 6.60 -48.75
N THR J 42 28.61 5.81 -48.17
CA THR J 42 28.81 5.82 -46.72
C THR J 42 30.24 6.21 -46.37
N ASN J 43 30.37 6.85 -45.21
CA ASN J 43 31.64 7.29 -44.66
C ASN J 43 31.73 6.77 -43.24
N LEU J 44 32.73 5.93 -42.97
CA LEU J 44 32.90 5.37 -41.64
C LEU J 44 33.28 6.47 -40.66
N GLU J 45 32.43 6.69 -39.65
CA GLU J 45 32.69 7.72 -38.66
C GLU J 45 33.62 7.21 -37.57
N TYR J 46 33.31 6.07 -36.97
CA TYR J 46 34.17 5.48 -35.96
C TYR J 46 33.71 4.05 -35.70
N ILE J 47 34.51 3.33 -34.91
CA ILE J 47 34.22 1.97 -34.50
C ILE J 47 34.10 1.95 -32.98
N THR J 48 33.05 1.34 -32.47
CA THR J 48 32.83 1.20 -31.03
C THR J 48 32.73 -0.28 -30.68
N CYS J 49 33.14 -0.61 -29.46
CA CYS J 49 33.13 -1.99 -28.99
C CYS J 49 33.23 -1.98 -27.48
N LYS J 50 33.23 -3.17 -26.89
CA LYS J 50 33.35 -3.28 -25.44
C LYS J 50 34.75 -2.89 -24.99
N TYR J 51 34.82 -2.07 -23.95
CA TYR J 51 36.10 -1.61 -23.40
C TYR J 51 36.71 -2.63 -22.44
N LYS J 52 38.04 -2.54 -22.31
CA LYS J 52 38.82 -3.28 -21.33
C LYS J 52 39.55 -2.27 -20.46
N THR J 53 39.42 -2.41 -19.15
CA THR J 53 40.11 -1.52 -18.20
C THR J 53 41.45 -2.11 -17.78
N LYS J 54 42.53 -1.47 -18.21
CA LYS J 54 43.90 -1.86 -17.86
C LYS J 54 44.28 -1.20 -16.55
N VAL J 55 44.77 -1.99 -15.61
CA VAL J 55 45.14 -1.50 -14.29
C VAL J 55 46.58 -1.92 -13.95
N PRO J 56 47.58 -1.07 -14.22
CA PRO J 56 48.96 -1.43 -13.88
C PRO J 56 49.18 -1.61 -12.39
N SER J 57 50.28 -2.29 -12.05
CA SER J 57 50.66 -2.52 -10.68
C SER J 57 50.74 -1.20 -9.89
N PRO J 58 50.03 -1.08 -8.77
CA PRO J 58 50.10 0.17 -7.99
C PRO J 58 51.48 0.39 -7.39
N VAL J 59 51.87 1.66 -7.29
CA VAL J 59 53.13 2.05 -6.67
C VAL J 59 52.86 2.22 -5.18
N VAL J 60 53.42 1.34 -4.35
CA VAL J 60 53.25 1.40 -2.91
C VAL J 60 54.52 2.01 -2.31
N LYS J 61 54.43 3.28 -1.93
CA LYS J 61 55.54 4.02 -1.34
C LYS J 61 55.46 3.95 0.17
N CYS J 62 56.36 3.17 0.78
CA CYS J 62 56.41 3.04 2.23
C CYS J 62 57.19 4.21 2.86
N CYS J 63 56.59 4.82 3.88
CA CYS J 63 57.21 5.94 4.60
C CYS J 63 57.58 7.08 3.66
N GLY J 64 56.57 7.58 2.96
CA GLY J 64 56.77 8.62 1.98
C GLY J 64 55.52 8.83 1.15
N ALA J 65 55.68 9.58 0.06
CA ALA J 65 54.55 9.88 -0.80
C ALA J 65 54.99 9.96 -2.26
N THR J 66 54.02 9.74 -3.14
CA THR J 66 54.21 9.84 -4.59
C THR J 66 53.13 10.77 -5.13
N GLN J 67 53.35 11.29 -6.34
CA GLN J 67 52.40 12.17 -7.01
C GLN J 67 52.00 11.63 -8.37
N CYS J 68 50.71 11.66 -8.65
CA CYS J 68 50.17 11.27 -9.95
C CYS J 68 50.54 12.27 -11.03
N THR J 69 50.95 11.73 -12.18
CA THR J 69 51.31 12.52 -13.36
C THR J 69 50.42 12.09 -14.51
N SER J 70 49.75 13.07 -15.14
CA SER J 70 48.90 12.81 -16.28
C SER J 70 49.66 12.13 -17.42
N LYS J 71 49.05 11.14 -18.02
CA LYS J 71 49.62 10.37 -19.13
C LYS J 71 48.63 10.36 -20.28
N PRO J 72 49.13 10.22 -21.52
CA PRO J 72 48.26 10.16 -22.71
C PRO J 72 47.54 8.82 -22.91
N HIS J 73 46.69 8.45 -21.94
CA HIS J 73 45.94 7.21 -22.01
C HIS J 73 44.44 7.51 -21.99
N PRO J 74 43.63 6.78 -22.76
CA PRO J 74 42.18 7.01 -22.76
C PRO J 74 41.57 6.80 -21.37
N ASP J 75 40.79 7.80 -20.93
CA ASP J 75 40.12 7.74 -19.63
C ASP J 75 41.09 7.44 -18.50
N TYR J 76 42.32 7.94 -18.62
CA TYR J 76 43.33 7.67 -17.61
C TYR J 76 42.89 8.23 -16.26
N GLN J 77 43.01 7.41 -15.23
CA GLN J 77 42.74 7.80 -13.85
C GLN J 77 43.95 7.49 -12.99
N CYS J 78 44.27 8.42 -12.09
CA CYS J 78 45.38 8.25 -11.16
C CYS J 78 45.03 8.98 -9.86
N GLN J 79 45.10 8.25 -8.76
CA GLN J 79 44.76 8.79 -7.45
C GLN J 79 45.75 8.23 -6.43
N VAL J 80 46.17 9.09 -5.51
CA VAL J 80 47.11 8.74 -4.47
C VAL J 80 46.38 8.54 -3.15
N PHE J 81 46.44 7.32 -2.62
CA PHE J 81 45.80 6.94 -1.37
C PHE J 81 46.86 6.86 -0.28
N SER J 82 46.86 7.86 0.60
CA SER J 82 47.76 7.97 1.74
C SER J 82 47.23 7.22 2.95
N GLY J 83 48.16 6.86 3.84
CA GLY J 83 47.85 6.13 5.05
C GLY J 83 47.49 4.67 4.87
N VAL J 84 48.06 4.02 3.88
CA VAL J 84 47.81 2.60 3.62
C VAL J 84 48.83 1.78 4.41
N TYR J 85 48.44 0.57 4.81
CA TYR J 85 49.34 -0.35 5.50
C TYR J 85 49.12 -1.74 4.93
N PRO J 86 49.51 -1.97 3.68
CA PRO J 86 49.25 -3.24 3.03
C PRO J 86 50.07 -4.39 3.60
N PHE J 87 49.52 -5.60 3.44
CA PHE J 87 50.18 -6.84 3.83
C PHE J 87 50.30 -7.74 2.60
N MET J 88 51.42 -8.45 2.52
CA MET J 88 51.70 -9.41 1.46
C MET J 88 51.78 -10.80 2.08
N TYR J 89 52.12 -11.79 1.25
CA TYR J 89 52.24 -13.15 1.77
C TYR J 89 53.30 -13.21 2.87
N GLY J 90 54.33 -12.37 2.76
CA GLY J 90 55.44 -12.31 3.68
C GLY J 90 55.25 -11.36 4.85
N GLY J 91 54.03 -10.90 5.09
CA GLY J 91 53.73 -10.03 6.22
C GLY J 91 53.51 -8.60 5.79
N ALA J 92 53.60 -7.70 6.77
CA ALA J 92 53.41 -6.28 6.50
C ALA J 92 54.41 -5.79 5.46
N TYR J 93 53.91 -5.08 4.46
CA TYR J 93 54.78 -4.60 3.39
C TYR J 93 55.56 -3.36 3.80
N CYS J 94 54.91 -2.41 4.47
CA CYS J 94 55.55 -1.17 4.87
C CYS J 94 55.83 -1.16 6.37
N PHE J 95 56.75 -0.28 6.77
CA PHE J 95 57.11 -0.12 8.18
C PHE J 95 56.22 0.90 8.89
N CYS J 96 56.07 2.09 8.30
CA CYS J 96 55.30 3.16 8.92
C CYS J 96 53.81 2.82 8.98
N ASP J 97 53.15 3.35 10.01
CA ASP J 97 51.73 3.08 10.22
C ASP J 97 50.84 3.87 9.28
N THR J 98 51.16 5.14 9.03
CA THR J 98 50.32 5.97 8.17
C THR J 98 51.11 6.81 7.17
N GLU J 99 52.44 6.75 7.18
CA GLU J 99 53.27 7.54 6.28
C GLU J 99 53.50 6.85 4.94
N ASN J 100 52.83 5.74 4.67
CA ASN J 100 52.94 5.03 3.40
C ASN J 100 51.91 5.55 2.40
N THR J 101 52.20 5.33 1.12
CA THR J 101 51.37 5.85 0.03
C THR J 101 51.24 4.81 -1.07
N GLN J 102 50.01 4.61 -1.56
CA GLN J 102 49.71 3.75 -2.69
C GLN J 102 49.18 4.59 -3.84
N MET J 103 49.86 4.54 -4.99
CA MET J 103 49.40 5.23 -6.20
C MET J 103 48.73 4.22 -7.13
N SER J 104 47.43 4.40 -7.32
CA SER J 104 46.60 3.58 -8.19
C SER J 104 46.45 4.20 -9.57
N GLU J 105 46.67 3.41 -10.62
CA GLU J 105 46.51 3.87 -11.99
C GLU J 105 45.58 2.91 -12.72
N ALA J 106 44.77 3.47 -13.62
CA ALA J 106 43.87 2.67 -14.45
C ALA J 106 43.52 3.45 -15.71
N TYR J 107 43.35 2.72 -16.82
CA TYR J 107 42.97 3.35 -18.08
C TYR J 107 42.19 2.35 -18.92
N VAL J 108 41.46 2.89 -19.90
CA VAL J 108 40.61 2.11 -20.80
C VAL J 108 41.31 1.85 -22.13
N GLU J 109 41.22 0.60 -22.59
CA GLU J 109 41.74 0.19 -23.89
C GLU J 109 40.75 -0.77 -24.53
N ARG J 110 40.86 -0.93 -25.86
CA ARG J 110 40.04 -1.90 -26.58
C ARG J 110 40.31 -3.34 -26.15
N SER J 111 39.23 -4.08 -25.90
CA SER J 111 39.31 -5.49 -25.58
C SER J 111 39.71 -6.32 -26.80
N GLU J 112 40.15 -7.55 -26.54
CA GLU J 112 40.45 -8.51 -27.60
C GLU J 112 39.28 -8.74 -28.54
N GLU J 113 38.06 -8.80 -27.99
CA GLU J 113 36.87 -9.02 -28.82
C GLU J 113 36.67 -7.91 -29.85
N CYS J 114 37.16 -6.70 -29.59
CA CYS J 114 36.92 -5.59 -30.51
C CYS J 114 37.39 -5.86 -31.93
N SER J 115 38.34 -6.78 -32.11
CA SER J 115 38.77 -7.14 -33.46
C SER J 115 37.70 -7.88 -34.24
N ILE J 116 36.79 -8.57 -33.55
CA ILE J 116 35.76 -9.39 -34.19
C ILE J 116 34.34 -8.97 -33.81
N ASP J 117 34.17 -8.43 -32.62
CA ASP J 117 32.84 -8.08 -32.07
C ASP J 117 32.76 -6.59 -31.80
N HIS J 118 32.48 -5.83 -32.85
CA HIS J 118 32.41 -4.38 -32.77
C HIS J 118 31.36 -3.89 -33.76
N ALA J 119 30.88 -2.67 -33.52
CA ALA J 119 29.90 -2.01 -34.38
C ALA J 119 30.53 -0.85 -35.13
N LYS J 120 30.21 -0.75 -36.42
CA LYS J 120 30.74 0.30 -37.29
C LYS J 120 29.68 1.38 -37.47
N ALA J 121 30.03 2.61 -37.08
CA ALA J 121 29.13 3.74 -37.20
C ALA J 121 29.39 4.47 -38.51
N TYR J 122 28.39 4.47 -39.39
CA TYR J 122 28.52 5.06 -40.73
C TYR J 122 27.57 6.23 -40.91
N LYS J 123 28.04 7.24 -41.65
CA LYS J 123 27.21 8.33 -42.10
C LYS J 123 26.80 8.00 -43.53
N VAL J 124 25.51 8.08 -43.83
CA VAL J 124 24.96 7.67 -45.11
C VAL J 124 24.51 8.89 -45.90
N HIS J 125 24.92 8.92 -47.18
CA HIS J 125 24.57 9.99 -48.11
C HIS J 125 23.95 9.35 -49.34
N THR J 126 23.17 10.14 -50.07
CA THR J 126 22.58 9.63 -51.31
C THR J 126 23.67 9.14 -52.24
N GLY J 127 23.51 7.90 -52.71
CA GLY J 127 24.53 7.28 -53.54
C GLY J 127 24.06 6.98 -54.94
N THR J 128 24.21 5.72 -55.34
CA THR J 128 23.81 5.25 -56.66
C THR J 128 22.84 4.09 -56.52
N VAL J 129 22.17 3.76 -57.62
CA VAL J 129 21.25 2.64 -57.69
C VAL J 129 21.67 1.77 -58.86
N GLN J 130 21.85 0.47 -58.62
CA GLN J 130 22.26 -0.46 -59.64
C GLN J 130 21.29 -1.63 -59.67
N ALA J 131 21.28 -2.34 -60.79
CA ALA J 131 20.43 -3.51 -60.94
C ALA J 131 21.05 -4.45 -61.98
N MET J 132 20.68 -5.72 -61.88
CA MET J 132 21.04 -6.73 -62.86
C MET J 132 19.79 -7.04 -63.66
N VAL J 133 19.86 -6.86 -64.98
CA VAL J 133 18.70 -6.99 -65.86
C VAL J 133 18.90 -8.19 -66.77
N ASN J 134 17.87 -9.03 -66.86
CA ASN J 134 17.84 -10.20 -67.71
C ASN J 134 16.96 -9.85 -68.91
N ILE J 135 17.53 -9.90 -70.12
CA ILE J 135 16.80 -9.52 -71.32
C ILE J 135 16.89 -10.61 -72.37
N THR J 136 15.75 -10.89 -73.01
CA THR J 136 15.66 -11.77 -74.16
C THR J 136 14.74 -11.13 -75.18
N TYR J 137 15.08 -11.27 -76.47
CA TYR J 137 14.25 -10.71 -77.51
C TYR J 137 14.39 -11.55 -78.77
N GLY J 138 13.30 -11.65 -79.53
CA GLY J 138 13.30 -12.43 -80.75
C GLY J 138 13.74 -13.85 -80.51
N SER J 139 14.76 -14.29 -81.25
CA SER J 139 15.34 -15.62 -81.10
C SER J 139 16.63 -15.60 -80.28
N VAL J 140 16.97 -14.45 -79.70
CA VAL J 140 18.17 -14.33 -78.90
C VAL J 140 17.89 -14.84 -77.49
N SER J 141 18.76 -15.72 -76.99
CA SER J 141 18.60 -16.30 -75.67
C SER J 141 18.75 -15.23 -74.59
N TRP J 142 18.46 -15.62 -73.35
CA TRP J 142 18.54 -14.70 -72.22
C TRP J 142 19.98 -14.25 -72.00
N ARG J 143 20.16 -12.94 -71.87
CA ARG J 143 21.45 -12.32 -71.58
C ARG J 143 21.24 -11.34 -70.43
N SER J 144 22.28 -11.17 -69.61
CA SER J 144 22.18 -10.28 -68.46
C SER J 144 23.50 -9.55 -68.25
N ALA J 145 23.40 -8.40 -67.59
CA ALA J 145 24.55 -7.60 -67.22
C ALA J 145 24.15 -6.66 -66.10
N ASP J 146 25.15 -6.17 -65.37
CA ASP J 146 24.90 -5.16 -64.35
C ASP J 146 24.74 -3.80 -65.03
N VAL J 147 23.71 -3.06 -64.66
CA VAL J 147 23.43 -1.76 -65.24
C VAL J 147 23.23 -0.75 -64.12
N TYR J 148 23.40 0.52 -64.50
CA TYR J 148 23.22 1.65 -63.59
C TYR J 148 21.83 2.24 -63.82
N VAL J 149 21.01 2.27 -62.77
CA VAL J 149 19.65 2.78 -62.91
C VAL J 149 19.72 4.29 -62.76
N ASN J 150 20.14 4.97 -63.83
CA ASN J 150 20.29 6.42 -63.84
C ASN J 150 19.78 7.07 -65.10
N GLY J 151 19.43 6.30 -66.13
CA GLY J 151 18.93 6.85 -67.38
C GLY J 151 19.98 7.49 -68.26
N GLU J 152 21.25 7.39 -67.90
CA GLU J 152 22.33 8.02 -68.65
C GLU J 152 23.38 7.03 -69.14
N THR J 153 23.67 5.97 -68.38
CA THR J 153 24.72 5.04 -68.74
C THR J 153 24.12 3.88 -69.54
N PRO J 154 24.46 3.72 -70.82
CA PRO J 154 23.96 2.58 -71.57
C PRO J 154 24.75 1.31 -71.26
N ALA J 155 24.05 0.19 -71.26
CA ALA J 155 24.65 -1.13 -71.06
C ALA J 155 24.40 -1.98 -72.29
N LYS J 156 25.43 -2.66 -72.77
CA LYS J 156 25.33 -3.53 -73.94
C LYS J 156 25.06 -4.95 -73.49
N ILE J 157 23.85 -5.43 -73.74
CA ILE J 157 23.41 -6.76 -73.34
C ILE J 157 22.97 -7.50 -74.61
N GLY J 158 23.76 -8.47 -75.03
CA GLY J 158 23.41 -9.25 -76.20
C GLY J 158 23.29 -8.44 -77.47
N ASP J 159 24.26 -7.56 -77.71
CA ASP J 159 24.32 -6.66 -78.86
C ASP J 159 23.28 -5.53 -78.78
N ALA J 160 22.47 -5.48 -77.73
CA ALA J 160 21.49 -4.42 -77.55
C ALA J 160 21.97 -3.48 -76.45
N LYS J 161 21.85 -2.18 -76.72
CA LYS J 161 22.26 -1.15 -75.75
C LYS J 161 21.05 -0.77 -74.91
N LEU J 162 21.07 -1.13 -73.64
CA LEU J 162 19.97 -0.89 -72.71
C LEU J 162 20.28 0.30 -71.82
N ILE J 163 19.34 1.25 -71.77
CA ILE J 163 19.42 2.40 -70.89
C ILE J 163 18.25 2.28 -69.91
N ILE J 164 18.56 2.10 -68.63
CA ILE J 164 17.54 1.97 -67.59
C ILE J 164 17.40 3.32 -66.89
N GLY J 165 16.21 3.89 -66.96
CA GLY J 165 15.92 5.19 -66.41
C GLY J 165 15.98 5.23 -64.89
N PRO J 166 16.03 6.44 -64.34
CA PRO J 166 16.07 6.58 -62.88
C PRO J 166 14.75 6.17 -62.26
N LEU J 167 14.82 5.68 -61.02
CA LEU J 167 13.62 5.29 -60.31
C LEU J 167 12.69 6.49 -60.14
N SER J 168 11.39 6.26 -60.32
CA SER J 168 10.42 7.32 -60.16
C SER J 168 10.36 7.86 -58.74
N SER J 169 10.86 7.10 -57.76
CA SER J 169 10.87 7.53 -56.37
C SER J 169 12.28 7.39 -55.80
N ALA J 170 12.87 8.52 -55.39
CA ALA J 170 14.20 8.53 -54.80
C ALA J 170 14.11 8.19 -53.31
N TRP J 171 13.61 6.99 -53.04
CA TRP J 171 13.41 6.50 -51.68
C TRP J 171 14.53 5.56 -51.30
N SER J 172 14.96 5.64 -50.04
CA SER J 172 16.00 4.79 -49.49
C SER J 172 15.68 4.47 -48.04
N PRO J 173 15.88 3.23 -47.59
CA PRO J 173 15.52 2.88 -46.21
C PRO J 173 16.51 3.38 -45.17
N PHE J 174 17.67 3.87 -45.57
CA PHE J 174 18.71 4.28 -44.63
C PHE J 174 18.55 5.74 -44.26
N ASP J 175 18.66 6.04 -42.97
CA ASP J 175 18.66 7.40 -42.50
C ASP J 175 20.05 8.01 -42.69
N ASN J 176 20.22 9.26 -42.25
CA ASN J 176 21.50 9.93 -42.43
C ASN J 176 22.63 9.19 -41.70
N LYS J 177 22.32 8.52 -40.60
CA LYS J 177 23.30 7.79 -39.82
C LYS J 177 22.81 6.38 -39.55
N VAL J 178 23.66 5.38 -39.80
CA VAL J 178 23.33 3.99 -39.56
C VAL J 178 24.48 3.31 -38.83
N VAL J 179 24.15 2.25 -38.11
CA VAL J 179 25.12 1.45 -37.36
C VAL J 179 25.06 0.03 -37.93
N VAL J 180 26.21 -0.49 -38.35
CA VAL J 180 26.32 -1.83 -38.92
C VAL J 180 26.98 -2.73 -37.89
N TYR J 181 26.26 -3.76 -37.45
CA TYR J 181 26.76 -4.72 -36.47
C TYR J 181 26.53 -6.13 -37.01
N GLY J 182 27.62 -6.85 -37.26
CA GLY J 182 27.48 -8.18 -37.82
C GLY J 182 26.84 -8.09 -39.20
N HIS J 183 25.76 -8.83 -39.38
CA HIS J 183 24.99 -8.80 -40.62
C HIS J 183 23.83 -7.81 -40.56
N GLU J 184 23.61 -7.18 -39.41
CA GLU J 184 22.49 -6.28 -39.18
C GLU J 184 22.88 -4.82 -39.39
N VAL J 185 21.90 -4.02 -39.81
CA VAL J 185 22.06 -2.59 -39.98
C VAL J 185 20.95 -1.91 -39.18
N TYR J 186 21.31 -0.84 -38.47
CA TYR J 186 20.36 -0.12 -37.63
C TYR J 186 20.35 1.36 -37.98
N ASN J 187 19.16 1.95 -38.01
CA ASN J 187 19.00 3.39 -38.18
C ASN J 187 19.11 4.04 -36.81
N TYR J 188 20.34 4.07 -36.30
CA TYR J 188 20.64 4.58 -34.97
C TYR J 188 21.39 5.89 -35.06
N ASP J 189 20.86 6.93 -34.40
CA ASP J 189 21.48 8.25 -34.38
C ASP J 189 22.56 8.25 -33.30
N PHE J 190 23.74 7.75 -33.69
CA PHE J 190 24.85 7.63 -32.76
C PHE J 190 25.49 8.99 -32.47
N PRO J 191 26.09 9.14 -31.29
CA PRO J 191 26.76 10.41 -30.98
C PRO J 191 28.00 10.64 -31.83
N GLU J 192 28.25 11.90 -32.15
CA GLU J 192 29.39 12.24 -32.99
C GLU J 192 30.69 11.89 -32.28
N TYR J 193 31.75 11.71 -33.08
CA TYR J 193 33.04 11.31 -32.53
C TYR J 193 33.52 12.32 -31.50
N GLY J 194 33.97 11.81 -30.36
CA GLY J 194 34.43 12.63 -29.27
C GLY J 194 33.37 13.15 -28.33
N THR J 195 32.09 12.81 -28.57
CA THR J 195 30.99 13.29 -27.75
C THR J 195 30.20 12.16 -27.10
N GLY J 196 30.74 10.93 -27.13
CA GLY J 196 30.03 9.82 -26.52
C GLY J 196 30.01 9.92 -25.00
N LYS J 197 28.94 9.39 -24.42
CA LYS J 197 28.73 9.42 -22.98
C LYS J 197 28.81 8.03 -22.39
N ALA J 198 29.22 7.97 -21.11
CA ALA J 198 29.37 6.68 -20.43
C ALA J 198 28.05 5.94 -20.40
N GLY J 199 28.11 4.63 -20.63
CA GLY J 199 26.93 3.80 -20.61
C GLY J 199 26.08 3.88 -21.86
N SER J 200 26.44 4.73 -22.82
CA SER J 200 25.73 4.85 -24.08
C SER J 200 26.53 4.19 -25.20
N PHE J 201 25.86 3.98 -26.33
CA PHE J 201 26.45 3.27 -27.45
C PHE J 201 27.88 3.75 -27.75
N GLY J 202 28.07 5.07 -27.83
CA GLY J 202 29.37 5.60 -28.18
C GLY J 202 30.33 5.90 -27.06
N ASP J 203 30.22 5.21 -25.91
CA ASP J 203 31.12 5.50 -24.80
C ASP J 203 32.57 5.27 -25.21
N LEU J 204 32.83 4.23 -26.00
CA LEU J 204 34.14 3.92 -26.54
C LEU J 204 34.10 4.17 -28.04
N GLN J 205 35.06 4.95 -28.55
CA GLN J 205 35.07 5.25 -29.97
C GLN J 205 36.50 5.23 -30.50
N SER J 206 36.65 4.63 -31.68
CA SER J 206 37.93 4.53 -32.36
C SER J 206 37.69 4.75 -33.85
N ARG J 207 38.55 5.52 -34.50
CA ARG J 207 38.34 5.78 -35.92
C ARG J 207 38.43 4.50 -36.73
N THR J 208 39.33 3.59 -36.35
CA THR J 208 39.48 2.31 -37.00
C THR J 208 39.74 1.23 -35.95
N SER J 209 39.59 -0.03 -36.36
CA SER J 209 39.83 -1.13 -35.44
C SER J 209 41.30 -1.25 -35.07
N THR J 210 42.19 -0.62 -35.83
CA THR J 210 43.63 -0.63 -35.57
C THR J 210 44.15 0.75 -35.19
N SER J 211 43.26 1.73 -35.01
CA SER J 211 43.68 3.08 -34.68
C SER J 211 44.39 3.13 -33.34
N ASN J 212 45.41 3.98 -33.26
CA ASN J 212 46.15 4.20 -32.02
C ASN J 212 45.53 5.30 -31.17
N ASP J 213 44.55 6.03 -31.70
CA ASP J 213 43.84 7.09 -30.96
C ASP J 213 42.47 6.54 -30.58
N LEU J 214 42.30 6.26 -29.30
CA LEU J 214 41.08 5.72 -28.72
C LEU J 214 40.41 6.76 -27.83
N TYR J 215 39.11 6.95 -28.02
CA TYR J 215 38.33 7.81 -27.14
C TYR J 215 37.53 6.92 -26.21
N ALA J 216 37.60 7.21 -24.92
CA ALA J 216 36.91 6.45 -23.88
C ALA J 216 36.28 7.42 -22.90
N ASN J 217 34.98 7.24 -22.62
CA ASN J 217 34.27 8.11 -21.68
C ASN J 217 33.41 7.23 -20.79
N THR J 218 34.03 6.75 -19.71
CA THR J 218 33.42 5.92 -18.70
C THR J 218 33.68 6.59 -17.35
N ASN J 219 32.76 6.43 -16.40
CA ASN J 219 32.96 7.02 -15.08
C ASN J 219 33.91 6.17 -14.25
N LEU J 220 35.13 6.05 -14.77
CA LEU J 220 36.20 5.30 -14.11
C LEU J 220 36.66 6.07 -12.87
N LYS J 221 36.30 5.59 -11.69
CA LYS J 221 36.69 6.22 -10.43
C LYS J 221 37.49 5.22 -9.61
N LEU J 222 38.73 5.58 -9.29
CA LEU J 222 39.56 4.77 -8.41
C LEU J 222 39.05 4.82 -6.99
N GLN J 223 38.86 3.66 -6.39
CA GLN J 223 38.42 3.52 -5.01
C GLN J 223 39.62 3.26 -4.10
N ARG J 224 39.49 3.67 -2.85
CA ARG J 224 40.53 3.39 -1.87
C ARG J 224 40.69 1.87 -1.68
N PRO J 225 41.92 1.35 -1.72
CA PRO J 225 42.11 -0.07 -1.42
C PRO J 225 41.60 -0.47 -0.05
N GLN J 226 41.11 -1.70 0.04
CA GLN J 226 40.72 -2.26 1.33
C GLN J 226 41.92 -2.29 2.27
N ALA J 227 41.65 -2.06 3.55
CA ALA J 227 42.71 -1.98 4.55
C ALA J 227 43.58 -3.23 4.57
N GLY J 228 44.88 -3.04 4.35
CA GLY J 228 45.85 -4.12 4.37
C GLY J 228 45.96 -4.96 3.12
N ILE J 229 45.27 -4.62 2.04
CA ILE J 229 45.26 -5.43 0.83
C ILE J 229 45.87 -4.62 -0.31
N VAL J 230 46.81 -5.23 -1.04
CA VAL J 230 47.41 -4.58 -2.20
C VAL J 230 46.54 -4.92 -3.41
N HIS J 231 45.70 -3.98 -3.81
CA HIS J 231 44.87 -4.13 -4.99
C HIS J 231 44.47 -2.74 -5.45
N THR J 232 43.95 -2.67 -6.68
CA THR J 232 43.52 -1.41 -7.29
C THR J 232 42.04 -1.48 -7.60
N PRO J 233 41.17 -1.26 -6.61
CA PRO J 233 39.73 -1.26 -6.86
C PRO J 233 39.31 -0.03 -7.64
N PHE J 234 38.22 -0.18 -8.40
CA PHE J 234 37.68 0.93 -9.19
C PHE J 234 36.21 0.67 -9.46
N THR J 235 35.50 1.76 -9.75
CA THR J 235 34.11 1.73 -10.19
C THR J 235 34.04 2.29 -11.61
N GLN J 236 33.19 1.68 -12.43
CA GLN J 236 33.06 2.07 -13.83
C GLN J 236 31.65 1.73 -14.30
N VAL J 237 31.12 2.58 -15.17
CA VAL J 237 29.78 2.33 -15.73
C VAL J 237 29.85 1.17 -16.71
N PRO J 238 28.97 0.18 -16.64
CA PRO J 238 29.01 -0.93 -17.57
C PRO J 238 29.06 -0.46 -19.02
N SER J 239 29.77 -1.23 -19.84
CA SER J 239 30.00 -0.85 -21.23
C SER J 239 28.69 -0.54 -21.94
N GLY J 240 28.66 0.60 -22.62
CA GLY J 240 27.47 1.01 -23.36
C GLY J 240 27.26 0.23 -24.63
N PHE J 241 28.31 -0.42 -25.14
CA PHE J 241 28.17 -1.28 -26.31
C PHE J 241 27.43 -2.56 -25.95
N GLU J 242 27.81 -3.20 -24.84
CA GLU J 242 27.08 -4.38 -24.39
C GLU J 242 25.66 -4.02 -24.00
N ARG J 243 25.46 -2.83 -23.44
CA ARG J 243 24.11 -2.35 -23.14
C ARG J 243 23.30 -2.18 -24.42
N TRP J 244 23.90 -1.60 -25.45
CA TRP J 244 23.22 -1.43 -26.73
C TRP J 244 22.81 -2.77 -27.33
N LYS J 245 23.69 -3.78 -27.24
CA LYS J 245 23.34 -5.10 -27.74
C LYS J 245 22.01 -5.58 -27.19
N LYS J 246 21.71 -5.26 -25.93
CA LYS J 246 20.42 -5.62 -25.35
C LYS J 246 19.29 -4.73 -25.85
N ASP J 247 19.56 -3.45 -26.06
CA ASP J 247 18.57 -2.47 -26.48
C ASP J 247 18.56 -2.22 -27.98
N LYS J 248 19.20 -3.08 -28.77
CA LYS J 248 19.28 -2.85 -30.21
C LYS J 248 17.89 -2.66 -30.82
N GLY J 249 16.93 -3.47 -30.40
CA GLY J 249 15.62 -3.42 -31.00
C GLY J 249 15.59 -4.16 -32.32
N ALA J 250 14.63 -3.80 -33.15
CA ALA J 250 14.50 -4.46 -34.45
C ALA J 250 15.52 -3.88 -35.43
N PRO J 251 16.25 -4.71 -36.16
CA PRO J 251 17.19 -4.20 -37.16
C PRO J 251 16.48 -3.72 -38.42
N LEU J 252 17.20 -2.91 -39.19
CA LEU J 252 16.66 -2.43 -40.45
C LEU J 252 16.34 -3.59 -41.39
N ASN J 253 17.07 -4.70 -41.26
CA ASN J 253 16.81 -5.89 -42.07
C ASN J 253 15.39 -6.40 -41.88
N ASP J 254 14.79 -6.19 -40.72
CA ASP J 254 13.47 -6.70 -40.38
C ASP J 254 12.36 -5.64 -40.39
N VAL J 255 12.67 -4.37 -40.63
CA VAL J 255 11.65 -3.34 -40.59
C VAL J 255 11.68 -2.46 -41.84
N ALA J 256 12.66 -2.67 -42.71
CA ALA J 256 12.74 -1.86 -43.92
C ALA J 256 11.46 -2.03 -44.75
N PRO J 257 10.83 -0.94 -45.19
CA PRO J 257 9.62 -1.09 -46.01
C PRO J 257 9.90 -1.69 -47.38
N PHE J 258 8.82 -2.00 -48.08
CA PHE J 258 8.84 -2.55 -49.44
C PHE J 258 9.58 -3.88 -49.54
N GLY J 259 9.79 -4.57 -48.43
CA GLY J 259 10.45 -5.86 -48.51
C GLY J 259 11.92 -5.78 -48.89
N CYS J 260 12.58 -4.67 -48.57
CA CYS J 260 13.99 -4.52 -48.89
C CYS J 260 14.84 -5.53 -48.13
N SER J 261 15.91 -5.97 -48.78
CA SER J 261 16.93 -6.83 -48.19
C SER J 261 18.19 -5.99 -48.03
N ILE J 262 18.85 -6.10 -46.88
CA ILE J 262 20.01 -5.29 -46.57
C ILE J 262 21.28 -6.15 -46.64
N ALA J 263 22.21 -5.73 -47.49
CA ALA J 263 23.50 -6.37 -47.67
C ALA J 263 24.57 -5.39 -47.20
N LEU J 264 25.75 -5.92 -46.85
CA LEU J 264 26.76 -5.08 -46.22
C LEU J 264 28.01 -4.82 -47.05
N GLU J 265 28.28 -5.59 -48.10
CA GLU J 265 29.49 -5.39 -48.90
C GLU J 265 29.16 -5.23 -50.39
N PRO J 266 28.85 -4.00 -50.83
CA PRO J 266 28.76 -2.74 -50.08
C PRO J 266 27.44 -2.62 -49.32
N LEU J 267 27.32 -1.71 -48.36
CA LEU J 267 26.03 -1.53 -47.69
C LEU J 267 25.00 -1.13 -48.74
N ARG J 268 23.89 -1.87 -48.80
CA ARG J 268 22.88 -1.58 -49.81
C ARG J 268 21.55 -2.21 -49.43
N ALA J 269 20.48 -1.65 -49.98
CA ALA J 269 19.14 -2.19 -49.85
C ALA J 269 18.79 -2.85 -51.18
N GLU J 270 18.38 -4.11 -51.13
CA GLU J 270 18.11 -4.89 -52.32
C GLU J 270 16.63 -5.20 -52.51
N ASN J 271 16.24 -5.28 -53.79
CA ASN J 271 14.90 -5.67 -54.21
C ASN J 271 13.79 -4.84 -53.57
N CYS J 272 14.00 -3.54 -53.45
CA CYS J 272 12.97 -2.66 -52.94
C CYS J 272 11.97 -2.37 -54.06
N ALA J 273 10.72 -2.80 -53.90
CA ALA J 273 9.69 -2.61 -54.92
C ALA J 273 9.10 -1.20 -54.81
N VAL J 274 9.89 -0.22 -55.23
CA VAL J 274 9.51 1.19 -55.12
C VAL J 274 9.39 1.81 -56.51
N GLY J 275 8.23 2.40 -56.78
CA GLY J 275 7.98 3.13 -58.00
C GLY J 275 8.08 2.31 -59.27
N SER J 276 8.55 2.96 -60.33
CA SER J 276 8.70 2.36 -61.64
C SER J 276 10.02 2.80 -62.24
N ILE J 277 10.45 2.12 -63.30
CA ILE J 277 11.75 2.38 -63.90
C ILE J 277 11.61 2.62 -65.40
N PRO J 278 11.86 3.83 -65.90
CA PRO J 278 11.86 4.04 -67.35
C PRO J 278 12.95 3.20 -68.00
N ILE J 279 12.71 2.77 -69.24
CA ILE J 279 13.67 1.96 -69.96
C ILE J 279 13.73 2.39 -71.43
N SER J 280 14.86 2.09 -72.05
CA SER J 280 15.09 2.37 -73.47
C SER J 280 16.08 1.32 -73.97
N ILE J 281 15.69 0.56 -74.99
CA ILE J 281 16.54 -0.49 -75.55
C ILE J 281 16.62 -0.32 -77.06
N ASP J 282 17.84 -0.36 -77.59
CA ASP J 282 18.10 -0.27 -79.01
C ASP J 282 18.34 -1.68 -79.55
N ILE J 283 17.39 -2.18 -80.34
CA ILE J 283 17.47 -3.52 -80.90
C ILE J 283 18.09 -3.43 -82.30
N PRO J 284 19.10 -4.24 -82.61
CA PRO J 284 19.73 -4.13 -83.93
C PRO J 284 18.79 -4.54 -85.05
N ASP J 285 19.07 -3.99 -86.25
CA ASP J 285 18.26 -4.30 -87.42
C ASP J 285 18.28 -5.79 -87.75
N ALA J 286 19.36 -6.49 -87.41
CA ALA J 286 19.44 -7.93 -87.69
C ALA J 286 18.34 -8.72 -86.99
N ALA J 287 17.75 -8.18 -85.93
CA ALA J 287 16.69 -8.86 -85.20
C ALA J 287 15.32 -8.73 -85.86
N PHE J 288 15.15 -7.82 -86.81
CA PHE J 288 13.86 -7.58 -87.44
C PHE J 288 13.80 -8.27 -88.79
N THR J 289 12.82 -9.16 -88.95
CA THR J 289 12.58 -9.87 -90.20
C THR J 289 11.42 -9.21 -90.93
N ARG J 290 11.55 -9.05 -92.24
CA ARG J 290 10.52 -8.41 -93.03
C ARG J 290 9.20 -9.19 -92.96
N ILE J 291 8.10 -8.45 -92.98
CA ILE J 291 6.77 -9.06 -92.88
C ILE J 291 6.56 -10.07 -94.00
N SER J 292 7.03 -9.77 -95.21
CA SER J 292 6.86 -10.67 -96.33
C SER J 292 7.51 -12.03 -96.08
N GLU J 293 8.40 -12.13 -95.10
CA GLU J 293 9.07 -13.37 -94.77
C GLU J 293 8.52 -14.03 -93.51
N THR J 294 7.47 -13.50 -92.92
CA THR J 294 6.90 -14.02 -91.68
C THR J 294 5.40 -14.21 -91.81
N PRO J 295 4.82 -15.06 -90.97
CA PRO J 295 3.37 -15.30 -91.03
C PRO J 295 2.54 -14.09 -90.60
N THR J 296 1.34 -14.00 -91.19
CA THR J 296 0.35 -12.99 -90.88
C THR J 296 -0.98 -13.70 -90.65
N VAL J 297 -1.85 -13.11 -89.84
CA VAL J 297 -3.12 -13.73 -89.49
C VAL J 297 -4.28 -12.77 -89.72
N SER J 298 -5.46 -13.36 -89.91
CA SER J 298 -6.69 -12.61 -90.13
C SER J 298 -7.86 -13.44 -89.62
N ASP J 299 -9.02 -12.80 -89.53
CA ASP J 299 -10.25 -13.45 -89.07
C ASP J 299 -10.05 -14.11 -87.70
N LEU J 300 -9.44 -13.36 -86.79
CA LEU J 300 -9.18 -13.87 -85.45
C LEU J 300 -10.44 -13.87 -84.60
N GLU J 301 -10.59 -14.90 -83.78
CA GLU J 301 -11.73 -15.03 -82.87
C GLU J 301 -11.22 -15.66 -81.58
N CYS J 302 -11.39 -14.96 -80.46
CA CYS J 302 -10.88 -15.40 -79.17
C CYS J 302 -12.02 -15.87 -78.26
N LYS J 303 -11.85 -17.06 -77.70
CA LYS J 303 -12.79 -17.65 -76.76
C LYS J 303 -12.07 -17.87 -75.44
N ILE J 304 -12.59 -17.30 -74.35
CA ILE J 304 -12.06 -17.56 -73.02
C ILE J 304 -12.78 -18.78 -72.47
N THR J 305 -12.05 -19.87 -72.29
CA THR J 305 -12.65 -21.13 -71.88
C THR J 305 -12.66 -21.33 -70.37
N GLU J 306 -11.69 -20.73 -69.66
CA GLU J 306 -11.61 -20.81 -68.22
C GLU J 306 -10.93 -19.55 -67.70
N CYS J 307 -11.36 -19.10 -66.52
CA CYS J 307 -10.72 -17.92 -65.94
C CYS J 307 -11.01 -17.80 -64.45
N THR J 308 -9.95 -17.63 -63.67
CA THR J 308 -10.01 -17.37 -62.24
C THR J 308 -9.05 -16.20 -62.01
N TYR J 309 -9.50 -15.17 -61.27
CA TYR J 309 -8.59 -14.07 -61.05
C TYR J 309 -7.61 -14.35 -59.90
N ALA J 310 -6.95 -15.50 -59.97
CA ALA J 310 -5.96 -15.89 -59.00
C ALA J 310 -4.62 -15.23 -59.32
N PHE J 311 -3.70 -15.30 -58.36
CA PHE J 311 -2.38 -14.72 -58.60
C PHE J 311 -1.60 -15.51 -59.64
N ASP J 312 -1.90 -16.80 -59.78
CA ASP J 312 -1.23 -17.61 -60.80
C ASP J 312 -1.86 -17.35 -62.17
N PHE J 313 -1.40 -18.08 -63.18
CA PHE J 313 -1.97 -18.00 -64.52
C PHE J 313 -3.25 -18.84 -64.61
N GLY J 314 -4.28 -18.33 -63.95
CA GLY J 314 -5.56 -19.01 -63.87
C GLY J 314 -6.47 -18.87 -65.07
N GLY J 315 -6.10 -18.08 -66.07
CA GLY J 315 -6.90 -17.93 -67.27
C GLY J 315 -6.40 -18.77 -68.44
N ILE J 316 -7.36 -19.25 -69.24
CA ILE J 316 -7.07 -20.02 -70.44
C ILE J 316 -8.02 -19.54 -71.53
N ALA J 317 -7.50 -19.38 -72.74
CA ALA J 317 -8.31 -18.95 -73.87
C ALA J 317 -7.86 -19.66 -75.14
N THR J 318 -8.77 -19.71 -76.11
CA THR J 318 -8.52 -20.32 -77.42
C THR J 318 -8.79 -19.28 -78.49
N VAL J 319 -7.88 -19.15 -79.44
CA VAL J 319 -8.00 -18.19 -80.54
C VAL J 319 -8.01 -18.94 -81.86
N ALA J 320 -9.09 -18.81 -82.62
CA ALA J 320 -9.19 -19.35 -83.95
C ALA J 320 -8.59 -18.34 -84.92
N TYR J 321 -7.92 -18.84 -85.97
CA TYR J 321 -7.24 -17.91 -86.87
C TYR J 321 -7.05 -18.53 -88.25
N LYS J 322 -6.81 -17.64 -89.21
CA LYS J 322 -6.42 -17.98 -90.57
C LYS J 322 -5.11 -17.25 -90.84
N SER J 323 -4.20 -17.88 -91.58
CA SER J 323 -2.90 -17.26 -91.80
C SER J 323 -2.40 -17.53 -93.21
N SER J 324 -1.27 -16.88 -93.52
CA SER J 324 -0.53 -17.03 -94.77
C SER J 324 0.93 -17.25 -94.41
N LYS J 325 1.58 -18.17 -95.12
CA LYS J 325 2.97 -18.52 -94.82
C LYS J 325 3.10 -18.88 -93.34
N ALA J 326 2.25 -19.82 -92.93
CA ALA J 326 2.14 -20.27 -91.55
C ALA J 326 3.50 -20.52 -90.91
N GLY J 327 3.61 -20.15 -89.63
CA GLY J 327 4.85 -20.31 -88.90
C GLY J 327 4.73 -19.75 -87.50
N ASN J 328 5.87 -19.54 -86.86
CA ASN J 328 5.90 -18.99 -85.52
C ASN J 328 5.44 -17.53 -85.50
N CYS J 329 4.64 -17.17 -84.48
CA CYS J 329 4.10 -15.82 -84.36
C CYS J 329 4.16 -15.34 -82.91
N PRO J 330 4.63 -14.13 -82.65
CA PRO J 330 4.65 -13.61 -81.28
C PRO J 330 3.24 -13.25 -80.78
N ILE J 331 3.06 -13.37 -79.46
CA ILE J 331 1.78 -13.09 -78.81
C ILE J 331 2.03 -12.09 -77.69
N HIS J 332 1.16 -11.08 -77.59
CA HIS J 332 1.29 -10.09 -76.53
C HIS J 332 -0.06 -9.45 -76.24
N SER J 333 -0.19 -8.94 -75.02
CA SER J 333 -1.40 -8.24 -74.56
C SER J 333 -0.98 -6.82 -74.19
N PRO J 334 -1.23 -5.83 -75.04
CA PRO J 334 -0.75 -4.47 -74.74
C PRO J 334 -1.29 -3.88 -73.45
N SER J 335 -2.54 -4.14 -73.09
CA SER J 335 -3.09 -3.55 -71.88
C SER J 335 -2.69 -4.35 -70.64
N GLY J 336 -2.91 -3.74 -69.48
CA GLY J 336 -2.61 -4.31 -68.18
C GLY J 336 -3.69 -5.19 -67.60
N VAL J 337 -4.78 -5.39 -68.35
CA VAL J 337 -5.89 -6.21 -67.85
C VAL J 337 -5.45 -7.64 -67.64
N ALA J 338 -4.71 -8.20 -68.58
CA ALA J 338 -4.26 -9.59 -68.48
C ALA J 338 -2.83 -9.73 -69.00
N VAL J 339 -2.06 -10.53 -68.26
CA VAL J 339 -0.67 -10.83 -68.59
C VAL J 339 -0.63 -12.20 -69.24
N ILE J 340 -0.02 -12.30 -70.42
CA ILE J 340 -0.02 -13.55 -71.17
C ILE J 340 1.21 -14.37 -70.78
N LYS J 341 0.99 -15.66 -70.57
CA LYS J 341 2.09 -16.56 -70.21
C LYS J 341 2.98 -16.86 -71.41
N GLU J 342 2.37 -17.19 -72.54
CA GLU J 342 3.13 -17.51 -73.74
C GLU J 342 3.78 -16.27 -74.35
N ASN J 343 4.90 -16.50 -75.03
CA ASN J 343 5.63 -15.47 -75.74
C ASN J 343 5.45 -15.56 -77.24
N ASP J 344 5.28 -16.77 -77.77
CA ASP J 344 5.08 -16.98 -79.20
C ASP J 344 4.35 -18.31 -79.36
N VAL J 345 3.73 -18.47 -80.53
CA VAL J 345 2.98 -19.68 -80.86
C VAL J 345 3.31 -20.11 -82.28
N THR J 346 3.03 -21.37 -82.56
CA THR J 346 3.24 -21.94 -83.90
C THR J 346 1.90 -21.93 -84.62
N LEU J 347 1.87 -21.24 -85.76
CA LEU J 347 0.65 -21.10 -86.55
C LEU J 347 0.68 -22.02 -87.76
N ALA J 348 -0.50 -22.50 -88.13
CA ALA J 348 -0.74 -23.27 -89.34
C ALA J 348 -1.51 -22.40 -90.33
N GLU J 349 -1.76 -22.94 -91.52
CA GLU J 349 -2.53 -22.16 -92.49
C GLU J 349 -3.91 -21.80 -91.92
N SER J 350 -4.47 -22.67 -91.09
CA SER J 350 -5.72 -22.37 -90.40
C SER J 350 -5.84 -23.29 -89.20
N GLY J 351 -6.61 -22.87 -88.22
CA GLY J 351 -6.84 -23.65 -87.03
C GLY J 351 -7.09 -22.75 -85.84
N SER J 352 -6.66 -23.22 -84.67
CA SER J 352 -6.77 -22.44 -83.43
C SER J 352 -5.65 -22.85 -82.49
N PHE J 353 -5.32 -21.95 -81.57
CA PHE J 353 -4.29 -22.18 -80.57
C PHE J 353 -4.79 -21.68 -79.23
N THR J 354 -4.17 -22.16 -78.15
CA THR J 354 -4.52 -21.75 -76.81
C THR J 354 -3.35 -21.04 -76.15
N PHE J 355 -3.69 -20.14 -75.23
CA PHE J 355 -2.72 -19.39 -74.45
C PHE J 355 -3.26 -19.22 -73.04
N HIS J 356 -2.36 -18.94 -72.10
CA HIS J 356 -2.73 -18.76 -70.71
C HIS J 356 -2.45 -17.33 -70.29
N PHE J 357 -3.28 -16.80 -69.39
CA PHE J 357 -3.13 -15.43 -68.93
C PHE J 357 -3.56 -15.33 -67.48
N SER J 358 -3.15 -14.24 -66.83
CA SER J 358 -3.51 -13.94 -65.45
C SER J 358 -4.14 -12.57 -65.42
N THR J 359 -5.33 -12.46 -64.82
CA THR J 359 -6.05 -11.20 -64.75
C THR J 359 -6.73 -11.06 -63.40
N ALA J 360 -6.86 -9.81 -62.96
CA ALA J 360 -7.55 -9.49 -61.71
C ALA J 360 -9.00 -9.11 -61.95
N ASN J 361 -9.41 -8.91 -63.20
CA ASN J 361 -10.75 -8.46 -63.53
C ASN J 361 -11.76 -9.59 -63.40
N ILE J 362 -12.96 -9.24 -62.94
CA ILE J 362 -14.06 -10.21 -62.92
C ILE J 362 -14.53 -10.48 -64.35
N HIS J 363 -14.58 -9.44 -65.18
CA HIS J 363 -14.97 -9.54 -66.58
C HIS J 363 -13.84 -8.95 -67.41
N PRO J 364 -12.75 -9.69 -67.60
CA PRO J 364 -11.63 -9.18 -68.39
C PRO J 364 -12.02 -8.86 -69.83
N ALA J 365 -11.46 -7.77 -70.33
CA ALA J 365 -11.62 -7.35 -71.71
C ALA J 365 -10.28 -6.75 -72.12
N PHE J 366 -9.56 -7.42 -73.01
CA PHE J 366 -8.23 -6.98 -73.38
C PHE J 366 -7.94 -7.31 -74.82
N LYS J 367 -7.03 -6.53 -75.39
CA LYS J 367 -6.59 -6.69 -76.77
C LYS J 367 -5.37 -7.59 -76.82
N LEU J 368 -5.38 -8.55 -77.75
CA LEU J 368 -4.27 -9.47 -77.95
C LEU J 368 -3.69 -9.22 -79.33
N GLN J 369 -2.39 -8.96 -79.40
CA GLN J 369 -1.71 -8.72 -80.67
C GLN J 369 -1.12 -10.00 -81.23
N VAL J 370 -1.39 -10.27 -82.50
CA VAL J 370 -0.90 -11.47 -83.16
C VAL J 370 -0.38 -11.09 -84.54
N CYS J 371 0.95 -11.04 -84.70
CA CYS J 371 1.59 -10.75 -85.97
C CYS J 371 0.97 -9.52 -86.66
N THR J 372 1.00 -8.40 -85.93
CA THR J 372 0.44 -7.11 -86.36
C THR J 372 -1.07 -7.08 -86.35
N SER J 373 -1.73 -8.24 -86.23
CA SER J 373 -3.17 -8.27 -86.10
C SER J 373 -3.55 -8.26 -84.63
N ALA J 374 -4.82 -8.04 -84.36
CA ALA J 374 -5.29 -8.01 -82.97
C ALA J 374 -6.68 -8.62 -82.86
N VAL J 375 -6.94 -9.21 -81.68
CA VAL J 375 -8.21 -9.84 -81.36
C VAL J 375 -8.58 -9.42 -79.96
N THR J 376 -9.89 -9.26 -79.72
CA THR J 376 -10.40 -8.86 -78.41
C THR J 376 -10.96 -10.09 -77.70
N CYS J 377 -10.45 -10.35 -76.50
CA CYS J 377 -10.90 -11.47 -75.68
C CYS J 377 -11.80 -10.95 -74.57
N LYS J 378 -12.97 -11.57 -74.41
CA LYS J 378 -13.92 -11.17 -73.38
C LYS J 378 -14.47 -12.42 -72.70
N GLY J 379 -14.73 -12.30 -71.41
CA GLY J 379 -15.25 -13.42 -70.64
C GLY J 379 -15.43 -13.05 -69.18
N ASP J 380 -15.89 -14.02 -68.42
CA ASP J 380 -16.12 -13.87 -66.98
C ASP J 380 -15.14 -14.76 -66.22
N CYS J 381 -14.76 -14.30 -65.02
CA CYS J 381 -13.79 -15.02 -64.19
C CYS J 381 -14.38 -15.27 -62.81
N LYS J 382 -14.08 -16.48 -62.25
CA LYS J 382 -14.50 -16.91 -60.92
C LYS J 382 -13.44 -16.55 -59.86
N PRO J 383 -13.86 -16.36 -58.61
CA PRO J 383 -12.88 -16.02 -57.57
C PRO J 383 -12.04 -17.23 -57.18
N PRO J 384 -10.82 -17.03 -56.73
CA PRO J 384 -10.00 -18.14 -56.24
C PRO J 384 -10.46 -18.62 -54.87
N LYS J 385 -10.11 -19.87 -54.56
CA LYS J 385 -10.46 -20.48 -53.28
C LYS J 385 -9.35 -20.43 -52.25
N ASP J 386 -8.10 -20.29 -52.67
CA ASP J 386 -6.97 -20.25 -51.76
C ASP J 386 -6.83 -18.86 -51.14
N HIS J 387 -7.01 -18.79 -49.81
CA HIS J 387 -6.98 -17.50 -49.13
C HIS J 387 -5.58 -16.89 -49.15
N ILE J 388 -4.54 -17.70 -48.97
CA ILE J 388 -3.16 -17.24 -48.90
C ILE J 388 -2.33 -18.02 -49.91
N VAL J 389 -1.42 -17.32 -50.59
CA VAL J 389 -0.51 -17.92 -51.55
C VAL J 389 0.91 -17.49 -51.21
N ASP J 390 1.88 -18.28 -51.68
CA ASP J 390 3.29 -18.04 -51.41
C ASP J 390 4.02 -17.42 -52.61
N TYR J 391 3.30 -16.77 -53.51
CA TYR J 391 3.90 -16.12 -54.66
C TYR J 391 3.17 -14.81 -54.92
N ALA J 392 3.89 -13.85 -55.52
CA ALA J 392 3.32 -12.55 -55.80
C ALA J 392 2.39 -12.60 -57.01
N ALA J 393 1.46 -11.66 -57.05
CA ALA J 393 0.51 -11.58 -58.15
C ALA J 393 1.21 -11.20 -59.46
N GLN J 394 0.86 -11.91 -60.52
CA GLN J 394 1.41 -11.61 -61.84
C GLN J 394 0.69 -10.43 -62.49
N HIS J 395 -0.62 -10.34 -62.26
CA HIS J 395 -1.47 -9.28 -62.79
C HIS J 395 -1.39 -8.04 -61.91
N THR J 396 -2.16 -7.02 -62.29
CA THR J 396 -2.24 -5.76 -61.55
C THR J 396 -3.70 -5.37 -61.35
N GLU J 397 -4.00 -4.85 -60.17
CA GLU J 397 -5.34 -4.38 -59.84
C GLU J 397 -5.60 -3.00 -60.41
N SER J 398 -6.89 -2.64 -60.46
CA SER J 398 -7.32 -1.33 -60.90
C SER J 398 -8.63 -0.99 -60.20
N PHE J 399 -9.03 0.28 -60.30
CA PHE J 399 -10.26 0.72 -59.66
C PHE J 399 -11.48 -0.04 -60.16
N THR J 400 -11.59 -0.23 -61.48
CA THR J 400 -12.73 -0.91 -62.07
C THR J 400 -12.51 -2.41 -62.28
N SER J 401 -11.39 -2.96 -61.82
CA SER J 401 -11.13 -4.38 -62.04
C SER J 401 -12.15 -5.25 -61.30
N ALA J 402 -12.55 -4.86 -60.10
CA ALA J 402 -13.45 -5.67 -59.28
C ALA J 402 -14.93 -5.40 -59.51
N ILE J 403 -15.30 -4.50 -60.43
CA ILE J 403 -16.70 -4.16 -60.63
C ILE J 403 -17.31 -5.16 -61.59
N SER J 404 -18.29 -5.93 -61.11
CA SER J 404 -18.98 -6.92 -61.90
C SER J 404 -20.04 -6.28 -62.79
N ALA J 405 -20.53 -7.06 -63.76
CA ALA J 405 -21.60 -6.59 -64.63
C ALA J 405 -22.84 -6.22 -63.83
N THR J 406 -23.14 -6.98 -62.77
CA THR J 406 -24.28 -6.66 -61.92
C THR J 406 -24.08 -5.33 -61.20
N ALA J 407 -22.88 -5.10 -60.69
CA ALA J 407 -22.61 -3.83 -60.02
C ALA J 407 -22.74 -2.66 -60.98
N TRP J 408 -22.24 -2.82 -62.21
CA TRP J 408 -22.41 -1.76 -63.21
C TRP J 408 -23.88 -1.54 -63.51
N SER J 409 -24.66 -2.62 -63.57
CA SER J 409 -26.09 -2.48 -63.83
C SER J 409 -26.77 -1.64 -62.76
N TRP J 410 -26.48 -1.92 -61.49
CA TRP J 410 -27.04 -1.12 -60.41
C TRP J 410 -26.53 0.32 -60.45
N ILE J 411 -25.25 0.50 -60.77
CA ILE J 411 -24.71 1.86 -60.86
C ILE J 411 -25.39 2.63 -61.99
N LYS J 412 -25.55 1.99 -63.15
CA LYS J 412 -26.23 2.66 -64.26
C LYS J 412 -27.69 2.93 -63.93
N VAL J 413 -28.38 1.98 -63.30
CA VAL J 413 -29.77 2.18 -62.91
C VAL J 413 -29.87 3.26 -61.85
N LEU J 414 -29.00 3.22 -60.84
CA LEU J 414 -29.03 4.23 -59.79
C LEU J 414 -28.77 5.62 -60.33
N VAL J 415 -27.66 5.80 -61.05
CA VAL J 415 -27.36 7.11 -61.61
C VAL J 415 -28.40 7.50 -62.65
N GLY J 416 -28.81 6.55 -63.49
CA GLY J 416 -29.84 6.85 -64.48
C GLY J 416 -31.18 7.21 -63.86
N GLY J 417 -31.57 6.49 -62.80
CA GLY J 417 -32.83 6.80 -62.14
C GLY J 417 -32.85 8.18 -61.51
N THR J 418 -31.83 8.50 -60.72
CA THR J 418 -31.78 9.82 -60.09
C THR J 418 -31.65 10.93 -61.13
N SER J 419 -30.81 10.73 -62.13
CA SER J 419 -30.65 11.74 -63.19
C SER J 419 -31.96 11.95 -63.94
N ALA J 420 -32.63 10.86 -64.30
CA ALA J 420 -33.89 10.97 -65.03
C ALA J 420 -34.95 11.65 -64.17
N PHE J 421 -34.96 11.41 -62.87
CA PHE J 421 -35.95 12.03 -62.00
C PHE J 421 -35.75 13.54 -61.90
N ILE J 422 -34.50 13.97 -61.75
CA ILE J 422 -34.22 15.41 -61.70
C ILE J 422 -34.56 16.06 -63.04
N VAL J 423 -34.20 15.41 -64.14
CA VAL J 423 -34.53 15.94 -65.46
C VAL J 423 -36.04 16.07 -65.64
N LEU J 424 -36.81 15.11 -65.11
CA LEU J 424 -38.26 15.22 -65.18
C LEU J 424 -38.74 16.46 -64.44
N GLY J 425 -38.20 16.71 -63.25
CA GLY J 425 -38.58 17.91 -62.51
C GLY J 425 -38.23 19.18 -63.25
N LEU J 426 -37.06 19.19 -63.90
CA LEU J 426 -36.64 20.36 -64.67
C LEU J 426 -37.47 20.53 -65.93
N ILE J 427 -37.83 19.43 -66.59
CA ILE J 427 -38.69 19.54 -67.77
C ILE J 427 -40.06 20.09 -67.39
N ALA J 428 -40.63 19.58 -66.29
CA ALA J 428 -41.93 20.08 -65.86
C ALA J 428 -41.87 21.58 -65.59
N THR J 429 -40.78 22.05 -65.00
CA THR J 429 -40.62 23.49 -64.76
C THR J 429 -40.62 24.27 -66.07
N ALA J 430 -39.95 23.75 -67.09
CA ALA J 430 -39.95 24.42 -68.38
C ALA J 430 -41.33 24.37 -69.04
N VAL J 431 -42.02 23.23 -68.93
CA VAL J 431 -43.33 23.10 -69.56
C VAL J 431 -44.35 24.01 -68.90
N VAL J 432 -44.36 24.07 -67.56
CA VAL J 432 -45.32 24.94 -66.88
C VAL J 432 -45.02 26.41 -67.19
N ALA J 433 -43.74 26.78 -67.23
CA ALA J 433 -43.39 28.16 -67.56
C ALA J 433 -43.82 28.51 -68.97
N LEU J 434 -43.70 27.56 -69.90
CA LEU J 434 -44.17 27.78 -71.26
C LEU J 434 -45.69 27.90 -71.32
N VAL J 435 -46.39 27.08 -70.54
CA VAL J 435 -47.85 27.16 -70.50
C VAL J 435 -48.31 28.50 -69.95
N LEU J 436 -47.68 28.97 -68.87
CA LEU J 436 -48.05 30.26 -68.30
C LEU J 436 -47.84 31.39 -69.30
N PHE J 437 -46.76 31.32 -70.07
CA PHE J 437 -46.53 32.30 -71.12
C PHE J 437 -47.68 32.35 -72.12
N PHE J 438 -48.20 31.17 -72.51
CA PHE J 438 -49.30 31.14 -73.47
C PHE J 438 -50.59 31.72 -72.89
N HIS J 439 -50.76 31.71 -71.56
CA HIS J 439 -51.96 32.31 -71.00
C HIS J 439 -52.02 33.80 -71.31
N ARG J 440 -50.90 34.50 -71.15
CA ARG J 440 -50.82 35.90 -71.54
C ARG J 440 -50.74 36.07 -73.05
N HIS J 441 -49.91 35.27 -73.70
CA HIS J 441 -49.70 35.37 -75.15
C HIS J 441 -50.25 34.14 -75.86
N ASP K 1 56.75 -27.87 -33.16
CA ASP K 1 57.21 -27.95 -31.78
C ASP K 1 56.28 -27.20 -30.83
N LEU K 2 56.27 -27.62 -29.57
CA LEU K 2 55.47 -26.96 -28.55
C LEU K 2 56.25 -25.88 -27.80
N ASP K 3 57.57 -26.06 -27.69
CA ASP K 3 58.40 -25.08 -26.97
C ASP K 3 58.32 -23.70 -27.58
N THR K 4 58.04 -23.60 -28.89
CA THR K 4 57.96 -22.29 -29.53
C THR K 4 56.79 -21.47 -29.03
N HIS K 5 55.80 -22.09 -28.39
CA HIS K 5 54.69 -21.36 -27.80
C HIS K 5 54.97 -20.89 -26.37
N PHE K 6 56.03 -21.40 -25.74
CA PHE K 6 56.39 -21.03 -24.38
C PHE K 6 57.71 -20.27 -24.28
N THR K 7 58.31 -19.89 -25.41
CA THR K 7 59.59 -19.18 -25.35
C THR K 7 59.50 -17.92 -24.51
N GLN K 8 58.38 -17.20 -24.58
CA GLN K 8 58.22 -16.01 -23.75
C GLN K 8 57.71 -16.37 -22.36
N TYR K 9 56.82 -17.35 -22.26
CA TYR K 9 56.29 -17.76 -20.96
C TYR K 9 57.35 -18.44 -20.10
N LYS K 10 58.33 -19.08 -20.73
CA LYS K 10 59.40 -19.73 -19.98
C LYS K 10 60.24 -18.75 -19.19
N LEU K 11 60.21 -17.47 -19.55
CA LEU K 11 60.94 -16.43 -18.82
C LEU K 11 60.14 -15.85 -17.66
N ALA K 12 58.85 -16.16 -17.55
CA ALA K 12 58.00 -15.67 -16.48
C ALA K 12 57.80 -16.73 -15.41
N ARG K 13 57.36 -16.28 -14.24
CA ARG K 13 57.10 -17.13 -13.10
C ARG K 13 55.71 -16.88 -12.55
N PRO K 14 55.14 -17.84 -11.82
CA PRO K 14 53.88 -17.57 -11.10
C PRO K 14 54.13 -16.62 -9.93
N TYR K 15 53.03 -16.12 -9.37
CA TYR K 15 53.12 -15.21 -8.24
C TYR K 15 51.90 -15.39 -7.33
N ILE K 16 52.06 -14.92 -6.10
CA ILE K 16 51.01 -14.97 -5.08
C ILE K 16 50.39 -13.59 -4.97
N ALA K 17 49.06 -13.52 -5.09
CA ALA K 17 48.36 -12.25 -5.06
C ALA K 17 47.04 -12.38 -4.31
N ASP K 18 46.52 -11.24 -3.89
CA ASP K 18 45.25 -11.14 -3.20
C ASP K 18 44.13 -11.84 -3.94
N CYS K 19 43.38 -12.67 -3.23
CA CYS K 19 42.19 -13.35 -3.75
C CYS K 19 41.03 -13.06 -2.80
N PRO K 20 39.97 -12.40 -3.27
CA PRO K 20 38.88 -12.00 -2.34
C PRO K 20 38.24 -13.12 -1.55
N ASN K 21 38.18 -14.34 -2.09
CA ASN K 21 37.55 -15.46 -1.39
C ASN K 21 38.46 -16.67 -1.40
N CYS K 22 39.74 -16.44 -1.21
CA CYS K 22 40.75 -17.49 -1.07
C CYS K 22 40.32 -18.47 0.00
N GLY K 23 39.93 -19.67 -0.41
CA GLY K 23 39.33 -20.64 0.50
C GLY K 23 38.00 -20.19 1.10
N HIS K 24 37.96 -19.99 2.41
CA HIS K 24 36.77 -19.50 3.08
C HIS K 24 36.89 -18.08 3.60
N SER K 25 38.07 -17.48 3.50
CA SER K 25 38.28 -16.11 3.96
C SER K 25 39.45 -15.53 3.19
N ARG K 26 39.36 -14.23 2.92
CA ARG K 26 40.36 -13.55 2.11
C ARG K 26 41.78 -13.90 2.55
N CYS K 27 42.60 -14.30 1.60
CA CYS K 27 44.00 -14.65 1.82
C CYS K 27 44.73 -14.56 0.50
N ASP K 28 46.07 -14.52 0.60
CA ASP K 28 46.93 -14.47 -0.58
C ASP K 28 47.00 -15.86 -1.21
N SER K 29 46.34 -16.02 -2.34
CA SER K 29 46.22 -17.28 -3.08
C SER K 29 47.31 -17.40 -4.14
N PRO K 30 47.94 -18.57 -4.26
CA PRO K 30 48.90 -18.78 -5.36
C PRO K 30 48.23 -18.90 -6.73
N ILE K 31 46.91 -19.03 -6.78
CA ILE K 31 46.17 -19.18 -8.03
C ILE K 31 45.12 -18.08 -8.15
N ALA K 32 45.44 -16.90 -7.63
CA ALA K 32 44.53 -15.76 -7.68
C ALA K 32 44.06 -15.50 -9.11
N ILE K 33 42.78 -15.21 -9.25
CA ILE K 33 42.16 -14.94 -10.55
C ILE K 33 42.28 -13.46 -10.86
N GLU K 34 42.95 -13.14 -11.96
CA GLU K 34 43.20 -11.78 -12.40
C GLU K 34 42.10 -11.24 -13.31
N GLU K 35 41.56 -12.08 -14.19
CA GLU K 35 40.57 -11.64 -15.15
C GLU K 35 39.73 -12.84 -15.57
N VAL K 36 38.46 -12.58 -15.84
CA VAL K 36 37.56 -13.54 -16.44
C VAL K 36 36.97 -12.95 -17.71
N ARG K 37 37.32 -13.53 -18.86
CA ARG K 37 36.78 -13.15 -20.16
C ARG K 37 35.64 -14.11 -20.46
N GLY K 38 34.41 -13.61 -20.44
CA GLY K 38 33.25 -14.43 -20.71
C GLY K 38 32.28 -13.88 -21.73
N ASP K 39 32.80 -13.24 -22.78
CA ASP K 39 31.96 -12.60 -23.78
C ASP K 39 31.69 -13.50 -24.97
N ALA K 40 32.17 -14.75 -24.94
CA ALA K 40 31.88 -15.73 -25.97
C ALA K 40 30.46 -16.28 -25.81
N HIS K 41 29.93 -16.80 -26.92
CA HIS K 41 28.58 -17.35 -27.00
C HIS K 41 28.37 -18.66 -26.26
N ALA K 42 28.97 -19.76 -26.72
CA ALA K 42 28.69 -21.07 -26.15
C ALA K 42 29.24 -21.30 -24.73
N GLY K 43 29.13 -20.30 -23.87
CA GLY K 43 29.60 -20.42 -22.50
C GLY K 43 31.08 -20.68 -22.32
N VAL K 44 31.90 -20.42 -23.33
CA VAL K 44 33.34 -20.60 -23.19
C VAL K 44 33.92 -19.33 -22.58
N ILE K 45 34.68 -19.48 -21.49
CA ILE K 45 35.30 -18.37 -20.79
C ILE K 45 36.79 -18.62 -20.65
N ARG K 46 37.57 -17.54 -20.63
CA ARG K 46 39.00 -17.58 -20.40
C ARG K 46 39.33 -16.90 -19.09
N ILE K 47 39.99 -17.63 -18.19
CA ILE K 47 40.34 -17.17 -16.85
C ILE K 47 41.85 -17.06 -16.75
N GLN K 48 42.33 -15.86 -16.41
CA GLN K 48 43.74 -15.64 -16.16
C GLN K 48 44.01 -15.72 -14.67
N THR K 49 44.98 -16.54 -14.29
CA THR K 49 45.39 -16.75 -12.92
C THR K 49 46.86 -16.39 -12.75
N SER K 50 47.29 -16.32 -11.49
CA SER K 50 48.69 -16.13 -11.14
C SER K 50 49.52 -17.40 -11.26
N ALA K 51 48.89 -18.55 -11.43
CA ALA K 51 49.59 -19.83 -11.55
C ALA K 51 50.00 -20.05 -13.00
N MET K 52 51.07 -20.82 -13.19
CA MET K 52 51.55 -21.15 -14.54
C MET K 52 51.26 -22.62 -14.83
N PHE K 53 50.46 -22.83 -15.87
CA PHE K 53 50.03 -24.15 -16.33
C PHE K 53 50.79 -24.58 -17.57
N GLY K 54 51.28 -25.82 -17.58
CA GLY K 54 52.09 -26.34 -18.65
C GLY K 54 53.56 -26.02 -18.60
N LEU K 55 54.04 -25.34 -17.57
CA LEU K 55 55.45 -25.03 -17.45
C LEU K 55 55.97 -25.50 -16.11
N LYS K 56 57.16 -26.08 -16.13
CA LYS K 56 57.84 -26.54 -14.93
C LYS K 56 59.26 -25.98 -14.93
N THR K 57 59.85 -25.90 -13.75
CA THR K 57 61.20 -25.37 -13.63
C THR K 57 62.17 -26.12 -14.55
N ASP K 58 61.89 -27.39 -14.83
CA ASP K 58 62.71 -28.20 -15.73
C ASP K 58 62.41 -27.98 -17.20
N GLY K 59 61.31 -27.33 -17.55
CA GLY K 59 60.98 -27.14 -18.94
C GLY K 59 59.48 -27.09 -19.17
N VAL K 60 59.08 -27.44 -20.39
CA VAL K 60 57.67 -27.43 -20.81
C VAL K 60 57.10 -28.83 -20.69
N ASP K 61 55.89 -28.92 -20.13
CA ASP K 61 55.15 -30.17 -20.04
C ASP K 61 53.70 -29.85 -19.70
N LEU K 62 52.78 -30.12 -20.63
CA LEU K 62 51.37 -29.78 -20.41
C LEU K 62 50.75 -30.52 -19.24
N ALA K 63 51.37 -31.61 -18.77
CA ALA K 63 50.86 -32.31 -17.60
C ALA K 63 51.26 -31.67 -16.28
N TYR K 64 52.19 -30.72 -16.32
CA TYR K 64 52.75 -30.08 -15.12
C TYR K 64 52.34 -28.62 -15.05
N MET K 65 52.30 -28.12 -13.82
CA MET K 65 52.00 -26.72 -13.55
C MET K 65 52.94 -26.23 -12.46
N SER K 66 53.22 -24.92 -12.48
CA SER K 66 54.04 -24.26 -11.49
C SER K 66 53.25 -23.20 -10.73
N PHE K 67 53.51 -23.13 -9.42
CA PHE K 67 52.89 -22.16 -8.54
C PHE K 67 53.93 -21.78 -7.50
N MET K 68 53.74 -20.60 -6.90
CA MET K 68 54.61 -20.14 -5.84
C MET K 68 54.25 -20.70 -4.48
N ASN K 69 55.24 -21.32 -3.84
CA ASN K 69 55.16 -21.82 -2.48
C ASN K 69 56.01 -20.86 -1.64
N GLY K 70 55.40 -19.73 -1.30
CA GLY K 70 56.13 -18.62 -0.70
C GLY K 70 57.18 -18.04 -1.63
N LYS K 71 58.43 -18.01 -1.18
CA LYS K 71 59.53 -17.57 -2.03
C LYS K 71 60.01 -18.61 -3.03
N THR K 72 59.65 -19.89 -2.85
CA THR K 72 60.16 -20.95 -3.72
C THR K 72 59.09 -21.40 -4.69
N GLN K 73 59.43 -21.42 -5.97
CA GLN K 73 58.51 -21.90 -7.01
C GLN K 73 58.54 -23.43 -7.02
N LYS K 74 57.38 -24.04 -6.85
CA LYS K 74 57.23 -25.49 -6.89
C LYS K 74 56.45 -25.89 -8.14
N SER K 75 57.01 -26.84 -8.89
CA SER K 75 56.37 -27.38 -10.10
C SER K 75 55.82 -28.76 -9.77
N ILE K 76 54.50 -28.91 -9.93
CA ILE K 76 53.79 -30.13 -9.60
C ILE K 76 52.98 -30.58 -10.81
N LYS K 77 52.73 -31.89 -10.87
CA LYS K 77 51.79 -32.44 -11.83
C LYS K 77 50.38 -31.93 -11.54
N ILE K 78 49.69 -31.51 -12.60
CA ILE K 78 48.32 -31.02 -12.47
C ILE K 78 47.47 -32.10 -11.84
N ASP K 79 46.88 -31.79 -10.68
CA ASP K 79 46.06 -32.72 -9.93
C ASP K 79 44.73 -32.07 -9.61
N ASN K 80 43.67 -32.57 -10.23
CA ASN K 80 42.30 -32.07 -10.07
C ASN K 80 42.20 -30.56 -10.27
N LEU K 81 42.92 -30.04 -11.27
CA LEU K 81 42.73 -28.66 -11.67
C LEU K 81 41.29 -28.49 -12.13
N HIS K 82 40.53 -27.64 -11.45
CA HIS K 82 39.11 -27.52 -11.78
C HIS K 82 38.67 -26.08 -11.75
N VAL K 83 37.60 -25.81 -12.51
CA VAL K 83 36.96 -24.51 -12.60
C VAL K 83 35.46 -24.73 -12.40
N ARG K 84 34.84 -23.93 -11.56
CA ARG K 84 33.39 -24.04 -11.39
C ARG K 84 32.78 -22.68 -11.09
N THR K 85 31.58 -22.48 -11.65
CA THR K 85 30.78 -21.28 -11.43
C THR K 85 29.56 -21.66 -10.61
N SER K 86 28.61 -22.38 -11.22
CA SER K 86 27.47 -22.96 -10.54
C SER K 86 27.52 -24.48 -10.59
N ALA K 87 28.37 -25.03 -11.46
CA ALA K 87 28.59 -26.46 -11.58
C ALA K 87 29.95 -26.65 -12.23
N PRO K 88 30.51 -27.86 -12.20
CA PRO K 88 31.84 -28.06 -12.79
C PRO K 88 31.89 -27.65 -14.25
N CYS K 89 33.01 -27.02 -14.61
CA CYS K 89 33.28 -26.61 -15.99
C CYS K 89 34.18 -27.61 -16.68
N SER K 90 33.91 -27.86 -17.96
CA SER K 90 34.77 -28.71 -18.77
C SER K 90 35.99 -27.90 -19.16
N LEU K 91 37.18 -28.36 -18.78
CA LEU K 91 38.40 -27.69 -19.20
C LEU K 91 38.71 -27.99 -20.66
N VAL K 92 38.98 -26.93 -21.42
CA VAL K 92 39.34 -27.02 -22.83
C VAL K 92 40.85 -27.14 -22.94
N SER K 93 41.59 -26.16 -22.39
CA SER K 93 43.04 -26.19 -22.40
C SER K 93 43.54 -25.12 -21.45
N HIS K 94 44.84 -25.18 -21.15
CA HIS K 94 45.50 -24.24 -20.26
C HIS K 94 46.86 -23.88 -20.84
N HIS K 95 47.27 -22.62 -20.64
CA HIS K 95 48.53 -22.13 -21.17
C HIS K 95 48.95 -20.92 -20.35
N GLY K 96 50.12 -21.02 -19.72
CA GLY K 96 50.65 -19.97 -18.88
C GLY K 96 49.69 -19.55 -17.78
N TYR K 97 49.37 -18.25 -17.73
CA TYR K 97 48.42 -17.75 -16.75
C TYR K 97 46.97 -18.08 -17.09
N TYR K 98 46.67 -18.51 -18.31
CA TYR K 98 45.30 -18.59 -18.80
C TYR K 98 44.72 -19.99 -18.74
N ILE K 99 43.45 -20.09 -18.33
CA ILE K 99 42.69 -21.31 -18.30
C ILE K 99 41.46 -21.11 -19.16
N LEU K 100 41.24 -22.02 -20.11
CA LEU K 100 40.06 -22.01 -20.96
C LEU K 100 39.10 -23.12 -20.51
N ALA K 101 37.87 -22.73 -20.17
CA ALA K 101 36.88 -23.67 -19.67
C ALA K 101 35.50 -23.30 -20.21
N GLN K 102 34.67 -24.32 -20.37
CA GLN K 102 33.27 -24.15 -20.74
C GLN K 102 32.41 -24.28 -19.49
N CYS K 103 31.84 -23.16 -19.04
CA CYS K 103 31.11 -23.08 -17.79
C CYS K 103 29.64 -22.75 -18.01
N PRO K 104 28.74 -23.31 -17.19
CA PRO K 104 27.34 -22.89 -17.23
C PRO K 104 27.18 -21.55 -16.54
N PRO K 105 26.03 -20.90 -16.68
CA PRO K 105 25.84 -19.61 -16.01
C PRO K 105 26.04 -19.72 -14.51
N GLY K 106 26.50 -18.62 -13.92
CA GLY K 106 26.71 -18.57 -12.49
C GLY K 106 27.14 -17.18 -12.08
N ASP K 107 27.05 -16.93 -10.78
CA ASP K 107 27.39 -15.64 -10.19
C ASP K 107 28.83 -15.59 -9.68
N THR K 108 29.56 -16.70 -9.75
CA THR K 108 30.92 -16.78 -9.23
C THR K 108 31.77 -17.57 -10.22
N VAL K 109 33.08 -17.38 -10.12
CA VAL K 109 34.06 -18.17 -10.87
C VAL K 109 35.07 -18.70 -9.88
N THR K 110 35.07 -20.01 -9.66
CA THR K 110 35.97 -20.66 -8.71
C THR K 110 36.99 -21.49 -9.47
N VAL K 111 38.27 -21.24 -9.20
CA VAL K 111 39.39 -21.95 -9.80
C VAL K 111 40.24 -22.51 -8.67
N GLY K 112 40.66 -23.75 -8.80
CA GLY K 112 41.52 -24.33 -7.78
C GLY K 112 42.22 -25.57 -8.28
N PHE K 113 43.19 -26.00 -7.47
CA PHE K 113 44.03 -27.16 -7.78
C PHE K 113 44.47 -27.77 -6.48
N HIS K 114 44.90 -29.03 -6.55
CA HIS K 114 45.39 -29.74 -5.38
C HIS K 114 46.90 -29.96 -5.47
N ASP K 115 47.53 -29.96 -4.30
CA ASP K 115 48.96 -30.23 -4.15
C ASP K 115 49.09 -31.15 -2.94
N GLY K 116 48.95 -32.45 -3.18
CA GLY K 116 48.97 -33.42 -2.12
C GLY K 116 47.86 -33.19 -1.12
N PRO K 117 48.20 -32.97 0.16
CA PRO K 117 47.16 -32.69 1.15
C PRO K 117 46.62 -31.26 1.13
N ASN K 118 47.26 -30.35 0.40
CA ASN K 118 46.84 -28.96 0.34
C ASN K 118 45.79 -28.74 -0.74
N ARG K 119 44.91 -27.77 -0.50
CA ARG K 119 43.88 -27.38 -1.46
C ARG K 119 43.95 -25.88 -1.64
N HIS K 120 44.09 -25.43 -2.89
CA HIS K 120 44.17 -24.02 -3.25
C HIS K 120 42.96 -23.65 -4.10
N THR K 121 42.09 -22.80 -3.55
CA THR K 121 40.87 -22.39 -4.24
C THR K 121 40.75 -20.87 -4.19
N CYS K 122 40.46 -20.25 -5.33
CA CYS K 122 40.20 -18.82 -5.43
C CYS K 122 38.85 -18.61 -6.10
N THR K 123 37.96 -17.87 -5.43
CA THR K 123 36.64 -17.57 -5.92
C THR K 123 36.46 -16.07 -6.06
N VAL K 124 36.00 -15.62 -7.21
CA VAL K 124 35.75 -14.21 -7.49
C VAL K 124 34.30 -14.04 -7.94
N ALA K 125 33.69 -12.95 -7.48
CA ALA K 125 32.36 -12.55 -7.94
C ALA K 125 32.43 -12.05 -9.38
N HIS K 126 31.79 -12.79 -10.29
CA HIS K 126 31.82 -12.49 -11.72
C HIS K 126 30.63 -13.20 -12.35
N LYS K 127 29.72 -12.44 -12.94
CA LYS K 127 28.53 -13.04 -13.53
C LYS K 127 28.90 -13.71 -14.86
N VAL K 128 28.84 -15.04 -14.85
CA VAL K 128 29.04 -15.87 -16.03
C VAL K 128 27.65 -16.22 -16.56
N GLU K 129 27.38 -15.91 -17.81
CA GLU K 129 26.06 -16.16 -18.38
C GLU K 129 26.22 -16.77 -19.76
N PHE K 130 25.26 -17.61 -20.12
CA PHE K 130 25.25 -18.25 -21.43
C PHE K 130 24.68 -17.29 -22.46
N ARG K 131 25.36 -17.18 -23.60
CA ARG K 131 24.96 -16.26 -24.66
C ARG K 131 24.50 -17.04 -25.88
N PRO K 132 23.21 -17.26 -26.07
CA PRO K 132 22.76 -18.02 -27.25
C PRO K 132 23.07 -17.30 -28.54
N VAL K 133 23.29 -18.10 -29.58
CA VAL K 133 23.53 -17.62 -30.93
C VAL K 133 22.21 -17.60 -31.70
N GLY K 134 21.82 -16.44 -32.21
CA GLY K 134 20.61 -16.36 -33.01
C GLY K 134 19.36 -15.84 -32.32
N ARG K 135 18.20 -16.26 -32.82
CA ARG K 135 16.91 -15.75 -32.42
C ARG K 135 16.14 -16.68 -31.48
N GLU K 136 16.83 -17.63 -30.85
CA GLU K 136 16.23 -18.55 -29.89
C GLU K 136 17.13 -18.61 -28.67
N LYS K 137 16.54 -18.45 -27.49
CA LYS K 137 17.32 -18.43 -26.26
C LYS K 137 17.47 -19.83 -25.66
N TYR K 138 18.27 -20.65 -26.35
CA TYR K 138 18.59 -21.98 -25.85
C TYR K 138 19.51 -21.85 -24.65
N ARG K 139 19.47 -22.85 -23.76
CA ARG K 139 20.25 -22.83 -22.54
C ARG K 139 21.44 -23.79 -22.56
N HIS K 140 21.63 -24.53 -23.65
CA HIS K 140 22.75 -25.44 -23.77
C HIS K 140 22.96 -25.69 -25.25
N PRO K 141 24.20 -25.74 -25.73
CA PRO K 141 24.42 -26.01 -27.16
C PRO K 141 23.65 -27.24 -27.60
N PRO K 142 22.77 -27.10 -28.58
CA PRO K 142 21.98 -28.25 -29.03
C PRO K 142 22.80 -29.28 -29.78
N GLU K 143 22.27 -30.50 -29.78
CA GLU K 143 22.88 -31.61 -30.52
C GLU K 143 22.74 -31.43 -32.03
N HIS K 144 21.73 -30.68 -32.47
CA HIS K 144 21.47 -30.46 -33.88
C HIS K 144 20.74 -29.14 -34.04
N GLY K 145 20.76 -28.59 -35.24
CA GLY K 145 20.06 -27.35 -35.50
C GLY K 145 20.62 -26.63 -36.72
N VAL K 146 20.58 -25.30 -36.66
CA VAL K 146 21.13 -24.44 -37.70
C VAL K 146 22.48 -23.89 -37.28
N GLU K 147 23.47 -24.07 -38.14
CA GLU K 147 24.84 -23.59 -37.92
C GLU K 147 24.93 -22.09 -38.21
N LEU K 148 25.18 -21.30 -37.17
CA LEU K 148 25.27 -19.85 -37.27
C LEU K 148 26.66 -19.37 -36.86
N PRO K 149 27.18 -18.32 -37.48
CA PRO K 149 28.46 -17.75 -37.04
C PRO K 149 28.38 -17.18 -35.63
N CYS K 150 29.46 -17.36 -34.88
CA CYS K 150 29.53 -16.96 -33.49
C CYS K 150 30.97 -16.62 -33.11
N ASN K 151 31.10 -15.90 -31.99
CA ASN K 151 32.37 -15.50 -31.41
C ASN K 151 32.81 -16.48 -30.32
N ARG K 152 33.96 -17.10 -30.50
CA ARG K 152 34.49 -18.09 -29.56
C ARG K 152 35.95 -17.81 -29.25
N TYR K 153 36.36 -18.15 -28.04
CA TYR K 153 37.77 -18.17 -27.68
C TYR K 153 38.38 -19.47 -28.21
N THR K 154 39.33 -19.35 -29.13
CA THR K 154 39.91 -20.54 -29.72
C THR K 154 40.67 -21.33 -28.66
N HIS K 155 40.68 -22.65 -28.83
CA HIS K 155 41.32 -23.55 -27.88
C HIS K 155 42.83 -23.68 -28.08
N LYS K 156 43.38 -23.12 -29.14
CA LYS K 156 44.81 -23.24 -29.41
C LYS K 156 45.63 -22.16 -28.70
N ARG K 157 46.90 -22.51 -28.47
CA ARG K 157 47.89 -21.71 -27.77
C ARG K 157 48.68 -20.76 -28.66
N ALA K 158 48.52 -20.81 -29.98
CA ALA K 158 49.36 -20.02 -30.86
C ALA K 158 49.12 -18.52 -30.72
N ASP K 159 50.19 -17.77 -30.99
CA ASP K 159 50.20 -16.31 -30.95
C ASP K 159 49.41 -15.75 -32.14
N GLN K 160 48.38 -14.96 -31.85
CA GLN K 160 47.52 -14.38 -32.88
C GLN K 160 47.45 -12.85 -32.78
N GLY K 161 48.53 -12.24 -32.29
CA GLY K 161 48.67 -10.80 -32.20
C GLY K 161 48.17 -10.13 -30.93
N HIS K 162 47.79 -10.89 -29.92
CA HIS K 162 47.37 -10.32 -28.64
C HIS K 162 48.43 -10.62 -27.60
N TYR K 163 48.89 -9.57 -26.91
CA TYR K 163 49.96 -9.69 -25.93
C TYR K 163 49.62 -8.97 -24.64
N VAL K 164 50.28 -9.41 -23.57
CA VAL K 164 50.25 -8.74 -22.28
C VAL K 164 51.70 -8.51 -21.89
N GLU K 165 51.92 -7.48 -21.08
CA GLU K 165 53.27 -7.11 -20.67
C GLU K 165 53.67 -7.81 -19.38
N MET K 166 54.90 -8.32 -19.37
CA MET K 166 55.51 -8.91 -18.18
C MET K 166 56.58 -7.95 -17.69
N HIS K 167 56.52 -7.61 -16.41
CA HIS K 167 57.41 -6.63 -15.79
C HIS K 167 58.28 -7.30 -14.74
N GLN K 168 59.45 -6.71 -14.50
CA GLN K 168 60.30 -7.15 -13.41
C GLN K 168 59.53 -7.04 -12.08
N PRO K 169 59.46 -8.11 -11.29
CA PRO K 169 58.69 -8.06 -10.05
C PRO K 169 59.21 -7.01 -9.07
N GLY K 170 58.27 -6.42 -8.33
CA GLY K 170 58.59 -5.44 -7.33
C GLY K 170 59.22 -6.09 -6.10
N LEU K 171 59.45 -5.28 -5.08
CA LEU K 171 60.01 -5.79 -3.84
C LEU K 171 59.06 -6.79 -3.21
N VAL K 172 59.60 -7.96 -2.85
CA VAL K 172 58.83 -9.04 -2.22
C VAL K 172 59.13 -9.03 -0.72
N ALA K 173 58.23 -8.43 0.05
CA ALA K 173 58.40 -8.38 1.50
C ALA K 173 58.30 -9.79 2.07
N ASP K 174 59.27 -10.18 2.92
CA ASP K 174 59.28 -11.53 3.46
C ASP K 174 60.01 -11.51 4.81
N HIS K 175 59.22 -11.51 5.89
CA HIS K 175 59.78 -11.47 7.24
C HIS K 175 60.58 -12.70 7.61
N SER K 176 60.47 -13.80 6.85
CA SER K 176 61.23 -15.01 7.16
C SER K 176 62.71 -14.85 6.91
N LEU K 177 63.12 -13.75 6.28
CA LEU K 177 64.54 -13.43 6.10
C LEU K 177 65.21 -12.95 7.39
N LEU K 178 64.43 -12.46 8.35
CA LEU K 178 64.96 -11.90 9.58
C LEU K 178 64.87 -12.88 10.73
N SER K 179 65.96 -12.99 11.50
CA SER K 179 66.04 -13.86 12.66
C SER K 179 66.76 -13.14 13.79
N ILE K 180 66.35 -13.45 15.03
CA ILE K 180 66.96 -12.81 16.20
C ILE K 180 68.44 -13.12 16.31
N HIS K 181 68.85 -14.33 15.91
CA HIS K 181 70.25 -14.77 15.95
C HIS K 181 70.80 -14.52 17.35
N SER K 182 72.00 -13.94 17.50
CA SER K 182 72.58 -13.58 18.80
C SER K 182 72.05 -12.25 19.33
N ALA K 183 70.72 -12.17 19.47
CA ALA K 183 70.06 -10.95 19.91
C ALA K 183 70.32 -9.78 18.98
N LYS K 184 70.60 -10.09 17.71
CA LYS K 184 70.91 -9.10 16.69
C LYS K 184 70.27 -9.60 15.41
N VAL K 185 69.28 -8.86 14.92
CA VAL K 185 68.55 -9.24 13.71
C VAL K 185 69.54 -9.56 12.59
N LYS K 186 69.47 -10.78 12.07
CA LYS K 186 70.30 -11.24 10.98
C LYS K 186 69.45 -11.33 9.72
N ILE K 187 69.96 -10.78 8.62
CA ILE K 187 69.29 -10.83 7.33
C ILE K 187 69.89 -11.96 6.51
N THR K 188 69.09 -12.99 6.25
CA THR K 188 69.50 -14.12 5.42
C THR K 188 69.20 -13.79 3.97
N VAL K 189 70.21 -13.94 3.12
CA VAL K 189 70.12 -13.67 1.69
C VAL K 189 70.11 -15.01 0.96
N PRO K 190 69.00 -15.39 0.32
CA PRO K 190 69.00 -16.63 -0.47
C PRO K 190 70.06 -16.57 -1.56
N SER K 191 70.62 -17.75 -1.86
CA SER K 191 71.65 -17.85 -2.89
C SER K 191 71.18 -17.28 -4.22
N GLY K 192 72.00 -16.40 -4.79
CA GLY K 192 71.71 -15.74 -6.05
C GLY K 192 70.77 -14.56 -5.97
N ALA K 193 70.18 -14.29 -4.80
CA ALA K 193 69.26 -13.18 -4.63
C ALA K 193 69.91 -12.06 -3.82
N GLN K 194 69.19 -10.94 -3.74
CA GLN K 194 69.57 -9.80 -2.91
C GLN K 194 68.41 -9.51 -1.97
N VAL K 195 68.73 -9.03 -0.76
CA VAL K 195 67.73 -8.66 0.23
C VAL K 195 67.87 -7.19 0.56
N LYS K 196 66.83 -6.42 0.29
CA LYS K 196 66.73 -5.03 0.72
C LYS K 196 66.15 -5.02 2.13
N TYR K 197 66.75 -4.23 3.02
CA TYR K 197 66.32 -4.16 4.40
C TYR K 197 66.13 -2.71 4.82
N TYR K 198 65.16 -2.51 5.70
CA TYR K 198 64.86 -1.19 6.28
C TYR K 198 64.56 -1.38 7.76
N CYS K 199 65.48 -0.89 8.60
CA CYS K 199 65.39 -0.98 10.05
C CYS K 199 65.37 0.43 10.61
N LYS K 200 64.31 0.76 11.35
CA LYS K 200 64.10 2.10 11.88
C LYS K 200 64.29 2.15 13.39
N CYS K 201 65.30 1.45 13.89
CA CYS K 201 65.67 1.54 15.29
C CYS K 201 66.26 2.93 15.50
N PRO K 202 66.49 3.36 16.75
CA PRO K 202 67.23 4.61 16.96
C PRO K 202 68.44 4.72 16.04
N ASP K 203 69.15 3.60 15.84
CA ASP K 203 70.21 3.52 14.85
C ASP K 203 69.56 3.02 13.56
N VAL K 204 69.08 3.96 12.75
CA VAL K 204 68.40 3.62 11.50
C VAL K 204 69.39 3.05 10.49
N ARG K 205 69.08 1.84 9.99
CA ARG K 205 69.89 1.13 9.02
C ARG K 205 69.02 0.73 7.84
N LYS K 206 69.50 1.00 6.63
CA LYS K 206 68.79 0.63 5.41
C LYS K 206 69.79 0.43 4.29
N GLY K 207 69.42 -0.43 3.34
CA GLY K 207 70.29 -0.69 2.21
C GLY K 207 69.94 -2.01 1.56
N ILE K 208 70.78 -2.37 0.58
CA ILE K 208 70.65 -3.61 -0.19
C ILE K 208 71.89 -4.45 0.05
N THR K 209 71.69 -5.67 0.54
CA THR K 209 72.77 -6.60 0.83
C THR K 209 72.66 -7.82 -0.09
N SER K 210 73.81 -8.27 -0.56
CA SER K 210 73.95 -9.47 -1.38
C SER K 210 74.38 -10.67 -0.57
N SER K 211 74.60 -10.51 0.73
CA SER K 211 75.12 -11.57 1.58
C SER K 211 74.52 -11.38 2.97
N ASP K 212 74.57 -12.44 3.76
CA ASP K 212 74.11 -12.37 5.15
C ASP K 212 74.72 -11.18 5.87
N HIS K 213 73.84 -10.40 6.52
CA HIS K 213 74.23 -9.19 7.23
C HIS K 213 73.57 -9.15 8.59
N THR K 214 74.35 -8.78 9.61
CA THR K 214 73.86 -8.60 10.98
C THR K 214 73.68 -7.11 11.23
N THR K 215 72.44 -6.71 11.54
CA THR K 215 72.14 -5.31 11.78
C THR K 215 72.21 -4.96 13.27
N THR K 216 72.11 -3.66 13.55
CA THR K 216 72.13 -3.15 14.93
C THR K 216 70.86 -3.51 15.69
N CYS K 217 69.71 -3.56 15.03
CA CYS K 217 68.46 -3.88 15.71
C CYS K 217 68.49 -5.25 16.40
N THR K 218 67.73 -5.32 17.49
CA THR K 218 67.59 -6.51 18.31
C THR K 218 66.25 -7.23 18.15
N ASP K 219 65.26 -6.62 17.51
CA ASP K 219 63.96 -7.25 17.34
C ASP K 219 63.53 -7.17 15.89
N VAL K 220 63.06 -8.32 15.39
CA VAL K 220 62.63 -8.46 13.99
C VAL K 220 61.55 -7.46 13.62
N LYS K 221 60.64 -7.14 14.55
CA LYS K 221 59.58 -6.19 14.20
C LYS K 221 60.12 -4.81 13.86
N GLN K 222 61.35 -4.50 14.22
CA GLN K 222 61.94 -3.20 13.92
C GLN K 222 62.48 -3.12 12.49
N CYS K 223 62.55 -4.24 11.78
CA CYS K 223 63.07 -4.31 10.41
C CYS K 223 62.04 -4.85 9.43
N ARG K 224 62.27 -4.52 8.16
CA ARG K 224 61.52 -5.04 7.03
C ARG K 224 62.55 -5.55 6.03
N ALA K 225 62.36 -6.78 5.57
CA ALA K 225 63.21 -7.38 4.53
C ALA K 225 62.41 -7.64 3.27
N TYR K 226 62.98 -7.20 2.14
CA TYR K 226 62.38 -7.37 0.82
C TYR K 226 63.32 -8.18 -0.06
N LEU K 227 62.79 -9.25 -0.64
CA LEU K 227 63.57 -10.11 -1.53
C LEU K 227 63.63 -9.52 -2.94
N ILE K 228 64.84 -9.40 -3.46
CA ILE K 228 65.10 -8.94 -4.82
C ILE K 228 65.65 -10.12 -5.61
N ASP K 229 64.79 -10.71 -6.45
CA ASP K 229 65.14 -11.85 -7.29
C ASP K 229 64.42 -11.63 -8.61
N ASN K 230 65.15 -11.11 -9.60
CA ASN K 230 64.61 -10.74 -10.90
C ASN K 230 64.93 -11.75 -11.99
N LYS K 231 65.30 -12.98 -11.62
CA LYS K 231 65.59 -13.99 -12.63
C LYS K 231 64.38 -14.23 -13.52
N LYS K 232 63.18 -14.19 -12.94
CA LYS K 232 61.95 -14.40 -13.66
C LYS K 232 61.10 -13.14 -13.56
N TRP K 233 60.37 -12.82 -14.63
CA TRP K 233 59.50 -11.66 -14.64
C TRP K 233 58.08 -12.08 -14.30
N VAL K 234 57.23 -11.10 -13.99
CA VAL K 234 55.84 -11.35 -13.67
C VAL K 234 54.94 -10.41 -14.45
N TYR K 235 53.71 -10.87 -14.69
CA TYR K 235 52.69 -10.00 -15.29
C TYR K 235 52.51 -8.78 -14.40
N ASN K 236 52.32 -7.62 -15.01
CA ASN K 236 52.15 -6.38 -14.24
C ASN K 236 50.75 -6.33 -13.61
N SER K 237 50.54 -7.30 -12.72
CA SER K 237 49.26 -7.46 -12.04
C SER K 237 48.93 -6.26 -11.17
N GLY K 238 47.66 -5.86 -11.18
CA GLY K 238 47.20 -4.79 -10.33
C GLY K 238 47.21 -5.12 -8.86
N ARG K 239 47.55 -6.35 -8.51
CA ARG K 239 47.61 -6.84 -7.14
C ARG K 239 49.04 -6.95 -6.61
N LEU K 240 50.03 -6.56 -7.40
CA LEU K 240 51.43 -6.58 -7.01
C LEU K 240 52.01 -5.17 -6.98
N PRO K 241 52.85 -4.85 -6.00
CA PRO K 241 53.48 -3.53 -5.99
C PRO K 241 54.49 -3.37 -7.11
N ARG K 242 54.42 -2.23 -7.77
CA ARG K 242 55.30 -1.92 -8.89
C ARG K 242 56.74 -1.74 -8.44
N GLY K 243 57.68 -2.19 -9.28
CA GLY K 243 59.09 -1.97 -9.05
C GLY K 243 59.50 -0.55 -9.40
N GLU K 244 60.77 -0.25 -9.16
CA GLU K 244 61.31 1.07 -9.46
C GLU K 244 61.92 1.13 -10.84
N GLY K 245 61.78 2.29 -11.47
CA GLY K 245 62.28 2.53 -12.81
C GLY K 245 61.40 1.93 -13.91
N ASP K 246 62.03 1.66 -15.04
CA ASP K 246 61.39 0.99 -16.18
C ASP K 246 61.33 -0.51 -15.92
N THR K 247 60.23 -0.97 -15.34
CA THR K 247 60.10 -2.39 -15.00
C THR K 247 59.65 -3.23 -16.19
N PHE K 248 59.25 -2.61 -17.29
CA PHE K 248 58.83 -3.33 -18.49
C PHE K 248 59.97 -4.15 -19.06
N LYS K 249 59.80 -5.48 -19.10
CA LYS K 249 60.84 -6.38 -19.59
C LYS K 249 60.45 -7.18 -20.83
N GLY K 250 59.17 -7.39 -21.12
CA GLY K 250 58.80 -8.10 -22.32
C GLY K 250 57.31 -8.27 -22.47
N LYS K 251 56.94 -8.91 -23.57
CA LYS K 251 55.55 -9.22 -23.92
C LYS K 251 55.25 -10.71 -23.84
N LEU K 252 54.05 -11.03 -23.33
CA LEU K 252 53.55 -12.40 -23.29
C LEU K 252 52.29 -12.45 -24.15
N HIS K 253 52.29 -13.31 -25.16
CA HIS K 253 51.10 -13.49 -26.00
C HIS K 253 49.92 -14.05 -25.21
N VAL K 254 48.72 -13.63 -25.61
CA VAL K 254 47.46 -14.19 -25.10
C VAL K 254 47.16 -15.44 -25.91
N PRO K 255 47.08 -16.62 -25.27
CA PRO K 255 46.91 -17.87 -26.04
C PRO K 255 45.55 -18.11 -26.66
N PHE K 256 44.47 -17.90 -25.92
CA PHE K 256 43.12 -18.22 -26.39
C PHE K 256 42.40 -16.93 -26.74
N VAL K 257 42.78 -16.35 -27.88
CA VAL K 257 42.22 -15.11 -28.38
C VAL K 257 40.81 -15.34 -28.90
N PRO K 258 39.91 -14.35 -28.84
CA PRO K 258 38.59 -14.50 -29.47
C PRO K 258 38.70 -14.68 -30.98
N VAL K 259 37.88 -15.59 -31.51
CA VAL K 259 37.84 -15.85 -32.94
C VAL K 259 36.39 -16.03 -33.38
N LYS K 260 36.15 -15.82 -34.66
CA LYS K 260 34.88 -16.15 -35.30
C LYS K 260 34.78 -17.65 -35.58
N ALA K 261 33.66 -18.25 -35.17
CA ALA K 261 33.46 -19.68 -35.33
C ALA K 261 31.99 -19.92 -35.64
N LYS K 262 31.69 -21.17 -35.98
CA LYS K 262 30.32 -21.63 -36.22
C LYS K 262 29.72 -22.36 -35.03
N CYS K 263 28.58 -21.87 -34.55
CA CYS K 263 27.84 -22.45 -33.44
C CYS K 263 26.53 -23.01 -33.98
N ILE K 264 26.12 -24.16 -33.44
CA ILE K 264 24.84 -24.79 -33.76
C ILE K 264 23.74 -24.19 -32.89
N ALA K 265 22.82 -23.46 -33.52
CA ALA K 265 21.66 -22.87 -32.86
C ALA K 265 20.45 -23.77 -33.07
N THR K 266 19.56 -23.78 -32.08
CA THR K 266 18.33 -24.57 -32.16
C THR K 266 17.42 -24.10 -33.29
N LEU K 267 16.58 -25.04 -33.74
CA LEU K 267 15.47 -24.80 -34.67
C LEU K 267 14.16 -25.12 -33.96
N ALA K 268 13.33 -24.11 -33.78
CA ALA K 268 12.03 -24.31 -33.15
C ALA K 268 11.13 -25.16 -34.04
N PRO K 269 10.14 -25.83 -33.47
CA PRO K 269 9.22 -26.63 -34.30
C PRO K 269 8.50 -25.77 -35.30
N GLU K 270 8.31 -26.32 -36.50
CA GLU K 270 7.65 -25.58 -37.56
C GLU K 270 6.21 -25.24 -37.16
N PRO K 271 5.77 -24.00 -37.39
CA PRO K 271 4.41 -23.63 -37.00
C PRO K 271 3.34 -24.33 -37.82
N LEU K 272 2.18 -24.52 -37.19
CA LEU K 272 0.99 -24.94 -37.93
C LEU K 272 0.40 -23.68 -38.54
N VAL K 273 0.17 -23.68 -39.84
CA VAL K 273 -0.31 -22.50 -40.55
C VAL K 273 -1.73 -22.75 -41.03
N GLU K 274 -2.64 -21.88 -40.60
CA GLU K 274 -4.04 -21.89 -40.97
C GLU K 274 -4.32 -20.61 -41.73
N HIS K 275 -5.06 -20.70 -42.82
CA HIS K 275 -5.33 -19.56 -43.68
C HIS K 275 -6.80 -19.15 -43.61
N LYS K 276 -7.01 -17.84 -43.47
CA LYS K 276 -8.33 -17.23 -43.49
C LYS K 276 -8.26 -16.04 -44.44
N HIS K 277 -9.44 -15.50 -44.77
CA HIS K 277 -9.48 -14.35 -45.68
C HIS K 277 -8.61 -13.22 -45.17
N ARG K 278 -7.57 -12.89 -45.95
CA ARG K 278 -6.62 -11.82 -45.61
C ARG K 278 -6.05 -11.98 -44.21
N THR K 279 -5.97 -13.21 -43.70
CA THR K 279 -5.45 -13.43 -42.36
C THR K 279 -4.59 -14.69 -42.34
N LEU K 280 -3.45 -14.59 -41.68
CA LEU K 280 -2.54 -15.71 -41.46
C LEU K 280 -2.60 -16.08 -39.98
N ILE K 281 -2.95 -17.32 -39.69
CA ILE K 281 -3.05 -17.81 -38.33
C ILE K 281 -1.94 -18.82 -38.11
N LEU K 282 -1.06 -18.53 -37.16
CA LEU K 282 0.08 -19.38 -36.82
C LEU K 282 -0.11 -19.95 -35.43
N HIS K 283 0.05 -21.26 -35.31
CA HIS K 283 0.04 -21.93 -34.00
C HIS K 283 1.49 -22.27 -33.69
N LEU K 284 2.06 -21.56 -32.72
CA LEU K 284 3.47 -21.66 -32.38
C LEU K 284 3.66 -22.44 -31.09
N HIS K 285 4.50 -23.47 -31.13
CA HIS K 285 4.77 -24.32 -29.97
C HIS K 285 6.27 -24.40 -29.78
N PRO K 286 6.89 -23.35 -29.26
CA PRO K 286 8.35 -23.34 -29.10
C PRO K 286 8.82 -24.14 -27.90
N ASP K 287 10.08 -24.56 -27.97
CA ASP K 287 10.74 -25.24 -26.86
C ASP K 287 11.43 -24.25 -25.93
N HIS K 288 11.93 -23.16 -26.48
CA HIS K 288 12.66 -22.10 -25.81
C HIS K 288 12.08 -20.78 -26.26
N PRO K 289 12.27 -19.71 -25.47
CA PRO K 289 11.81 -18.39 -25.93
C PRO K 289 12.31 -18.12 -27.34
N THR K 290 11.37 -18.04 -28.28
CA THR K 290 11.67 -17.90 -29.70
C THR K 290 11.14 -16.56 -30.19
N LEU K 291 11.97 -15.84 -30.94
CA LEU K 291 11.59 -14.53 -31.46
C LEU K 291 10.80 -14.68 -32.75
N LEU K 292 9.63 -14.04 -32.78
CA LEU K 292 8.79 -13.98 -33.97
C LEU K 292 8.72 -12.53 -34.42
N THR K 293 9.07 -12.27 -35.68
CA THR K 293 8.99 -10.95 -36.27
C THR K 293 8.28 -11.02 -37.61
N THR K 294 7.50 -9.99 -37.91
CA THR K 294 6.78 -9.91 -39.18
C THR K 294 6.78 -8.47 -39.67
N ARG K 295 6.58 -8.31 -40.97
CA ARG K 295 6.47 -7.00 -41.59
C ARG K 295 5.72 -7.15 -42.89
N SER K 296 4.89 -6.17 -43.22
CA SER K 296 4.23 -6.18 -44.52
C SER K 296 5.20 -5.69 -45.60
N LEU K 297 4.92 -6.06 -46.83
CA LEU K 297 5.77 -5.72 -47.96
C LEU K 297 5.28 -4.49 -48.72
N GLY K 298 4.43 -3.67 -48.09
CA GLY K 298 3.91 -2.47 -48.70
C GLY K 298 4.71 -1.23 -48.33
N SER K 299 4.15 -0.07 -48.67
CA SER K 299 4.79 1.20 -48.41
C SER K 299 4.86 1.52 -46.92
N ASP K 300 3.99 0.92 -46.12
CA ASP K 300 3.97 1.10 -44.66
C ASP K 300 4.13 -0.29 -44.05
N ALA K 301 5.37 -0.73 -43.90
CA ALA K 301 5.67 -2.04 -43.34
C ALA K 301 5.49 -1.99 -41.84
N ASN K 302 4.33 -2.44 -41.36
CA ASN K 302 4.02 -2.40 -39.94
C ASN K 302 4.78 -3.52 -39.25
N PRO K 303 5.90 -3.22 -38.59
CA PRO K 303 6.72 -4.28 -38.03
C PRO K 303 6.18 -4.83 -36.72
N THR K 304 6.47 -6.11 -36.49
CA THR K 304 6.11 -6.80 -35.26
C THR K 304 7.33 -7.50 -34.71
N ARG K 305 7.51 -7.44 -33.40
CA ARG K 305 8.63 -8.12 -32.74
C ARG K 305 8.16 -8.57 -31.37
N GLN K 306 8.14 -9.87 -31.13
CA GLN K 306 7.73 -10.39 -29.84
C GLN K 306 8.41 -11.73 -29.58
N TRP K 307 8.75 -11.97 -28.31
CA TRP K 307 9.35 -13.22 -27.87
C TRP K 307 8.25 -14.14 -27.38
N ILE K 308 8.19 -15.35 -27.93
CA ILE K 308 7.15 -16.31 -27.61
C ILE K 308 7.78 -17.44 -26.79
N GLU K 309 7.35 -17.55 -25.54
CA GLU K 309 7.92 -18.51 -24.60
C GLU K 309 7.07 -19.76 -24.42
N ARG K 310 5.78 -19.69 -24.69
CA ARG K 310 4.85 -20.80 -24.50
C ARG K 310 3.91 -20.86 -25.68
N PRO K 311 3.22 -21.99 -25.86
CA PRO K 311 2.30 -22.13 -27.00
C PRO K 311 1.31 -20.97 -27.08
N THR K 312 1.17 -20.41 -28.29
CA THR K 312 0.30 -19.27 -28.49
C THR K 312 -0.15 -19.23 -29.93
N THR K 313 -1.25 -18.51 -30.17
CA THR K 313 -1.80 -18.28 -31.50
C THR K 313 -1.70 -16.80 -31.84
N VAL K 314 -1.10 -16.49 -32.99
CA VAL K 314 -0.95 -15.12 -33.45
C VAL K 314 -1.60 -15.00 -34.82
N ASN K 315 -2.39 -13.96 -35.02
CA ASN K 315 -3.12 -13.71 -36.26
C ASN K 315 -2.51 -12.49 -36.92
N PHE K 316 -2.02 -12.65 -38.14
CA PHE K 316 -1.44 -11.54 -38.90
C PHE K 316 -2.30 -11.25 -40.12
N THR K 317 -2.53 -9.96 -40.37
CA THR K 317 -3.28 -9.52 -41.54
C THR K 317 -2.37 -9.54 -42.77
N VAL K 318 -2.81 -10.25 -43.81
CA VAL K 318 -2.07 -10.35 -45.05
C VAL K 318 -2.94 -9.78 -46.17
N THR K 319 -2.38 -8.88 -46.96
CA THR K 319 -3.08 -8.21 -48.05
C THR K 319 -2.39 -8.56 -49.37
N GLY K 320 -2.88 -7.97 -50.46
CA GLY K 320 -2.27 -8.21 -51.75
C GLY K 320 -0.84 -7.70 -51.86
N GLU K 321 -0.41 -6.87 -50.92
CA GLU K 321 0.97 -6.41 -50.89
C GLU K 321 1.90 -7.49 -50.37
N GLY K 322 1.41 -8.35 -49.48
CA GLY K 322 2.18 -9.43 -48.92
C GLY K 322 2.62 -9.16 -47.49
N LEU K 323 3.06 -10.23 -46.85
CA LEU K 323 3.59 -10.15 -45.49
C LEU K 323 4.73 -11.14 -45.33
N GLU K 324 5.77 -10.74 -44.61
CA GLU K 324 6.91 -11.59 -44.32
C GLU K 324 6.97 -11.85 -42.83
N TYR K 325 7.19 -13.11 -42.45
CA TYR K 325 7.33 -13.48 -41.05
C TYR K 325 8.54 -14.41 -40.91
N THR K 326 9.23 -14.27 -39.78
CA THR K 326 10.39 -15.08 -39.45
C THR K 326 10.17 -15.69 -38.07
N TRP K 327 10.20 -17.02 -38.01
CA TRP K 327 9.97 -17.75 -36.77
C TRP K 327 11.30 -18.33 -36.31
N GLY K 328 11.78 -17.89 -35.16
CA GLY K 328 13.03 -18.39 -34.64
C GLY K 328 14.15 -18.22 -35.64
N ASN K 329 14.93 -19.28 -35.82
CA ASN K 329 16.05 -19.27 -36.76
C ASN K 329 15.66 -19.79 -38.14
N HIS K 330 14.38 -19.92 -38.44
CA HIS K 330 13.95 -20.37 -39.75
C HIS K 330 14.09 -19.25 -40.78
N PRO K 331 14.25 -19.59 -42.06
CA PRO K 331 14.33 -18.55 -43.08
C PRO K 331 13.03 -17.77 -43.14
N PRO K 332 13.08 -16.49 -43.49
CA PRO K 332 11.85 -15.70 -43.59
C PRO K 332 10.91 -16.27 -44.65
N LYS K 333 9.63 -16.29 -44.32
CA LYS K 333 8.58 -16.78 -45.21
C LYS K 333 7.72 -15.61 -45.65
N ARG K 334 7.44 -15.55 -46.95
CA ARG K 334 6.60 -14.50 -47.52
C ARG K 334 5.30 -15.10 -48.01
N VAL K 335 4.18 -14.46 -47.64
CA VAL K 335 2.86 -14.91 -48.03
C VAL K 335 2.04 -13.73 -48.53
N TRP K 336 1.13 -14.01 -49.48
CA TRP K 336 0.27 -13.00 -50.07
C TRP K 336 -1.17 -13.51 -50.06
N ALA K 337 -2.11 -12.60 -49.84
CA ALA K 337 -3.52 -12.94 -49.77
C ALA K 337 -4.20 -12.69 -51.11
N GLN K 338 -4.99 -13.66 -51.56
CA GLN K 338 -5.76 -13.53 -52.79
C GLN K 338 -7.12 -12.89 -52.50
N GLU K 339 -7.76 -12.41 -53.56
CA GLU K 339 -9.07 -11.76 -53.44
C GLU K 339 -10.17 -12.82 -53.44
N SER K 340 -10.18 -13.61 -52.37
CA SER K 340 -11.07 -14.74 -52.20
C SER K 340 -12.17 -14.48 -51.16
N GLY K 341 -12.52 -13.22 -50.95
CA GLY K 341 -13.50 -12.89 -49.93
C GLY K 341 -14.86 -13.50 -50.18
N GLU K 342 -15.62 -13.61 -49.10
CA GLU K 342 -16.95 -14.19 -49.12
C GLU K 342 -17.96 -13.23 -49.78
N GLY K 343 -18.88 -13.82 -50.54
CA GLY K 343 -19.91 -13.06 -51.23
C GLY K 343 -20.12 -13.51 -52.67
N ASN K 344 -21.08 -12.89 -53.35
CA ASN K 344 -21.36 -13.19 -54.75
C ASN K 344 -21.56 -11.89 -55.52
N PRO K 345 -20.56 -11.44 -56.28
CA PRO K 345 -20.71 -10.19 -57.03
C PRO K 345 -21.75 -10.25 -58.15
N HIS K 346 -22.25 -11.44 -58.48
CA HIS K 346 -23.27 -11.60 -59.51
C HIS K 346 -24.63 -11.99 -58.94
N GLY K 347 -24.79 -11.96 -57.63
CA GLY K 347 -26.01 -12.41 -56.99
C GLY K 347 -26.99 -11.30 -56.70
N TRP K 348 -27.81 -11.52 -55.67
CA TRP K 348 -28.80 -10.55 -55.26
C TRP K 348 -28.15 -9.35 -54.56
N PRO K 349 -28.89 -8.23 -54.46
CA PRO K 349 -28.30 -7.03 -53.85
C PRO K 349 -27.65 -7.26 -52.50
N HIS K 350 -28.22 -8.11 -51.64
CA HIS K 350 -27.58 -8.36 -50.35
C HIS K 350 -26.29 -9.17 -50.52
N GLU K 351 -26.20 -9.97 -51.59
CA GLU K 351 -24.99 -10.74 -51.83
C GLU K 351 -23.91 -9.89 -52.49
N VAL K 352 -24.29 -8.94 -53.34
CA VAL K 352 -23.32 -8.06 -53.99
C VAL K 352 -22.70 -7.12 -52.97
N VAL K 353 -23.53 -6.51 -52.13
CA VAL K 353 -23.01 -5.59 -51.10
C VAL K 353 -22.10 -6.32 -50.13
N VAL K 354 -22.44 -7.54 -49.76
CA VAL K 354 -21.58 -8.32 -48.88
C VAL K 354 -20.24 -8.60 -49.54
N TYR K 355 -20.24 -8.96 -50.82
CA TYR K 355 -18.99 -9.25 -51.51
C TYR K 355 -18.05 -8.04 -51.50
N TYR K 356 -18.57 -6.88 -51.92
CA TYR K 356 -17.72 -5.68 -51.96
C TYR K 356 -17.37 -5.18 -50.58
N TYR K 357 -18.24 -5.40 -49.59
CA TYR K 357 -17.89 -5.03 -48.23
C TYR K 357 -16.70 -5.83 -47.72
N ASN K 358 -16.65 -7.12 -48.07
CA ASN K 358 -15.51 -7.93 -47.66
C ASN K 358 -14.26 -7.56 -48.43
N ARG K 359 -14.39 -7.23 -49.71
CA ARG K 359 -13.22 -6.86 -50.50
C ARG K 359 -12.78 -5.42 -50.26
N TYR K 360 -13.72 -4.49 -50.11
CA TYR K 360 -13.43 -3.08 -49.85
C TYR K 360 -14.31 -2.59 -48.72
N PRO K 361 -13.95 -2.91 -47.47
CA PRO K 361 -14.81 -2.56 -46.33
C PRO K 361 -15.18 -1.08 -46.25
N LEU K 362 -14.19 -0.20 -46.14
CA LEU K 362 -14.48 1.22 -45.95
C LEU K 362 -15.00 1.87 -47.23
N THR K 363 -14.46 1.50 -48.39
CA THR K 363 -14.93 2.07 -49.64
C THR K 363 -16.40 1.76 -49.89
N THR K 364 -16.85 0.55 -49.51
CA THR K 364 -18.25 0.21 -49.67
C THR K 364 -19.14 1.06 -48.77
N ILE K 365 -18.73 1.29 -47.52
CA ILE K 365 -19.51 2.14 -46.63
C ILE K 365 -19.61 3.55 -47.19
N ILE K 366 -18.47 4.11 -47.63
CA ILE K 366 -18.48 5.44 -48.22
C ILE K 366 -19.33 5.47 -49.48
N GLY K 367 -19.19 4.44 -50.32
CA GLY K 367 -19.98 4.39 -51.54
C GLY K 367 -21.47 4.32 -51.28
N LEU K 368 -21.89 3.44 -50.38
CA LEU K 368 -23.31 3.33 -50.08
C LEU K 368 -23.86 4.61 -49.46
N CYS K 369 -23.13 5.20 -48.51
CA CYS K 369 -23.59 6.44 -47.90
C CYS K 369 -23.68 7.56 -48.93
N THR K 370 -22.68 7.65 -49.82
CA THR K 370 -22.74 8.67 -50.87
C THR K 370 -23.92 8.43 -51.82
N CYS K 371 -24.17 7.18 -52.19
CA CYS K 371 -25.30 6.87 -53.05
C CYS K 371 -26.63 7.21 -52.36
N VAL K 372 -26.77 6.86 -51.09
CA VAL K 372 -28.01 7.18 -50.37
C VAL K 372 -28.19 8.69 -50.26
N ALA K 373 -27.12 9.42 -49.98
CA ALA K 373 -27.21 10.88 -49.92
C ALA K 373 -27.64 11.45 -51.26
N ILE K 374 -27.07 10.94 -52.36
CA ILE K 374 -27.46 11.41 -53.69
C ILE K 374 -28.92 11.08 -53.96
N ILE K 375 -29.38 9.90 -53.54
CA ILE K 375 -30.78 9.56 -53.73
C ILE K 375 -31.69 10.55 -53.02
N MET K 376 -31.38 10.86 -51.76
CA MET K 376 -32.21 11.79 -51.01
C MET K 376 -32.20 13.17 -51.66
N VAL K 377 -31.01 13.66 -52.04
CA VAL K 377 -30.91 14.97 -52.68
C VAL K 377 -31.65 14.98 -54.01
N SER K 378 -31.52 13.91 -54.79
CA SER K 378 -32.20 13.84 -56.08
C SER K 378 -33.71 13.78 -55.90
N CYS K 379 -34.21 12.98 -54.96
CA CYS K 379 -35.64 12.86 -54.75
C CYS K 379 -36.23 14.15 -54.19
N VAL K 380 -35.57 14.75 -53.20
CA VAL K 380 -36.06 16.00 -52.63
C VAL K 380 -36.11 17.09 -53.68
N THR K 381 -35.04 17.22 -54.48
CA THR K 381 -35.03 18.24 -55.53
C THR K 381 -36.08 17.95 -56.59
N SER K 382 -36.24 16.70 -56.99
CA SER K 382 -37.22 16.36 -58.02
C SER K 382 -38.65 16.54 -57.50
N VAL K 383 -38.92 16.09 -56.28
CA VAL K 383 -40.25 16.26 -55.71
C VAL K 383 -40.56 17.74 -55.50
N TRP K 384 -39.59 18.50 -55.01
CA TRP K 384 -39.79 19.94 -54.85
C TRP K 384 -40.11 20.61 -56.17
N LEU K 385 -39.37 20.27 -57.22
CA LEU K 385 -39.65 20.84 -58.54
C LEU K 385 -41.03 20.44 -59.04
N LEU K 386 -41.43 19.20 -58.79
CA LEU K 386 -42.76 18.76 -59.22
C LEU K 386 -43.87 19.43 -58.41
N CYS K 387 -43.67 19.56 -57.09
CA CYS K 387 -44.67 20.26 -56.29
C CYS K 387 -44.75 21.74 -56.65
N ARG K 388 -43.60 22.38 -56.87
CA ARG K 388 -43.59 23.76 -57.32
C ARG K 388 -44.33 23.90 -58.65
N THR K 389 -44.12 22.96 -59.57
CA THR K 389 -44.83 22.98 -60.84
C THR K 389 -46.34 22.79 -60.64
N ARG K 390 -46.72 21.91 -59.73
CA ARG K 390 -48.14 21.67 -59.49
C ARG K 390 -48.84 22.93 -58.98
N ASN K 391 -48.22 23.64 -58.04
CA ASN K 391 -48.81 24.88 -57.54
C ASN K 391 -49.04 25.87 -58.68
N LEU K 392 -48.03 26.04 -59.53
CA LEU K 392 -48.17 26.94 -60.68
C LEU K 392 -49.20 26.42 -61.66
N CYS K 393 -49.35 25.10 -61.77
CA CYS K 393 -50.34 24.52 -62.66
C CYS K 393 -51.76 24.81 -62.21
N ILE K 394 -52.03 24.69 -60.91
CA ILE K 394 -53.38 24.90 -60.40
C ILE K 394 -53.70 26.33 -60.00
N THR K 395 -52.71 27.10 -59.55
CA THR K 395 -52.99 28.48 -59.13
C THR K 395 -53.72 29.31 -60.18
N PRO K 396 -53.37 29.26 -61.47
CA PRO K 396 -54.14 30.03 -62.46
C PRO K 396 -55.62 29.69 -62.50
N TYR K 397 -55.99 28.50 -62.02
CA TYR K 397 -57.38 28.07 -61.99
C TYR K 397 -58.05 28.25 -60.64
N LYS K 398 -57.31 28.09 -59.54
CA LYS K 398 -57.89 28.33 -58.23
C LYS K 398 -58.40 29.76 -58.12
N LEU K 399 -57.70 30.70 -58.73
CA LEU K 399 -58.10 32.11 -58.72
C LEU K 399 -59.17 32.41 -59.76
N ALA K 400 -59.69 31.40 -60.46
CA ALA K 400 -60.75 31.57 -61.45
C ALA K 400 -61.70 30.39 -61.36
N PRO K 401 -62.47 30.29 -60.26
CA PRO K 401 -63.38 29.15 -60.09
C PRO K 401 -64.37 28.94 -61.24
N ASN K 402 -64.58 29.97 -62.06
CA ASN K 402 -65.50 29.88 -63.19
C ASN K 402 -64.85 29.36 -64.46
N ALA K 403 -63.53 29.16 -64.46
CA ALA K 403 -62.85 28.67 -65.65
C ALA K 403 -62.99 27.16 -65.77
N GLN K 404 -62.96 26.68 -67.01
CA GLN K 404 -63.04 25.25 -67.30
C GLN K 404 -61.63 24.70 -67.34
N VAL K 405 -61.29 23.85 -66.37
CA VAL K 405 -59.95 23.26 -66.34
C VAL K 405 -59.78 22.31 -67.51
N PRO K 406 -58.70 22.41 -68.28
CA PRO K 406 -58.52 21.49 -69.40
C PRO K 406 -58.26 20.06 -68.95
N ILE K 407 -58.67 19.12 -69.78
CA ILE K 407 -58.56 17.70 -69.44
C ILE K 407 -57.11 17.31 -69.16
N LEU K 408 -56.17 17.78 -69.98
CA LEU K 408 -54.77 17.39 -69.80
C LEU K 408 -54.23 17.85 -68.46
N LEU K 409 -54.61 19.05 -68.01
CA LEU K 409 -54.13 19.51 -66.70
C LEU K 409 -54.86 18.82 -65.56
N ALA K 410 -56.13 18.47 -65.76
CA ALA K 410 -56.87 17.74 -64.73
C ALA K 410 -56.28 16.35 -64.50
N LEU K 411 -55.77 15.71 -65.57
CA LEU K 411 -55.19 14.38 -65.43
C LEU K 411 -53.74 14.43 -64.95
N LEU K 412 -52.97 15.43 -65.38
CA LEU K 412 -51.56 15.50 -65.01
C LEU K 412 -51.30 16.26 -63.71
N CYS K 413 -52.11 17.26 -63.38
CA CYS K 413 -51.88 18.07 -62.18
C CYS K 413 -52.77 17.70 -61.01
N CYS K 414 -54.06 17.49 -61.24
CA CYS K 414 -54.96 17.08 -60.16
C CYS K 414 -54.79 15.60 -59.87
N ASP L 1 -76.00 47.15 -18.33
CA ASP L 1 -76.22 45.87 -18.97
C ASP L 1 -75.93 44.73 -18.01
N LYS L 2 -76.85 43.75 -17.95
CA LYS L 2 -76.72 42.62 -17.06
C LYS L 2 -76.52 41.29 -17.76
N THR L 3 -76.98 41.15 -19.01
CA THR L 3 -76.78 39.94 -19.80
C THR L 3 -75.94 40.29 -21.01
N PHE L 4 -74.80 39.63 -21.15
CA PHE L 4 -73.86 39.94 -22.23
C PHE L 4 -73.75 38.77 -23.21
N PRO L 5 -73.81 39.02 -24.51
CA PRO L 5 -73.65 37.94 -25.48
C PRO L 5 -72.22 37.46 -25.57
N ILE L 6 -72.06 36.20 -26.01
CA ILE L 6 -70.77 35.57 -26.20
C ILE L 6 -70.54 35.41 -27.69
N MET L 7 -69.36 35.79 -28.16
CA MET L 7 -69.01 35.73 -29.58
C MET L 7 -67.77 34.87 -29.78
N LEU L 8 -67.80 34.03 -30.81
CA LEU L 8 -66.70 33.13 -31.14
C LEU L 8 -65.98 33.55 -32.41
N ASN L 9 -66.71 33.70 -33.52
CA ASN L 9 -66.14 34.07 -34.82
C ASN L 9 -66.70 35.42 -35.28
N GLY L 10 -67.12 36.25 -34.33
CA GLY L 10 -67.76 37.51 -34.62
C GLY L 10 -69.27 37.48 -34.51
N GLN L 11 -69.87 36.30 -34.57
CA GLN L 11 -71.29 36.10 -34.39
C GLN L 11 -71.58 35.65 -32.97
N VAL L 12 -72.80 35.91 -32.52
CA VAL L 12 -73.21 35.55 -31.17
C VAL L 12 -73.62 34.08 -31.16
N ASN L 13 -73.05 33.31 -30.22
CA ASN L 13 -73.33 31.90 -30.08
C ASN L 13 -73.86 31.56 -28.68
N GLY L 14 -74.27 32.56 -27.93
CA GLY L 14 -74.78 32.35 -26.59
C GLY L 14 -74.66 33.63 -25.78
N TYR L 15 -75.00 33.50 -24.49
CA TYR L 15 -74.98 34.64 -23.59
C TYR L 15 -74.29 34.30 -22.28
N ALA L 16 -73.74 35.34 -21.65
CA ALA L 16 -73.16 35.28 -20.32
C ALA L 16 -73.97 36.23 -19.46
N CYS L 17 -74.58 35.71 -18.39
CA CYS L 17 -75.45 36.52 -17.54
C CYS L 17 -74.79 36.83 -16.19
N VAL L 18 -75.00 38.05 -15.73
CA VAL L 18 -74.53 38.53 -14.43
C VAL L 18 -75.72 38.45 -13.48
N VAL L 19 -75.81 37.36 -12.72
CA VAL L 19 -76.91 37.13 -11.79
C VAL L 19 -76.35 36.86 -10.42
N GLY L 20 -76.92 37.50 -9.40
CA GLY L 20 -76.45 37.32 -8.05
C GLY L 20 -75.06 37.85 -7.80
N GLY L 21 -74.54 38.67 -8.70
CA GLY L 21 -73.19 39.18 -8.56
C GLY L 21 -72.13 38.21 -9.04
N ARG L 22 -72.52 37.24 -9.85
CA ARG L 22 -71.62 36.21 -10.36
C ARG L 22 -71.96 35.97 -11.82
N VAL L 23 -70.96 35.57 -12.59
CA VAL L 23 -71.13 35.31 -14.02
C VAL L 23 -71.60 33.87 -14.21
N PHE L 24 -72.66 33.69 -14.99
CA PHE L 24 -73.16 32.37 -15.37
C PHE L 24 -73.14 32.28 -16.88
N LYS L 25 -72.30 31.38 -17.41
CA LYS L 25 -72.23 31.15 -18.85
C LYS L 25 -72.20 29.65 -19.11
N PRO L 26 -72.84 29.18 -20.18
CA PRO L 26 -72.79 27.75 -20.48
C PRO L 26 -71.37 27.29 -20.81
N LEU L 27 -71.09 26.02 -20.53
CA LEU L 27 -69.81 25.43 -20.88
C LEU L 27 -69.69 25.12 -22.37
N HIS L 28 -70.79 24.72 -23.01
CA HIS L 28 -70.76 24.40 -24.43
C HIS L 28 -70.69 25.63 -25.32
N VAL L 29 -70.75 26.84 -24.77
CA VAL L 29 -70.64 28.07 -25.53
C VAL L 29 -69.20 28.55 -25.38
N GLU L 30 -68.41 28.35 -26.43
CA GLU L 30 -67.02 28.79 -26.48
C GLU L 30 -66.90 30.17 -27.12
N GLY L 31 -66.00 30.97 -26.58
CA GLY L 31 -65.78 32.32 -27.08
C GLY L 31 -65.57 33.32 -25.97
N ARG L 32 -65.28 34.56 -26.33
CA ARG L 32 -65.11 35.62 -25.34
C ARG L 32 -66.46 36.27 -25.01
N ILE L 33 -66.53 36.85 -23.82
CA ILE L 33 -67.71 37.59 -23.39
C ILE L 33 -67.69 38.97 -24.03
N ASP L 34 -68.87 39.48 -24.37
CA ASP L 34 -68.98 40.79 -24.99
C ASP L 34 -68.28 41.85 -24.16
N ASN L 35 -68.51 41.85 -22.85
CA ASN L 35 -67.83 42.78 -21.96
C ASN L 35 -66.38 42.37 -21.78
N GLU L 36 -65.46 43.32 -21.99
CA GLU L 36 -64.04 43.03 -21.87
C GLU L 36 -63.65 42.70 -20.43
N GLN L 37 -64.29 43.34 -19.45
CA GLN L 37 -63.94 43.09 -18.05
C GLN L 37 -64.47 41.73 -17.57
N LEU L 38 -65.61 41.28 -18.08
CA LEU L 38 -66.08 39.94 -17.73
C LEU L 38 -65.25 38.86 -18.40
N ALA L 39 -64.68 39.15 -19.58
CA ALA L 39 -63.83 38.19 -20.26
C ALA L 39 -62.43 38.10 -19.64
N ALA L 40 -62.02 39.11 -18.88
CA ALA L 40 -60.70 39.16 -18.29
C ALA L 40 -60.60 38.43 -16.94
N ILE L 41 -61.72 37.98 -16.38
CA ILE L 41 -61.72 37.29 -15.09
C ILE L 41 -61.68 35.78 -15.31
N LYS L 42 -60.87 35.10 -14.51
CA LYS L 42 -60.79 33.65 -14.57
C LYS L 42 -62.08 33.04 -14.03
N LEU L 43 -62.62 32.06 -14.75
CA LEU L 43 -63.87 31.42 -14.38
C LEU L 43 -63.65 29.94 -14.03
N LYS L 44 -64.50 29.44 -13.15
CA LYS L 44 -64.51 28.05 -12.69
C LYS L 44 -65.55 27.25 -13.47
N LYS L 45 -65.33 25.94 -13.54
CA LYS L 45 -66.19 25.03 -14.28
C LYS L 45 -67.08 24.23 -13.33
N ALA L 46 -68.33 24.05 -13.73
CA ALA L 46 -69.32 23.22 -13.01
C ALA L 46 -69.94 22.28 -14.04
N SER L 47 -69.22 21.21 -14.36
CA SER L 47 -69.68 20.28 -15.39
C SER L 47 -71.03 19.66 -15.04
N ILE L 48 -71.31 19.45 -13.75
CA ILE L 48 -72.61 18.90 -13.36
C ILE L 48 -73.76 19.84 -13.70
N TYR L 49 -73.47 21.12 -13.93
CA TYR L 49 -74.48 22.11 -14.29
C TYR L 49 -74.30 22.65 -15.70
N ASP L 50 -73.30 22.16 -16.44
CA ASP L 50 -73.04 22.63 -17.80
C ASP L 50 -72.85 24.14 -17.85
N LEU L 51 -72.29 24.73 -16.80
CA LEU L 51 -72.08 26.17 -16.78
C LEU L 51 -70.74 26.51 -16.15
N GLU L 52 -70.25 27.69 -16.51
CA GLU L 52 -68.99 28.25 -16.06
C GLU L 52 -69.29 29.52 -15.27
N TYR L 53 -68.54 29.76 -14.19
CA TYR L 53 -68.85 30.89 -13.33
C TYR L 53 -67.60 31.52 -12.74
N GLY L 54 -67.76 32.75 -12.29
CA GLY L 54 -66.69 33.51 -11.65
C GLY L 54 -67.23 34.80 -11.08
N ASP L 55 -66.47 35.35 -10.14
CA ASP L 55 -66.85 36.62 -9.51
C ASP L 55 -66.71 37.79 -10.48
N VAL L 56 -67.72 38.65 -10.50
CA VAL L 56 -67.78 39.81 -11.39
C VAL L 56 -66.86 40.93 -10.92
N PRO L 57 -66.52 41.88 -11.79
CA PRO L 57 -65.72 43.03 -11.35
C PRO L 57 -66.40 43.86 -10.27
N GLN L 58 -65.57 44.57 -9.50
CA GLN L 58 -66.06 45.37 -8.38
C GLN L 58 -67.28 46.20 -8.75
N CYS L 59 -67.25 46.85 -9.91
CA CYS L 59 -68.37 47.69 -10.33
C CYS L 59 -69.61 46.88 -10.70
N MET L 60 -69.45 45.60 -11.02
CA MET L 60 -70.58 44.76 -11.39
C MET L 60 -71.22 44.05 -10.20
N LYS L 61 -70.68 44.24 -8.99
CA LYS L 61 -71.19 43.54 -7.83
C LYS L 61 -72.61 43.96 -7.48
N SER L 62 -72.92 45.25 -7.62
CA SER L 62 -74.28 45.72 -7.37
C SER L 62 -75.16 45.67 -8.61
N ASP L 63 -74.62 46.01 -9.78
CA ASP L 63 -75.37 45.99 -11.03
C ASP L 63 -75.49 44.55 -11.53
N THR L 64 -76.31 43.78 -10.82
CA THR L 64 -76.51 42.37 -11.14
C THR L 64 -77.97 42.00 -10.92
N LEU L 65 -78.40 40.95 -11.62
CA LEU L 65 -79.76 40.44 -11.49
C LEU L 65 -79.91 39.62 -10.21
N GLN L 66 -80.98 39.88 -9.47
CA GLN L 66 -81.32 39.05 -8.32
C GLN L 66 -82.05 37.80 -8.81
N TYR L 67 -81.92 36.72 -8.06
CA TYR L 67 -82.55 35.46 -8.42
C TYR L 67 -83.51 35.01 -7.32
N THR L 68 -84.47 34.18 -7.72
CA THR L 68 -85.48 33.64 -6.83
C THR L 68 -85.64 32.15 -7.09
N SER L 69 -85.89 31.40 -6.02
CA SER L 69 -86.15 29.96 -6.12
C SER L 69 -87.63 29.64 -6.24
N ASP L 70 -88.50 30.63 -6.06
CA ASP L 70 -89.95 30.42 -6.13
C ASP L 70 -90.43 30.63 -7.56
N LYS L 71 -90.96 29.58 -8.17
CA LYS L 71 -91.42 29.61 -9.55
C LYS L 71 -92.79 28.93 -9.61
N PRO L 72 -93.83 29.61 -9.15
CA PRO L 72 -95.18 29.03 -9.20
C PRO L 72 -95.66 28.91 -10.64
N PRO L 73 -96.71 28.12 -10.87
CA PRO L 73 -97.27 28.04 -12.22
C PRO L 73 -97.68 29.41 -12.74
N GLY L 74 -97.33 29.68 -13.99
CA GLY L 74 -97.62 30.98 -14.57
C GLY L 74 -96.72 31.25 -15.77
N PHE L 75 -96.63 32.54 -16.11
CA PHE L 75 -95.87 32.99 -17.27
C PHE L 75 -94.62 33.78 -16.87
N TYR L 76 -93.56 33.60 -17.67
CA TYR L 76 -92.27 34.24 -17.48
C TYR L 76 -91.84 34.76 -18.85
N ASN L 77 -90.77 35.57 -18.88
CA ASN L 77 -90.36 36.16 -20.14
C ASN L 77 -88.85 36.09 -20.35
N TRP L 78 -88.48 36.19 -21.63
CA TRP L 78 -87.10 36.23 -22.07
C TRP L 78 -87.08 36.95 -23.41
N HIS L 79 -85.89 37.10 -24.00
CA HIS L 79 -85.79 37.91 -25.22
C HIS L 79 -86.51 37.31 -26.42
N HIS L 80 -86.90 36.03 -26.37
CA HIS L 80 -87.64 35.44 -27.48
C HIS L 80 -89.15 35.57 -27.32
N GLY L 81 -89.62 36.09 -26.19
CA GLY L 81 -91.05 36.21 -25.95
C GLY L 81 -91.43 35.76 -24.55
N ALA L 82 -92.67 35.28 -24.39
CA ALA L 82 -93.12 34.77 -23.10
C ALA L 82 -92.71 33.31 -22.93
N VAL L 83 -92.58 32.90 -21.66
CA VAL L 83 -92.26 31.54 -21.27
C VAL L 83 -93.32 31.06 -20.31
N GLN L 84 -93.86 29.87 -20.56
CA GLN L 84 -94.93 29.31 -19.75
C GLN L 84 -94.36 28.19 -18.89
N TYR L 85 -94.71 28.19 -17.60
CA TYR L 85 -94.25 27.20 -16.65
C TYR L 85 -95.43 26.39 -16.13
N GLU L 86 -95.41 25.09 -16.42
CA GLU L 86 -96.49 24.19 -16.01
C GLU L 86 -95.90 22.82 -15.72
N ASN L 87 -96.55 22.10 -14.80
CA ASN L 87 -96.12 20.76 -14.41
C ASN L 87 -94.63 20.74 -14.05
N ASN L 88 -94.16 21.83 -13.45
CA ASN L 88 -92.76 22.00 -13.08
C ASN L 88 -91.82 22.07 -14.28
N ARG L 89 -92.34 22.27 -15.49
CA ARG L 89 -91.54 22.30 -16.70
C ARG L 89 -91.69 23.64 -17.41
N PHE L 90 -90.58 24.15 -17.94
CA PHE L 90 -90.56 25.39 -18.70
C PHE L 90 -90.80 25.07 -20.18
N THR L 91 -91.97 25.47 -20.68
CA THR L 91 -92.37 25.20 -22.05
C THR L 91 -92.61 26.51 -22.79
N VAL L 92 -92.10 26.59 -24.02
CA VAL L 92 -92.27 27.77 -24.85
C VAL L 92 -93.04 27.40 -26.11
N PRO L 93 -93.75 28.32 -26.73
CA PRO L 93 -94.49 27.98 -27.95
C PRO L 93 -93.60 27.39 -29.04
N ARG L 94 -94.23 26.59 -29.90
CA ARG L 94 -93.54 25.90 -30.97
C ARG L 94 -92.67 26.84 -31.81
N GLY L 95 -91.39 26.50 -31.94
CA GLY L 95 -90.47 27.26 -32.75
C GLY L 95 -89.88 28.51 -32.11
N VAL L 96 -90.27 28.84 -30.88
CA VAL L 96 -89.80 30.08 -30.27
C VAL L 96 -88.31 30.01 -29.97
N GLY L 97 -87.84 28.88 -29.41
CA GLY L 97 -86.45 28.74 -29.07
C GLY L 97 -85.61 28.23 -30.23
N GLY L 98 -84.30 28.23 -30.03
CA GLY L 98 -83.40 27.78 -31.05
C GLY L 98 -81.95 28.11 -30.73
N LYS L 99 -81.08 27.71 -31.65
CA LYS L 99 -79.64 27.86 -31.50
C LYS L 99 -79.26 29.30 -31.16
N GLY L 100 -78.39 29.45 -30.17
CA GLY L 100 -77.92 30.75 -29.73
C GLY L 100 -78.64 31.36 -28.55
N ASP L 101 -79.72 30.74 -28.07
CA ASP L 101 -80.48 31.28 -26.96
C ASP L 101 -80.00 30.78 -25.60
N SER L 102 -78.98 29.93 -25.57
CA SER L 102 -78.49 29.41 -24.30
C SER L 102 -77.84 30.49 -23.48
N GLY L 103 -78.01 30.41 -22.16
CA GLY L 103 -77.50 31.39 -21.23
C GLY L 103 -78.44 32.52 -20.90
N ARG L 104 -79.50 32.71 -21.68
CA ARG L 104 -80.44 33.78 -21.40
C ARG L 104 -81.29 33.40 -20.20
N PRO L 105 -81.35 34.23 -19.16
CA PRO L 105 -82.19 33.89 -18.00
C PRO L 105 -83.66 34.14 -18.25
N ILE L 106 -84.49 33.39 -17.53
CA ILE L 106 -85.93 33.56 -17.54
C ILE L 106 -86.28 34.42 -16.34
N LEU L 107 -86.94 35.55 -16.59
CA LEU L 107 -87.26 36.49 -15.53
C LEU L 107 -88.73 36.42 -15.15
N ASP L 108 -88.99 36.67 -13.87
CA ASP L 108 -90.33 36.69 -13.30
C ASP L 108 -90.95 38.07 -13.49
N ASN L 109 -92.10 38.30 -12.84
CA ASN L 109 -92.79 39.58 -12.93
C ASN L 109 -92.10 40.68 -12.14
N LYS L 110 -91.02 40.36 -11.43
CA LYS L 110 -90.26 41.33 -10.65
C LYS L 110 -88.87 41.58 -11.23
N GLY L 111 -88.54 40.94 -12.35
CA GLY L 111 -87.23 41.11 -12.96
C GLY L 111 -86.14 40.28 -12.33
N ARG L 112 -86.49 39.25 -11.56
CA ARG L 112 -85.53 38.37 -10.94
C ARG L 112 -85.32 37.13 -11.79
N VAL L 113 -84.10 36.61 -11.77
CA VAL L 113 -83.76 35.43 -12.56
C VAL L 113 -84.38 34.19 -11.90
N VAL L 114 -85.16 33.45 -12.68
CA VAL L 114 -85.78 32.23 -12.22
C VAL L 114 -85.01 31.01 -12.67
N ALA L 115 -84.56 31.00 -13.93
CA ALA L 115 -83.82 29.87 -14.47
C ALA L 115 -82.97 30.35 -15.63
N ILE L 116 -81.91 29.59 -15.91
CA ILE L 116 -81.03 29.84 -17.06
C ILE L 116 -81.30 28.75 -18.09
N VAL L 117 -81.57 29.16 -19.33
CA VAL L 117 -81.90 28.24 -20.41
C VAL L 117 -80.62 27.73 -21.06
N LEU L 118 -80.59 26.42 -21.31
CA LEU L 118 -79.46 25.74 -21.96
C LEU L 118 -79.82 25.04 -23.26
N GLY L 119 -81.06 24.60 -23.43
CA GLY L 119 -81.46 23.88 -24.62
C GLY L 119 -82.94 23.66 -24.63
N GLY L 120 -83.39 22.71 -25.45
CA GLY L 120 -84.81 22.41 -25.49
C GLY L 120 -85.13 21.25 -26.41
N VAL L 121 -86.41 20.85 -26.37
CA VAL L 121 -86.94 19.75 -27.16
C VAL L 121 -88.27 20.20 -27.76
N ASN L 122 -88.43 20.02 -29.07
CA ASN L 122 -89.71 20.27 -29.72
C ASN L 122 -90.59 19.03 -29.58
N GLU L 123 -91.69 19.17 -28.85
CA GLU L 123 -92.61 18.06 -28.61
C GLU L 123 -93.73 17.97 -29.64
N GLY L 124 -93.73 18.83 -30.66
CA GLY L 124 -94.76 18.83 -31.68
C GLY L 124 -95.94 19.74 -31.37
N SER L 125 -96.08 20.20 -30.15
CA SER L 125 -97.14 21.12 -29.75
C SER L 125 -96.50 22.34 -29.11
N ARG L 126 -95.58 22.09 -28.20
CA ARG L 126 -94.81 23.12 -27.52
C ARG L 126 -93.38 22.62 -27.41
N THR L 127 -92.48 23.53 -27.06
CA THR L 127 -91.07 23.20 -26.89
C THR L 127 -90.70 23.26 -25.42
N ALA L 128 -90.09 22.18 -24.93
CA ALA L 128 -89.59 22.13 -23.56
C ALA L 128 -88.15 22.61 -23.56
N LEU L 129 -87.81 23.43 -22.57
CA LEU L 129 -86.46 23.99 -22.46
C LEU L 129 -85.64 23.27 -21.40
N SER L 130 -84.36 23.07 -21.71
CA SER L 130 -83.40 22.58 -20.72
C SER L 130 -82.91 23.79 -19.95
N VAL L 131 -83.14 23.81 -18.64
CA VAL L 131 -82.80 24.97 -17.82
C VAL L 131 -82.01 24.56 -16.59
N VAL L 132 -81.34 25.56 -16.02
CA VAL L 132 -80.67 25.45 -14.73
C VAL L 132 -81.45 26.34 -13.78
N THR L 133 -82.06 25.76 -12.76
CA THR L 133 -82.88 26.50 -11.82
C THR L 133 -82.53 26.05 -10.40
N TRP L 134 -83.36 26.47 -9.45
CA TRP L 134 -83.19 26.17 -8.04
C TRP L 134 -84.43 25.47 -7.50
N ASN L 135 -84.20 24.46 -6.67
CA ASN L 135 -85.27 23.66 -6.11
C ASN L 135 -85.89 24.36 -4.91
N GLN L 136 -86.84 23.69 -4.26
CA GLN L 136 -87.52 24.26 -3.10
C GLN L 136 -86.57 24.51 -1.94
N LYS L 137 -85.37 23.94 -1.97
CA LYS L 137 -84.37 24.17 -0.93
C LYS L 137 -83.37 25.26 -1.31
N GLY L 138 -83.53 25.89 -2.47
CA GLY L 138 -82.62 26.92 -2.92
C GLY L 138 -81.31 26.42 -3.46
N VAL L 139 -81.19 25.12 -3.73
CA VAL L 139 -79.96 24.53 -4.24
C VAL L 139 -80.02 24.50 -5.76
N THR L 140 -78.91 24.80 -6.40
CA THR L 140 -78.88 24.79 -7.86
C THR L 140 -79.18 23.40 -8.39
N VAL L 141 -80.15 23.32 -9.30
CA VAL L 141 -80.58 22.04 -9.87
C VAL L 141 -80.73 22.20 -11.37
N LYS L 142 -80.17 21.26 -12.13
CA LYS L 142 -80.33 21.22 -13.57
C LYS L 142 -81.55 20.37 -13.94
N ASP L 143 -82.37 20.89 -14.85
CA ASP L 143 -83.56 20.18 -15.32
C ASP L 143 -83.51 20.17 -16.85
N THR L 144 -83.30 18.99 -17.44
CA THR L 144 -83.25 18.85 -18.89
C THR L 144 -84.13 17.69 -19.33
N PRO L 145 -84.98 17.87 -20.33
CA PRO L 145 -85.76 16.75 -20.85
C PRO L 145 -84.90 15.82 -21.69
N GLU L 146 -85.31 14.56 -21.77
CA GLU L 146 -84.53 13.57 -22.49
C GLU L 146 -84.47 13.92 -23.98
N GLY L 147 -83.27 13.87 -24.55
CA GLY L 147 -83.06 14.22 -25.93
C GLY L 147 -82.85 15.69 -26.21
N SER L 148 -82.76 16.52 -25.17
CA SER L 148 -82.62 17.96 -25.37
C SER L 148 -81.32 18.30 -26.09
N GLU L 149 -81.42 19.24 -27.01
CA GLU L 149 -80.29 19.71 -27.82
C GLU L 149 -79.67 20.93 -27.16
N PRO L 150 -78.35 20.93 -26.92
CA PRO L 150 -77.72 22.15 -26.39
C PRO L 150 -77.78 23.28 -27.40
N TRP L 151 -78.21 24.44 -26.94
CA TRP L 151 -78.37 25.62 -27.79
C TRP L 151 -77.32 26.67 -27.46
N ALA M 1 3.83 -53.23 11.80
CA ALA M 1 3.07 -54.35 12.42
C ALA M 1 3.32 -55.63 11.65
N LYS M 2 2.77 -56.74 12.13
CA LYS M 2 2.87 -57.99 11.38
C LYS M 2 2.13 -57.83 10.06
N CYS M 3 2.72 -58.35 8.99
CA CYS M 3 2.22 -58.12 7.64
C CYS M 3 1.53 -59.34 7.05
N GLU M 4 0.55 -59.05 6.20
CA GLU M 4 -0.26 -60.00 5.45
C GLU M 4 0.57 -60.98 4.63
N PRO M 5 -0.01 -62.10 4.19
CA PRO M 5 0.77 -63.07 3.39
C PRO M 5 1.22 -62.52 2.05
N SER M 6 0.72 -61.35 1.64
CA SER M 6 1.17 -60.71 0.42
C SER M 6 2.53 -60.03 0.58
N GLN M 7 3.05 -59.91 1.80
CA GLN M 7 4.32 -59.25 2.05
C GLN M 7 5.21 -60.14 2.90
N PHE M 8 6.51 -60.07 2.62
CA PHE M 8 7.52 -60.77 3.40
C PHE M 8 8.07 -59.81 4.46
N GLN M 9 8.39 -60.35 5.63
CA GLN M 9 8.96 -59.56 6.71
C GLN M 9 10.39 -59.99 7.01
N CYS M 10 11.30 -59.01 6.96
CA CYS M 10 12.71 -59.24 7.22
C CYS M 10 12.96 -59.38 8.72
N THR M 11 14.11 -59.98 9.05
CA THR M 11 14.51 -60.12 10.45
C THR M 11 14.64 -58.77 11.13
N ASN M 12 14.80 -57.70 10.34
CA ASN M 12 14.82 -56.33 10.86
C ASN M 12 13.47 -55.89 11.39
N GLY M 13 12.40 -56.62 11.10
CA GLY M 13 11.06 -56.27 11.51
C GLY M 13 10.26 -55.52 10.48
N ARG M 14 10.89 -55.07 9.40
CA ARG M 14 10.20 -54.30 8.37
C ARG M 14 9.71 -55.26 7.30
N CYS M 15 8.70 -54.84 6.55
CA CYS M 15 8.09 -55.69 5.55
C CYS M 15 8.44 -55.27 4.13
N ILE M 16 8.55 -56.28 3.28
CA ILE M 16 8.93 -56.13 1.88
C ILE M 16 7.97 -56.95 1.05
N THR M 17 7.53 -56.41 -0.09
CA THR M 17 6.63 -57.13 -0.97
C THR M 17 7.18 -58.53 -1.25
N LEU M 18 6.27 -59.51 -1.25
CA LEU M 18 6.69 -60.90 -1.40
C LEU M 18 7.41 -61.14 -2.71
N LEU M 19 7.05 -60.39 -3.77
CA LEU M 19 7.73 -60.55 -5.05
C LEU M 19 9.20 -60.17 -4.96
N TRP M 20 9.59 -59.43 -3.92
CA TRP M 20 10.97 -59.02 -3.69
C TRP M 20 11.70 -59.93 -2.73
N LYS M 21 11.07 -61.04 -2.31
CA LYS M 21 11.68 -61.93 -1.32
C LYS M 21 13.03 -62.48 -1.78
N CYS M 22 13.14 -62.87 -3.04
CA CYS M 22 14.43 -63.34 -3.57
C CYS M 22 14.53 -62.97 -5.04
N ASP M 23 15.14 -61.81 -5.30
CA ASP M 23 15.32 -61.32 -6.66
C ASP M 23 16.69 -60.66 -6.86
N GLY M 24 17.65 -60.95 -5.99
CA GLY M 24 19.00 -60.45 -6.11
C GLY M 24 19.25 -59.06 -5.54
N ASP M 25 18.20 -58.34 -5.13
CA ASP M 25 18.34 -57.02 -4.53
C ASP M 25 17.99 -57.09 -3.05
N GLU M 26 18.89 -56.62 -2.19
CA GLU M 26 18.60 -56.57 -0.77
C GLU M 26 17.69 -55.37 -0.52
N ASP M 27 16.40 -55.64 -0.37
CA ASP M 27 15.42 -54.57 -0.22
C ASP M 27 15.33 -54.05 1.21
N CYS M 28 15.76 -54.83 2.20
CA CYS M 28 15.81 -54.38 3.57
C CYS M 28 17.26 -54.32 4.02
N VAL M 29 17.60 -53.25 4.74
CA VAL M 29 18.98 -52.97 5.13
C VAL M 29 19.65 -54.20 5.72
N ASP M 30 18.91 -55.01 6.47
CA ASP M 30 19.50 -56.22 7.05
C ASP M 30 19.82 -57.28 6.00
N GLY M 31 19.27 -57.19 4.80
CA GLY M 31 19.53 -58.20 3.79
C GLY M 31 18.86 -59.53 4.04
N SER M 32 17.83 -59.56 4.88
CA SER M 32 17.18 -60.81 5.23
C SER M 32 16.50 -61.48 4.03
N ASP M 33 16.05 -60.68 3.06
CA ASP M 33 15.41 -61.26 1.88
C ASP M 33 16.39 -62.08 1.04
N GLU M 34 17.52 -61.49 0.65
CA GLU M 34 18.47 -62.17 -0.21
C GLU M 34 19.41 -63.10 0.53
N LYS M 35 19.48 -63.01 1.86
CA LYS M 35 20.36 -63.88 2.63
C LYS M 35 20.00 -65.35 2.45
N ASN M 36 18.74 -65.64 2.11
CA ASN M 36 18.28 -67.01 1.84
C ASN M 36 17.72 -67.08 0.42
N CYS M 37 18.38 -67.87 -0.43
CA CYS M 37 18.01 -67.99 -1.83
C CYS M 37 18.62 -69.26 -2.41
N VAL M 38 18.21 -69.59 -3.64
CA VAL M 38 18.72 -70.75 -4.36
C VAL M 38 18.85 -70.39 -5.85
N LYS M 39 19.82 -71.04 -6.50
CA LYS M 39 20.05 -70.82 -7.92
C LYS M 39 19.12 -71.67 -8.78
N LYS M 40 18.84 -71.18 -9.98
CA LYS M 40 17.99 -71.87 -10.95
C LYS M 40 18.84 -72.50 -12.05
N THR M 41 18.24 -73.47 -12.74
CA THR M 41 18.90 -74.20 -13.81
C THR M 41 18.87 -73.41 -15.12
N CYS M 42 19.57 -73.94 -16.12
CA CYS M 42 19.66 -73.32 -17.45
C CYS M 42 19.29 -74.35 -18.50
N ALA M 43 18.83 -73.86 -19.65
CA ALA M 43 18.42 -74.74 -20.74
C ALA M 43 19.58 -75.56 -21.27
N GLU M 44 19.24 -76.69 -21.89
CA GLU M 44 20.22 -77.59 -22.48
C GLU M 44 21.05 -76.92 -23.58
N SER M 45 20.55 -75.84 -24.16
CA SER M 45 21.30 -75.09 -25.16
C SER M 45 22.46 -74.30 -24.60
N ASP M 46 22.60 -74.22 -23.27
CA ASP M 46 23.63 -73.42 -22.63
C ASP M 46 24.62 -74.31 -21.90
N PHE M 47 25.90 -73.95 -22.01
CA PHE M 47 26.98 -74.64 -21.32
C PHE M 47 27.17 -74.01 -19.94
N VAL M 48 27.69 -74.78 -19.00
CA VAL M 48 27.94 -74.32 -17.64
C VAL M 48 29.42 -74.49 -17.32
N CYS M 49 30.06 -73.38 -16.95
CA CYS M 49 31.48 -73.36 -16.61
C CYS M 49 31.70 -73.95 -15.21
N ASN M 50 32.95 -73.96 -14.77
CA ASN M 50 33.27 -74.56 -13.47
C ASN M 50 32.62 -73.80 -12.32
N ASN M 51 32.46 -72.48 -12.45
CA ASN M 51 31.78 -71.70 -11.42
C ASN M 51 30.26 -71.81 -11.50
N GLY M 52 29.73 -72.58 -12.46
CA GLY M 52 28.31 -72.72 -12.65
C GLY M 52 27.68 -71.67 -13.55
N GLN M 53 28.47 -70.75 -14.08
CA GLN M 53 27.94 -69.71 -14.96
C GLN M 53 27.46 -70.34 -16.26
N CYS M 54 26.26 -69.94 -16.70
CA CYS M 54 25.70 -70.44 -17.95
C CYS M 54 26.07 -69.54 -19.12
N VAL M 55 26.43 -70.16 -20.24
CA VAL M 55 26.74 -69.44 -21.48
C VAL M 55 26.15 -70.21 -22.66
N PRO M 56 25.64 -69.55 -23.69
CA PRO M 56 25.12 -70.29 -24.85
C PRO M 56 26.18 -71.17 -25.48
N SER M 57 25.74 -72.33 -26.00
CA SER M 57 26.66 -73.26 -26.61
C SER M 57 27.43 -72.64 -27.78
N ARG M 58 26.81 -71.69 -28.49
CA ARG M 58 27.51 -71.01 -29.58
C ARG M 58 28.73 -70.23 -29.10
N TRP M 59 28.82 -69.94 -27.80
CA TRP M 59 29.98 -69.28 -27.23
C TRP M 59 31.02 -70.26 -26.71
N LYS M 60 30.71 -71.55 -26.68
CA LYS M 60 31.65 -72.54 -26.20
C LYS M 60 32.80 -72.76 -27.18
N CYS M 61 34.02 -72.80 -26.66
CA CYS M 61 35.23 -73.00 -27.45
C CYS M 61 35.38 -71.98 -28.57
N ASP M 62 34.92 -70.75 -28.37
CA ASP M 62 34.96 -69.73 -29.40
C ASP M 62 36.19 -68.83 -29.29
N GLY M 63 37.07 -69.09 -28.33
CA GLY M 63 38.26 -68.31 -28.10
C GLY M 63 38.13 -67.18 -27.09
N ASP M 64 36.92 -66.92 -26.60
CA ASP M 64 36.70 -65.88 -25.60
C ASP M 64 36.26 -66.48 -24.28
N PRO M 65 36.90 -66.16 -23.16
CA PRO M 65 36.44 -66.69 -21.87
C PRO M 65 35.19 -65.97 -21.40
N ASP M 66 34.02 -66.46 -21.82
CA ASP M 66 32.75 -65.81 -21.52
C ASP M 66 32.21 -66.11 -20.12
N CYS M 67 33.06 -66.56 -19.21
CA CYS M 67 32.62 -66.85 -17.84
C CYS M 67 33.80 -66.58 -16.92
N GLU M 68 33.50 -66.51 -15.62
CA GLU M 68 34.54 -66.22 -14.64
C GLU M 68 35.76 -67.09 -14.84
N ASP M 69 35.56 -68.41 -14.94
CA ASP M 69 36.65 -69.31 -15.26
C ASP M 69 36.74 -69.51 -16.78
N GLY M 70 37.91 -69.97 -17.21
CA GLY M 70 38.16 -70.22 -18.62
C GLY M 70 37.67 -71.57 -19.12
N SER M 71 36.82 -72.23 -18.34
CA SER M 71 36.38 -73.58 -18.70
C SER M 71 35.75 -73.63 -20.09
N ASP M 72 35.03 -72.57 -20.50
CA ASP M 72 34.47 -72.59 -21.85
C ASP M 72 35.55 -72.64 -22.91
N GLU M 73 36.77 -72.20 -22.58
CA GLU M 73 37.89 -72.20 -23.51
C GLU M 73 39.01 -73.12 -23.04
N SER M 74 38.77 -73.90 -21.98
CA SER M 74 39.81 -74.78 -21.44
C SER M 74 40.14 -75.89 -22.44
N PRO M 75 41.43 -76.23 -22.59
CA PRO M 75 41.78 -77.35 -23.48
C PRO M 75 41.11 -78.65 -23.07
N GLU M 76 40.93 -78.87 -21.77
CA GLU M 76 40.27 -80.07 -21.29
C GLU M 76 38.82 -80.14 -21.74
N GLN M 77 38.21 -78.98 -22.01
CA GLN M 77 36.82 -78.95 -22.44
C GLN M 77 36.68 -78.92 -23.96
N CYS M 78 37.66 -78.35 -24.65
CA CYS M 78 37.61 -78.23 -26.11
C CYS M 78 38.65 -79.13 -26.76
N ALA N 1 35.79 -35.95 -48.42
CA ALA N 1 36.95 -36.89 -48.45
C ALA N 1 38.25 -36.13 -48.64
N LYS N 2 38.56 -35.80 -49.90
CA LYS N 2 39.76 -35.02 -50.19
C LYS N 2 39.63 -33.62 -49.60
N CYS N 3 40.64 -33.19 -48.84
CA CYS N 3 40.62 -31.89 -48.22
C CYS N 3 41.18 -30.84 -49.18
N GLU N 4 40.94 -29.57 -48.86
CA GLU N 4 41.48 -28.49 -49.65
C GLU N 4 42.98 -28.39 -49.43
N PRO N 5 43.70 -27.72 -50.35
CA PRO N 5 45.16 -27.59 -50.17
C PRO N 5 45.55 -26.91 -48.88
N SER N 6 44.66 -26.09 -48.31
CA SER N 6 44.89 -25.41 -47.04
C SER N 6 44.56 -26.26 -45.82
N GLN N 7 44.32 -27.56 -45.99
CA GLN N 7 43.96 -28.43 -44.88
C GLN N 7 44.80 -29.69 -44.88
N PHE N 8 45.23 -30.09 -43.68
CA PHE N 8 45.93 -31.36 -43.49
C PHE N 8 44.89 -32.46 -43.30
N GLN N 9 45.12 -33.60 -43.94
CA GLN N 9 44.22 -34.74 -43.84
C GLN N 9 44.84 -35.83 -42.98
N CYS N 10 44.27 -36.03 -41.79
CA CYS N 10 44.73 -37.04 -40.87
C CYS N 10 44.41 -38.43 -41.39
N THR N 11 45.12 -39.43 -40.87
CA THR N 11 44.86 -40.80 -41.28
C THR N 11 43.41 -41.17 -41.00
N ASN N 12 42.82 -40.56 -39.97
CA ASN N 12 41.42 -40.77 -39.63
C ASN N 12 40.48 -40.28 -40.72
N GLY N 13 40.97 -39.49 -41.67
CA GLY N 13 40.19 -38.95 -42.75
C GLY N 13 39.69 -37.53 -42.50
N ARG N 14 39.68 -37.09 -41.25
CA ARG N 14 39.19 -35.76 -40.93
C ARG N 14 40.18 -34.71 -41.41
N CYS N 15 39.66 -33.60 -41.94
CA CYS N 15 40.50 -32.49 -42.37
C CYS N 15 40.85 -31.60 -41.19
N ILE N 16 42.04 -31.02 -41.23
CA ILE N 16 42.55 -30.11 -40.21
C ILE N 16 43.24 -28.95 -40.90
N THR N 17 43.06 -27.75 -40.37
CA THR N 17 43.72 -26.57 -40.93
C THR N 17 45.23 -26.80 -40.99
N LEU N 18 45.82 -26.48 -42.14
CA LEU N 18 47.24 -26.74 -42.35
C LEU N 18 48.11 -26.04 -41.30
N LEU N 19 47.64 -24.90 -40.79
CA LEU N 19 48.37 -24.19 -39.74
C LEU N 19 48.55 -25.04 -38.48
N TRP N 20 47.70 -26.05 -38.29
CA TRP N 20 47.75 -26.91 -37.12
C TRP N 20 48.56 -28.19 -37.34
N LYS N 21 49.21 -28.33 -38.49
CA LYS N 21 49.94 -29.56 -38.78
C LYS N 21 51.05 -29.86 -37.77
N CYS N 22 51.75 -28.82 -37.29
CA CYS N 22 52.79 -29.00 -36.27
C CYS N 22 52.76 -27.83 -35.29
N ASP N 23 52.00 -27.99 -34.20
CA ASP N 23 51.91 -26.94 -33.19
C ASP N 23 51.85 -27.51 -31.77
N GLY N 24 52.29 -28.74 -31.57
CA GLY N 24 52.34 -29.35 -30.25
C GLY N 24 51.03 -29.89 -29.72
N ASP N 25 49.94 -29.77 -30.46
CA ASP N 25 48.64 -30.29 -30.04
C ASP N 25 48.18 -31.33 -31.04
N GLU N 26 47.66 -32.45 -30.55
CA GLU N 26 47.12 -33.50 -31.42
C GLU N 26 45.66 -33.16 -31.72
N ASP N 27 45.43 -32.49 -32.84
CA ASP N 27 44.09 -32.07 -33.21
C ASP N 27 43.24 -33.22 -33.73
N CYS N 28 43.88 -34.32 -34.11
CA CYS N 28 43.19 -35.54 -34.52
C CYS N 28 43.39 -36.61 -33.44
N VAL N 29 42.30 -37.27 -33.07
CA VAL N 29 42.34 -38.26 -31.99
C VAL N 29 43.43 -39.29 -32.20
N ASP N 30 43.72 -39.65 -33.45
CA ASP N 30 44.78 -40.62 -33.70
C ASP N 30 46.18 -40.06 -33.50
N GLY N 31 46.33 -38.74 -33.40
CA GLY N 31 47.63 -38.12 -33.21
C GLY N 31 48.50 -38.01 -34.45
N SER N 32 48.04 -38.49 -35.61
CA SER N 32 48.82 -38.39 -36.83
C SER N 32 49.07 -36.94 -37.24
N ASP N 33 48.40 -35.99 -36.60
CA ASP N 33 48.64 -34.58 -36.85
C ASP N 33 50.07 -34.17 -36.50
N GLU N 34 50.52 -34.49 -35.29
CA GLU N 34 51.84 -34.08 -34.83
C GLU N 34 52.94 -35.10 -35.08
N LYS N 35 52.62 -36.30 -35.54
CA LYS N 35 53.66 -37.29 -35.82
C LYS N 35 54.55 -36.84 -36.97
N ASN N 36 55.85 -37.13 -36.83
CA ASN N 36 56.91 -36.79 -37.79
C ASN N 36 57.21 -35.29 -37.87
N CYS N 37 56.75 -34.48 -36.93
CA CYS N 37 57.08 -33.07 -36.95
C CYS N 37 58.55 -32.87 -36.60
N VAL N 38 59.25 -32.07 -37.40
CA VAL N 38 60.67 -31.80 -37.20
C VAL N 38 60.91 -30.74 -36.13
N LYS N 39 62.17 -30.62 -35.69
CA LYS N 39 62.59 -29.67 -34.67
C LYS N 39 63.86 -28.98 -35.13
N LYS N 40 63.87 -27.65 -35.10
CA LYS N 40 65.00 -26.85 -35.56
C LYS N 40 65.86 -26.36 -34.38
N THR N 41 67.05 -25.86 -34.74
CA THR N 41 68.01 -25.33 -33.78
C THR N 41 67.56 -24.00 -33.19
N CYS N 42 68.14 -23.67 -32.03
CA CYS N 42 67.86 -22.45 -31.31
C CYS N 42 68.86 -21.35 -31.67
N ALA N 43 68.60 -20.15 -31.16
CA ALA N 43 69.48 -19.02 -31.38
C ALA N 43 70.75 -19.12 -30.52
N GLU N 44 71.76 -18.34 -30.92
CA GLU N 44 73.04 -18.31 -30.21
C GLU N 44 72.91 -17.82 -28.78
N SER N 45 71.84 -17.08 -28.47
CA SER N 45 71.61 -16.56 -27.12
C SER N 45 71.22 -17.61 -26.09
N ASP N 46 70.97 -18.86 -26.49
CA ASP N 46 70.54 -19.89 -25.57
C ASP N 46 71.56 -21.02 -25.47
N PHE N 47 71.70 -21.56 -24.26
CA PHE N 47 72.54 -22.72 -23.98
C PHE N 47 71.72 -23.99 -24.14
N VAL N 48 72.37 -25.04 -24.61
CA VAL N 48 71.72 -26.33 -24.85
C VAL N 48 72.23 -27.37 -23.88
N CYS N 49 71.30 -28.01 -23.16
CA CYS N 49 71.63 -29.04 -22.18
C CYS N 49 71.77 -30.39 -22.88
N ASN N 50 72.03 -31.43 -22.08
CA ASN N 50 72.20 -32.76 -22.65
C ASN N 50 70.92 -33.30 -23.27
N ASN N 51 69.76 -32.90 -22.74
CA ASN N 51 68.49 -33.32 -23.31
C ASN N 51 68.13 -32.57 -24.59
N GLY N 52 68.92 -31.56 -24.96
CA GLY N 52 68.69 -30.78 -26.16
C GLY N 52 67.82 -29.56 -26.00
N GLN N 53 67.24 -29.35 -24.82
CA GLN N 53 66.41 -28.17 -24.60
C GLN N 53 67.30 -26.94 -24.46
N CYS N 54 66.80 -25.80 -24.95
CA CYS N 54 67.54 -24.55 -24.93
C CYS N 54 67.08 -23.65 -23.79
N VAL N 55 68.06 -23.12 -23.04
CA VAL N 55 67.80 -22.18 -21.95
C VAL N 55 68.67 -20.95 -22.15
N PRO N 56 68.24 -19.77 -21.69
CA PRO N 56 69.07 -18.57 -21.86
C PRO N 56 70.46 -18.75 -21.28
N SER N 57 71.46 -18.19 -21.99
CA SER N 57 72.85 -18.32 -21.56
C SER N 57 73.09 -17.72 -20.18
N ARG N 58 72.43 -16.61 -19.86
CA ARG N 58 72.62 -15.99 -18.55
C ARG N 58 72.19 -16.90 -17.40
N TRP N 59 71.41 -17.94 -17.67
CA TRP N 59 71.01 -18.89 -16.64
C TRP N 59 72.00 -20.03 -16.48
N LYS N 60 73.05 -20.07 -17.29
CA LYS N 60 74.05 -21.13 -17.19
C LYS N 60 74.86 -21.02 -15.91
N CYS N 61 74.96 -22.14 -15.19
CA CYS N 61 75.69 -22.21 -13.93
C CYS N 61 75.22 -21.18 -12.91
N ASP N 62 73.93 -20.83 -12.93
CA ASP N 62 73.39 -19.82 -12.03
C ASP N 62 72.95 -20.40 -10.69
N GLY N 63 73.20 -21.68 -10.45
CA GLY N 63 72.79 -22.35 -9.23
C GLY N 63 71.42 -23.02 -9.29
N ASP N 64 70.64 -22.78 -10.33
CA ASP N 64 69.34 -23.40 -10.48
C ASP N 64 69.33 -24.32 -11.68
N PRO N 65 68.83 -25.56 -11.57
CA PRO N 65 68.73 -26.42 -12.76
C PRO N 65 67.55 -26.02 -13.61
N ASP N 66 67.82 -25.40 -14.75
CA ASP N 66 66.77 -24.93 -15.64
C ASP N 66 66.37 -25.96 -16.68
N CYS N 67 67.03 -27.10 -16.73
CA CYS N 67 66.70 -28.16 -17.66
C CYS N 67 66.61 -29.49 -16.91
N GLU N 68 65.88 -30.43 -17.52
CA GLU N 68 65.64 -31.72 -16.89
C GLU N 68 66.92 -32.41 -16.42
N ASP N 69 68.01 -32.27 -17.19
CA ASP N 69 69.27 -32.86 -16.81
C ASP N 69 70.12 -31.98 -15.90
N GLY N 70 69.79 -30.70 -15.76
CA GLY N 70 70.62 -29.82 -14.96
C GLY N 70 72.01 -29.61 -15.51
N SER N 71 72.22 -29.88 -16.80
CA SER N 71 73.54 -29.74 -17.41
C SER N 71 74.07 -28.31 -17.26
N ASP N 72 73.19 -27.31 -17.23
CA ASP N 72 73.64 -25.94 -17.05
C ASP N 72 74.37 -25.74 -15.72
N GLU N 73 74.11 -26.59 -14.74
CA GLU N 73 74.76 -26.53 -13.43
C GLU N 73 75.78 -27.63 -13.22
N SER N 74 75.92 -28.55 -14.17
CA SER N 74 76.81 -29.69 -14.00
C SER N 74 78.28 -29.24 -13.94
N PRO N 75 79.10 -29.93 -13.13
CA PRO N 75 80.52 -29.56 -13.06
C PRO N 75 81.26 -29.65 -14.38
N GLU N 76 80.92 -30.63 -15.22
CA GLU N 76 81.55 -30.78 -16.52
C GLU N 76 81.27 -29.63 -17.47
N GLN N 77 80.31 -28.75 -17.17
CA GLN N 77 79.97 -27.66 -18.07
C GLN N 77 79.97 -26.30 -17.36
N CYS N 78 80.63 -26.21 -16.21
CA CYS N 78 80.74 -24.96 -15.47
C CYS N 78 82.19 -24.73 -15.05
N ALA O 1 55.19 -1.02 13.63
CA ALA O 1 53.74 -0.77 13.81
C ALA O 1 53.25 -1.39 15.12
N LYS O 2 52.27 -0.75 15.74
CA LYS O 2 51.72 -1.21 17.01
C LYS O 2 50.21 -1.39 16.89
N CYS O 3 49.71 -2.46 17.50
CA CYS O 3 48.29 -2.75 17.52
C CYS O 3 47.60 -2.03 18.67
N GLU O 4 46.27 -2.14 18.69
CA GLU O 4 45.50 -1.58 19.79
C GLU O 4 45.85 -2.31 21.09
N PRO O 5 45.60 -1.70 22.24
CA PRO O 5 45.93 -2.38 23.51
C PRO O 5 45.19 -3.69 23.70
N SER O 6 43.99 -3.82 23.14
CA SER O 6 43.19 -5.03 23.23
C SER O 6 43.46 -6.01 22.08
N GLN O 7 44.64 -5.95 21.46
CA GLN O 7 44.97 -6.84 20.35
C GLN O 7 46.36 -7.42 20.53
N PHE O 8 46.60 -8.55 19.85
CA PHE O 8 47.86 -9.26 19.87
C PHE O 8 48.45 -9.25 18.46
N GLN O 9 49.71 -8.85 18.35
CA GLN O 9 50.39 -8.79 17.07
C GLN O 9 51.18 -10.07 16.80
N CYS O 10 50.73 -10.86 15.84
CA CYS O 10 51.47 -12.05 15.46
C CYS O 10 52.81 -11.65 14.85
N THR O 11 53.74 -12.59 14.82
CA THR O 11 55.06 -12.29 14.26
C THR O 11 54.94 -11.81 12.81
N ASN O 12 53.87 -12.19 12.12
CA ASN O 12 53.62 -11.73 10.76
C ASN O 12 53.32 -10.24 10.70
N GLY O 13 53.09 -9.59 11.85
CA GLY O 13 52.76 -8.19 11.90
C GLY O 13 51.28 -7.89 11.91
N ARG O 14 50.43 -8.88 11.63
CA ARG O 14 48.99 -8.67 11.60
C ARG O 14 48.44 -8.69 13.01
N CYS O 15 47.56 -7.73 13.32
CA CYS O 15 46.93 -7.66 14.63
C CYS O 15 45.79 -8.65 14.75
N ILE O 16 45.65 -9.24 15.95
CA ILE O 16 44.61 -10.20 16.26
C ILE O 16 43.99 -9.82 17.60
N THR O 17 42.70 -10.11 17.75
CA THR O 17 42.02 -9.82 19.00
C THR O 17 42.71 -10.52 20.17
N LEU O 18 42.87 -9.79 21.28
CA LEU O 18 43.57 -10.33 22.44
C LEU O 18 42.87 -11.57 23.00
N LEU O 19 41.55 -11.61 22.91
CA LEU O 19 40.81 -12.79 23.39
C LEU O 19 41.25 -14.04 22.66
N TRP O 20 41.61 -13.91 21.39
CA TRP O 20 42.07 -15.02 20.56
C TRP O 20 43.56 -15.30 20.73
N LYS O 21 44.25 -14.51 21.55
CA LYS O 21 45.70 -14.64 21.70
C LYS O 21 46.15 -16.06 22.05
N CYS O 22 45.33 -16.85 22.74
CA CYS O 22 45.66 -18.24 22.98
C CYS O 22 44.41 -19.09 23.12
N ASP O 23 44.19 -19.98 22.15
CA ASP O 23 43.06 -20.90 22.15
C ASP O 23 43.39 -22.01 21.15
N GLY O 24 42.39 -22.83 20.82
CA GLY O 24 42.63 -23.95 19.93
C GLY O 24 42.92 -23.59 18.48
N ASP O 25 42.56 -22.39 18.05
CA ASP O 25 42.67 -21.99 16.66
C ASP O 25 43.82 -20.99 16.45
N GLU O 26 44.65 -21.26 15.44
CA GLU O 26 45.68 -20.31 15.04
C GLU O 26 45.00 -19.27 14.13
N ASP O 27 44.76 -18.08 14.68
CA ASP O 27 44.02 -17.05 13.95
C ASP O 27 44.86 -16.31 12.92
N CYS O 28 46.17 -16.48 12.92
CA CYS O 28 47.02 -15.87 11.90
C CYS O 28 47.82 -16.95 11.19
N VAL O 29 48.00 -16.76 9.88
CA VAL O 29 48.61 -17.76 9.02
C VAL O 29 49.99 -18.20 9.51
N ASP O 30 50.76 -17.28 10.11
CA ASP O 30 52.08 -17.68 10.60
C ASP O 30 52.02 -18.70 11.74
N GLY O 31 50.89 -18.81 12.43
CA GLY O 31 50.78 -19.75 13.53
C GLY O 31 51.44 -19.34 14.82
N SER O 32 52.12 -18.19 14.86
CA SER O 32 52.77 -17.71 16.08
C SER O 32 51.78 -17.36 17.17
N ASP O 33 50.49 -17.33 16.84
CA ASP O 33 49.45 -17.08 17.85
C ASP O 33 49.50 -18.11 18.97
N GLU O 34 49.54 -19.39 18.64
CA GLU O 34 49.49 -20.46 19.62
C GLU O 34 50.86 -21.04 20.00
N LYS O 35 51.92 -20.70 19.28
CA LYS O 35 53.24 -21.26 19.57
C LYS O 35 53.66 -21.11 21.03
N ASN O 36 53.35 -19.96 21.65
CA ASN O 36 53.79 -19.70 23.03
C ASN O 36 52.75 -20.03 24.09
N CYS O 37 51.66 -20.72 23.75
CA CYS O 37 50.66 -21.08 24.74
C CYS O 37 51.23 -22.04 25.79
N VAL O 38 50.49 -22.19 26.89
CA VAL O 38 50.85 -23.07 28.00
C VAL O 38 49.67 -23.98 28.29
N LYS O 39 49.96 -25.27 28.48
CA LYS O 39 48.92 -26.27 28.72
C LYS O 39 48.21 -26.05 30.06
N LYS O 40 46.88 -26.22 30.02
CA LYS O 40 46.03 -26.10 31.20
C LYS O 40 46.04 -27.39 32.03
N THR O 41 45.72 -27.25 33.31
CA THR O 41 45.57 -28.39 34.21
C THR O 41 44.14 -28.92 34.10
N CYS O 42 43.84 -30.00 34.82
CA CYS O 42 42.49 -30.55 34.86
C CYS O 42 42.14 -30.92 36.29
N ALA O 43 40.84 -30.88 36.59
CA ALA O 43 40.33 -31.14 37.93
C ALA O 43 40.77 -32.52 38.43
N GLU O 44 40.93 -32.61 39.76
CA GLU O 44 41.31 -33.86 40.40
C GLU O 44 40.22 -34.93 40.24
N SER O 45 39.00 -34.53 39.90
CA SER O 45 37.92 -35.47 39.62
C SER O 45 38.09 -36.21 38.30
N ASP O 46 39.06 -35.80 37.49
CA ASP O 46 39.35 -36.46 36.21
C ASP O 46 40.71 -37.14 36.31
N PHE O 47 40.74 -38.44 36.03
CA PHE O 47 41.96 -39.23 36.03
C PHE O 47 42.89 -38.75 34.92
N VAL O 48 44.02 -38.17 35.31
CA VAL O 48 45.04 -37.74 34.35
C VAL O 48 45.78 -38.96 33.83
N CYS O 49 45.81 -39.09 32.51
CA CYS O 49 46.46 -40.21 31.84
C CYS O 49 47.99 -40.05 31.84
N ASN O 50 48.67 -41.17 31.62
CA ASN O 50 50.14 -41.19 31.62
C ASN O 50 50.71 -40.29 30.53
N ASN O 51 50.13 -40.32 29.34
CA ASN O 51 50.58 -39.50 28.23
C ASN O 51 50.07 -38.05 28.30
N GLY O 52 49.45 -37.66 29.40
CA GLY O 52 48.98 -36.30 29.58
C GLY O 52 47.51 -36.05 29.29
N GLN O 53 46.75 -37.05 28.88
CA GLN O 53 45.32 -36.85 28.70
C GLN O 53 44.65 -36.79 30.07
N CYS O 54 43.37 -36.43 30.08
CA CYS O 54 42.63 -36.35 31.34
C CYS O 54 41.18 -36.74 31.09
N VAL O 55 40.74 -37.81 31.74
CA VAL O 55 39.40 -38.36 31.53
C VAL O 55 38.66 -38.43 32.87
N PRO O 56 37.33 -38.33 32.88
CA PRO O 56 36.60 -38.37 34.15
C PRO O 56 36.88 -39.64 34.94
N SER O 57 36.84 -39.51 36.27
CA SER O 57 37.10 -40.63 37.17
C SER O 57 36.14 -41.79 36.94
N ARG O 58 34.86 -41.50 36.69
CA ARG O 58 33.90 -42.58 36.49
C ARG O 58 34.25 -43.46 35.28
N TRP O 59 35.07 -42.97 34.36
CA TRP O 59 35.49 -43.76 33.22
C TRP O 59 36.74 -44.60 33.50
N LYS O 60 37.41 -44.37 34.63
CA LYS O 60 38.61 -45.11 34.95
C LYS O 60 38.31 -46.57 35.25
N CYS O 61 39.03 -47.47 34.57
CA CYS O 61 38.87 -48.91 34.72
C CYS O 61 37.43 -49.35 34.50
N ASP O 62 36.77 -48.77 33.52
CA ASP O 62 35.38 -49.09 33.22
C ASP O 62 35.23 -50.17 32.17
N GLY O 63 36.34 -50.63 31.58
CA GLY O 63 36.32 -51.63 30.55
C GLY O 63 36.42 -51.09 29.14
N ASP O 64 36.65 -49.79 28.99
CA ASP O 64 36.74 -49.15 27.68
C ASP O 64 37.95 -48.21 27.69
N PRO O 65 38.89 -48.35 26.76
CA PRO O 65 40.07 -47.47 26.79
C PRO O 65 39.72 -46.05 26.36
N ASP O 66 39.65 -45.13 27.31
CA ASP O 66 39.35 -43.73 27.00
C ASP O 66 40.59 -42.90 26.72
N CYS O 67 41.74 -43.27 27.28
CA CYS O 67 42.97 -42.59 26.93
C CYS O 67 43.51 -43.16 25.62
N GLU O 68 44.33 -42.36 24.94
CA GLU O 68 44.87 -42.78 23.64
C GLU O 68 45.71 -44.05 23.73
N ASP O 69 46.16 -44.44 24.93
CA ASP O 69 46.92 -45.66 25.09
C ASP O 69 46.23 -46.69 26.00
N GLY O 70 45.01 -46.40 26.47
CA GLY O 70 44.33 -47.32 27.37
C GLY O 70 44.84 -47.33 28.79
N SER O 71 45.53 -46.26 29.22
CA SER O 71 46.06 -46.19 30.57
C SER O 71 44.98 -46.47 31.62
N ASP O 72 43.78 -45.89 31.42
CA ASP O 72 42.69 -46.11 32.36
C ASP O 72 42.30 -47.57 32.50
N GLU O 73 42.60 -48.40 31.50
CA GLU O 73 42.26 -49.82 31.53
C GLU O 73 43.47 -50.72 31.67
N SER O 74 44.68 -50.16 31.70
CA SER O 74 45.88 -50.96 31.83
C SER O 74 45.97 -51.59 33.22
N PRO O 75 46.57 -52.78 33.33
CA PRO O 75 46.66 -53.44 34.64
C PRO O 75 47.40 -52.61 35.68
N GLU O 76 48.20 -51.62 35.25
CA GLU O 76 48.87 -50.74 36.19
C GLU O 76 47.88 -49.95 37.04
N GLN O 77 46.69 -49.66 36.49
CA GLN O 77 45.70 -48.89 37.23
C GLN O 77 44.69 -49.77 37.96
N CYS O 78 44.47 -50.99 37.51
CA CYS O 78 43.51 -51.88 38.17
C CYS O 78 43.72 -53.33 37.72
N ALA P 1 14.80 -17.25 68.98
CA ALA P 1 14.90 -18.19 67.82
C ALA P 1 16.09 -17.83 66.92
N LYS P 2 16.36 -18.68 65.94
CA LYS P 2 17.46 -18.45 65.03
C LYS P 2 17.21 -17.17 64.23
N CYS P 3 18.27 -16.36 64.10
CA CYS P 3 18.17 -15.11 63.35
C CYS P 3 18.14 -15.37 61.85
N GLU P 4 18.04 -14.29 61.09
CA GLU P 4 18.03 -14.39 59.64
C GLU P 4 19.40 -14.83 59.11
N PRO P 5 19.44 -15.45 57.92
CA PRO P 5 20.71 -15.92 57.38
C PRO P 5 21.73 -14.81 57.12
N SER P 6 21.29 -13.62 56.72
CA SER P 6 22.19 -12.50 56.46
C SER P 6 22.52 -11.68 57.69
N GLN P 7 22.16 -12.15 58.88
CA GLN P 7 22.43 -11.42 60.11
C GLN P 7 23.11 -12.34 61.11
N PHE P 8 24.23 -11.89 61.67
CA PHE P 8 24.90 -12.63 62.73
C PHE P 8 24.05 -12.60 64.00
N GLN P 9 24.12 -13.68 64.77
CA GLN P 9 23.40 -13.77 66.04
C GLN P 9 24.37 -13.93 67.19
N CYS P 10 24.34 -12.99 68.12
CA CYS P 10 25.22 -13.01 69.28
C CYS P 10 24.75 -14.06 70.28
N THR P 11 25.66 -14.44 71.18
CA THR P 11 25.34 -15.46 72.17
C THR P 11 24.24 -15.02 73.12
N ASN P 12 23.90 -13.74 73.17
CA ASN P 12 22.78 -13.27 73.97
C ASN P 12 21.45 -13.35 73.23
N GLY P 13 21.46 -13.78 71.97
CA GLY P 13 20.26 -13.93 71.17
C GLY P 13 19.96 -12.78 70.24
N ARG P 14 20.46 -11.58 70.52
CA ARG P 14 20.15 -10.42 69.69
C ARG P 14 20.84 -10.52 68.34
N CYS P 15 20.09 -10.26 67.27
CA CYS P 15 20.62 -10.25 65.92
C CYS P 15 21.58 -9.08 65.69
N ILE P 16 22.46 -9.27 64.71
CA ILE P 16 23.43 -8.26 64.30
C ILE P 16 23.67 -8.45 62.81
N THR P 17 23.98 -7.36 62.11
CA THR P 17 24.24 -7.48 60.67
C THR P 17 25.53 -8.27 60.44
N LEU P 18 25.50 -9.11 59.42
CA LEU P 18 26.66 -9.96 59.15
C LEU P 18 27.91 -9.13 58.90
N LEU P 19 27.79 -8.04 58.16
CA LEU P 19 28.92 -7.17 57.89
C LEU P 19 29.51 -6.62 59.18
N TRP P 20 28.68 -6.39 60.19
CA TRP P 20 29.17 -5.90 61.48
C TRP P 20 29.97 -6.95 62.23
N LYS P 21 29.88 -8.21 61.83
CA LYS P 21 30.60 -9.27 62.53
C LYS P 21 32.11 -9.06 62.43
N CYS P 22 32.76 -9.03 63.59
CA CYS P 22 34.21 -8.88 63.68
C CYS P 22 34.75 -7.65 62.96
N ASP P 23 33.96 -6.59 62.87
CA ASP P 23 34.43 -5.40 62.15
C ASP P 23 35.37 -4.55 63.00
N GLY P 24 35.44 -4.83 64.30
CA GLY P 24 36.31 -4.09 65.19
C GLY P 24 35.61 -3.58 66.44
N ASP P 25 34.28 -3.55 66.42
CA ASP P 25 33.49 -3.02 67.53
C ASP P 25 32.54 -4.10 68.03
N GLU P 26 32.39 -4.21 69.35
CA GLU P 26 31.47 -5.16 69.95
C GLU P 26 30.05 -4.61 69.83
N ASP P 27 29.36 -5.01 68.75
CA ASP P 27 28.00 -4.52 68.51
C ASP P 27 26.99 -5.11 69.48
N CYS P 28 27.37 -6.11 70.27
CA CYS P 28 26.50 -6.69 71.28
C CYS P 28 27.29 -6.83 72.59
N VAL P 29 26.59 -6.60 73.69
CA VAL P 29 27.23 -6.56 75.02
C VAL P 29 27.95 -7.85 75.36
N ASP P 30 27.51 -9.00 74.83
CA ASP P 30 28.21 -10.24 75.16
C ASP P 30 29.58 -10.35 74.51
N GLY P 31 29.90 -9.50 73.54
CA GLY P 31 31.20 -9.52 72.88
C GLY P 31 31.44 -10.65 71.90
N SER P 32 30.50 -11.58 71.74
CA SER P 32 30.70 -12.70 70.84
C SER P 32 30.93 -12.24 69.41
N ASP P 33 30.54 -11.01 69.11
CA ASP P 33 30.79 -10.40 67.81
C ASP P 33 32.28 -10.34 67.46
N GLU P 34 33.15 -10.07 68.44
CA GLU P 34 34.57 -9.85 68.18
C GLU P 34 35.52 -10.84 68.83
N LYS P 35 35.04 -11.67 69.75
CA LYS P 35 35.89 -12.59 70.51
C LYS P 35 36.64 -13.61 69.66
N ASN P 36 35.97 -14.26 68.70
CA ASN P 36 36.61 -15.37 67.99
C ASN P 36 37.46 -15.04 66.76
N CYS P 37 37.22 -13.96 66.03
CA CYS P 37 37.98 -13.73 64.81
C CYS P 37 39.47 -13.50 65.04
N VAL P 38 40.28 -14.02 64.11
CA VAL P 38 41.73 -13.88 64.08
C VAL P 38 42.13 -12.72 63.19
N LYS P 39 43.34 -12.21 63.40
CA LYS P 39 43.91 -11.11 62.63
C LYS P 39 44.36 -11.57 61.25
N LYS P 40 44.46 -10.62 60.33
CA LYS P 40 44.92 -10.84 58.95
C LYS P 40 46.33 -10.31 58.75
N THR P 41 46.98 -10.82 57.70
CA THR P 41 48.35 -10.43 57.36
C THR P 41 48.41 -9.03 56.77
N CYS P 42 49.52 -8.36 57.03
CA CYS P 42 49.80 -7.02 56.51
C CYS P 42 50.31 -7.08 55.07
N ALA P 43 50.48 -5.90 54.47
CA ALA P 43 50.97 -5.82 53.11
C ALA P 43 52.48 -6.12 53.05
N GLU P 44 52.98 -6.27 51.83
CA GLU P 44 54.40 -6.54 51.61
C GLU P 44 55.30 -5.33 51.90
N SER P 45 54.78 -4.12 51.81
CA SER P 45 55.53 -2.91 52.12
C SER P 45 55.54 -2.55 53.60
N ASP P 46 54.75 -3.24 54.41
CA ASP P 46 54.69 -2.96 55.84
C ASP P 46 55.80 -3.68 56.60
N PHE P 47 56.46 -2.95 57.50
CA PHE P 47 57.44 -3.52 58.42
C PHE P 47 56.67 -3.98 59.66
N VAL P 48 56.80 -5.25 60.02
CA VAL P 48 56.04 -5.82 61.12
C VAL P 48 56.86 -5.78 62.42
N CYS P 49 56.27 -5.20 63.45
CA CYS P 49 56.89 -5.12 64.76
C CYS P 49 56.63 -6.41 65.55
N ASN P 50 57.42 -6.59 66.62
CA ASN P 50 57.29 -7.79 67.44
C ASN P 50 55.90 -7.89 68.06
N ASN P 51 55.30 -6.75 68.42
CA ASN P 51 53.94 -6.76 68.97
C ASN P 51 52.90 -7.26 67.99
N GLY P 52 53.24 -7.35 66.70
CA GLY P 52 52.32 -7.77 65.67
C GLY P 52 51.74 -6.65 64.85
N GLN P 53 51.82 -5.40 65.33
CA GLN P 53 51.34 -4.27 64.55
C GLN P 53 52.31 -4.00 63.40
N CYS P 54 51.84 -3.26 62.40
CA CYS P 54 52.63 -3.01 61.19
C CYS P 54 52.77 -1.52 60.94
N VAL P 55 53.98 -1.11 60.56
CA VAL P 55 54.29 0.28 60.23
C VAL P 55 54.99 0.30 58.88
N PRO P 56 54.85 1.37 58.09
CA PRO P 56 55.52 1.40 56.78
C PRO P 56 57.03 1.33 56.90
N SER P 57 57.66 0.78 55.85
CA SER P 57 59.11 0.65 55.83
C SER P 57 59.81 2.00 55.99
N ARG P 58 59.23 3.07 55.44
CA ARG P 58 59.80 4.40 55.55
C ARG P 58 59.86 4.90 57.00
N TRP P 59 59.14 4.25 57.92
CA TRP P 59 59.13 4.63 59.32
C TRP P 59 60.07 3.76 60.16
N LYS P 60 61.17 3.29 59.55
CA LYS P 60 62.17 2.48 60.21
C LYS P 60 63.49 3.24 60.31
N CYS P 61 64.17 3.07 61.45
CA CYS P 61 65.44 3.74 61.74
C CYS P 61 65.29 5.25 61.78
N ASP P 62 64.07 5.74 62.05
CA ASP P 62 63.80 7.17 62.15
C ASP P 62 64.32 7.77 63.45
N GLY P 63 64.56 6.95 64.47
CA GLY P 63 64.83 7.44 65.81
C GLY P 63 63.58 7.72 66.59
N ASP P 64 62.42 7.41 66.02
CA ASP P 64 61.11 7.62 66.62
C ASP P 64 60.41 6.27 66.68
N PRO P 65 60.11 5.73 67.87
CA PRO P 65 59.47 4.41 67.96
C PRO P 65 57.97 4.47 67.68
N ASP P 66 57.55 3.97 66.52
CA ASP P 66 56.14 3.95 66.14
C ASP P 66 55.37 2.80 66.75
N CYS P 67 56.05 1.80 67.32
CA CYS P 67 55.42 0.64 67.94
C CYS P 67 56.05 0.41 69.31
N GLU P 68 55.27 -0.23 70.20
CA GLU P 68 55.70 -0.39 71.59
C GLU P 68 57.01 -1.16 71.73
N ASP P 69 57.32 -2.05 70.80
CA ASP P 69 58.59 -2.77 70.88
C ASP P 69 59.77 -1.99 70.31
N GLY P 70 59.53 -0.84 69.67
CA GLY P 70 60.62 -0.09 69.10
C GLY P 70 61.39 -0.82 68.02
N SER P 71 60.84 -1.91 67.49
CA SER P 71 61.54 -2.70 66.48
C SER P 71 61.98 -1.84 65.31
N ASP P 72 61.18 -0.84 64.95
CA ASP P 72 61.56 0.08 63.87
C ASP P 72 62.81 0.87 64.20
N GLU P 73 63.13 1.02 65.49
CA GLU P 73 64.30 1.77 65.92
C GLU P 73 65.28 0.90 66.69
N SER P 74 65.01 -0.39 66.83
CA SER P 74 65.90 -1.29 67.54
C SER P 74 67.26 -1.39 66.84
N PRO P 75 68.38 -1.23 67.57
CA PRO P 75 69.69 -1.40 66.92
C PRO P 75 69.91 -2.79 66.36
N GLU P 76 69.15 -3.78 66.83
CA GLU P 76 69.25 -5.13 66.29
C GLU P 76 68.62 -5.23 64.89
N GLN P 77 67.76 -4.28 64.53
CA GLN P 77 67.15 -4.26 63.21
C GLN P 77 67.82 -3.27 62.26
N CYS P 78 68.23 -2.10 62.75
CA CYS P 78 68.90 -1.11 61.92
C CYS P 78 70.41 -1.27 62.06
#